data_5NSQ
#
_entry.id   5NSQ
#
_cell.length_a   95.909
_cell.length_b   165.730
_cell.length_c   121.980
_cell.angle_alpha   90.00
_cell.angle_beta   112.45
_cell.angle_gamma   90.00
#
_symmetry.space_group_name_H-M   'P 1 21 1'
#
loop_
_entity.id
_entity.type
_entity.pdbx_description
1 polymer 'Aminopeptidase, putative'
2 non-polymer 'MANGANESE (II) ION'
3 non-polymer ACTINONIN
4 water water
#
_entity_poly.entity_id   1
_entity_poly.type   'polypeptide(L)'
_entity_poly.pdbx_seq_one_letter_code
;MPTLPKAEAKELSAFVQSCVEYKTNVCFTDVAAYESNQKGVLSSGLAVLVGTHKQLRDPAVQRLPFYNPAVAEAIERVKE
GGTYGVLVEGLANAAGSKFVRVVVGEVPTKASRNNCPARPDVVT(UNK)LVTAALDEVKEPNTTVDVFVLSNAVLPIAAA
VARCGKHNFSAKDGAAAAAYNSGKVSRLQVVFPEPPAIPPKDLEAVATSTQLCQRLVDAPPNLLTTATFTEIAQGYAKAL
GFDVDVICGDDLCERGYGGIYSVGKAAFEAPRLVTLLYTPKGTPVKKVSLVGKGIVYDCGGLALKPADYMKLMKHDMGGA
AAVFCGFLTAVRLQQPVQLSCTLCLAENAIGPKSYRNDDIIVMKSGKTVEVINTDAEGRIVLGDGVFHATNELSFTPDVV
IDMATLTGAQGIATGRHHAGLYVNEEGAEAAMLRAGRESGETCFPVLYCPEYHEPEFKSNHADMTNLMERRDNAGVSCAG
YFITTHLSPKFTGAHIHVDLAYPVFNSNGATGFGPALLTEYFRKL
;
_entity_poly.pdbx_strand_id   A,B,C,D,E,F
#
# COMPACT_ATOMS: atom_id res chain seq x y z
N THR A 3 32.00 -3.21 -24.32
CA THR A 3 31.69 -3.64 -25.72
C THR A 3 30.36 -4.42 -25.77
N LEU A 4 29.40 -3.90 -26.53
CA LEU A 4 28.15 -4.61 -26.88
C LEU A 4 28.43 -5.87 -27.73
N PRO A 5 27.48 -6.84 -27.75
CA PRO A 5 27.62 -7.94 -28.72
C PRO A 5 27.51 -7.50 -30.19
N LYS A 6 28.30 -8.10 -31.07
CA LYS A 6 28.38 -7.75 -32.50
C LYS A 6 27.01 -7.67 -33.16
N ALA A 7 26.14 -8.64 -32.84
CA ALA A 7 24.75 -8.71 -33.35
C ALA A 7 23.90 -7.50 -32.95
N GLU A 8 24.06 -7.05 -31.70
CA GLU A 8 23.30 -5.89 -31.18
C GLU A 8 23.73 -4.58 -31.86
N ALA A 9 25.04 -4.41 -32.08
CA ALA A 9 25.58 -3.26 -32.82
C ALA A 9 25.05 -3.19 -34.26
N LYS A 10 25.00 -4.34 -34.93
CA LYS A 10 24.40 -4.43 -36.28
C LYS A 10 22.94 -3.94 -36.26
N GLU A 11 22.18 -4.42 -35.26
CA GLU A 11 20.75 -4.06 -35.07
C GLU A 11 20.56 -2.58 -34.78
N LEU A 12 21.40 -2.04 -33.89
CA LEU A 12 21.35 -0.61 -33.56
C LEU A 12 21.66 0.30 -34.76
N SER A 13 22.75 -0.01 -35.47
CA SER A 13 23.12 0.69 -36.71
C SER A 13 21.98 0.73 -37.72
N ALA A 14 21.42 -0.44 -38.00
CA ALA A 14 20.25 -0.56 -38.87
C ALA A 14 19.10 0.34 -38.41
N PHE A 15 18.84 0.35 -37.10
CA PHE A 15 17.78 1.20 -36.54
C PHE A 15 18.07 2.70 -36.72
N VAL A 16 19.31 3.11 -36.47
CA VAL A 16 19.70 4.51 -36.65
C VAL A 16 19.35 4.94 -38.07
N GLN A 17 19.79 4.14 -39.03
CA GLN A 17 19.63 4.47 -40.44
C GLN A 17 18.16 4.60 -40.81
N SER A 18 17.34 3.72 -40.23
CA SER A 18 15.89 3.70 -40.50
C SER A 18 15.19 4.99 -40.08
N CYS A 19 15.68 5.59 -39.00
CA CYS A 19 15.20 6.87 -38.54
C CYS A 19 15.71 8.04 -39.37
N VAL A 20 16.98 7.98 -39.81
CA VAL A 20 17.62 9.08 -40.56
C VAL A 20 17.04 9.19 -41.95
N GLU A 21 16.83 8.03 -42.57
CA GLU A 21 16.28 7.96 -43.93
CA GLU A 21 16.30 7.94 -43.94
C GLU A 21 14.76 7.81 -43.98
N TYR A 22 14.07 8.00 -42.85
CA TYR A 22 12.62 7.92 -42.83
C TYR A 22 12.00 9.08 -43.65
N LYS A 23 11.16 8.73 -44.60
CA LYS A 23 10.30 9.67 -45.30
C LYS A 23 8.84 9.22 -45.09
N THR A 24 7.90 10.16 -45.17
CA THR A 24 6.48 9.88 -44.90
C THR A 24 5.82 9.00 -45.95
N ASN A 25 4.65 8.49 -45.56
CA ASN A 25 3.78 7.71 -46.45
C ASN A 25 2.56 8.51 -46.94
N VAL A 26 2.51 9.80 -46.63
CA VAL A 26 1.33 10.62 -46.92
C VAL A 26 1.64 11.61 -48.06
N CYS A 27 0.76 11.66 -49.05
CA CYS A 27 0.80 12.70 -50.10
C CYS A 27 -0.47 13.54 -49.97
N PHE A 28 -0.44 14.75 -50.50
CA PHE A 28 -1.56 15.67 -50.41
C PHE A 28 -1.88 16.31 -51.77
N THR A 29 -3.17 16.47 -52.04
CA THR A 29 -3.63 17.08 -53.29
C THR A 29 -5.05 17.62 -53.09
N ASP A 30 -5.72 17.99 -54.19
CA ASP A 30 -7.09 18.54 -54.12
C ASP A 30 -8.01 17.91 -55.16
N VAL A 31 -9.31 18.14 -55.01
CA VAL A 31 -10.35 17.49 -55.79
C VAL A 31 -10.12 17.67 -57.28
N ALA A 32 -10.02 18.94 -57.69
CA ALA A 32 -9.79 19.30 -59.10
C ALA A 32 -8.51 18.66 -59.67
N ALA A 33 -7.40 18.76 -58.93
CA ALA A 33 -6.10 18.20 -59.34
C ALA A 33 -6.09 16.67 -59.42
N TYR A 34 -6.86 16.02 -58.54
CA TYR A 34 -7.10 14.57 -58.57
C TYR A 34 -7.97 14.17 -59.77
N GLU A 35 -9.06 14.90 -59.97
CA GLU A 35 -9.99 14.77 -61.13
C GLU A 35 -9.27 14.83 -62.49
N SER A 36 -8.15 15.56 -62.55
CA SER A 36 -7.31 15.73 -63.75
C SER A 36 -6.19 14.69 -63.82
N ASN A 37 -5.45 14.53 -62.73
CA ASN A 37 -4.34 13.56 -62.74
C ASN A 37 -4.81 12.12 -62.87
N GLN A 38 -5.77 11.73 -62.04
CA GLN A 38 -6.31 10.36 -62.02
C GLN A 38 -7.41 10.12 -63.04
N LYS A 39 -8.06 11.19 -63.50
CA LYS A 39 -9.20 11.13 -64.46
C LYS A 39 -10.43 10.41 -63.91
N GLY A 40 -10.63 10.45 -62.59
CA GLY A 40 -11.72 9.72 -61.94
C GLY A 40 -11.48 8.25 -61.59
N VAL A 41 -10.31 7.70 -61.94
CA VAL A 41 -9.94 6.33 -61.54
C VAL A 41 -9.42 6.37 -60.09
N LEU A 42 -10.04 5.57 -59.21
CA LEU A 42 -9.60 5.50 -57.78
C LEU A 42 -8.27 4.77 -57.61
N SER A 43 -7.50 5.15 -56.59
CA SER A 43 -6.14 4.66 -56.40
C SER A 43 -6.03 3.22 -55.95
N SER A 44 -7.04 2.72 -55.23
CA SER A 44 -7.09 1.31 -54.81
C SER A 44 -8.49 0.87 -54.42
N GLY A 45 -8.62 -0.39 -54.01
CA GLY A 45 -9.89 -0.96 -53.57
C GLY A 45 -10.48 -0.46 -52.26
N LEU A 46 -9.96 0.66 -51.73
CA LEU A 46 -10.52 1.36 -50.57
C LEU A 46 -10.52 2.86 -50.80
N ALA A 47 -11.59 3.52 -50.35
CA ALA A 47 -11.69 4.98 -50.33
C ALA A 47 -12.45 5.45 -49.08
N VAL A 48 -12.03 6.59 -48.53
CA VAL A 48 -12.49 7.09 -47.24
C VAL A 48 -13.02 8.49 -47.44
N LEU A 49 -14.13 8.82 -46.79
CA LEU A 49 -14.75 10.16 -46.86
C LEU A 49 -15.02 10.66 -45.43
N VAL A 50 -14.45 11.82 -45.10
CA VAL A 50 -14.44 12.37 -43.73
C VAL A 50 -14.86 13.85 -43.64
N GLY A 51 -15.93 14.14 -42.91
CA GLY A 51 -16.35 15.53 -42.73
C GLY A 51 -17.52 15.71 -41.79
N THR A 52 -17.89 16.96 -41.53
CA THR A 52 -18.97 17.26 -40.58
C THR A 52 -20.33 16.85 -41.14
N HIS A 53 -21.33 16.82 -40.26
CA HIS A 53 -22.70 16.47 -40.66
C HIS A 53 -23.16 17.34 -41.84
N LYS A 54 -23.02 18.66 -41.71
CA LYS A 54 -23.40 19.57 -42.78
C LYS A 54 -22.54 19.41 -44.05
N GLN A 55 -21.22 19.24 -43.89
CA GLN A 55 -20.28 19.12 -45.03
C GLN A 55 -20.52 17.89 -45.92
N LEU A 56 -20.94 16.79 -45.30
CA LEU A 56 -21.29 15.56 -46.03
C LEU A 56 -22.57 15.68 -46.86
N ARG A 57 -23.44 16.62 -46.49
CA ARG A 57 -24.68 16.95 -47.21
C ARG A 57 -24.55 18.13 -48.19
N ASP A 58 -23.36 18.69 -48.32
CA ASP A 58 -23.11 19.69 -49.33
C ASP A 58 -23.24 19.05 -50.72
N PRO A 59 -23.87 19.78 -51.67
CA PRO A 59 -23.99 19.35 -53.09
C PRO A 59 -22.72 18.84 -53.79
N ALA A 60 -21.56 19.43 -53.48
CA ALA A 60 -20.27 19.02 -54.07
C ALA A 60 -19.88 17.57 -53.82
N VAL A 61 -20.39 17.00 -52.73
CA VAL A 61 -20.10 15.61 -52.34
C VAL A 61 -20.66 14.64 -53.38
N GLN A 62 -21.92 14.84 -53.77
CA GLN A 62 -22.57 14.07 -54.87
C GLN A 62 -21.68 13.92 -56.12
N ARG A 63 -21.09 15.03 -56.57
CA ARG A 63 -20.24 15.04 -57.78
C ARG A 63 -18.87 14.34 -57.60
N LEU A 64 -18.56 13.79 -56.43
CA LEU A 64 -17.32 13.03 -56.24
C LEU A 64 -17.36 11.69 -56.97
N PRO A 65 -16.19 11.18 -57.43
CA PRO A 65 -16.14 10.02 -58.32
C PRO A 65 -16.50 8.64 -57.75
N PHE A 66 -16.58 8.51 -56.43
CA PHE A 66 -16.97 7.23 -55.78
C PHE A 66 -18.44 7.20 -55.36
N TYR A 67 -19.06 8.37 -55.35
CA TYR A 67 -20.42 8.54 -54.84
C TYR A 67 -21.39 7.70 -55.64
N ASN A 68 -22.46 7.28 -54.96
CA ASN A 68 -23.53 6.49 -55.56
C ASN A 68 -24.68 6.51 -54.55
N PRO A 69 -25.81 5.86 -54.86
CA PRO A 69 -26.94 5.89 -53.91
C PRO A 69 -26.72 5.19 -52.54
N ALA A 70 -25.78 4.23 -52.48
CA ALA A 70 -25.40 3.52 -51.25
C ALA A 70 -24.62 4.41 -50.27
N VAL A 71 -23.61 5.08 -50.80
CA VAL A 71 -22.82 6.06 -50.05
C VAL A 71 -23.72 7.17 -49.46
N ALA A 72 -24.73 7.57 -50.21
CA ALA A 72 -25.73 8.57 -49.76
C ALA A 72 -26.52 8.08 -48.56
N GLU A 73 -26.86 6.79 -48.54
CA GLU A 73 -27.51 6.14 -47.40
C GLU A 73 -26.50 6.00 -46.25
N ALA A 74 -25.28 5.56 -46.56
CA ALA A 74 -24.21 5.55 -45.54
C ALA A 74 -24.06 6.86 -44.78
N ILE A 75 -24.16 7.98 -45.49
CA ILE A 75 -24.13 9.30 -44.87
C ILE A 75 -25.34 9.54 -43.96
N GLU A 76 -26.51 9.01 -44.31
CA GLU A 76 -27.68 9.02 -43.41
C GLU A 76 -27.46 8.14 -42.15
N ARG A 77 -27.02 6.90 -42.36
CA ARG A 77 -26.89 5.90 -41.30
C ARG A 77 -25.76 6.13 -40.27
N VAL A 78 -24.69 6.83 -40.68
CA VAL A 78 -23.48 7.09 -39.85
C VAL A 78 -23.79 7.84 -38.56
N LYS A 79 -23.24 7.34 -37.45
CA LYS A 79 -23.30 8.03 -36.16
C LYS A 79 -22.17 9.05 -36.06
N GLU A 80 -22.43 10.15 -35.37
CA GLU A 80 -21.40 11.15 -35.09
C GLU A 80 -20.24 10.53 -34.34
N GLY A 81 -19.03 10.79 -34.81
CA GLY A 81 -17.83 10.21 -34.21
C GLY A 81 -17.49 8.81 -34.69
N GLY A 82 -18.38 8.18 -35.45
CA GLY A 82 -18.19 6.80 -35.94
C GLY A 82 -18.07 6.69 -37.45
N THR A 83 -17.87 5.47 -37.95
CA THR A 83 -17.76 5.22 -39.39
C THR A 83 -18.85 4.30 -39.88
N TYR A 84 -19.14 4.37 -41.18
CA TYR A 84 -20.05 3.43 -41.86
C TYR A 84 -19.47 3.03 -43.22
N GLY A 85 -19.28 1.73 -43.42
CA GLY A 85 -18.69 1.19 -44.66
C GLY A 85 -19.73 0.60 -45.59
N VAL A 86 -19.48 0.66 -46.90
CA VAL A 86 -20.37 0.08 -47.93
C VAL A 86 -19.57 -0.44 -49.11
N LEU A 87 -20.13 -1.44 -49.81
CA LEU A 87 -19.56 -1.95 -51.06
C LEU A 87 -20.24 -1.35 -52.29
N VAL A 88 -19.42 -1.04 -53.31
CA VAL A 88 -19.86 -0.51 -54.60
C VAL A 88 -19.24 -1.42 -55.65
N GLU A 89 -20.07 -1.96 -56.53
CA GLU A 89 -19.61 -2.91 -57.54
C GLU A 89 -19.12 -2.20 -58.80
N GLY A 90 -18.03 -2.73 -59.36
CA GLY A 90 -17.49 -2.26 -60.66
C GLY A 90 -17.11 -0.79 -60.83
N LEU A 91 -16.80 -0.12 -59.73
CA LEU A 91 -16.34 1.27 -59.76
C LEU A 91 -14.88 1.28 -60.21
N ALA A 92 -14.59 2.12 -61.20
CA ALA A 92 -13.27 2.15 -61.84
C ALA A 92 -12.19 2.39 -60.81
N ASN A 93 -11.12 1.59 -60.87
CA ASN A 93 -10.04 1.70 -59.90
C ASN A 93 -8.71 1.04 -60.32
N ALA A 94 -7.60 1.63 -59.86
CA ALA A 94 -6.24 1.23 -60.24
C ALA A 94 -5.84 -0.21 -59.92
N ALA A 95 -6.40 -0.78 -58.87
CA ALA A 95 -6.12 -2.20 -58.48
C ALA A 95 -6.96 -3.23 -59.28
N GLY A 96 -8.03 -2.78 -59.97
CA GLY A 96 -8.91 -3.66 -60.72
C GLY A 96 -9.83 -4.56 -59.89
N SER A 97 -10.21 -4.11 -58.69
CA SER A 97 -11.02 -4.90 -57.74
C SER A 97 -12.49 -4.79 -58.14
N LYS A 98 -13.18 -5.94 -58.20
CA LYS A 98 -14.59 -6.00 -58.65
C LYS A 98 -15.46 -5.06 -57.81
N PHE A 99 -15.13 -4.99 -56.51
CA PHE A 99 -15.73 -4.06 -55.55
C PHE A 99 -14.72 -3.05 -55.01
N VAL A 100 -15.22 -1.86 -54.65
CA VAL A 100 -14.46 -0.85 -53.92
C VAL A 100 -15.21 -0.51 -52.64
N ARG A 101 -14.47 -0.51 -51.52
CA ARG A 101 -15.02 -0.23 -50.21
C ARG A 101 -14.99 1.27 -49.99
N VAL A 102 -16.15 1.87 -49.75
CA VAL A 102 -16.22 3.27 -49.38
C VAL A 102 -16.55 3.33 -47.89
N VAL A 103 -15.77 4.09 -47.14
CA VAL A 103 -15.98 4.28 -45.70
C VAL A 103 -16.24 5.76 -45.43
N VAL A 104 -17.44 6.05 -44.99
CA VAL A 104 -17.77 7.40 -44.53
C VAL A 104 -17.43 7.52 -43.04
N GLY A 105 -17.00 8.71 -42.61
CA GLY A 105 -16.82 9.02 -41.20
C GLY A 105 -17.29 10.41 -40.87
N GLU A 106 -18.11 10.56 -39.82
CA GLU A 106 -18.69 11.86 -39.47
C GLU A 106 -17.91 12.53 -38.33
N VAL A 107 -17.38 13.72 -38.62
CA VAL A 107 -16.65 14.56 -37.64
C VAL A 107 -17.66 15.48 -36.94
N PRO A 108 -17.57 15.62 -35.60
CA PRO A 108 -18.42 16.57 -34.92
C PRO A 108 -18.05 18.02 -35.15
N THR A 109 -19.02 18.88 -34.93
CA THR A 109 -18.85 20.30 -35.14
C THR A 109 -18.66 20.99 -33.75
N LYS A 110 -19.13 20.34 -32.67
CA LYS A 110 -18.90 20.81 -31.27
C LYS A 110 -17.39 20.96 -30.98
N ALA A 111 -17.01 22.16 -30.55
CA ALA A 111 -15.63 22.44 -30.19
C ALA A 111 -15.54 23.61 -29.22
N SER A 112 -15.03 23.33 -28.02
CA SER A 112 -14.98 24.33 -26.96
C SER A 112 -13.89 25.34 -27.26
N ARG A 113 -13.98 26.48 -26.57
CA ARG A 113 -13.03 27.58 -26.76
C ARG A 113 -11.55 27.23 -26.67
N ASN A 114 -11.21 26.17 -25.95
CA ASN A 114 -9.84 25.73 -25.78
C ASN A 114 -9.41 24.63 -26.74
N ASN A 115 -10.21 24.35 -27.77
CA ASN A 115 -9.92 23.25 -28.70
C ASN A 115 -9.83 23.77 -30.13
N CYS A 116 -9.33 22.92 -31.03
CA CYS A 116 -9.23 23.18 -32.48
C CYS A 116 -10.58 22.93 -33.18
N PRO A 117 -11.22 23.98 -33.74
CA PRO A 117 -12.58 23.85 -34.29
C PRO A 117 -12.76 22.75 -35.33
N ALA A 118 -11.68 22.38 -36.00
CA ALA A 118 -11.70 21.27 -36.98
C ALA A 118 -11.89 19.88 -36.38
N ARG A 119 -11.53 19.73 -35.11
CA ARG A 119 -11.59 18.47 -34.36
C ARG A 119 -10.78 17.38 -35.04
N PRO A 120 -9.49 17.65 -35.29
CA PRO A 120 -8.60 16.63 -35.85
C PRO A 120 -8.47 15.36 -35.01
N ASP A 121 -8.69 15.46 -33.71
CA ASP A 121 -8.69 14.28 -32.84
C ASP A 121 -9.65 13.17 -33.33
N VAL A 122 -10.85 13.57 -33.76
CA VAL A 122 -11.83 12.63 -34.25
C VAL A 122 -11.43 12.20 -35.65
N VAL A 123 -10.94 13.14 -36.46
CA VAL A 123 -10.47 12.80 -37.82
C VAL A 123 -9.47 11.65 -37.77
N THR A 124 -8.47 11.78 -36.91
CA THR A 124 -7.48 10.74 -36.71
C THR A 124 -8.13 9.40 -36.39
N UNK A 125 -9.10 9.39 -35.48
CA UNK A 125 -9.79 8.14 -35.09
C UNK A 125 -10.54 7.51 -36.27
N LEU A 126 -11.24 8.36 -37.01
CA LEU A 126 -12.08 7.91 -38.13
C LEU A 126 -11.26 7.21 -39.20
N VAL A 127 -10.14 7.81 -39.56
CA VAL A 127 -9.28 7.27 -40.60
C VAL A 127 -8.62 5.98 -40.11
N THR A 128 -8.19 5.96 -38.84
CA THR A 128 -7.66 4.75 -38.19
C THR A 128 -8.62 3.57 -38.26
N ALA A 129 -9.90 3.84 -37.97
CA ALA A 129 -10.98 2.84 -38.07
C ALA A 129 -11.14 2.31 -39.48
N ALA A 130 -11.23 3.23 -40.44
CA ALA A 130 -11.40 2.90 -41.86
C ALA A 130 -10.28 2.06 -42.45
N LEU A 131 -9.04 2.38 -42.07
CA LEU A 131 -7.86 1.61 -42.48
C LEU A 131 -7.72 0.22 -41.85
N ASP A 132 -8.50 -0.04 -40.81
CA ASP A 132 -8.53 -1.37 -40.17
C ASP A 132 -9.11 -2.48 -41.07
N GLU A 133 -9.92 -2.09 -42.06
CA GLU A 133 -10.50 -3.04 -43.03
C GLU A 133 -9.71 -3.04 -44.37
N VAL A 134 -8.38 -3.05 -44.29
CA VAL A 134 -7.57 -2.92 -45.50
C VAL A 134 -7.39 -4.30 -46.16
N LYS A 135 -7.72 -4.38 -47.45
CA LYS A 135 -7.69 -5.62 -48.24
C LYS A 135 -6.26 -6.14 -48.56
N GLU A 136 -5.35 -5.24 -48.93
CA GLU A 136 -3.94 -5.58 -49.28
C GLU A 136 -2.99 -4.47 -48.80
N PRO A 137 -1.89 -4.85 -48.11
CA PRO A 137 -0.93 -3.82 -47.66
C PRO A 137 0.00 -3.38 -48.81
N ASN A 138 0.72 -2.28 -48.61
CA ASN A 138 1.47 -1.64 -49.69
C ASN A 138 0.55 -1.28 -50.89
N THR A 139 -0.61 -0.65 -50.62
CA THR A 139 -1.50 -0.03 -51.65
C THR A 139 -1.58 1.46 -51.39
N THR A 140 -2.40 2.18 -52.16
CA THR A 140 -2.60 3.62 -51.94
C THR A 140 -4.09 3.90 -51.69
N VAL A 141 -4.41 4.48 -50.52
CA VAL A 141 -5.79 4.70 -50.09
C VAL A 141 -6.15 6.18 -50.20
N ASP A 142 -7.25 6.46 -50.89
CA ASP A 142 -7.68 7.83 -51.15
C ASP A 142 -8.53 8.32 -49.99
N VAL A 143 -8.01 9.26 -49.23
CA VAL A 143 -8.73 9.84 -48.11
C VAL A 143 -9.28 11.23 -48.49
N PHE A 144 -10.56 11.29 -48.81
CA PHE A 144 -11.21 12.53 -49.19
C PHE A 144 -11.69 13.25 -47.96
N VAL A 145 -11.04 14.36 -47.62
CA VAL A 145 -11.48 15.16 -46.48
C VAL A 145 -12.25 16.38 -46.98
N LEU A 146 -13.23 16.81 -46.18
CA LEU A 146 -14.09 17.94 -46.50
C LEU A 146 -13.83 19.16 -45.61
N SER A 147 -12.78 19.10 -44.80
CA SER A 147 -12.28 20.30 -44.12
C SER A 147 -11.17 20.92 -44.96
N ASN A 148 -11.07 22.25 -44.90
CA ASN A 148 -10.00 22.99 -45.56
C ASN A 148 -8.90 23.45 -44.61
N ALA A 149 -9.03 23.08 -43.33
CA ALA A 149 -8.03 23.40 -42.33
C ALA A 149 -6.83 22.48 -42.55
N VAL A 150 -6.00 22.83 -43.52
CA VAL A 150 -5.00 21.90 -44.04
C VAL A 150 -3.94 21.41 -43.04
N LEU A 151 -3.38 22.30 -42.22
CA LEU A 151 -2.28 21.91 -41.31
C LEU A 151 -2.74 20.87 -40.29
N PRO A 152 -3.79 21.18 -39.50
CA PRO A 152 -4.22 20.20 -38.49
C PRO A 152 -4.59 18.84 -39.09
N ILE A 153 -5.27 18.83 -40.23
CA ILE A 153 -5.64 17.58 -40.90
C ILE A 153 -4.40 16.81 -41.35
N ALA A 154 -3.40 17.51 -41.86
CA ALA A 154 -2.17 16.87 -42.33
C ALA A 154 -1.49 16.07 -41.22
N ALA A 155 -1.35 16.72 -40.08
CA ALA A 155 -0.81 16.07 -38.89
C ALA A 155 -1.73 14.93 -38.37
N ALA A 156 -3.03 15.19 -38.34
CA ALA A 156 -4.01 14.24 -37.87
C ALA A 156 -4.00 12.94 -38.65
N VAL A 157 -3.85 13.02 -39.96
CA VAL A 157 -3.75 11.83 -40.81
C VAL A 157 -2.37 11.16 -40.70
N ALA A 158 -1.34 11.96 -40.47
CA ALA A 158 0.01 11.42 -40.28
C ALA A 158 0.10 10.55 -39.02
N ARG A 159 -0.51 11.02 -37.93
CA ARG A 159 -0.47 10.29 -36.66
C ARG A 159 -1.43 9.09 -36.60
N CYS A 160 -2.20 8.86 -37.65
CA CYS A 160 -3.31 7.89 -37.65
C CYS A 160 -2.90 6.56 -38.21
N GLY A 161 -3.78 5.58 -38.03
CA GLY A 161 -3.55 4.26 -38.54
C GLY A 161 -2.34 3.59 -37.95
N LYS A 162 -1.86 2.57 -38.64
CA LYS A 162 -0.78 1.76 -38.13
C LYS A 162 0.51 2.53 -38.16
N HIS A 163 1.30 2.36 -37.11
CA HIS A 163 2.51 3.13 -36.90
C HIS A 163 3.63 2.55 -37.76
N ASN A 164 4.57 3.43 -38.11
CA ASN A 164 5.69 3.04 -38.95
C ASN A 164 6.71 2.22 -38.20
N PHE A 165 6.83 2.43 -36.89
CA PHE A 165 7.63 1.52 -36.05
C PHE A 165 6.82 0.26 -35.78
N SER A 166 7.44 -0.90 -36.03
CA SER A 166 6.82 -2.19 -35.72
C SER A 166 7.85 -3.27 -35.60
N ALA A 167 7.64 -4.20 -34.66
CA ALA A 167 8.53 -5.36 -34.45
C ALA A 167 7.81 -6.65 -34.79
N LYS A 168 6.59 -6.56 -35.31
CA LYS A 168 5.79 -7.75 -35.65
C LYS A 168 6.28 -8.50 -36.91
N ASP A 169 5.92 -9.78 -36.98
CA ASP A 169 6.12 -10.64 -38.16
C ASP A 169 7.45 -10.44 -38.83
N GLY A 170 8.50 -10.51 -38.02
CA GLY A 170 9.87 -10.42 -38.51
C GLY A 170 10.36 -9.08 -39.01
N ALA A 171 9.63 -8.00 -38.74
CA ALA A 171 10.08 -6.64 -39.11
C ALA A 171 11.31 -6.18 -38.31
N ALA A 172 11.61 -6.88 -37.22
CA ALA A 172 12.87 -6.71 -36.50
C ALA A 172 14.05 -6.97 -37.39
N ALA A 173 13.87 -7.85 -38.36
CA ALA A 173 14.91 -8.13 -39.38
C ALA A 173 15.09 -7.03 -40.46
N ALA A 174 14.09 -6.15 -40.60
CA ALA A 174 14.11 -5.05 -41.56
C ALA A 174 14.15 -3.70 -40.84
N ALA A 175 15.04 -3.60 -39.85
CA ALA A 175 15.24 -2.38 -39.08
C ALA A 175 13.94 -1.74 -38.53
N TYR A 176 13.02 -2.61 -38.11
CA TYR A 176 11.80 -2.22 -37.39
C TYR A 176 10.92 -1.24 -38.19
N ASN A 177 10.87 -1.47 -39.50
CA ASN A 177 10.00 -0.71 -40.42
C ASN A 177 8.77 -1.53 -40.75
N SER A 178 7.61 -0.99 -40.45
CA SER A 178 6.36 -1.72 -40.60
C SER A 178 6.09 -1.98 -42.06
N GLY A 179 5.92 -3.27 -42.41
CA GLY A 179 5.46 -3.67 -43.73
C GLY A 179 3.95 -3.54 -43.92
N LYS A 180 3.26 -3.08 -42.90
CA LYS A 180 1.79 -3.05 -42.89
C LYS A 180 1.17 -1.65 -43.17
N VAL A 181 2.00 -0.67 -43.56
CA VAL A 181 1.51 0.72 -43.72
C VAL A 181 1.03 0.99 -45.14
N SER A 182 -0.06 1.75 -45.24
CA SER A 182 -0.67 2.11 -46.51
C SER A 182 -0.25 3.51 -46.93
N ARG A 183 0.12 3.70 -48.20
CA ARG A 183 0.30 5.05 -48.77
C ARG A 183 -1.05 5.74 -48.67
N LEU A 184 -1.09 6.93 -48.10
CA LEU A 184 -2.35 7.67 -47.91
C LEU A 184 -2.33 8.96 -48.73
N GLN A 185 -3.28 9.13 -49.64
CA GLN A 185 -3.36 10.33 -50.46
C GLN A 185 -4.53 11.17 -50.01
N VAL A 186 -4.24 12.20 -49.23
CA VAL A 186 -5.28 13.11 -48.73
C VAL A 186 -5.74 14.05 -49.86
N VAL A 187 -7.06 14.22 -49.98
CA VAL A 187 -7.65 15.03 -51.04
C VAL A 187 -8.56 16.12 -50.47
N PHE A 188 -8.02 17.34 -50.39
CA PHE A 188 -8.79 18.48 -49.87
C PHE A 188 -9.80 18.92 -50.92
N PRO A 189 -10.89 19.63 -50.52
CA PRO A 189 -11.75 20.28 -51.51
C PRO A 189 -10.99 21.30 -52.39
N GLU A 190 -10.37 22.32 -51.77
CA GLU A 190 -9.62 23.36 -52.48
C GLU A 190 -8.16 22.97 -52.66
N PRO A 191 -7.47 23.64 -53.61
CA PRO A 191 -6.02 23.47 -53.60
C PRO A 191 -5.54 24.07 -52.28
N PRO A 192 -4.64 23.34 -51.58
CA PRO A 192 -4.32 23.62 -50.21
C PRO A 192 -3.64 24.97 -50.02
N ALA A 193 -4.02 25.69 -48.99
CA ALA A 193 -3.46 27.01 -48.59
C ALA A 193 -1.94 26.99 -48.32
N ILE A 194 -1.44 25.83 -47.92
CA ILE A 194 -0.02 25.54 -47.78
C ILE A 194 0.36 24.57 -48.90
N PRO A 195 1.59 24.69 -49.46
CA PRO A 195 2.04 23.70 -50.45
C PRO A 195 2.02 22.22 -50.01
N PRO A 196 1.68 21.29 -50.94
CA PRO A 196 1.83 19.85 -50.70
C PRO A 196 3.24 19.39 -50.23
N LYS A 197 4.30 19.90 -50.87
CA LYS A 197 5.69 19.60 -50.45
C LYS A 197 5.98 20.03 -49.01
N ASP A 198 5.31 21.08 -48.53
CA ASP A 198 5.43 21.51 -47.11
C ASP A 198 4.66 20.65 -46.15
N LEU A 199 3.38 20.38 -46.49
CA LEU A 199 2.53 19.51 -45.68
C LEU A 199 3.19 18.13 -45.50
N GLU A 200 3.82 17.60 -46.56
CA GLU A 200 4.62 16.35 -46.48
C GLU A 200 5.77 16.37 -45.45
N ALA A 201 6.43 17.52 -45.32
CA ALA A 201 7.49 17.69 -44.31
C ALA A 201 6.91 17.65 -42.89
N VAL A 202 5.83 18.40 -42.66
CA VAL A 202 5.13 18.41 -41.36
C VAL A 202 4.72 17.00 -40.95
N ALA A 203 4.15 16.27 -41.91
CA ALA A 203 3.75 14.90 -41.73
C ALA A 203 4.94 13.98 -41.45
N THR A 204 6.04 14.17 -42.16
CA THR A 204 7.27 13.39 -41.91
C THR A 204 7.78 13.62 -40.50
N SER A 205 7.71 14.87 -40.04
CA SER A 205 8.21 15.24 -38.72
C SER A 205 7.35 14.64 -37.64
N THR A 206 6.03 14.62 -37.89
CA THR A 206 5.08 14.03 -36.94
C THR A 206 5.33 12.52 -36.79
N GLN A 207 5.55 11.84 -37.91
CA GLN A 207 5.77 10.42 -37.88
C GLN A 207 7.18 10.03 -37.45
N LEU A 208 8.16 10.90 -37.62
CA LEU A 208 9.51 10.63 -37.09
C LEU A 208 9.49 10.74 -35.57
N CYS A 209 8.87 11.82 -35.08
CA CYS A 209 8.66 12.01 -33.63
C CYS A 209 7.96 10.78 -33.06
N GLN A 210 6.91 10.35 -33.74
CA GLN A 210 6.18 9.14 -33.39
C GLN A 210 7.09 7.93 -33.29
N ARG A 211 7.90 7.74 -34.31
CA ARG A 211 8.79 6.59 -34.38
C ARG A 211 9.79 6.54 -33.22
N LEU A 212 10.40 7.68 -32.93
CA LEU A 212 11.40 7.77 -31.87
C LEU A 212 10.79 7.42 -30.53
N VAL A 213 9.64 8.04 -30.25
CA VAL A 213 8.91 7.82 -29.00
C VAL A 213 8.51 6.35 -28.82
N ASP A 214 7.79 5.81 -29.81
CA ASP A 214 7.39 4.40 -29.86
C ASP A 214 8.51 3.42 -29.58
N ALA A 215 9.67 3.67 -30.17
CA ALA A 215 10.75 2.71 -30.11
C ALA A 215 11.16 2.39 -28.68
N PRO A 216 11.56 1.13 -28.45
CA PRO A 216 11.92 0.70 -27.11
C PRO A 216 13.28 1.22 -26.72
N PRO A 217 13.57 1.31 -25.41
CA PRO A 217 14.85 1.87 -25.01
C PRO A 217 16.08 1.01 -25.33
N ASN A 218 15.89 -0.27 -25.66
CA ASN A 218 17.00 -1.11 -26.14
C ASN A 218 17.41 -0.78 -27.59
N LEU A 219 16.55 -0.09 -28.33
CA LEU A 219 16.90 0.42 -29.66
C LEU A 219 17.26 1.91 -29.62
N LEU A 220 16.39 2.73 -29.05
CA LEU A 220 16.67 4.15 -28.88
C LEU A 220 17.32 4.45 -27.53
N THR A 221 18.65 4.44 -27.54
CA THR A 221 19.46 4.76 -26.36
C THR A 221 19.86 6.22 -26.44
N THR A 222 20.60 6.71 -25.45
CA THR A 222 21.18 8.06 -25.52
C THR A 222 22.15 8.16 -26.69
N ALA A 223 22.87 7.08 -26.93
CA ALA A 223 23.86 7.00 -28.01
C ALA A 223 23.20 7.01 -29.40
N THR A 224 22.27 6.10 -29.66
CA THR A 224 21.64 6.04 -31.01
C THR A 224 20.85 7.30 -31.33
N PHE A 225 20.26 7.93 -30.32
CA PHE A 225 19.51 9.21 -30.54
C PHE A 225 20.51 10.28 -31.01
N THR A 226 21.67 10.35 -30.35
CA THR A 226 22.72 11.29 -30.72
C THR A 226 23.21 11.03 -32.16
N GLU A 227 23.44 9.76 -32.51
CA GLU A 227 23.81 9.39 -33.88
C GLU A 227 22.78 9.78 -34.93
N ILE A 228 21.52 9.70 -34.55
CA ILE A 228 20.44 10.10 -35.44
C ILE A 228 20.50 11.60 -35.69
N ALA A 229 20.65 12.38 -34.64
CA ALA A 229 20.81 13.84 -34.78
C ALA A 229 22.01 14.16 -35.69
N GLN A 230 23.13 13.46 -35.46
CA GLN A 230 24.34 13.61 -36.28
C GLN A 230 24.05 13.28 -37.72
N GLY A 231 23.38 12.16 -37.95
CA GLY A 231 23.01 11.74 -39.30
C GLY A 231 22.27 12.83 -40.07
N TYR A 232 21.29 13.44 -39.41
CA TYR A 232 20.50 14.55 -39.98
C TYR A 232 21.34 15.84 -40.15
N ALA A 233 22.27 16.08 -39.21
CA ALA A 233 23.22 17.21 -39.31
C ALA A 233 24.10 17.14 -40.57
N LYS A 234 24.65 15.95 -40.84
CA LYS A 234 25.38 15.68 -42.08
C LYS A 234 24.46 15.85 -43.30
N ALA A 235 23.23 15.38 -43.22
CA ALA A 235 22.33 15.37 -44.37
C ALA A 235 21.89 16.78 -44.77
N LEU A 236 21.41 17.54 -43.79
CA LEU A 236 20.78 18.84 -44.06
C LEU A 236 21.71 20.03 -43.85
N GLY A 237 22.93 19.78 -43.37
CA GLY A 237 23.94 20.82 -43.25
C GLY A 237 23.64 21.82 -42.16
N PHE A 238 23.71 21.37 -40.93
CA PHE A 238 23.64 22.25 -39.77
C PHE A 238 24.62 21.77 -38.72
N ASP A 239 24.92 22.64 -37.76
CA ASP A 239 25.96 22.37 -36.76
C ASP A 239 25.40 21.54 -35.61
N VAL A 240 26.22 20.60 -35.14
CA VAL A 240 25.88 19.69 -34.05
C VAL A 240 27.01 19.69 -33.03
N ASP A 241 26.66 19.88 -31.76
CA ASP A 241 27.62 19.94 -30.65
C ASP A 241 27.22 18.88 -29.60
N VAL A 242 28.17 18.05 -29.18
CA VAL A 242 27.90 16.97 -28.28
C VAL A 242 28.88 16.97 -27.11
N ILE A 243 28.36 17.07 -25.89
CA ILE A 243 29.16 16.93 -24.67
C ILE A 243 28.80 15.59 -24.06
N CYS A 244 29.70 14.61 -24.14
CA CYS A 244 29.38 13.23 -23.74
C CYS A 244 30.02 12.79 -22.40
N GLY A 245 29.27 11.98 -21.65
CA GLY A 245 29.76 11.34 -20.42
C GLY A 245 30.47 12.22 -19.42
N ASP A 246 31.70 11.84 -19.08
CA ASP A 246 32.45 12.50 -18.01
C ASP A 246 32.81 13.97 -18.32
N ASP A 247 32.92 14.32 -19.59
CA ASP A 247 33.05 15.73 -20.01
C ASP A 247 32.03 16.63 -19.33
N LEU A 248 30.82 16.11 -19.13
CA LEU A 248 29.78 16.88 -18.47
C LEU A 248 30.20 17.25 -17.04
N CYS A 249 30.79 16.31 -16.29
CA CYS A 249 31.28 16.61 -14.93
C CYS A 249 32.42 17.61 -14.93
N GLU A 250 33.39 17.37 -15.81
CA GLU A 250 34.58 18.25 -15.99
C GLU A 250 34.17 19.69 -16.32
N ARG A 251 33.13 19.83 -17.13
CA ARG A 251 32.71 21.14 -17.62
C ARG A 251 31.53 21.80 -16.84
N GLY A 252 31.27 21.32 -15.61
CA GLY A 252 30.30 21.97 -14.70
C GLY A 252 28.83 21.55 -14.79
N TYR A 253 28.49 20.66 -15.74
CA TYR A 253 27.11 20.21 -15.96
C TYR A 253 26.72 19.10 -14.97
N GLY A 254 26.68 19.45 -13.69
CA GLY A 254 26.39 18.49 -12.63
C GLY A 254 25.03 17.79 -12.70
N GLY A 255 24.03 18.52 -13.19
CA GLY A 255 22.66 18.03 -13.26
C GLY A 255 22.53 16.86 -14.20
N ILE A 256 22.71 17.11 -15.50
CA ILE A 256 22.58 16.06 -16.48
C ILE A 256 23.59 14.93 -16.23
N TYR A 257 24.77 15.26 -15.74
CA TYR A 257 25.77 14.23 -15.40
C TYR A 257 25.23 13.29 -14.30
N SER A 258 24.88 13.87 -13.16
CA SER A 258 24.42 13.08 -12.00
C SER A 258 23.27 12.13 -12.32
N VAL A 259 22.28 12.65 -13.04
CA VAL A 259 21.12 11.85 -13.43
C VAL A 259 21.56 10.62 -14.23
N GLY A 260 22.27 10.90 -15.32
CA GLY A 260 22.57 9.89 -16.33
C GLY A 260 23.78 9.02 -16.11
N LYS A 261 24.59 9.31 -15.11
CA LYS A 261 25.89 8.60 -14.91
C LYS A 261 25.81 7.11 -14.49
N ALA A 262 24.69 6.74 -13.87
CA ALA A 262 24.43 5.36 -13.46
C ALA A 262 24.27 4.42 -14.64
N ALA A 263 23.73 4.94 -15.74
CA ALA A 263 23.35 4.14 -16.89
C ALA A 263 24.52 3.52 -17.63
N PHE A 264 24.21 2.48 -18.39
CA PHE A 264 25.18 1.82 -19.27
C PHE A 264 25.69 2.74 -20.38
N GLU A 265 24.79 3.48 -21.02
CA GLU A 265 25.14 4.41 -22.09
C GLU A 265 25.19 5.81 -21.50
N ALA A 266 26.30 6.51 -21.68
CA ALA A 266 26.54 7.79 -20.99
C ALA A 266 25.57 8.90 -21.42
N PRO A 267 25.30 9.85 -20.53
CA PRO A 267 24.46 10.99 -20.90
C PRO A 267 25.17 11.96 -21.85
N ARG A 268 24.38 12.68 -22.63
CA ARG A 268 24.88 13.60 -23.63
C ARG A 268 24.03 14.85 -23.70
N LEU A 269 24.68 16.01 -23.77
CA LEU A 269 24.04 17.27 -24.10
C LEU A 269 24.33 17.61 -25.55
N VAL A 270 23.35 17.33 -26.41
CA VAL A 270 23.45 17.54 -27.85
C VAL A 270 22.76 18.87 -28.25
N THR A 271 23.54 19.83 -28.73
CA THR A 271 22.98 21.10 -29.18
C THR A 271 23.07 21.19 -30.70
N LEU A 272 21.96 21.58 -31.33
CA LEU A 272 21.89 21.78 -32.78
C LEU A 272 21.68 23.26 -33.07
N LEU A 273 22.10 23.69 -34.28
CA LEU A 273 22.07 25.11 -34.64
C LEU A 273 21.67 25.31 -36.09
N TYR A 274 20.74 26.24 -36.30
CA TYR A 274 20.30 26.61 -37.65
C TYR A 274 20.15 28.13 -37.70
N THR A 275 20.69 28.72 -38.77
CA THR A 275 20.54 30.16 -39.03
C THR A 275 20.05 30.36 -40.46
N PRO A 276 18.90 31.08 -40.60
CA PRO A 276 18.26 31.21 -41.92
C PRO A 276 19.01 32.18 -42.80
N LYS A 277 18.87 32.03 -44.13
CA LYS A 277 19.29 33.02 -45.14
C LYS A 277 18.39 34.24 -44.88
N GLY A 278 18.98 35.40 -44.66
CA GLY A 278 18.24 36.66 -44.45
C GLY A 278 18.00 36.95 -43.00
N THR A 279 17.20 37.97 -42.74
CA THR A 279 17.03 38.52 -41.38
C THR A 279 16.02 37.70 -40.55
N PRO A 280 16.50 37.05 -39.48
CA PRO A 280 15.56 36.25 -38.68
C PRO A 280 14.43 37.06 -37.96
N VAL A 281 13.18 36.52 -37.96
CA VAL A 281 11.97 37.11 -37.29
C VAL A 281 12.08 37.03 -35.75
N LYS A 282 12.77 36.01 -35.26
CA LYS A 282 13.07 35.88 -33.80
C LYS A 282 14.22 34.86 -33.61
N LYS A 283 14.94 35.03 -32.52
CA LYS A 283 15.99 34.09 -32.12
C LYS A 283 15.39 33.22 -31.03
N VAL A 284 15.15 31.95 -31.36
CA VAL A 284 14.49 30.99 -30.44
C VAL A 284 15.44 29.87 -30.05
N SER A 285 15.50 29.57 -28.75
CA SER A 285 16.21 28.39 -28.22
C SER A 285 15.22 27.29 -27.70
N LEU A 286 15.31 26.09 -28.29
CA LEU A 286 14.55 24.91 -27.88
C LEU A 286 15.39 24.04 -26.94
N VAL A 287 14.74 23.47 -25.93
CA VAL A 287 15.35 22.51 -25.01
C VAL A 287 14.37 21.37 -24.73
N GLY A 288 14.80 20.12 -24.93
CA GLY A 288 13.96 18.94 -24.75
C GLY A 288 14.44 17.98 -23.67
N LYS A 289 13.54 17.53 -22.80
CA LYS A 289 13.82 16.43 -21.84
C LYS A 289 13.91 15.15 -22.65
N GLY A 290 15.10 14.55 -22.64
CA GLY A 290 15.37 13.37 -23.45
C GLY A 290 15.72 12.16 -22.60
N ILE A 291 14.92 11.89 -21.58
CA ILE A 291 15.14 10.73 -20.74
C ILE A 291 14.67 9.50 -21.53
N VAL A 292 15.64 8.77 -22.09
CA VAL A 292 15.37 7.60 -22.97
C VAL A 292 14.63 6.43 -22.27
N TYR A 293 14.81 6.34 -20.94
CA TYR A 293 14.01 5.51 -20.07
C TYR A 293 14.11 6.00 -18.62
N ASP A 294 12.95 6.24 -17.98
CA ASP A 294 12.86 6.76 -16.59
C ASP A 294 12.47 5.61 -15.71
N CYS A 295 13.46 4.90 -15.19
CA CYS A 295 13.22 3.82 -14.22
C CYS A 295 12.97 4.36 -12.83
N GLY A 296 13.30 5.65 -12.62
CA GLY A 296 13.14 6.34 -11.32
C GLY A 296 14.44 6.59 -10.55
N GLY A 297 15.50 5.89 -10.94
CA GLY A 297 16.73 5.88 -10.16
C GLY A 297 16.55 5.08 -8.88
N LEU A 298 17.30 5.45 -7.84
CA LEU A 298 17.17 4.80 -6.52
C LEU A 298 15.77 4.95 -5.94
N ALA A 299 15.08 6.03 -6.31
CA ALA A 299 13.62 6.15 -6.06
C ALA A 299 12.89 5.35 -7.14
N LEU A 300 13.09 4.04 -7.07
CA LEU A 300 12.67 3.12 -8.11
C LEU A 300 11.16 3.13 -8.22
N LYS A 301 10.69 3.30 -9.44
CA LYS A 301 9.26 3.29 -9.71
C LYS A 301 8.72 1.87 -9.51
N PRO A 302 7.46 1.76 -9.04
CA PRO A 302 6.78 0.45 -9.13
C PRO A 302 6.51 0.08 -10.59
N ALA A 303 6.54 -1.22 -10.87
CA ALA A 303 6.38 -1.75 -12.24
C ALA A 303 5.25 -1.15 -13.12
N ASP A 304 4.10 -0.80 -12.52
CA ASP A 304 2.96 -0.23 -13.25
C ASP A 304 3.21 1.16 -13.80
N TYR A 305 3.80 2.01 -12.96
CA TYR A 305 4.20 3.36 -13.36
C TYR A 305 5.47 3.39 -14.23
N MET A 306 6.28 2.33 -14.20
CA MET A 306 7.48 2.19 -15.06
C MET A 306 7.15 1.66 -16.46
N LYS A 307 5.99 1.01 -16.61
CA LYS A 307 5.45 0.66 -17.93
C LYS A 307 5.20 1.96 -18.73
N LEU A 308 5.59 1.93 -20.02
CA LEU A 308 5.55 3.06 -20.97
C LEU A 308 6.49 4.25 -20.69
N MET A 309 7.56 4.05 -19.90
CA MET A 309 8.52 5.13 -19.60
C MET A 309 9.57 5.31 -20.69
N LYS A 310 9.52 4.49 -21.75
CA LYS A 310 10.22 4.80 -22.99
C LYS A 310 9.73 6.13 -23.55
N HIS A 311 8.48 6.50 -23.25
CA HIS A 311 7.93 7.82 -23.65
C HIS A 311 8.62 9.05 -23.00
N ASP A 312 9.47 8.88 -21.98
CA ASP A 312 10.01 10.03 -21.23
C ASP A 312 10.98 10.92 -22.05
N MET A 313 11.44 10.39 -23.17
CA MET A 313 12.14 11.13 -24.23
C MET A 313 11.27 12.07 -25.10
N GLY A 314 9.97 12.11 -24.88
CA GLY A 314 9.02 12.68 -25.85
C GLY A 314 9.16 14.15 -26.11
N GLY A 315 9.64 14.88 -25.11
CA GLY A 315 9.97 16.30 -25.24
C GLY A 315 11.13 16.54 -26.20
N ALA A 316 12.20 15.77 -26.04
CA ALA A 316 13.35 15.84 -26.95
C ALA A 316 12.96 15.54 -28.38
N ALA A 317 12.23 14.45 -28.58
CA ALA A 317 11.76 14.08 -29.94
C ALA A 317 10.92 15.17 -30.59
N ALA A 318 10.19 15.91 -29.76
CA ALA A 318 9.34 17.01 -30.23
C ALA A 318 10.15 18.19 -30.75
N VAL A 319 11.03 18.70 -29.90
CA VAL A 319 11.91 19.82 -30.27
C VAL A 319 12.86 19.45 -31.41
N PHE A 320 13.32 18.19 -31.46
CA PHE A 320 14.18 17.70 -32.54
C PHE A 320 13.47 17.73 -33.88
N CYS A 321 12.33 17.07 -33.96
CA CYS A 321 11.56 17.01 -35.19
C CYS A 321 10.94 18.35 -35.58
N GLY A 322 10.67 19.19 -34.58
CA GLY A 322 10.23 20.58 -34.82
C GLY A 322 11.31 21.41 -35.49
N PHE A 323 12.55 21.20 -35.03
CA PHE A 323 13.77 21.77 -35.62
C PHE A 323 14.02 21.26 -37.03
N LEU A 324 13.86 19.96 -37.26
CA LEU A 324 14.03 19.39 -38.60
C LEU A 324 13.08 20.01 -39.62
N THR A 325 11.82 20.22 -39.23
CA THR A 325 10.83 20.88 -40.10
C THR A 325 11.26 22.32 -40.44
N ALA A 326 11.71 23.06 -39.43
CA ALA A 326 12.16 24.43 -39.63
C ALA A 326 13.29 24.53 -40.68
N VAL A 327 14.29 23.66 -40.58
CA VAL A 327 15.41 23.59 -41.56
C VAL A 327 14.92 23.24 -42.96
N ARG A 328 14.20 22.14 -43.07
CA ARG A 328 13.63 21.66 -44.34
C ARG A 328 12.76 22.64 -45.08
N LEU A 329 11.90 23.34 -44.36
CA LEU A 329 11.06 24.39 -44.96
C LEU A 329 11.73 25.75 -45.01
N GLN A 330 12.89 25.88 -44.36
CA GLN A 330 13.66 27.12 -44.33
C GLN A 330 12.81 28.24 -43.69
N GLN A 331 12.24 27.93 -42.52
CA GLN A 331 11.46 28.90 -41.76
C GLN A 331 12.46 29.95 -41.33
N PRO A 332 12.09 31.24 -41.38
CA PRO A 332 13.05 32.29 -41.11
C PRO A 332 13.21 32.55 -39.63
N VAL A 333 13.55 31.49 -38.88
CA VAL A 333 13.77 31.60 -37.45
C VAL A 333 15.16 31.09 -37.18
N GLN A 334 15.88 31.82 -36.33
CA GLN A 334 17.18 31.39 -35.89
C GLN A 334 16.95 30.48 -34.68
N LEU A 335 17.35 29.21 -34.81
CA LEU A 335 17.09 28.18 -33.81
C LEU A 335 18.33 27.57 -33.19
N SER A 336 18.26 27.39 -31.88
CA SER A 336 19.09 26.42 -31.16
C SER A 336 18.14 25.29 -30.69
N CYS A 337 18.59 24.04 -30.74
CA CYS A 337 17.83 22.89 -30.24
C CYS A 337 18.73 22.01 -29.39
N THR A 338 18.54 22.06 -28.08
CA THR A 338 19.38 21.35 -27.14
C THR A 338 18.64 20.12 -26.57
N LEU A 339 19.13 18.94 -26.90
CA LEU A 339 18.59 17.67 -26.43
C LEU A 339 19.31 17.19 -25.15
N CYS A 340 18.57 17.09 -24.04
CA CYS A 340 19.12 16.63 -22.78
C CYS A 340 18.95 15.13 -22.60
N LEU A 341 19.93 14.38 -23.06
CA LEU A 341 19.79 12.93 -23.18
C LEU A 341 20.42 12.24 -22.00
N ALA A 342 19.65 11.40 -21.32
CA ALA A 342 20.16 10.53 -20.26
C ALA A 342 19.21 9.36 -19.99
N GLU A 343 19.73 8.29 -19.38
CA GLU A 343 18.87 7.26 -18.78
C GLU A 343 18.97 7.39 -17.29
N ASN A 344 17.79 7.54 -16.66
CA ASN A 344 17.70 7.54 -15.23
C ASN A 344 17.70 6.08 -14.81
N ALA A 345 18.88 5.60 -14.44
CA ALA A 345 19.11 4.17 -14.25
C ALA A 345 19.44 3.94 -12.80
N ILE A 346 19.38 2.67 -12.43
CA ILE A 346 19.58 2.23 -11.04
C ILE A 346 20.80 1.28 -10.99
N GLY A 347 21.75 1.60 -10.11
CA GLY A 347 22.98 0.84 -10.00
C GLY A 347 23.93 1.34 -8.92
N PRO A 348 25.15 0.78 -8.88
CA PRO A 348 26.22 1.24 -7.98
C PRO A 348 26.52 2.74 -8.02
N LYS A 349 26.40 3.35 -9.20
CA LYS A 349 26.73 4.77 -9.42
C LYS A 349 25.52 5.71 -9.51
N SER A 350 24.38 5.28 -9.03
CA SER A 350 23.19 6.11 -9.07
C SER A 350 23.41 7.32 -8.22
N TYR A 351 22.98 8.47 -8.71
CA TYR A 351 22.83 9.63 -7.84
C TYR A 351 21.75 9.29 -6.83
N ARG A 352 21.86 9.89 -5.66
CA ARG A 352 21.20 9.41 -4.46
C ARG A 352 20.20 10.40 -3.87
N ASN A 353 19.26 9.86 -3.09
CA ASN A 353 18.29 10.68 -2.38
C ASN A 353 19.00 11.21 -1.16
N ASP A 354 19.65 12.37 -1.34
CA ASP A 354 20.46 13.13 -0.33
C ASP A 354 21.68 13.80 -0.95
N ASP A 355 22.13 13.27 -2.08
CA ASP A 355 23.19 13.90 -2.88
C ASP A 355 22.92 15.37 -3.09
N ILE A 356 23.99 16.15 -3.25
CA ILE A 356 23.89 17.54 -3.63
C ILE A 356 24.61 17.69 -4.96
N ILE A 357 23.93 18.30 -5.92
CA ILE A 357 24.46 18.52 -7.24
C ILE A 357 24.88 19.97 -7.33
N VAL A 358 26.01 20.22 -8.00
CA VAL A 358 26.42 21.56 -8.42
C VAL A 358 26.01 21.71 -9.88
N MET A 359 24.96 22.49 -10.11
CA MET A 359 24.39 22.70 -11.44
C MET A 359 25.28 23.60 -12.28
N LYS A 360 25.13 23.53 -13.60
CA LYS A 360 25.89 24.40 -14.49
C LYS A 360 25.58 25.88 -14.23
N SER A 361 24.37 26.16 -13.77
CA SER A 361 24.05 27.50 -13.26
C SER A 361 24.92 27.98 -12.06
N GLY A 362 25.50 27.05 -11.30
CA GLY A 362 26.30 27.37 -10.12
C GLY A 362 25.54 27.13 -8.84
N LYS A 363 24.20 27.06 -8.94
CA LYS A 363 23.35 26.84 -7.78
C LYS A 363 23.35 25.39 -7.42
N THR A 364 23.24 25.13 -6.12
CA THR A 364 23.28 23.78 -5.60
C THR A 364 21.87 23.20 -5.41
N VAL A 365 21.72 21.91 -5.76
CA VAL A 365 20.43 21.19 -5.67
C VAL A 365 20.53 19.94 -4.76
N GLU A 366 19.82 19.99 -3.63
CA GLU A 366 19.64 18.85 -2.74
C GLU A 366 18.61 17.93 -3.38
N VAL A 367 19.02 16.72 -3.71
CA VAL A 367 18.13 15.73 -4.33
C VAL A 367 17.29 15.08 -3.23
N ILE A 368 15.99 15.38 -3.22
CA ILE A 368 15.04 14.70 -2.31
C ILE A 368 14.56 13.37 -2.88
N ASN A 369 14.32 13.36 -4.18
CA ASN A 369 13.79 12.18 -4.88
C ASN A 369 14.41 12.06 -6.29
N THR A 370 15.14 10.98 -6.52
CA THR A 370 15.81 10.79 -7.81
C THR A 370 14.87 10.70 -9.01
N ASP A 371 13.58 10.43 -8.78
CA ASP A 371 12.65 10.26 -9.90
C ASP A 371 12.19 11.57 -10.48
N ALA A 372 12.39 12.66 -9.73
CA ALA A 372 12.25 14.04 -10.23
C ALA A 372 13.53 14.44 -10.95
N GLU A 373 13.88 13.64 -11.97
CA GLU A 373 15.10 13.75 -12.73
C GLU A 373 14.96 14.77 -13.84
N GLY A 374 13.73 14.97 -14.31
CA GLY A 374 13.49 15.74 -15.53
C GLY A 374 13.85 17.20 -15.40
N ARG A 375 13.43 17.80 -14.30
CA ARG A 375 13.74 19.20 -14.07
C ARG A 375 15.24 19.48 -13.90
N ILE A 376 15.97 18.54 -13.29
CA ILE A 376 17.42 18.69 -13.06
C ILE A 376 18.15 18.74 -14.41
N VAL A 377 17.85 17.76 -15.23
CA VAL A 377 18.37 17.64 -16.59
C VAL A 377 18.06 18.88 -17.43
N LEU A 378 16.85 19.42 -17.27
CA LEU A 378 16.39 20.59 -18.05
C LEU A 378 17.03 21.89 -17.54
N GLY A 379 17.23 21.98 -16.24
CA GLY A 379 17.91 23.14 -15.66
C GLY A 379 19.32 23.39 -16.21
N ASP A 380 20.02 22.31 -16.59
CA ASP A 380 21.30 22.41 -17.25
C ASP A 380 21.09 22.73 -18.71
N GLY A 381 20.09 22.12 -19.31
CA GLY A 381 19.73 22.44 -20.68
C GLY A 381 19.41 23.90 -20.95
N VAL A 382 18.63 24.53 -20.07
CA VAL A 382 18.22 25.93 -20.27
C VAL A 382 19.31 26.91 -19.93
N PHE A 383 20.16 26.55 -18.97
CA PHE A 383 21.36 27.35 -18.71
C PHE A 383 22.29 27.32 -19.93
N HIS A 384 22.49 26.14 -20.52
CA HIS A 384 23.31 26.03 -21.71
C HIS A 384 22.80 26.95 -22.78
N ALA A 385 21.50 26.96 -23.02
CA ALA A 385 20.92 27.74 -24.11
C ALA A 385 20.97 29.25 -23.87
N THR A 386 20.66 29.67 -22.66
CA THR A 386 20.65 31.09 -22.31
C THR A 386 22.03 31.76 -22.07
N ASN A 387 23.09 30.95 -22.03
CA ASN A 387 24.40 31.38 -21.51
C ASN A 387 25.66 30.91 -22.26
N GLU A 388 25.63 29.74 -22.90
CA GLU A 388 26.82 29.17 -23.50
C GLU A 388 26.78 29.18 -25.02
N LEU A 389 25.72 29.73 -25.61
CA LEU A 389 25.59 29.74 -27.07
C LEU A 389 26.13 31.01 -27.74
N SER A 390 26.25 30.96 -29.06
CA SER A 390 26.77 32.09 -29.85
C SER A 390 25.81 33.28 -29.93
N PHE A 391 24.59 33.12 -29.42
CA PHE A 391 23.62 34.22 -29.36
C PHE A 391 22.74 34.10 -28.14
N THR A 392 22.07 35.20 -27.79
CA THR A 392 21.12 35.19 -26.70
C THR A 392 19.73 35.09 -27.33
N PRO A 393 18.94 34.06 -27.01
CA PRO A 393 17.59 33.96 -27.57
C PRO A 393 16.56 34.98 -27.02
N ASP A 394 15.64 35.38 -27.91
CA ASP A 394 14.48 36.20 -27.57
C ASP A 394 13.47 35.31 -26.77
N VAL A 395 13.35 34.04 -27.15
CA VAL A 395 12.41 33.09 -26.52
C VAL A 395 13.06 31.74 -26.23
N VAL A 396 12.83 31.22 -25.03
CA VAL A 396 13.22 29.84 -24.64
C VAL A 396 11.97 28.97 -24.52
N ILE A 397 11.93 27.90 -25.31
CA ILE A 397 10.86 26.91 -25.23
C ILE A 397 11.46 25.60 -24.76
N ASP A 398 11.05 25.13 -23.58
CA ASP A 398 11.45 23.81 -23.11
C ASP A 398 10.23 22.87 -23.12
N MET A 399 10.42 21.68 -23.67
CA MET A 399 9.36 20.68 -23.80
C MET A 399 9.78 19.39 -23.10
N ALA A 400 8.87 18.83 -22.29
CA ALA A 400 9.18 17.65 -21.51
C ALA A 400 7.95 16.85 -21.10
N THR A 401 8.18 15.55 -20.88
CA THR A 401 7.15 14.65 -20.36
C THR A 401 7.38 14.63 -18.88
N LEU A 402 7.11 15.77 -18.25
CA LEU A 402 7.71 16.08 -16.96
C LEU A 402 7.01 15.52 -15.73
N THR A 403 5.71 15.75 -15.62
CA THR A 403 4.99 15.43 -14.38
C THR A 403 3.68 14.70 -14.61
N GLY A 404 3.33 13.81 -13.69
CA GLY A 404 2.03 13.16 -13.69
C GLY A 404 0.95 14.17 -13.37
N ALA A 405 1.30 15.15 -12.54
CA ALA A 405 0.40 16.23 -12.22
C ALA A 405 -0.24 16.88 -13.49
N GLN A 406 0.53 16.93 -14.58
CA GLN A 406 0.05 17.49 -15.85
C GLN A 406 -1.29 16.89 -16.26
N GLY A 407 -1.35 15.57 -16.29
CA GLY A 407 -2.53 14.81 -16.61
C GLY A 407 -3.73 15.08 -15.69
N ILE A 408 -3.47 15.28 -14.41
CA ILE A 408 -4.51 15.67 -13.48
C ILE A 408 -5.06 17.09 -13.74
N ALA A 409 -4.21 18.00 -14.24
CA ALA A 409 -4.58 19.41 -14.38
C ALA A 409 -5.14 19.80 -15.75
N THR A 410 -4.51 19.31 -16.79
CA THR A 410 -4.88 19.68 -18.18
C THR A 410 -5.25 18.51 -19.10
N GLY A 411 -4.88 17.31 -18.70
CA GLY A 411 -5.40 16.11 -19.33
C GLY A 411 -4.61 15.57 -20.49
N ARG A 412 -5.24 14.65 -21.22
CA ARG A 412 -4.53 13.83 -22.17
C ARG A 412 -4.35 14.46 -23.51
N HIS A 413 -5.13 15.51 -23.79
CA HIS A 413 -5.12 16.18 -25.06
C HIS A 413 -4.42 17.54 -25.05
N HIS A 414 -4.34 18.18 -23.89
CA HIS A 414 -3.72 19.51 -23.75
C HIS A 414 -2.43 19.47 -22.95
N ALA A 415 -1.36 19.97 -23.57
CA ALA A 415 -0.10 20.16 -22.88
C ALA A 415 -0.23 21.37 -21.94
N GLY A 416 0.38 21.26 -20.77
CA GLY A 416 0.38 22.35 -19.78
C GLY A 416 1.43 23.41 -20.10
N LEU A 417 1.06 24.68 -19.96
CA LEU A 417 1.97 25.80 -20.21
C LEU A 417 2.27 26.56 -18.94
N TYR A 418 3.52 26.52 -18.52
CA TYR A 418 4.04 27.46 -17.53
C TYR A 418 4.82 28.51 -18.34
N VAL A 419 4.30 29.74 -18.37
CA VAL A 419 4.85 30.83 -19.21
C VAL A 419 4.99 32.09 -18.38
N ASN A 420 6.08 32.83 -18.59
CA ASN A 420 6.37 34.06 -17.81
C ASN A 420 5.87 35.38 -18.42
N GLU A 421 5.22 35.30 -19.58
CA GLU A 421 4.68 36.45 -20.26
C GLU A 421 3.35 36.09 -20.92
N GLU A 422 2.36 36.98 -20.79
CA GLU A 422 1.03 36.73 -21.35
C GLU A 422 1.07 36.61 -22.88
N GLY A 423 1.85 37.47 -23.53
CA GLY A 423 1.91 37.55 -24.99
C GLY A 423 2.36 36.27 -25.62
N ALA A 424 3.44 35.71 -25.09
CA ALA A 424 3.96 34.44 -25.57
C ALA A 424 3.04 33.25 -25.24
N GLU A 425 2.39 33.28 -24.08
CA GLU A 425 1.38 32.26 -23.71
C GLU A 425 0.25 32.25 -24.74
N ALA A 426 -0.24 33.43 -25.03
CA ALA A 426 -1.29 33.62 -26.03
C ALA A 426 -0.89 33.08 -27.40
N ALA A 427 0.34 33.36 -27.82
CA ALA A 427 0.83 32.94 -29.13
C ALA A 427 0.91 31.43 -29.26
N MET A 428 1.48 30.79 -28.23
CA MET A 428 1.57 29.31 -28.18
C MET A 428 0.20 28.67 -28.08
N LEU A 429 -0.68 29.28 -27.29
CA LEU A 429 -2.05 28.81 -27.20
C LEU A 429 -2.73 28.82 -28.56
N ARG A 430 -2.67 29.95 -29.24
CA ARG A 430 -3.20 30.09 -30.59
C ARG A 430 -2.65 29.00 -31.51
N ALA A 431 -1.33 28.80 -31.46
CA ALA A 431 -0.65 27.76 -32.27
C ALA A 431 -1.20 26.39 -31.99
N GLY A 432 -1.53 26.12 -30.73
CA GLY A 432 -2.21 24.87 -30.34
C GLY A 432 -3.53 24.64 -31.07
N ARG A 433 -4.38 25.65 -31.00
CA ARG A 433 -5.68 25.63 -31.65
C ARG A 433 -5.60 25.47 -33.14
N GLU A 434 -4.63 26.12 -33.74
CA GLU A 434 -4.45 26.07 -35.20
C GLU A 434 -3.92 24.71 -35.62
N SER A 435 -2.89 24.24 -34.93
CA SER A 435 -2.22 22.98 -35.27
C SER A 435 -3.02 21.76 -34.91
N GLY A 436 -3.82 21.87 -33.84
CA GLY A 436 -4.55 20.72 -33.29
C GLY A 436 -3.82 20.01 -32.17
N GLU A 437 -2.54 20.35 -31.99
CA GLU A 437 -1.74 19.85 -30.92
C GLU A 437 -1.91 20.87 -29.80
N THR A 438 -3.04 20.76 -29.10
CA THR A 438 -3.55 21.84 -28.24
C THR A 438 -2.80 21.98 -26.93
N CYS A 439 -3.05 23.10 -26.27
CA CYS A 439 -2.41 23.42 -24.98
C CYS A 439 -3.35 24.14 -24.05
N PHE A 440 -2.94 24.27 -22.79
CA PHE A 440 -3.70 25.05 -21.81
C PHE A 440 -2.76 25.58 -20.71
N PRO A 441 -3.06 26.77 -20.15
CA PRO A 441 -2.22 27.28 -19.08
C PRO A 441 -2.33 26.59 -17.73
N VAL A 442 -1.21 26.48 -17.03
CA VAL A 442 -1.19 26.20 -15.58
C VAL A 442 -0.70 27.44 -14.84
N LEU A 443 -1.06 27.56 -13.56
CA LEU A 443 -0.75 28.76 -12.77
C LEU A 443 0.68 29.20 -12.89
N TYR A 444 0.87 30.46 -13.23
CA TYR A 444 2.16 31.13 -13.09
C TYR A 444 2.16 32.07 -11.89
N CYS A 445 2.90 31.70 -10.86
CA CYS A 445 2.93 32.44 -9.60
C CYS A 445 4.16 32.05 -8.76
N PRO A 446 5.36 32.48 -9.21
CA PRO A 446 6.64 32.19 -8.55
C PRO A 446 6.74 32.48 -7.07
N GLU A 447 6.10 33.55 -6.61
CA GLU A 447 6.05 33.87 -5.18
C GLU A 447 5.54 32.71 -4.30
N TYR A 448 4.65 31.88 -4.83
CA TYR A 448 4.12 30.75 -4.08
C TYR A 448 4.83 29.45 -4.39
N HIS A 449 5.53 29.38 -5.54
CA HIS A 449 6.28 28.15 -5.93
C HIS A 449 7.63 28.00 -5.24
N GLU A 450 8.37 29.11 -5.14
CA GLU A 450 9.70 29.14 -4.53
C GLU A 450 9.80 28.53 -3.12
N PRO A 451 8.94 28.97 -2.18
CA PRO A 451 9.02 28.42 -0.82
C PRO A 451 8.94 26.89 -0.71
N GLU A 452 8.29 26.23 -1.66
CA GLU A 452 8.23 24.76 -1.68
C GLU A 452 9.58 24.05 -1.86
N PHE A 453 10.58 24.78 -2.37
CA PHE A 453 11.92 24.23 -2.57
C PHE A 453 12.98 24.63 -1.50
N LYS A 454 12.57 25.16 -0.34
CA LYS A 454 13.54 25.49 0.74
C LYS A 454 14.35 24.25 1.16
N SER A 455 15.67 24.41 1.20
CA SER A 455 16.61 23.34 1.55
C SER A 455 17.46 23.79 2.73
N ASN A 456 17.75 22.86 3.63
CA ASN A 456 18.59 23.16 4.79
C ASN A 456 20.01 23.57 4.40
N HIS A 457 20.66 22.80 3.53
CA HIS A 457 22.07 23.00 3.19
C HIS A 457 22.38 23.37 1.76
N ALA A 458 21.41 23.25 0.85
CA ALA A 458 21.62 23.67 -0.54
C ALA A 458 20.80 24.91 -0.86
N ASP A 459 21.01 25.45 -2.05
CA ASP A 459 20.23 26.58 -2.53
C ASP A 459 18.76 26.20 -2.68
N MET A 460 18.53 25.01 -3.24
CA MET A 460 17.17 24.50 -3.42
C MET A 460 17.13 22.98 -3.36
N THR A 461 15.93 22.44 -3.18
CA THR A 461 15.68 21.01 -3.36
C THR A 461 15.18 20.82 -4.77
N ASN A 462 15.02 19.58 -5.20
CA ASN A 462 14.42 19.26 -6.51
C ASN A 462 12.94 18.83 -6.43
N LEU A 463 12.32 18.97 -5.25
CA LEU A 463 10.93 18.55 -5.06
C LEU A 463 10.22 19.33 -3.95
N MET A 464 8.93 19.54 -4.16
CA MET A 464 8.09 20.29 -3.24
C MET A 464 8.06 19.68 -1.85
N GLU A 465 8.13 20.57 -0.86
CA GLU A 465 7.86 20.20 0.52
C GLU A 465 6.46 19.54 0.63
N ARG A 466 5.46 20.19 0.00
CA ARG A 466 4.05 19.75 0.04
C ARG A 466 3.55 19.35 -1.34
N ARG A 467 2.82 18.24 -1.39
CA ARG A 467 2.42 17.62 -2.66
C ARG A 467 1.27 18.32 -3.42
N ASP A 468 0.24 18.78 -2.70
CA ASP A 468 -0.94 19.33 -3.33
C ASP A 468 -0.84 20.85 -3.45
N ASN A 469 0.12 21.37 -4.23
CA ASN A 469 0.35 22.84 -4.41
C ASN A 469 0.92 23.30 -5.79
N ALA A 470 0.11 23.12 -6.83
CA ALA A 470 0.43 23.49 -8.21
C ALA A 470 1.68 22.79 -8.74
N GLY A 471 1.63 21.46 -8.73
CA GLY A 471 2.79 20.62 -9.07
C GLY A 471 3.37 20.77 -10.47
N VAL A 472 2.52 21.07 -11.44
CA VAL A 472 2.97 21.24 -12.82
C VAL A 472 3.80 22.50 -12.91
N SER A 473 3.36 23.50 -12.17
CA SER A 473 3.94 24.82 -12.11
C SER A 473 5.25 24.83 -11.31
N CYS A 474 5.22 24.28 -10.10
CA CYS A 474 6.45 24.19 -9.29
C CYS A 474 7.64 23.56 -10.02
N ALA A 475 7.40 22.48 -10.75
CA ALA A 475 8.42 21.85 -11.57
C ALA A 475 8.91 22.82 -12.62
N GLY A 476 7.99 23.59 -13.20
CA GLY A 476 8.37 24.65 -14.14
C GLY A 476 9.26 25.69 -13.48
N TYR A 477 8.87 26.12 -12.28
CA TYR A 477 9.63 27.12 -11.56
C TYR A 477 11.07 26.68 -11.37
N PHE A 478 11.25 25.48 -10.83
CA PHE A 478 12.60 24.92 -10.68
C PHE A 478 13.45 25.16 -11.92
N ILE A 479 12.89 24.90 -13.09
CA ILE A 479 13.64 25.08 -14.33
C ILE A 479 14.06 26.56 -14.49
N THR A 480 13.16 27.50 -14.20
CA THR A 480 13.44 28.94 -14.36
C THR A 480 14.58 29.44 -13.48
N THR A 481 14.76 28.83 -12.30
CA THR A 481 15.86 29.22 -11.42
C THR A 481 17.23 28.97 -12.04
N HIS A 482 17.32 28.06 -13.01
CA HIS A 482 18.58 27.78 -13.70
C HIS A 482 18.70 28.47 -15.05
N LEU A 483 17.88 29.48 -15.30
CA LEU A 483 18.08 30.35 -16.46
C LEU A 483 19.24 31.27 -16.13
N SER A 484 19.96 31.66 -17.17
CA SER A 484 21.02 32.66 -17.05
C SER A 484 20.46 34.03 -16.65
N PRO A 485 21.17 34.78 -15.78
CA PRO A 485 20.73 36.17 -15.56
C PRO A 485 20.88 37.08 -16.80
N LYS A 486 21.76 36.75 -17.75
CA LYS A 486 21.78 37.35 -19.11
C LYS A 486 20.40 37.40 -19.77
N PHE A 487 19.69 36.28 -19.66
CA PHE A 487 18.37 36.15 -20.28
C PHE A 487 17.32 36.98 -19.57
N THR A 488 16.60 37.77 -20.34
CA THR A 488 15.46 38.55 -19.86
C THR A 488 14.19 38.35 -20.73
N GLY A 489 14.26 37.48 -21.75
CA GLY A 489 13.17 37.29 -22.70
C GLY A 489 12.09 36.36 -22.18
N ALA A 490 11.36 35.77 -23.13
CA ALA A 490 10.14 34.99 -22.85
C ALA A 490 10.44 33.50 -22.70
N HIS A 491 9.96 32.92 -21.61
CA HIS A 491 10.16 31.51 -21.30
C HIS A 491 8.86 30.70 -21.33
N ILE A 492 8.78 29.74 -22.24
CA ILE A 492 7.60 28.85 -22.36
C ILE A 492 8.00 27.46 -21.93
N HIS A 493 7.46 26.97 -20.82
CA HIS A 493 7.66 25.58 -20.40
C HIS A 493 6.44 24.78 -20.81
N VAL A 494 6.67 23.68 -21.52
CA VAL A 494 5.60 22.88 -22.09
C VAL A 494 5.65 21.48 -21.48
N ASP A 495 4.67 21.16 -20.63
CA ASP A 495 4.54 19.84 -20.00
C ASP A 495 3.60 19.00 -20.84
N LEU A 496 4.15 18.00 -21.51
CA LEU A 496 3.41 17.20 -22.51
C LEU A 496 3.42 15.70 -22.16
N ALA A 497 3.47 15.43 -20.86
CA ALA A 497 3.54 14.09 -20.31
C ALA A 497 2.55 13.10 -20.93
N TYR A 498 1.31 13.54 -21.09
CA TYR A 498 0.25 12.67 -21.60
C TYR A 498 -0.08 12.82 -23.08
N PRO A 499 -0.11 14.04 -23.62
CA PRO A 499 -0.38 14.19 -25.07
C PRO A 499 0.58 13.48 -26.05
N VAL A 500 1.78 13.10 -25.58
CA VAL A 500 2.69 12.31 -26.40
C VAL A 500 2.24 10.90 -26.75
N PHE A 501 1.24 10.38 -26.05
CA PHE A 501 0.80 9.00 -26.25
C PHE A 501 -0.69 8.80 -26.05
N ASN A 502 -1.18 7.70 -26.61
CA ASN A 502 -2.53 7.22 -26.40
C ASN A 502 -2.49 5.69 -26.41
N SER A 503 -3.66 5.04 -26.44
CA SER A 503 -3.70 3.58 -26.32
C SER A 503 -3.00 2.84 -27.47
N ASN A 504 -2.88 3.49 -28.64
CA ASN A 504 -2.19 2.91 -29.79
C ASN A 504 -0.67 3.16 -29.89
N GLY A 505 -0.14 3.99 -28.98
CA GLY A 505 1.28 4.29 -28.89
C GLY A 505 1.45 5.78 -29.03
N ALA A 506 2.61 6.20 -29.55
CA ALA A 506 2.97 7.62 -29.59
C ALA A 506 2.09 8.39 -30.55
N THR A 507 1.93 9.67 -30.28
CA THR A 507 1.08 10.56 -31.09
C THR A 507 1.85 11.47 -32.02
N GLY A 508 3.16 11.60 -31.80
CA GLY A 508 3.99 12.60 -32.50
C GLY A 508 3.58 14.03 -32.19
N PHE A 509 3.14 14.24 -30.95
CA PHE A 509 2.74 15.56 -30.50
C PHE A 509 4.01 16.36 -30.26
N GLY A 510 3.95 17.62 -30.68
CA GLY A 510 5.03 18.61 -30.48
C GLY A 510 5.49 19.36 -31.74
N PRO A 511 6.02 18.63 -32.72
CA PRO A 511 6.57 19.23 -33.90
C PRO A 511 5.65 20.18 -34.61
N ALA A 512 4.42 19.75 -34.88
CA ALA A 512 3.47 20.58 -35.61
C ALA A 512 3.10 21.85 -34.83
N LEU A 513 2.97 21.73 -33.52
CA LEU A 513 2.74 22.89 -32.65
C LEU A 513 3.84 23.94 -32.81
N LEU A 514 5.11 23.49 -32.81
CA LEU A 514 6.26 24.38 -33.03
C LEU A 514 6.21 25.04 -34.41
N THR A 515 6.18 24.21 -35.46
CA THR A 515 6.04 24.71 -36.83
C THR A 515 5.00 25.86 -36.89
N GLU A 516 3.81 25.64 -36.34
CA GLU A 516 2.75 26.65 -36.40
C GLU A 516 3.08 27.88 -35.57
N TYR A 517 3.79 27.71 -34.44
CA TYR A 517 4.18 28.83 -33.58
C TYR A 517 5.16 29.71 -34.27
N PHE A 518 6.19 29.05 -34.84
CA PHE A 518 7.22 29.73 -35.65
C PHE A 518 6.56 30.48 -36.80
N ARG A 519 5.71 29.79 -37.53
CA ARG A 519 5.01 30.31 -38.69
C ARG A 519 4.33 31.68 -38.51
N LYS A 520 3.94 32.04 -37.29
CA LYS A 520 3.20 33.28 -37.06
C LYS A 520 3.95 34.36 -36.23
N LEU A 521 5.26 34.22 -36.03
N LEU A 521 5.26 34.22 -36.04
CA LEU A 521 6.09 35.29 -35.45
CA LEU A 521 6.09 35.30 -35.48
C LEU A 521 6.30 36.35 -36.52
C LEU A 521 6.30 36.35 -36.56
N THR B 3 37.20 -10.69 -11.68
CA THR B 3 37.87 -11.72 -10.81
C THR B 3 37.28 -11.72 -9.39
N LEU B 4 36.72 -12.86 -8.98
CA LEU B 4 36.28 -13.09 -7.59
C LEU B 4 37.47 -13.13 -6.63
N PRO B 5 37.24 -12.92 -5.32
CA PRO B 5 38.32 -13.13 -4.35
C PRO B 5 38.76 -14.61 -4.26
N LYS B 6 40.08 -14.83 -4.09
CA LYS B 6 40.68 -16.19 -4.04
C LYS B 6 39.97 -17.13 -3.07
N ALA B 7 39.64 -16.60 -1.88
CA ALA B 7 38.89 -17.32 -0.85
C ALA B 7 37.49 -17.80 -1.29
N GLU B 8 36.77 -16.94 -2.03
CA GLU B 8 35.43 -17.28 -2.55
C GLU B 8 35.46 -18.36 -3.63
N ALA B 9 36.45 -18.30 -4.53
CA ALA B 9 36.70 -19.35 -5.53
C ALA B 9 37.00 -20.73 -4.89
N LYS B 10 37.83 -20.75 -3.85
CA LYS B 10 38.09 -21.98 -3.06
C LYS B 10 36.78 -22.57 -2.51
N GLU B 11 35.96 -21.71 -1.91
CA GLU B 11 34.65 -22.08 -1.35
C GLU B 11 33.71 -22.64 -2.40
N LEU B 12 33.64 -21.96 -3.55
CA LEU B 12 32.75 -22.36 -4.64
C LEU B 12 33.15 -23.73 -5.19
N SER B 13 34.44 -23.89 -5.46
CA SER B 13 34.99 -25.17 -5.91
C SER B 13 34.62 -26.30 -4.97
N ALA B 14 34.89 -26.10 -3.69
CA ALA B 14 34.52 -27.07 -2.66
C ALA B 14 33.04 -27.43 -2.73
N PHE B 15 32.19 -26.40 -2.90
CA PHE B 15 30.75 -26.63 -2.99
C PHE B 15 30.35 -27.44 -4.23
N VAL B 16 30.97 -27.12 -5.37
CA VAL B 16 30.71 -27.87 -6.63
C VAL B 16 30.97 -29.35 -6.42
N GLN B 17 32.14 -29.65 -5.86
CA GLN B 17 32.56 -31.02 -5.61
C GLN B 17 31.60 -31.76 -4.67
N SER B 18 31.12 -31.05 -3.64
CA SER B 18 30.17 -31.60 -2.67
C SER B 18 28.86 -32.07 -3.29
N CYS B 19 28.42 -31.35 -4.33
CA CYS B 19 27.21 -31.70 -5.09
C CYS B 19 27.45 -32.82 -6.10
N VAL B 20 28.63 -32.83 -6.73
CA VAL B 20 28.98 -33.87 -7.72
C VAL B 20 29.17 -35.25 -7.08
N GLU B 21 29.84 -35.26 -5.93
CA GLU B 21 30.16 -36.50 -5.20
CA GLU B 21 30.15 -36.50 -5.21
C GLU B 21 29.15 -36.85 -4.13
N TYR B 22 28.00 -36.17 -4.12
CA TYR B 22 26.98 -36.47 -3.15
C TYR B 22 26.39 -37.85 -3.42
N LYS B 23 26.40 -38.69 -2.38
CA LYS B 23 25.67 -39.97 -2.36
C LYS B 23 24.74 -39.91 -1.16
N THR B 24 23.66 -40.67 -1.25
CA THR B 24 22.58 -40.64 -0.22
C THR B 24 23.01 -41.26 1.13
N ASN B 25 22.20 -40.99 2.14
CA ASN B 25 22.35 -41.53 3.48
C ASN B 25 21.35 -42.67 3.76
N VAL B 26 20.57 -43.08 2.77
CA VAL B 26 19.47 -44.01 2.98
C VAL B 26 19.83 -45.35 2.35
N CYS B 27 19.66 -46.43 3.11
CA CYS B 27 19.77 -47.80 2.57
C CYS B 27 18.41 -48.44 2.69
N PHE B 28 18.18 -49.47 1.90
CA PHE B 28 16.89 -50.16 1.88
C PHE B 28 17.06 -51.67 1.96
N THR B 29 16.19 -52.32 2.73
CA THR B 29 16.20 -53.78 2.87
C THR B 29 14.80 -54.25 3.29
N ASP B 30 14.70 -55.52 3.69
CA ASP B 30 13.41 -56.09 4.10
C ASP B 30 13.53 -56.86 5.42
N VAL B 31 12.38 -57.21 6.00
CA VAL B 31 12.30 -57.82 7.34
C VAL B 31 13.17 -59.07 7.44
N ALA B 32 12.91 -60.01 6.52
CA ALA B 32 13.61 -61.29 6.47
C ALA B 32 15.13 -61.12 6.31
N ALA B 33 15.53 -60.26 5.37
CA ALA B 33 16.94 -59.97 5.11
C ALA B 33 17.67 -59.26 6.26
N TYR B 34 16.94 -58.43 6.99
CA TYR B 34 17.41 -57.77 8.22
C TYR B 34 17.57 -58.78 9.37
N GLU B 35 16.53 -59.60 9.56
CA GLU B 35 16.53 -60.70 10.56
C GLU B 35 17.72 -61.67 10.40
N SER B 36 18.24 -61.79 9.17
CA SER B 36 19.36 -62.66 8.84
C SER B 36 20.69 -61.91 8.88
N ASN B 37 20.78 -60.73 8.28
CA ASN B 37 22.02 -59.93 8.29
C ASN B 37 22.38 -59.44 9.70
N GLN B 38 21.40 -58.85 10.39
CA GLN B 38 21.58 -58.27 11.74
C GLN B 38 21.39 -59.27 12.88
N LYS B 39 20.68 -60.36 12.59
CA LYS B 39 20.39 -61.41 13.57
C LYS B 39 19.51 -60.94 14.74
N GLY B 40 18.67 -59.93 14.50
CA GLY B 40 17.87 -59.31 15.56
C GLY B 40 18.53 -58.24 16.44
N VAL B 41 19.83 -57.95 16.23
CA VAL B 41 20.50 -56.81 16.92
C VAL B 41 20.12 -55.50 16.20
N LEU B 42 19.55 -54.54 16.92
CA LEU B 42 19.17 -53.24 16.34
C LEU B 42 20.39 -52.37 16.03
N SER B 43 20.26 -51.52 15.02
CA SER B 43 21.40 -50.75 14.48
C SER B 43 21.88 -49.62 15.39
N SER B 44 20.99 -49.05 16.20
CA SER B 44 21.37 -47.98 17.16
C SER B 44 20.31 -47.80 18.25
N GLY B 45 20.56 -46.85 19.14
CA GLY B 45 19.65 -46.55 20.24
C GLY B 45 18.34 -45.85 19.89
N LEU B 46 17.96 -45.86 18.61
CA LEU B 46 16.65 -45.44 18.15
C LEU B 46 16.11 -46.38 17.07
N ALA B 47 14.79 -46.61 17.11
CA ALA B 47 14.06 -47.36 16.09
C ALA B 47 12.68 -46.76 15.90
N VAL B 48 12.21 -46.78 14.65
CA VAL B 48 10.98 -46.12 14.23
C VAL B 48 10.06 -47.14 13.55
N LEU B 49 8.77 -47.05 13.82
CA LEU B 49 7.77 -47.94 13.21
C LEU B 49 6.63 -47.08 12.64
N VAL B 50 6.38 -47.21 11.35
CA VAL B 50 5.35 -46.39 10.62
C VAL B 50 4.40 -47.15 9.74
N GLY B 51 3.12 -46.98 10.00
CA GLY B 51 2.12 -47.65 9.17
C GLY B 51 0.69 -47.26 9.52
N THR B 52 -0.27 -47.78 8.75
CA THR B 52 -1.68 -47.44 8.94
C THR B 52 -2.23 -48.06 10.21
N HIS B 53 -3.40 -47.60 10.62
CA HIS B 53 -4.05 -48.14 11.81
C HIS B 53 -4.16 -49.67 11.74
N LYS B 54 -4.70 -50.19 10.62
CA LYS B 54 -4.86 -51.66 10.45
C LYS B 54 -3.52 -52.39 10.36
N GLN B 55 -2.56 -51.82 9.66
CA GLN B 55 -1.21 -52.43 9.49
C GLN B 55 -0.42 -52.62 10.79
N LEU B 56 -0.55 -51.66 11.70
CA LEU B 56 0.11 -51.72 13.01
C LEU B 56 -0.45 -52.82 13.90
N ARG B 57 -1.70 -53.22 13.63
CA ARG B 57 -2.40 -54.30 14.34
C ARG B 57 -2.33 -55.66 13.64
N ASP B 58 -1.63 -55.72 12.52
CA ASP B 58 -1.35 -57.01 11.88
C ASP B 58 -0.44 -57.87 12.79
N PRO B 59 -0.71 -59.21 12.86
CA PRO B 59 0.06 -60.17 13.65
C PRO B 59 1.57 -60.14 13.42
N ALA B 60 2.01 -59.87 12.20
CA ALA B 60 3.45 -59.81 11.86
C ALA B 60 4.25 -58.77 12.64
N VAL B 61 3.56 -57.72 13.09
CA VAL B 61 4.18 -56.63 13.85
C VAL B 61 4.74 -57.17 15.18
N GLN B 62 3.92 -57.93 15.92
CA GLN B 62 4.33 -58.61 17.19
C GLN B 62 5.66 -59.32 17.07
N ARG B 63 5.85 -60.07 15.97
CA ARG B 63 7.09 -60.85 15.76
C ARG B 63 8.32 -59.99 15.40
N LEU B 64 8.20 -58.67 15.31
CA LEU B 64 9.36 -57.79 15.06
C LEU B 64 10.29 -57.73 16.28
N PRO B 65 11.60 -57.52 16.05
CA PRO B 65 12.62 -57.67 17.11
C PRO B 65 12.67 -56.60 18.22
N PHE B 66 12.00 -55.47 18.04
CA PHE B 66 11.95 -54.40 19.07
C PHE B 66 10.65 -54.43 19.88
N TYR B 67 9.66 -55.18 19.38
CA TYR B 67 8.33 -55.22 19.96
C TYR B 67 8.38 -55.70 21.40
N ASN B 68 7.44 -55.21 22.20
CA ASN B 68 7.28 -55.60 23.61
C ASN B 68 5.89 -55.09 24.05
N PRO B 69 5.50 -55.31 25.32
CA PRO B 69 4.14 -54.88 25.73
C PRO B 69 3.93 -53.34 25.77
N ALA B 70 5.03 -52.57 25.89
CA ALA B 70 5.00 -51.10 25.86
C ALA B 70 4.68 -50.53 24.46
N VAL B 71 5.39 -51.03 23.46
CA VAL B 71 5.19 -50.69 22.07
C VAL B 71 3.75 -51.01 21.64
N ALA B 72 3.20 -52.10 22.16
CA ALA B 72 1.80 -52.49 21.91
C ALA B 72 0.79 -51.47 22.47
N GLU B 73 1.11 -50.91 23.63
CA GLU B 73 0.33 -49.81 24.20
C GLU B 73 0.56 -48.53 23.38
N ALA B 74 1.80 -48.24 23.02
CA ALA B 74 2.11 -47.09 22.14
C ALA B 74 1.26 -47.08 20.87
N ILE B 75 1.06 -48.24 20.29
CA ILE B 75 0.18 -48.38 19.14
C ILE B 75 -1.28 -48.06 19.48
N GLU B 76 -1.74 -48.41 20.68
CA GLU B 76 -3.06 -48.00 21.13
C GLU B 76 -3.14 -46.47 21.29
N ARG B 77 -2.18 -45.91 22.02
CA ARG B 77 -2.22 -44.50 22.43
C ARG B 77 -2.01 -43.47 21.31
N VAL B 78 -1.32 -43.87 20.24
CA VAL B 78 -0.95 -42.98 19.11
C VAL B 78 -2.16 -42.38 18.38
N LYS B 79 -2.08 -41.05 18.17
CA LYS B 79 -3.10 -40.31 17.40
C LYS B 79 -2.75 -40.42 15.91
N GLU B 80 -3.78 -40.50 15.07
CA GLU B 80 -3.59 -40.53 13.60
C GLU B 80 -2.84 -39.28 13.16
N GLY B 81 -1.80 -39.47 12.35
CA GLY B 81 -0.96 -38.38 11.89
C GLY B 81 0.14 -37.99 12.86
N GLY B 82 0.15 -38.55 14.06
CA GLY B 82 1.15 -38.20 15.09
C GLY B 82 2.05 -39.36 15.48
N THR B 83 2.99 -39.10 16.40
CA THR B 83 3.90 -40.13 16.87
C THR B 83 3.72 -40.37 18.35
N TYR B 84 4.13 -41.55 18.81
CA TYR B 84 4.22 -41.89 20.25
C TYR B 84 5.52 -42.64 20.55
N GLY B 85 6.34 -42.10 21.45
CA GLY B 85 7.66 -42.69 21.80
C GLY B 85 7.61 -43.43 23.12
N VAL B 86 8.44 -44.47 23.24
CA VAL B 86 8.55 -45.29 24.49
C VAL B 86 9.98 -45.79 24.69
N LEU B 87 10.36 -46.02 25.94
CA LEU B 87 11.65 -46.64 26.28
C LEU B 87 11.49 -48.12 26.57
N VAL B 88 12.47 -48.88 26.09
CA VAL B 88 12.58 -50.32 26.30
C VAL B 88 13.98 -50.58 26.85
N GLU B 89 14.05 -51.26 28.00
CA GLU B 89 15.31 -51.47 28.70
C GLU B 89 16.01 -52.73 28.19
N GLY B 90 17.33 -52.66 28.06
CA GLY B 90 18.20 -53.79 27.73
C GLY B 90 17.92 -54.57 26.45
N LEU B 91 17.29 -53.92 25.47
CA LEU B 91 17.03 -54.52 24.15
C LEU B 91 18.34 -54.51 23.36
N ALA B 92 18.70 -55.67 22.80
CA ALA B 92 20.00 -55.86 22.16
C ALA B 92 20.17 -54.83 21.05
N ASN B 93 21.33 -54.15 21.01
CA ASN B 93 21.60 -53.13 20.00
C ASN B 93 23.07 -52.76 19.79
N ALA B 94 23.41 -52.41 18.55
CA ALA B 94 24.79 -52.16 18.13
C ALA B 94 25.54 -51.06 18.85
N ALA B 95 24.85 -50.05 19.35
CA ALA B 95 25.47 -48.96 20.12
C ALA B 95 25.70 -49.28 21.63
N GLY B 96 25.07 -50.35 22.12
CA GLY B 96 25.20 -50.77 23.52
C GLY B 96 24.52 -49.88 24.53
N SER B 97 23.41 -49.24 24.12
CA SER B 97 22.68 -48.31 24.99
C SER B 97 21.73 -49.09 25.90
N LYS B 98 21.74 -48.75 27.20
CA LYS B 98 20.94 -49.47 28.21
C LYS B 98 19.46 -49.49 27.82
N PHE B 99 19.02 -48.38 27.23
CA PHE B 99 17.67 -48.25 26.67
C PHE B 99 17.71 -48.04 25.15
N VAL B 100 16.64 -48.47 24.49
CA VAL B 100 16.39 -48.16 23.07
C VAL B 100 15.04 -47.47 22.94
N ARG B 101 15.02 -46.36 22.22
CA ARG B 101 13.82 -45.56 22.01
C ARG B 101 13.06 -46.13 20.81
N VAL B 102 11.81 -46.52 21.02
CA VAL B 102 10.96 -46.96 19.92
C VAL B 102 9.93 -45.85 19.70
N VAL B 103 9.82 -45.39 18.46
CA VAL B 103 8.85 -44.38 18.09
C VAL B 103 7.86 -44.98 17.08
N VAL B 104 6.61 -45.08 17.48
CA VAL B 104 5.54 -45.46 16.57
C VAL B 104 4.96 -44.19 15.90
N GLY B 105 4.55 -44.32 14.64
CA GLY B 105 3.86 -43.25 13.92
C GLY B 105 2.73 -43.82 13.07
N GLU B 106 1.53 -43.24 13.22
CA GLU B 106 0.35 -43.77 12.51
C GLU B 106 0.05 -42.96 11.25
N VAL B 107 0.06 -43.66 10.11
CA VAL B 107 -0.25 -43.08 8.77
C VAL B 107 -1.74 -43.23 8.49
N PRO B 108 -2.39 -42.17 7.94
CA PRO B 108 -3.84 -42.29 7.68
C PRO B 108 -4.09 -43.10 6.45
N THR B 109 -5.30 -43.61 6.36
CA THR B 109 -5.69 -44.44 5.25
C THR B 109 -6.56 -43.58 4.26
N LYS B 110 -7.17 -42.50 4.77
CA LYS B 110 -7.89 -41.51 3.96
C LYS B 110 -7.00 -40.92 2.85
N ALA B 111 -7.47 -41.04 1.60
CA ALA B 111 -6.75 -40.49 0.45
C ALA B 111 -7.71 -40.22 -0.68
N SER B 112 -7.81 -38.95 -1.07
CA SER B 112 -8.75 -38.52 -2.10
C SER B 112 -8.27 -38.98 -3.46
N ARG B 113 -9.20 -38.99 -4.42
CA ARG B 113 -8.91 -39.43 -5.78
C ARG B 113 -7.70 -38.79 -6.45
N ASN B 114 -7.31 -37.58 -6.04
CA ASN B 114 -6.18 -36.85 -6.59
C ASN B 114 -4.89 -36.99 -5.80
N ASN B 115 -4.84 -37.93 -4.84
CA ASN B 115 -3.67 -38.10 -4.00
C ASN B 115 -3.13 -39.53 -4.08
N CYS B 116 -1.92 -39.72 -3.54
CA CYS B 116 -1.24 -41.03 -3.46
C CYS B 116 -1.76 -41.88 -2.28
N PRO B 117 -2.40 -43.05 -2.53
CA PRO B 117 -3.09 -43.81 -1.46
C PRO B 117 -2.21 -44.18 -0.27
N ALA B 118 -0.90 -44.29 -0.50
CA ALA B 118 0.07 -44.53 0.56
C ALA B 118 0.24 -43.38 1.57
N ARG B 119 -0.10 -42.16 1.16
CA ARG B 119 0.07 -40.93 1.96
C ARG B 119 1.51 -40.74 2.45
N PRO B 120 2.48 -40.76 1.52
CA PRO B 120 3.87 -40.47 1.87
C PRO B 120 4.11 -39.10 2.52
N ASP B 121 3.23 -38.15 2.26
CA ASP B 121 3.32 -36.83 2.91
C ASP B 121 3.39 -36.97 4.43
N VAL B 122 2.53 -37.83 4.97
CA VAL B 122 2.45 -38.03 6.42
C VAL B 122 3.65 -38.84 6.85
N VAL B 123 4.02 -39.84 6.05
CA VAL B 123 5.20 -40.69 6.34
C VAL B 123 6.43 -39.79 6.58
N THR B 124 6.66 -38.87 5.66
CA THR B 124 7.77 -37.92 5.76
C THR B 124 7.72 -37.16 7.07
N UNK B 125 6.54 -36.67 7.45
CA UNK B 125 6.38 -35.90 8.71
C UNK B 125 6.67 -36.76 9.94
N LEU B 126 6.15 -37.99 9.94
CA LEU B 126 6.30 -38.92 11.06
C LEU B 126 7.75 -39.25 11.35
N VAL B 127 8.50 -39.56 10.30
CA VAL B 127 9.90 -39.89 10.44
C VAL B 127 10.72 -38.66 10.87
N THR B 128 10.39 -37.48 10.32
CA THR B 128 11.03 -36.21 10.71
C THR B 128 10.86 -35.95 12.21
N ALA B 129 9.65 -36.18 12.72
CA ALA B 129 9.33 -36.03 14.14
C ALA B 129 10.14 -36.97 15.00
N ALA B 130 10.15 -38.25 14.60
CA ALA B 130 10.89 -39.30 15.32
C ALA B 130 12.40 -39.04 15.40
N LEU B 131 12.99 -38.55 14.30
CA LEU B 131 14.41 -38.20 14.23
C LEU B 131 14.80 -36.94 15.01
N ASP B 132 13.82 -36.16 15.43
CA ASP B 132 14.06 -34.98 16.26
C ASP B 132 14.58 -35.31 17.68
N GLU B 133 14.31 -36.54 18.15
CA GLU B 133 14.82 -37.02 19.48
C GLU B 133 16.07 -37.89 19.31
N VAL B 134 17.01 -37.48 18.48
CA VAL B 134 18.18 -38.31 18.17
C VAL B 134 19.27 -38.08 19.22
N LYS B 135 19.72 -39.19 19.82
CA LYS B 135 20.69 -39.17 20.94
C LYS B 135 22.13 -38.81 20.52
N GLU B 136 22.57 -39.33 19.37
CA GLU B 136 23.91 -39.09 18.85
C GLU B 136 23.87 -39.01 17.31
N PRO B 137 24.48 -37.95 16.72
CA PRO B 137 24.58 -37.91 15.26
C PRO B 137 25.65 -38.86 14.68
N ASN B 138 25.60 -39.09 13.37
CA ASN B 138 26.42 -40.12 12.71
C ASN B 138 26.19 -41.52 13.31
N THR B 139 24.91 -41.90 13.50
CA THR B 139 24.52 -43.28 13.86
C THR B 139 23.65 -43.84 12.73
N THR B 140 23.11 -45.04 12.90
CA THR B 140 22.21 -45.64 11.90
C THR B 140 20.85 -45.98 12.55
N VAL B 141 19.78 -45.39 12.02
CA VAL B 141 18.44 -45.51 12.60
C VAL B 141 17.57 -46.43 11.76
N ASP B 142 17.00 -47.43 12.41
CA ASP B 142 16.21 -48.44 11.72
C ASP B 142 14.77 -47.97 11.57
N VAL B 143 14.35 -47.70 10.35
CA VAL B 143 12.99 -47.23 10.09
C VAL B 143 12.18 -48.38 9.49
N PHE B 144 11.36 -49.02 10.33
CA PHE B 144 10.52 -50.14 9.89
C PHE B 144 9.22 -49.61 9.33
N VAL B 145 9.04 -49.71 8.03
CA VAL B 145 7.78 -49.27 7.40
C VAL B 145 6.91 -50.47 7.06
N LEU B 146 5.60 -50.30 7.14
CA LEU B 146 4.64 -51.37 6.93
C LEU B 146 3.87 -51.19 5.65
N SER B 147 4.24 -50.20 4.84
CA SER B 147 3.73 -50.09 3.48
C SER B 147 4.69 -50.79 2.52
N ASN B 148 4.14 -51.41 1.47
CA ASN B 148 4.94 -52.03 0.42
C ASN B 148 5.03 -51.20 -0.86
N ALA B 149 4.44 -49.99 -0.84
CA ALA B 149 4.54 -49.04 -1.93
C ALA B 149 5.95 -48.42 -1.95
N VAL B 150 6.91 -49.17 -2.48
CA VAL B 150 8.33 -48.88 -2.24
C VAL B 150 8.84 -47.55 -2.78
N LEU B 151 8.43 -47.18 -3.99
CA LEU B 151 8.94 -45.93 -4.61
C LEU B 151 8.54 -44.68 -3.83
N PRO B 152 7.22 -44.44 -3.64
CA PRO B 152 6.84 -43.27 -2.85
C PRO B 152 7.48 -43.16 -1.45
N ILE B 153 7.55 -44.29 -0.73
CA ILE B 153 8.18 -44.31 0.60
C ILE B 153 9.66 -43.96 0.51
N ALA B 154 10.35 -44.50 -0.50
CA ALA B 154 11.77 -44.23 -0.66
C ALA B 154 12.06 -42.73 -0.76
N ALA B 155 11.29 -42.05 -1.62
CA ALA B 155 11.41 -40.60 -1.80
C ALA B 155 10.96 -39.85 -0.55
N ALA B 156 9.87 -40.31 0.06
CA ALA B 156 9.33 -39.71 1.31
C ALA B 156 10.30 -39.71 2.49
N VAL B 157 11.05 -40.78 2.67
CA VAL B 157 12.11 -40.86 3.69
C VAL B 157 13.35 -40.07 3.30
N ALA B 158 13.64 -40.02 2.00
CA ALA B 158 14.79 -39.26 1.50
C ALA B 158 14.63 -37.76 1.78
N ARG B 159 13.42 -37.25 1.55
CA ARG B 159 13.13 -35.82 1.75
C ARG B 159 12.96 -35.42 3.21
N CYS B 160 13.02 -36.38 4.13
CA CYS B 160 12.61 -36.17 5.53
C CYS B 160 13.78 -35.83 6.40
N GLY B 161 13.47 -35.44 7.63
CA GLY B 161 14.49 -35.17 8.63
C GLY B 161 15.40 -34.03 8.23
N LYS B 162 16.57 -33.98 8.86
CA LYS B 162 17.52 -32.89 8.62
C LYS B 162 18.11 -32.98 7.23
N HIS B 163 18.27 -31.82 6.61
CA HIS B 163 18.73 -31.71 5.23
C HIS B 163 20.24 -31.83 5.16
N ASN B 164 20.71 -32.33 4.03
CA ASN B 164 22.14 -32.56 3.82
C ASN B 164 22.91 -31.26 3.60
N PHE B 165 22.26 -30.25 3.05
CA PHE B 165 22.85 -28.91 3.02
C PHE B 165 22.70 -28.28 4.41
N SER B 166 23.81 -27.75 4.93
CA SER B 166 23.79 -26.99 6.17
C SER B 166 25.01 -26.10 6.27
N ALA B 167 24.81 -24.93 6.87
CA ALA B 167 25.87 -23.96 7.14
C ALA B 167 26.12 -23.77 8.64
N LYS B 168 25.43 -24.57 9.47
CA LYS B 168 25.53 -24.43 10.92
C LYS B 168 26.83 -24.99 11.50
N ASP B 169 27.19 -24.51 12.68
CA ASP B 169 28.32 -25.02 13.49
C ASP B 169 29.54 -25.33 12.66
N GLY B 170 29.96 -24.35 11.85
CA GLY B 170 31.17 -24.47 11.05
C GLY B 170 31.17 -25.44 9.87
N ALA B 171 29.99 -25.92 9.46
CA ALA B 171 29.89 -26.80 8.29
C ALA B 171 30.19 -26.05 6.99
N ALA B 172 30.21 -24.73 7.04
CA ALA B 172 30.72 -23.91 5.94
C ALA B 172 32.16 -24.24 5.60
N ALA B 173 32.93 -24.66 6.61
CA ALA B 173 34.33 -25.09 6.44
C ALA B 173 34.47 -26.46 5.79
N ALA B 174 33.40 -27.26 5.80
CA ALA B 174 33.36 -28.62 5.21
C ALA B 174 32.41 -28.67 3.99
N ALA B 175 32.55 -27.67 3.11
CA ALA B 175 31.76 -27.58 1.87
C ALA B 175 30.23 -27.74 2.08
N TYR B 176 29.73 -27.20 3.20
CA TYR B 176 28.31 -27.12 3.50
C TYR B 176 27.62 -28.49 3.52
N ASN B 177 28.33 -29.48 4.06
CA ASN B 177 27.77 -30.80 4.27
C ASN B 177 27.40 -30.94 5.72
N SER B 178 26.14 -31.24 5.97
CA SER B 178 25.65 -31.37 7.34
C SER B 178 26.30 -32.53 8.08
N GLY B 179 26.92 -32.23 9.22
CA GLY B 179 27.39 -33.27 10.15
C GLY B 179 26.28 -33.88 11.01
N LYS B 180 25.05 -33.41 10.85
CA LYS B 180 23.97 -33.76 11.73
C LYS B 180 23.00 -34.82 11.17
N VAL B 181 23.35 -35.42 10.04
CA VAL B 181 22.45 -36.36 9.36
C VAL B 181 22.68 -37.78 9.86
N SER B 182 21.58 -38.52 10.01
CA SER B 182 21.59 -39.92 10.43
C SER B 182 21.49 -40.87 9.24
N ARG B 183 22.32 -41.91 9.20
CA ARG B 183 22.14 -42.99 8.24
C ARG B 183 20.77 -43.59 8.55
N LEU B 184 19.93 -43.74 7.52
CA LEU B 184 18.58 -44.28 7.70
C LEU B 184 18.47 -45.60 6.94
N GLN B 185 18.14 -46.68 7.65
CA GLN B 185 17.96 -47.99 7.02
C GLN B 185 16.46 -48.34 7.00
N VAL B 186 15.82 -48.16 5.84
CA VAL B 186 14.40 -48.48 5.67
C VAL B 186 14.23 -49.98 5.55
N VAL B 187 13.25 -50.52 6.26
CA VAL B 187 12.98 -51.96 6.30
C VAL B 187 11.53 -52.27 5.90
N PHE B 188 11.34 -52.67 4.65
CA PHE B 188 10.02 -53.02 4.14
C PHE B 188 9.61 -54.37 4.66
N PRO B 189 8.31 -54.69 4.67
CA PRO B 189 7.90 -56.05 5.02
C PRO B 189 8.45 -57.08 4.03
N GLU B 190 8.13 -56.93 2.74
CA GLU B 190 8.59 -57.85 1.69
C GLU B 190 9.92 -57.42 1.13
N PRO B 191 10.63 -58.33 0.45
CA PRO B 191 11.77 -57.85 -0.34
C PRO B 191 11.19 -56.94 -1.41
N PRO B 192 11.81 -55.74 -1.58
CA PRO B 192 11.21 -54.65 -2.36
C PRO B 192 11.03 -54.97 -3.83
N ALA B 193 9.89 -54.58 -4.40
CA ALA B 193 9.50 -54.80 -5.82
C ALA B 193 10.51 -54.18 -6.82
N ILE B 194 11.18 -53.13 -6.37
CA ILE B 194 12.27 -52.48 -7.08
C ILE B 194 13.55 -52.79 -6.30
N PRO B 195 14.71 -52.94 -7.00
CA PRO B 195 15.98 -53.24 -6.32
C PRO B 195 16.42 -52.16 -5.33
N PRO B 196 17.07 -52.55 -4.20
CA PRO B 196 17.64 -51.58 -3.26
C PRO B 196 18.64 -50.61 -3.90
N LYS B 197 19.52 -51.11 -4.79
CA LYS B 197 20.47 -50.24 -5.53
C LYS B 197 19.74 -49.18 -6.40
N ASP B 198 18.54 -49.51 -6.90
CA ASP B 198 17.70 -48.56 -7.67
C ASP B 198 17.04 -47.52 -6.76
N LEU B 199 16.43 -47.96 -5.68
CA LEU B 199 15.78 -47.08 -4.73
C LEU B 199 16.79 -46.07 -4.19
N GLU B 200 18.01 -46.52 -3.92
CA GLU B 200 19.11 -45.63 -3.48
C GLU B 200 19.44 -44.50 -4.47
N ALA B 201 19.33 -44.79 -5.76
CA ALA B 201 19.50 -43.79 -6.79
C ALA B 201 18.40 -42.76 -6.72
N VAL B 202 17.15 -43.21 -6.66
CA VAL B 202 15.97 -42.32 -6.58
C VAL B 202 16.08 -41.38 -5.37
N ALA B 203 16.50 -41.96 -4.25
CA ALA B 203 16.73 -41.23 -3.00
C ALA B 203 17.88 -40.23 -3.13
N THR B 204 18.97 -40.63 -3.80
CA THR B 204 20.08 -39.72 -4.07
C THR B 204 19.64 -38.53 -4.91
N SER B 205 18.81 -38.80 -5.91
CA SER B 205 18.35 -37.76 -6.83
C SER B 205 17.46 -36.78 -6.10
N THR B 206 16.62 -37.31 -5.21
CA THR B 206 15.71 -36.48 -4.42
C THR B 206 16.51 -35.55 -3.52
N GLN B 207 17.54 -36.08 -2.87
CA GLN B 207 18.34 -35.31 -1.95
C GLN B 207 19.34 -34.39 -2.63
N LEU B 208 19.76 -34.72 -3.85
CA LEU B 208 20.59 -33.80 -4.62
C LEU B 208 19.75 -32.60 -5.05
N CYS B 209 18.57 -32.87 -5.60
CA CYS B 209 17.63 -31.82 -5.97
C CYS B 209 17.42 -30.92 -4.78
N GLN B 210 17.16 -31.55 -3.64
CA GLN B 210 16.97 -30.85 -2.37
C GLN B 210 18.15 -29.92 -2.05
N ARG B 211 19.35 -30.48 -2.16
CA ARG B 211 20.56 -29.74 -1.85
C ARG B 211 20.74 -28.50 -2.75
N LEU B 212 20.52 -28.67 -4.05
CA LEU B 212 20.70 -27.57 -5.00
C LEU B 212 19.75 -26.44 -4.67
N VAL B 213 18.48 -26.80 -4.50
CA VAL B 213 17.41 -25.84 -4.21
C VAL B 213 17.69 -25.07 -2.91
N ASP B 214 17.91 -25.82 -1.81
CA ASP B 214 18.29 -25.25 -0.49
C ASP B 214 19.42 -24.25 -0.54
N ALA B 215 20.45 -24.57 -1.29
CA ALA B 215 21.66 -23.77 -1.28
C ALA B 215 21.39 -22.31 -1.65
N PRO B 216 22.14 -21.39 -1.03
CA PRO B 216 21.96 -19.97 -1.29
C PRO B 216 22.55 -19.59 -2.62
N PRO B 217 22.09 -18.47 -3.19
CA PRO B 217 22.56 -18.10 -4.53
C PRO B 217 24.02 -17.62 -4.60
N ASN B 218 24.61 -17.29 -3.45
CA ASN B 218 26.06 -17.02 -3.40
C ASN B 218 26.92 -18.29 -3.55
N LEU B 219 26.36 -19.47 -3.32
CA LEU B 219 27.04 -20.74 -3.57
C LEU B 219 26.61 -21.34 -4.89
N LEU B 220 25.29 -21.49 -5.10
CA LEU B 220 24.75 -21.98 -6.36
C LEU B 220 24.43 -20.83 -7.34
N THR B 221 25.43 -20.50 -8.17
CA THR B 221 25.30 -19.48 -9.20
C THR B 221 24.99 -20.17 -10.52
N THR B 222 24.84 -19.38 -11.59
CA THR B 222 24.67 -19.95 -12.93
C THR B 222 25.91 -20.73 -13.31
N ALA B 223 27.05 -20.23 -12.88
CA ALA B 223 28.34 -20.84 -13.17
C ALA B 223 28.58 -22.17 -12.44
N THR B 224 28.44 -22.18 -11.12
CA THR B 224 28.65 -23.41 -10.35
C THR B 224 27.63 -24.53 -10.71
N PHE B 225 26.40 -24.15 -11.06
CA PHE B 225 25.39 -25.13 -11.48
C PHE B 225 25.87 -25.80 -12.78
N THR B 226 26.35 -24.99 -13.72
CA THR B 226 26.89 -25.51 -14.98
C THR B 226 28.07 -26.46 -14.75
N GLU B 227 28.99 -26.06 -13.88
CA GLU B 227 30.14 -26.92 -13.50
C GLU B 227 29.71 -28.25 -12.86
N ILE B 228 28.62 -28.21 -12.09
CA ILE B 228 28.09 -29.42 -11.50
C ILE B 228 27.58 -30.36 -12.59
N ALA B 229 26.82 -29.82 -13.54
CA ALA B 229 26.35 -30.61 -14.68
C ALA B 229 27.51 -31.21 -15.46
N GLN B 230 28.53 -30.39 -15.69
CA GLN B 230 29.77 -30.85 -16.34
C GLN B 230 30.45 -31.97 -15.55
N GLY B 231 30.57 -31.78 -14.24
CA GLY B 231 31.15 -32.78 -13.35
C GLY B 231 30.49 -34.14 -13.48
N TYR B 232 29.15 -34.16 -13.48
CA TYR B 232 28.34 -35.37 -13.70
C TYR B 232 28.48 -35.93 -15.13
N ALA B 233 28.60 -35.04 -16.11
CA ALA B 233 28.81 -35.45 -17.51
C ALA B 233 30.12 -36.25 -17.67
N LYS B 234 31.21 -35.76 -17.06
CA LYS B 234 32.52 -36.48 -17.04
C LYS B 234 32.42 -37.79 -16.27
N ALA B 235 31.67 -37.78 -15.17
CA ALA B 235 31.53 -38.97 -14.32
C ALA B 235 30.73 -40.12 -14.97
N LEU B 236 29.53 -39.80 -15.47
CA LEU B 236 28.60 -40.82 -16.01
C LEU B 236 28.64 -40.97 -17.52
N GLY B 237 29.43 -40.15 -18.20
CA GLY B 237 29.63 -40.32 -19.64
C GLY B 237 28.37 -40.00 -20.45
N PHE B 238 28.01 -38.71 -20.46
CA PHE B 238 26.99 -38.20 -21.37
C PHE B 238 27.43 -36.85 -21.90
N ASP B 239 26.78 -36.42 -22.98
CA ASP B 239 27.19 -35.20 -23.70
C ASP B 239 26.61 -33.96 -23.04
N VAL B 240 27.41 -32.89 -22.98
CA VAL B 240 27.02 -31.62 -22.35
C VAL B 240 27.35 -30.50 -23.32
N ASP B 241 26.38 -29.63 -23.56
CA ASP B 241 26.50 -28.48 -24.49
C ASP B 241 26.18 -27.19 -23.70
N VAL B 242 27.06 -26.19 -23.77
CA VAL B 242 26.90 -24.95 -23.01
C VAL B 242 27.04 -23.75 -23.93
N ILE B 243 26.01 -22.91 -23.98
CA ILE B 243 26.03 -21.63 -24.69
C ILE B 243 26.07 -20.53 -23.63
N CYS B 244 27.22 -19.88 -23.46
CA CYS B 244 27.43 -18.95 -22.32
C CYS B 244 27.43 -17.48 -22.73
N GLY B 245 26.88 -16.64 -21.85
CA GLY B 245 26.93 -15.18 -21.97
C GLY B 245 26.56 -14.60 -23.32
N ASP B 246 27.46 -13.82 -23.89
CA ASP B 246 27.18 -13.07 -25.12
C ASP B 246 26.90 -13.95 -26.34
N ASP B 247 27.47 -15.18 -26.34
CA ASP B 247 27.14 -16.17 -27.39
C ASP B 247 25.65 -16.32 -27.57
N LEU B 248 24.90 -16.22 -26.48
CA LEU B 248 23.45 -16.29 -26.56
C LEU B 248 22.88 -15.18 -27.46
N CYS B 249 23.38 -13.96 -27.33
CA CYS B 249 22.92 -12.84 -28.18
C CYS B 249 23.30 -13.05 -29.63
N GLU B 250 24.56 -13.43 -29.84
CA GLU B 250 25.09 -13.70 -31.18
C GLU B 250 24.29 -14.76 -31.91
N ARG B 251 23.86 -15.77 -31.17
CA ARG B 251 23.22 -16.93 -31.75
C ARG B 251 21.70 -16.89 -31.68
N GLY B 252 21.10 -15.71 -31.45
CA GLY B 252 19.65 -15.53 -31.55
C GLY B 252 18.79 -15.77 -30.32
N TYR B 253 19.41 -16.21 -29.23
CA TYR B 253 18.72 -16.51 -27.97
C TYR B 253 18.43 -15.25 -27.16
N GLY B 254 17.59 -14.37 -27.70
CA GLY B 254 17.31 -13.08 -27.06
C GLY B 254 16.66 -13.14 -25.69
N GLY B 255 15.84 -14.15 -25.48
CA GLY B 255 15.09 -14.31 -24.25
C GLY B 255 15.98 -14.56 -23.06
N ILE B 256 16.63 -15.72 -23.04
CA ILE B 256 17.53 -16.05 -21.93
C ILE B 256 18.67 -15.04 -21.79
N TYR B 257 19.20 -14.51 -22.91
CA TYR B 257 20.21 -13.44 -22.84
C TYR B 257 19.71 -12.17 -22.10
N SER B 258 18.61 -11.59 -22.59
CA SER B 258 18.04 -10.36 -22.01
C SER B 258 17.78 -10.45 -20.50
N VAL B 259 17.18 -11.56 -20.08
CA VAL B 259 16.87 -11.79 -18.67
C VAL B 259 18.15 -11.75 -17.83
N GLY B 260 19.08 -12.62 -18.21
CA GLY B 260 20.26 -12.87 -17.41
C GLY B 260 21.45 -11.94 -17.57
N LYS B 261 21.43 -11.03 -18.54
CA LYS B 261 22.62 -10.22 -18.90
C LYS B 261 23.03 -9.18 -17.84
N ALA B 262 22.07 -8.77 -17.01
CA ALA B 262 22.31 -7.80 -15.94
C ALA B 262 23.21 -8.36 -14.87
N ALA B 263 23.11 -9.67 -14.64
CA ALA B 263 23.76 -10.32 -13.50
C ALA B 263 25.27 -10.33 -13.59
N PHE B 264 25.91 -10.53 -12.44
CA PHE B 264 27.37 -10.68 -12.34
C PHE B 264 27.89 -11.93 -13.04
N GLU B 265 27.19 -13.05 -12.89
CA GLU B 265 27.53 -14.32 -13.56
C GLU B 265 26.61 -14.52 -14.75
N ALA B 266 27.19 -14.75 -15.91
CA ALA B 266 26.44 -14.74 -17.17
C ALA B 266 25.45 -15.87 -17.27
N PRO B 267 24.37 -15.67 -18.04
CA PRO B 267 23.43 -16.76 -18.27
C PRO B 267 23.98 -17.84 -19.20
N ARG B 268 23.45 -19.06 -19.04
CA ARG B 268 23.89 -20.24 -19.79
C ARG B 268 22.75 -21.15 -20.15
N LEU B 269 22.74 -21.60 -21.40
CA LEU B 269 21.83 -22.63 -21.86
C LEU B 269 22.60 -23.94 -21.94
N VAL B 270 22.44 -24.76 -20.91
CA VAL B 270 23.14 -26.04 -20.77
C VAL B 270 22.25 -27.21 -21.22
N THR B 271 22.61 -27.89 -22.29
CA THR B 271 21.83 -29.01 -22.80
C THR B 271 22.60 -30.30 -22.57
N LEU B 272 21.92 -31.29 -21.99
CA LEU B 272 22.51 -32.61 -21.72
C LEU B 272 21.83 -33.64 -22.60
N LEU B 273 22.51 -34.73 -22.87
CA LEU B 273 22.03 -35.75 -23.82
C LEU B 273 22.35 -37.15 -23.35
N TYR B 274 21.36 -38.01 -23.37
CA TYR B 274 21.53 -39.42 -23.05
C TYR B 274 20.75 -40.27 -24.06
N THR B 275 21.41 -41.30 -24.57
CA THR B 275 20.80 -42.24 -25.48
C THR B 275 21.08 -43.65 -24.95
N PRO B 276 20.02 -44.44 -24.69
CA PRO B 276 20.17 -45.80 -24.13
C PRO B 276 20.68 -46.78 -25.19
N LYS B 277 21.29 -47.88 -24.75
CA LYS B 277 21.92 -48.85 -25.70
C LYS B 277 21.04 -49.44 -26.83
N GLY B 278 19.74 -49.69 -26.61
CA GLY B 278 18.94 -50.47 -27.62
C GLY B 278 18.00 -49.79 -28.65
N THR B 279 16.68 -50.02 -28.54
CA THR B 279 15.64 -49.09 -29.03
C THR B 279 14.89 -48.31 -27.91
N PRO B 280 14.99 -46.94 -27.93
CA PRO B 280 14.21 -46.20 -26.94
C PRO B 280 12.68 -46.31 -27.11
N VAL B 281 11.99 -46.40 -25.99
CA VAL B 281 10.53 -46.44 -25.97
C VAL B 281 9.90 -45.11 -26.41
N LYS B 282 10.62 -44.03 -26.14
CA LYS B 282 10.16 -42.71 -26.44
C LYS B 282 11.32 -41.75 -26.46
N LYS B 283 11.19 -40.70 -27.25
CA LYS B 283 12.17 -39.63 -27.29
C LYS B 283 11.58 -38.44 -26.55
N VAL B 284 12.15 -38.13 -25.38
CA VAL B 284 11.65 -37.06 -24.50
C VAL B 284 12.67 -35.94 -24.34
N SER B 285 12.20 -34.70 -24.45
CA SER B 285 13.01 -33.48 -24.15
C SER B 285 12.52 -32.78 -22.88
N LEU B 286 13.42 -32.68 -21.91
CA LEU B 286 13.20 -31.94 -20.68
C LEU B 286 13.78 -30.50 -20.78
N VAL B 287 13.07 -29.55 -20.20
CA VAL B 287 13.49 -28.16 -20.11
C VAL B 287 13.16 -27.63 -18.70
N GLY B 288 14.15 -27.07 -18.00
CA GLY B 288 13.97 -26.54 -16.62
C GLY B 288 14.24 -25.04 -16.45
N LYS B 289 13.35 -24.34 -15.76
CA LYS B 289 13.56 -22.93 -15.41
C LYS B 289 14.62 -22.96 -14.35
N GLY B 290 15.77 -22.35 -14.64
CA GLY B 290 16.90 -22.34 -13.74
C GLY B 290 17.29 -20.96 -13.27
N ILE B 291 16.30 -20.18 -12.81
CA ILE B 291 16.59 -18.85 -12.29
C ILE B 291 17.18 -18.98 -10.89
N VAL B 292 18.52 -18.84 -10.82
CA VAL B 292 19.30 -19.10 -9.57
C VAL B 292 18.96 -18.12 -8.42
N TYR B 293 18.50 -16.93 -8.80
CA TYR B 293 17.85 -15.98 -7.89
C TYR B 293 16.95 -15.00 -8.69
N ASP B 294 15.67 -14.90 -8.29
CA ASP B 294 14.69 -14.03 -8.97
C ASP B 294 14.50 -12.82 -8.06
N CYS B 295 15.29 -11.79 -8.30
CA CYS B 295 15.11 -10.52 -7.60
C CYS B 295 13.97 -9.68 -8.19
N GLY B 296 13.53 -10.04 -9.40
CA GLY B 296 12.46 -9.35 -10.11
C GLY B 296 12.92 -8.50 -11.29
N GLY B 297 14.22 -8.19 -11.34
CA GLY B 297 14.75 -7.25 -12.32
C GLY B 297 14.38 -5.84 -11.93
N LEU B 298 14.24 -4.95 -12.93
CA LEU B 298 13.77 -3.57 -12.68
C LEU B 298 12.38 -3.53 -12.05
N ALA B 299 11.54 -4.54 -12.35
CA ALA B 299 10.30 -4.77 -11.60
C ALA B 299 10.66 -5.45 -10.28
N LEU B 300 11.37 -4.70 -9.45
CA LEU B 300 12.01 -5.21 -8.24
C LEU B 300 10.95 -5.69 -7.26
N LYS B 301 11.13 -6.91 -6.77
CA LYS B 301 10.21 -7.49 -5.83
C LYS B 301 10.35 -6.78 -4.50
N PRO B 302 9.24 -6.64 -3.76
CA PRO B 302 9.39 -6.23 -2.36
C PRO B 302 10.07 -7.32 -1.53
N ALA B 303 10.83 -6.92 -0.51
CA ALA B 303 11.66 -7.83 0.30
C ALA B 303 10.98 -9.14 0.76
N ASP B 304 9.68 -9.09 1.07
CA ASP B 304 8.92 -10.27 1.57
C ASP B 304 8.73 -11.36 0.53
N TYR B 305 8.38 -10.93 -0.67
CA TYR B 305 8.26 -11.82 -1.82
C TYR B 305 9.60 -12.25 -2.42
N MET B 306 10.69 -11.50 -2.13
CA MET B 306 12.04 -11.84 -2.58
C MET B 306 12.73 -12.83 -1.65
N LYS B 307 12.26 -12.92 -0.40
CA LYS B 307 12.68 -13.98 0.52
C LYS B 307 12.30 -15.35 -0.11
N LEU B 308 13.24 -16.30 -0.01
CA LEU B 308 13.14 -17.65 -0.57
C LEU B 308 13.13 -17.76 -2.12
N MET B 309 13.65 -16.75 -2.82
CA MET B 309 13.72 -16.80 -4.29
C MET B 309 14.95 -17.52 -4.82
N LYS B 310 15.80 -18.01 -3.91
CA LYS B 310 16.80 -19.03 -4.28
C LYS B 310 16.10 -20.28 -4.81
N HIS B 311 14.86 -20.54 -4.38
CA HIS B 311 14.05 -21.64 -4.93
C HIS B 311 13.67 -21.54 -6.42
N ASP B 312 13.86 -20.39 -7.07
CA ASP B 312 13.36 -20.21 -8.45
C ASP B 312 14.07 -21.09 -9.52
N MET B 313 15.21 -21.65 -9.13
CA MET B 313 15.93 -22.70 -9.86
C MET B 313 15.31 -24.11 -9.78
N GLY B 314 14.19 -24.27 -9.04
CA GLY B 314 13.71 -25.60 -8.65
C GLY B 314 13.27 -26.52 -9.77
N GLY B 315 12.78 -25.92 -10.86
CA GLY B 315 12.44 -26.65 -12.08
C GLY B 315 13.66 -27.27 -12.73
N ALA B 316 14.72 -26.48 -12.88
CA ALA B 316 15.99 -27.00 -13.44
C ALA B 316 16.56 -28.16 -12.60
N ALA B 317 16.62 -27.98 -11.29
CA ALA B 317 17.12 -29.01 -10.38
C ALA B 317 16.31 -30.28 -10.47
N ALA B 318 15.02 -30.15 -10.77
CA ALA B 318 14.15 -31.30 -10.95
C ALA B 318 14.47 -32.10 -12.21
N VAL B 319 14.47 -31.43 -13.36
CA VAL B 319 14.79 -32.07 -14.65
C VAL B 319 16.22 -32.60 -14.69
N PHE B 320 17.14 -31.90 -14.05
CA PHE B 320 18.54 -32.34 -13.93
C PHE B 320 18.69 -33.66 -13.17
N CYS B 321 18.18 -33.67 -11.93
CA CYS B 321 18.26 -34.86 -11.10
C CYS B 321 17.37 -36.00 -11.64
N GLY B 322 16.29 -35.65 -12.34
CA GLY B 322 15.46 -36.64 -13.03
C GLY B 322 16.20 -37.33 -14.15
N PHE B 323 16.98 -36.53 -14.88
CA PHE B 323 17.89 -37.01 -15.91
C PHE B 323 18.99 -37.90 -15.31
N LEU B 324 19.58 -37.48 -14.17
CA LEU B 324 20.66 -38.25 -13.56
C LEU B 324 20.19 -39.62 -13.17
N THR B 325 18.98 -39.72 -12.63
CA THR B 325 18.39 -41.03 -12.29
C THR B 325 18.20 -41.93 -13.55
N ALA B 326 17.69 -41.34 -14.63
CA ALA B 326 17.51 -42.07 -15.90
C ALA B 326 18.82 -42.71 -16.40
N VAL B 327 19.91 -41.94 -16.37
CA VAL B 327 21.24 -42.43 -16.80
C VAL B 327 21.72 -43.55 -15.89
N ARG B 328 21.76 -43.27 -14.59
CA ARG B 328 22.22 -44.23 -13.56
C ARG B 328 21.46 -45.56 -13.54
N LEU B 329 20.16 -45.53 -13.73
CA LEU B 329 19.34 -46.75 -13.85
C LEU B 329 19.22 -47.28 -15.26
N GLN B 330 19.68 -46.51 -16.23
CA GLN B 330 19.65 -46.91 -17.64
C GLN B 330 18.23 -47.17 -18.09
N GLN B 331 17.37 -46.19 -17.80
CA GLN B 331 15.99 -46.23 -18.23
C GLN B 331 16.06 -46.14 -19.75
N PRO B 332 15.23 -46.92 -20.47
CA PRO B 332 15.33 -46.97 -21.93
C PRO B 332 14.59 -45.81 -22.60
N VAL B 333 14.93 -44.58 -22.20
CA VAL B 333 14.35 -43.38 -22.76
C VAL B 333 15.48 -42.59 -23.33
N GLN B 334 15.27 -42.07 -24.53
CA GLN B 334 16.21 -41.12 -25.12
C GLN B 334 15.84 -39.73 -24.58
N LEU B 335 16.76 -39.13 -23.84
CA LEU B 335 16.53 -37.85 -23.19
C LEU B 335 17.40 -36.71 -23.69
N SER B 336 16.78 -35.52 -23.83
CA SER B 336 17.49 -34.24 -23.80
C SER B 336 17.09 -33.57 -22.49
N CYS B 337 18.03 -32.91 -21.83
CA CYS B 337 17.75 -32.08 -20.63
C CYS B 337 18.40 -30.67 -20.75
N THR B 338 17.59 -29.66 -21.01
CA THR B 338 18.05 -28.32 -21.24
C THR B 338 17.78 -27.41 -20.04
N LEU B 339 18.85 -26.98 -19.38
CA LEU B 339 18.79 -26.11 -18.19
C LEU B 339 18.89 -24.65 -18.59
N CYS B 340 17.84 -23.88 -18.32
CA CYS B 340 17.83 -22.45 -18.63
C CYS B 340 18.31 -21.65 -17.44
N LEU B 341 19.62 -21.41 -17.37
CA LEU B 341 20.26 -20.80 -16.21
C LEU B 341 20.46 -19.31 -16.38
N ALA B 342 19.95 -18.54 -15.43
CA ALA B 342 20.16 -17.09 -15.40
C ALA B 342 19.88 -16.53 -14.01
N GLU B 343 20.45 -15.36 -13.70
CA GLU B 343 19.99 -14.57 -12.56
C GLU B 343 19.22 -13.36 -13.09
N ASN B 344 17.99 -13.21 -12.63
CA ASN B 344 17.20 -12.02 -12.92
C ASN B 344 17.68 -10.97 -11.95
N ALA B 345 18.60 -10.13 -12.41
CA ALA B 345 19.31 -9.22 -11.54
C ALA B 345 18.95 -7.81 -11.91
N ILE B 346 19.29 -6.89 -11.02
CA ILE B 346 18.97 -5.48 -11.18
C ILE B 346 20.27 -4.67 -11.28
N GLY B 347 20.38 -3.86 -12.32
CA GLY B 347 21.59 -3.08 -12.54
C GLY B 347 21.53 -2.19 -13.76
N PRO B 348 22.65 -1.55 -14.12
CA PRO B 348 22.76 -0.74 -15.33
C PRO B 348 22.29 -1.42 -16.61
N LYS B 349 22.56 -2.73 -16.71
CA LYS B 349 22.35 -3.54 -17.93
C LYS B 349 21.05 -4.42 -17.83
N SER B 350 20.14 -4.09 -16.91
CA SER B 350 18.87 -4.82 -16.80
C SER B 350 18.06 -4.64 -18.04
N TYR B 351 17.44 -5.74 -18.48
CA TYR B 351 16.37 -5.61 -19.48
C TYR B 351 15.21 -4.91 -18.80
N ARG B 352 14.44 -4.20 -19.60
CA ARG B 352 13.58 -3.15 -19.13
C ARG B 352 12.10 -3.40 -19.36
N ASN B 353 11.27 -2.73 -18.58
CA ASN B 353 9.82 -2.76 -18.78
C ASN B 353 9.48 -1.81 -19.92
N ASP B 354 9.52 -2.36 -21.13
CA ASP B 354 9.28 -1.70 -22.45
C ASP B 354 10.20 -2.23 -23.56
N ASP B 355 11.34 -2.82 -23.16
CA ASP B 355 12.23 -3.52 -24.08
C ASP B 355 11.47 -4.50 -24.94
N ILE B 356 11.98 -4.73 -26.14
CA ILE B 356 11.47 -5.75 -27.05
C ILE B 356 12.59 -6.75 -27.27
N ILE B 357 12.27 -8.01 -27.05
CA ILE B 357 13.22 -9.09 -27.23
C ILE B 357 12.92 -9.76 -28.56
N VAL B 358 13.97 -10.14 -29.27
CA VAL B 358 13.84 -11.06 -30.39
C VAL B 358 14.22 -12.46 -29.89
N MET B 359 13.21 -13.31 -29.78
CA MET B 359 13.35 -14.65 -29.24
C MET B 359 13.99 -15.56 -30.25
N LYS B 360 14.57 -16.66 -29.78
CA LYS B 360 15.17 -17.65 -30.69
C LYS B 360 14.13 -18.23 -31.65
N SER B 361 12.88 -18.30 -31.22
CA SER B 361 11.78 -18.63 -32.14
C SER B 361 11.62 -17.66 -33.33
N GLY B 362 12.11 -16.42 -33.19
CA GLY B 362 11.95 -15.39 -34.21
C GLY B 362 10.85 -14.41 -33.90
N LYS B 363 9.96 -14.79 -32.99
CA LYS B 363 8.86 -13.91 -32.58
C LYS B 363 9.34 -12.88 -31.55
N THR B 364 8.74 -11.70 -31.60
CA THR B 364 9.14 -10.59 -30.76
C THR B 364 8.27 -10.47 -29.55
N VAL B 365 8.91 -10.17 -28.42
CA VAL B 365 8.25 -10.08 -27.11
C VAL B 365 8.43 -8.69 -26.49
N GLU B 366 7.33 -7.95 -26.36
CA GLU B 366 7.29 -6.70 -25.59
C GLU B 366 7.27 -7.05 -24.10
N VAL B 367 8.29 -6.64 -23.36
CA VAL B 367 8.38 -6.90 -21.93
C VAL B 367 7.52 -5.88 -21.18
N ILE B 368 6.43 -6.34 -20.60
CA ILE B 368 5.56 -5.49 -19.73
C ILE B 368 6.12 -5.43 -18.31
N ASN B 369 6.59 -6.57 -17.84
CA ASN B 369 7.08 -6.71 -16.47
C ASN B 369 8.28 -7.67 -16.39
N THR B 370 9.42 -7.15 -16.00
CA THR B 370 10.66 -7.95 -15.95
C THR B 370 10.59 -9.13 -14.99
N ASP B 371 9.65 -9.14 -14.04
CA ASP B 371 9.60 -10.20 -13.05
C ASP B 371 8.93 -11.47 -13.59
N ALA B 372 8.22 -11.32 -14.71
CA ALA B 372 7.74 -12.47 -15.52
C ALA B 372 8.86 -12.96 -16.43
N GLU B 373 9.97 -13.32 -15.81
CA GLU B 373 11.21 -13.70 -16.47
C GLU B 373 11.21 -15.17 -16.87
N GLY B 374 10.44 -15.98 -16.13
CA GLY B 374 10.51 -17.42 -16.26
C GLY B 374 10.06 -17.89 -17.60
N ARG B 375 8.92 -17.39 -18.05
CA ARG B 375 8.37 -17.81 -19.36
C ARG B 375 9.24 -17.43 -20.55
N ILE B 376 9.90 -16.27 -20.46
CA ILE B 376 10.82 -15.79 -21.53
C ILE B 376 12.01 -16.76 -21.69
N VAL B 377 12.65 -17.04 -20.56
CA VAL B 377 13.76 -17.98 -20.48
C VAL B 377 13.38 -19.36 -20.99
N LEU B 378 12.16 -19.81 -20.67
CA LEU B 378 11.68 -21.16 -21.06
C LEU B 378 11.32 -21.23 -22.55
N GLY B 379 10.79 -20.13 -23.08
CA GLY B 379 10.45 -20.03 -24.49
C GLY B 379 11.62 -20.22 -25.41
N ASP B 380 12.81 -19.82 -24.95
CA ASP B 380 14.06 -20.13 -25.66
C ASP B 380 14.48 -21.57 -25.41
N GLY B 381 14.32 -22.02 -24.17
CA GLY B 381 14.59 -23.42 -23.83
C GLY B 381 13.81 -24.44 -24.66
N VAL B 382 12.51 -24.19 -24.85
CA VAL B 382 11.66 -25.14 -25.58
C VAL B 382 11.87 -25.07 -27.10
N PHE B 383 12.20 -23.89 -27.60
CA PHE B 383 12.61 -23.77 -28.99
C PHE B 383 13.89 -24.50 -29.25
N HIS B 384 14.85 -24.36 -28.35
CA HIS B 384 16.11 -25.10 -28.47
C HIS B 384 15.87 -26.59 -28.58
N ALA B 385 15.02 -27.12 -27.71
CA ALA B 385 14.77 -28.57 -27.67
C ALA B 385 14.00 -29.08 -28.89
N THR B 386 12.96 -28.35 -29.28
CA THR B 386 12.14 -28.77 -30.40
C THR B 386 12.73 -28.53 -31.83
N ASN B 387 13.86 -27.83 -31.90
CA ASN B 387 14.39 -27.29 -33.18
C ASN B 387 15.88 -27.36 -33.44
N GLU B 388 16.70 -27.33 -32.40
CA GLU B 388 18.16 -27.26 -32.57
C GLU B 388 18.90 -28.54 -32.20
N LEU B 389 18.16 -29.58 -31.79
CA LEU B 389 18.81 -30.82 -31.35
C LEU B 389 18.98 -31.82 -32.49
N SER B 390 19.73 -32.87 -32.21
CA SER B 390 19.96 -33.95 -33.17
C SER B 390 18.72 -34.86 -33.43
N PHE B 391 17.64 -34.67 -32.67
CA PHE B 391 16.41 -35.40 -32.86
C PHE B 391 15.22 -34.54 -32.52
N THR B 392 14.05 -34.95 -32.98
CA THR B 392 12.80 -34.27 -32.65
C THR B 392 12.11 -35.11 -31.57
N PRO B 393 11.86 -34.54 -30.39
CA PRO B 393 11.20 -35.32 -29.34
C PRO B 393 9.70 -35.65 -29.60
N ASP B 394 9.29 -36.81 -29.10
CA ASP B 394 7.87 -37.18 -29.06
C ASP B 394 7.12 -36.35 -27.97
N VAL B 395 7.79 -36.10 -26.84
CA VAL B 395 7.21 -35.37 -25.71
C VAL B 395 8.17 -34.30 -25.20
N VAL B 396 7.63 -33.08 -24.98
CA VAL B 396 8.35 -31.99 -24.29
C VAL B 396 7.77 -31.77 -22.90
N ILE B 397 8.62 -31.91 -21.89
CA ILE B 397 8.26 -31.63 -20.50
C ILE B 397 9.07 -30.45 -20.02
N ASP B 398 8.40 -29.36 -19.70
CA ASP B 398 9.05 -28.24 -19.08
C ASP B 398 8.60 -28.08 -17.63
N MET B 399 9.55 -27.90 -16.72
CA MET B 399 9.28 -27.77 -15.30
C MET B 399 9.83 -26.45 -14.79
N ALA B 400 9.03 -25.73 -14.00
CA ALA B 400 9.41 -24.41 -13.52
C ALA B 400 8.67 -23.97 -12.27
N THR B 401 9.33 -23.11 -11.49
CA THR B 401 8.73 -22.49 -10.31
C THR B 401 8.17 -21.19 -10.81
N LEU B 402 7.12 -21.28 -11.61
CA LEU B 402 6.78 -20.22 -12.54
C LEU B 402 5.89 -19.11 -12.00
N THR B 403 4.78 -19.46 -11.38
CA THR B 403 3.81 -18.45 -10.99
C THR B 403 3.30 -18.64 -9.57
N GLY B 404 3.01 -17.52 -8.90
CA GLY B 404 2.29 -17.53 -7.64
C GLY B 404 0.87 -18.03 -7.79
N ALA B 405 0.26 -17.73 -8.94
CA ALA B 405 -1.06 -18.23 -9.28
C ALA B 405 -1.18 -19.75 -9.04
N GLN B 406 -0.10 -20.49 -9.28
CA GLN B 406 -0.09 -21.93 -9.07
C GLN B 406 -0.61 -22.33 -7.69
N GLY B 407 -0.01 -21.70 -6.66
CA GLY B 407 -0.38 -21.92 -5.28
C GLY B 407 -1.84 -21.62 -4.99
N ILE B 408 -2.38 -20.60 -5.62
CA ILE B 408 -3.77 -20.28 -5.45
C ILE B 408 -4.70 -21.34 -6.07
N ALA B 409 -4.25 -21.99 -7.14
CA ALA B 409 -5.11 -22.87 -7.92
C ALA B 409 -5.03 -24.33 -7.54
N THR B 410 -3.81 -24.82 -7.36
CA THR B 410 -3.57 -26.24 -7.06
C THR B 410 -2.89 -26.50 -5.72
N GLY B 411 -2.26 -25.47 -5.17
CA GLY B 411 -1.75 -25.55 -3.81
C GLY B 411 -0.34 -26.06 -3.61
N ARG B 412 -0.02 -26.38 -2.37
CA ARG B 412 1.35 -26.59 -1.96
C ARG B 412 1.87 -27.97 -2.25
N HIS B 413 0.95 -28.92 -2.48
CA HIS B 413 1.27 -30.32 -2.64
C HIS B 413 1.16 -30.80 -4.07
N HIS B 414 0.34 -30.11 -4.87
CA HIS B 414 0.14 -30.49 -6.25
C HIS B 414 0.73 -29.46 -7.22
N ALA B 415 1.61 -29.94 -8.08
CA ALA B 415 2.10 -29.14 -9.23
C ALA B 415 0.98 -28.99 -10.27
N GLY B 416 0.89 -27.81 -10.86
CA GLY B 416 -0.10 -27.51 -11.91
C GLY B 416 0.36 -28.05 -13.25
N LEU B 417 -0.56 -28.65 -14.00
CA LEU B 417 -0.28 -29.19 -15.36
C LEU B 417 -1.05 -28.40 -16.43
N TYR B 418 -0.32 -27.74 -17.31
CA TYR B 418 -0.85 -27.25 -18.54
C TYR B 418 -0.36 -28.26 -19.60
N VAL B 419 -1.29 -29.01 -20.19
CA VAL B 419 -0.95 -30.06 -21.13
C VAL B 419 -1.84 -29.97 -22.35
N ASN B 420 -1.29 -30.26 -23.52
CA ASN B 420 -2.04 -30.13 -24.79
C ASN B 420 -2.74 -31.41 -25.29
N GLU B 421 -2.59 -32.51 -24.56
CA GLU B 421 -3.16 -33.80 -24.94
C GLU B 421 -3.61 -34.54 -23.69
N GLU B 422 -4.82 -35.09 -23.74
CA GLU B 422 -5.41 -35.75 -22.59
C GLU B 422 -4.58 -36.97 -22.13
N GLY B 423 -4.08 -37.73 -23.11
CA GLY B 423 -3.33 -38.96 -22.85
C GLY B 423 -2.08 -38.75 -22.04
N ALA B 424 -1.30 -37.75 -22.43
CA ALA B 424 -0.09 -37.38 -21.69
C ALA B 424 -0.40 -36.76 -20.30
N GLU B 425 -1.48 -35.98 -20.21
CA GLU B 425 -1.93 -35.44 -18.91
C GLU B 425 -2.25 -36.57 -17.95
N ALA B 426 -3.01 -37.54 -18.45
CA ALA B 426 -3.37 -38.71 -17.69
C ALA B 426 -2.14 -39.48 -17.19
N ALA B 427 -1.15 -39.65 -18.06
CA ALA B 427 0.05 -40.41 -17.74
C ALA B 427 0.85 -39.75 -16.63
N MET B 428 1.08 -38.44 -16.76
CA MET B 428 1.80 -37.66 -15.77
C MET B 428 1.01 -37.58 -14.48
N LEU B 429 -0.30 -37.44 -14.56
CA LEU B 429 -1.14 -37.51 -13.37
C LEU B 429 -0.97 -38.85 -12.61
N ARG B 430 -1.10 -39.96 -13.35
CA ARG B 430 -0.85 -41.31 -12.83
C ARG B 430 0.51 -41.39 -12.12
N ALA B 431 1.54 -40.90 -12.79
CA ALA B 431 2.89 -40.89 -12.22
C ALA B 431 2.97 -40.10 -10.93
N GLY B 432 2.23 -39.00 -10.84
CA GLY B 432 2.12 -38.24 -9.59
C GLY B 432 1.60 -39.08 -8.42
N ARG B 433 0.47 -39.72 -8.66
CA ARG B 433 -0.15 -40.59 -7.68
C ARG B 433 0.73 -41.75 -7.24
N GLU B 434 1.44 -42.36 -8.19
CA GLU B 434 2.33 -43.48 -7.89
C GLU B 434 3.56 -43.02 -7.11
N SER B 435 4.19 -41.94 -7.58
CA SER B 435 5.42 -41.44 -6.96
C SER B 435 5.20 -40.73 -5.63
N GLY B 436 4.03 -40.13 -5.46
CA GLY B 436 3.73 -39.28 -4.32
C GLY B 436 4.03 -37.80 -4.52
N GLU B 437 4.73 -37.47 -5.61
CA GLU B 437 5.02 -36.09 -5.99
C GLU B 437 3.88 -35.71 -6.91
N THR B 438 2.75 -35.36 -6.31
CA THR B 438 1.45 -35.34 -7.00
C THR B 438 1.26 -34.13 -7.89
N CYS B 439 0.24 -34.19 -8.76
CA CYS B 439 -0.06 -33.10 -9.70
C CYS B 439 -1.53 -32.93 -9.89
N PHE B 440 -1.92 -31.84 -10.54
CA PHE B 440 -3.32 -31.60 -10.88
C PHE B 440 -3.43 -30.68 -12.11
N PRO B 441 -4.48 -30.87 -12.95
CA PRO B 441 -4.61 -30.02 -14.13
C PRO B 441 -5.08 -28.60 -13.90
N VAL B 442 -4.57 -27.68 -14.70
CA VAL B 442 -5.14 -26.34 -14.83
C VAL B 442 -5.72 -26.22 -16.22
N LEU B 443 -6.66 -25.28 -16.40
CA LEU B 443 -7.37 -25.10 -17.67
C LEU B 443 -6.45 -25.06 -18.87
N TYR B 444 -6.71 -25.94 -19.84
CA TYR B 444 -6.13 -25.82 -21.17
C TYR B 444 -7.17 -25.28 -22.17
N CYS B 445 -6.97 -24.05 -22.62
CA CYS B 445 -7.90 -23.37 -23.50
C CYS B 445 -7.22 -22.15 -24.21
N PRO B 446 -6.28 -22.44 -25.14
CA PRO B 446 -5.54 -21.41 -25.88
C PRO B 446 -6.36 -20.30 -26.53
N GLU B 447 -7.55 -20.61 -27.03
CA GLU B 447 -8.43 -19.57 -27.59
C GLU B 447 -8.72 -18.40 -26.64
N TYR B 448 -8.73 -18.65 -25.33
CA TYR B 448 -8.98 -17.60 -24.34
C TYR B 448 -7.70 -17.04 -23.73
N HIS B 449 -6.59 -17.78 -23.82
CA HIS B 449 -5.29 -17.32 -23.31
C HIS B 449 -4.60 -16.32 -24.23
N GLU B 450 -4.61 -16.60 -25.52
CA GLU B 450 -3.91 -15.78 -26.50
C GLU B 450 -4.25 -14.28 -26.47
N PRO B 451 -5.54 -13.93 -26.50
CA PRO B 451 -5.91 -12.51 -26.52
C PRO B 451 -5.29 -11.69 -25.35
N GLU B 452 -4.99 -12.33 -24.22
CA GLU B 452 -4.38 -11.65 -23.09
C GLU B 452 -2.97 -11.11 -23.39
N PHE B 453 -2.31 -11.62 -24.42
CA PHE B 453 -0.97 -11.16 -24.79
C PHE B 453 -0.89 -10.19 -25.99
N LYS B 454 -1.99 -9.59 -26.42
CA LYS B 454 -1.97 -8.62 -27.55
C LYS B 454 -1.01 -7.45 -27.25
N SER B 455 -0.14 -7.15 -28.21
CA SER B 455 0.86 -6.10 -28.09
C SER B 455 0.72 -5.13 -29.25
N ASN B 456 0.93 -3.85 -28.97
CA ASN B 456 0.83 -2.84 -30.00
C ASN B 456 1.87 -3.00 -31.09
N HIS B 457 3.13 -3.19 -30.70
CA HIS B 457 4.24 -3.20 -31.66
C HIS B 457 5.00 -4.53 -31.79
N ALA B 458 4.81 -5.44 -30.87
CA ALA B 458 5.46 -6.75 -30.95
C ALA B 458 4.42 -7.83 -31.25
N ASP B 459 4.91 -9.05 -31.49
CA ASP B 459 4.06 -10.17 -31.73
C ASP B 459 3.22 -10.44 -30.49
N MET B 460 3.86 -10.36 -29.32
CA MET B 460 3.20 -10.64 -28.06
C MET B 460 3.83 -9.88 -26.93
N THR B 461 3.11 -9.79 -25.81
CA THR B 461 3.68 -9.31 -24.57
C THR B 461 4.07 -10.52 -23.75
N ASN B 462 4.72 -10.30 -22.61
CA ASN B 462 5.09 -11.39 -21.68
C ASN B 462 4.19 -11.47 -20.46
N LEU B 463 3.10 -10.71 -20.46
CA LEU B 463 2.15 -10.70 -19.32
C LEU B 463 0.72 -10.35 -19.71
N MET B 464 -0.23 -10.96 -19.03
CA MET B 464 -1.63 -10.74 -19.30
C MET B 464 -2.03 -9.28 -19.20
N GLU B 465 -2.87 -8.86 -20.14
CA GLU B 465 -3.63 -7.61 -20.03
C GLU B 465 -4.43 -7.55 -18.72
N ARG B 466 -5.15 -8.64 -18.42
N ARG B 466 -5.16 -8.63 -18.44
CA ARG B 466 -5.99 -8.74 -17.24
CA ARG B 466 -6.02 -8.73 -17.25
C ARG B 466 -5.47 -9.81 -16.29
C ARG B 466 -5.48 -9.80 -16.30
N ARG B 467 -5.46 -9.43 -15.01
CA ARG B 467 -5.07 -10.31 -13.95
C ARG B 467 -6.52 -11.04 -13.69
N ASP B 468 -6.48 -12.32 -13.31
CA ASP B 468 -7.73 -13.02 -12.92
C ASP B 468 -8.42 -13.60 -14.13
N ASN B 469 -7.57 -14.20 -14.96
CA ASN B 469 -8.00 -14.98 -16.12
C ASN B 469 -7.10 -16.18 -16.43
N ALA B 470 -7.10 -17.16 -15.53
CA ALA B 470 -6.33 -18.41 -15.64
C ALA B 470 -4.83 -18.18 -15.78
N GLY B 471 -4.26 -17.53 -14.77
CA GLY B 471 -2.85 -17.12 -14.77
C GLY B 471 -1.80 -18.22 -14.86
N VAL B 472 -2.09 -19.40 -14.30
CA VAL B 472 -1.16 -20.55 -14.39
C VAL B 472 -1.06 -21.03 -15.83
N SER B 473 -2.23 -20.98 -16.48
CA SER B 473 -2.41 -21.43 -17.85
C SER B 473 -1.85 -20.43 -18.86
N CYS B 474 -2.19 -19.16 -18.73
CA CYS B 474 -1.67 -18.12 -19.65
C CYS B 474 -0.15 -18.12 -19.74
N ALA B 475 0.53 -18.29 -18.61
CA ALA B 475 1.98 -18.42 -18.58
C ALA B 475 2.43 -19.65 -19.35
N GLY B 476 1.70 -20.74 -19.20
CA GLY B 476 1.96 -21.94 -19.99
C GLY B 476 1.80 -21.69 -21.47
N TYR B 477 0.72 -21.02 -21.85
CA TYR B 477 0.46 -20.70 -23.25
C TYR B 477 1.64 -19.96 -23.86
N PHE B 478 2.08 -18.89 -23.21
CA PHE B 478 3.24 -18.12 -23.69
C PHE B 478 4.36 -19.06 -24.10
N ILE B 479 4.64 -20.05 -23.28
CA ILE B 479 5.71 -20.98 -23.58
C ILE B 479 5.44 -21.74 -24.88
N THR B 480 4.21 -22.20 -25.08
CA THR B 480 3.83 -22.94 -26.30
C THR B 480 4.01 -22.17 -27.59
N THR B 481 3.84 -20.85 -27.55
CA THR B 481 4.05 -20.01 -28.73
C THR B 481 5.48 -20.05 -29.27
N HIS B 482 6.44 -20.37 -28.41
CA HIS B 482 7.84 -20.50 -28.82
C HIS B 482 8.29 -21.94 -29.07
N LEU B 483 7.34 -22.87 -29.22
CA LEU B 483 7.66 -24.20 -29.71
C LEU B 483 7.93 -24.09 -31.20
N SER B 484 8.81 -24.97 -31.68
CA SER B 484 9.07 -25.09 -33.11
C SER B 484 7.82 -25.58 -33.88
N PRO B 485 7.58 -25.04 -35.10
CA PRO B 485 6.52 -25.65 -35.90
C PRO B 485 6.83 -27.10 -36.35
N LYS B 486 8.11 -27.48 -36.42
CA LYS B 486 8.53 -28.91 -36.55
C LYS B 486 7.83 -29.84 -35.56
N PHE B 487 7.77 -29.40 -34.30
CA PHE B 487 7.17 -30.17 -33.23
C PHE B 487 5.64 -30.27 -33.34
N THR B 488 5.15 -31.51 -33.28
CA THR B 488 3.71 -31.79 -33.30
C THR B 488 3.28 -32.71 -32.16
N GLY B 489 4.22 -33.10 -31.31
CA GLY B 489 3.95 -34.06 -30.24
C GLY B 489 3.30 -33.44 -29.01
N ALA B 490 3.49 -34.12 -27.88
CA ALA B 490 2.82 -33.80 -26.61
C ALA B 490 3.66 -32.88 -25.74
N HIS B 491 3.02 -31.82 -25.27
CA HIS B 491 3.67 -30.82 -24.44
C HIS B 491 3.12 -30.79 -23.03
N ILE B 492 3.95 -31.10 -22.04
CA ILE B 492 3.55 -31.04 -20.64
C ILE B 492 4.26 -29.88 -19.96
N HIS B 493 3.54 -28.85 -19.55
CA HIS B 493 4.10 -27.77 -18.72
C HIS B 493 3.78 -28.03 -17.26
N VAL B 494 4.79 -28.02 -16.42
CA VAL B 494 4.67 -28.38 -15.00
C VAL B 494 5.05 -27.16 -14.17
N ASP B 495 4.04 -26.53 -13.52
CA ASP B 495 4.25 -25.40 -12.62
C ASP B 495 4.36 -25.97 -11.21
N LEU B 496 5.56 -25.91 -10.65
CA LEU B 496 5.86 -26.51 -9.33
C LEU B 496 6.37 -25.45 -8.31
N ALA B 497 5.88 -24.24 -8.45
CA ALA B 497 6.28 -23.08 -7.63
C ALA B 497 6.29 -23.36 -6.14
N TYR B 498 5.25 -24.02 -5.65
CA TYR B 498 5.11 -24.32 -4.22
C TYR B 498 5.56 -25.71 -3.76
N PRO B 499 5.22 -26.77 -4.50
CA PRO B 499 5.69 -28.10 -4.09
C PRO B 499 7.20 -28.30 -3.90
N VAL B 500 8.02 -27.43 -4.47
CA VAL B 500 9.48 -27.49 -4.27
C VAL B 500 9.97 -27.19 -2.87
N PHE B 501 9.12 -26.59 -2.04
CA PHE B 501 9.54 -26.21 -0.69
C PHE B 501 8.43 -26.35 0.32
N ASN B 502 8.85 -26.38 1.58
CA ASN B 502 7.98 -26.31 2.74
C ASN B 502 8.69 -25.53 3.86
N SER B 503 8.11 -25.53 5.06
CA SER B 503 8.67 -24.74 6.17
C SER B 503 10.09 -25.14 6.58
N ASN B 504 10.49 -26.38 6.31
CA ASN B 504 11.86 -26.86 6.58
C ASN B 504 12.91 -26.61 5.49
N GLY B 505 12.47 -26.14 4.32
CA GLY B 505 13.34 -25.91 3.16
C GLY B 505 12.85 -26.74 1.97
N ALA B 506 13.76 -27.07 1.07
CA ALA B 506 13.41 -27.74 -0.19
C ALA B 506 12.87 -29.15 0.03
N THR B 507 12.01 -29.60 -0.87
CA THR B 507 11.39 -30.93 -0.80
C THR B 507 12.02 -31.98 -1.73
N GLY B 508 12.85 -31.53 -2.68
CA GLY B 508 13.33 -32.37 -3.77
C GLY B 508 12.22 -32.90 -4.70
N PHE B 509 11.18 -32.10 -4.90
CA PHE B 509 10.04 -32.48 -5.72
C PHE B 509 10.46 -32.34 -7.17
N GLY B 510 10.07 -33.33 -7.98
CA GLY B 510 10.33 -33.39 -9.42
C GLY B 510 10.96 -34.68 -9.93
N PRO B 511 12.17 -34.99 -9.47
CA PRO B 511 12.89 -36.15 -9.99
C PRO B 511 12.13 -37.47 -9.94
N ALA B 512 11.56 -37.78 -8.79
CA ALA B 512 10.86 -39.05 -8.62
C ALA B 512 9.63 -39.13 -9.52
N LEU B 513 8.93 -38.00 -9.70
CA LEU B 513 7.79 -37.92 -10.62
C LEU B 513 8.20 -38.28 -12.05
N LEU B 514 9.34 -37.74 -12.50
CA LEU B 514 9.89 -38.07 -13.82
C LEU B 514 10.24 -39.56 -13.92
N THR B 515 11.11 -40.03 -13.02
CA THR B 515 11.48 -41.45 -12.96
C THR B 515 10.23 -42.33 -13.14
N GLU B 516 9.19 -42.04 -12.38
CA GLU B 516 7.98 -42.85 -12.47
C GLU B 516 7.21 -42.68 -13.80
N TYR B 517 7.25 -41.48 -14.37
CA TYR B 517 6.61 -41.24 -15.69
C TYR B 517 7.30 -42.01 -16.78
N PHE B 518 8.63 -41.89 -16.81
CA PHE B 518 9.48 -42.63 -17.73
C PHE B 518 9.25 -44.14 -17.61
N ARG B 519 9.30 -44.61 -16.37
CA ARG B 519 9.10 -46.03 -16.03
C ARG B 519 7.89 -46.74 -16.67
N LYS B 520 6.84 -45.98 -16.98
CA LYS B 520 5.58 -46.51 -17.49
C LYS B 520 5.24 -46.17 -18.95
N LEU B 521 6.21 -45.63 -19.71
CA LEU B 521 6.06 -45.51 -21.15
C LEU B 521 6.38 -46.97 -21.57
N LEU C 4 -39.41 3.01 4.89
CA LEU C 4 -38.94 3.60 3.58
C LEU C 4 -39.81 4.76 3.13
N PRO C 5 -39.26 5.70 2.32
CA PRO C 5 -40.11 6.74 1.73
C PRO C 5 -41.14 6.17 0.73
N LYS C 6 -42.34 6.73 0.73
CA LYS C 6 -43.47 6.24 -0.10
C LYS C 6 -43.07 6.09 -1.57
N ALA C 7 -42.33 7.07 -2.09
CA ALA C 7 -41.82 7.05 -3.48
C ALA C 7 -40.92 5.84 -3.78
N GLU C 8 -40.06 5.48 -2.82
CA GLU C 8 -39.11 4.36 -2.98
C GLU C 8 -39.83 3.03 -3.00
N ALA C 9 -40.83 2.88 -2.13
CA ALA C 9 -41.70 1.69 -2.14
C ALA C 9 -42.46 1.51 -3.48
N LYS C 10 -42.98 2.61 -4.03
CA LYS C 10 -43.63 2.59 -5.38
C LYS C 10 -42.63 2.06 -6.43
N GLU C 11 -41.40 2.59 -6.40
CA GLU C 11 -40.31 2.20 -7.31
C GLU C 11 -39.94 0.73 -7.17
N LEU C 12 -39.79 0.27 -5.92
CA LEU C 12 -39.43 -1.11 -5.65
C LEU C 12 -40.51 -2.08 -6.13
N SER C 13 -41.76 -1.80 -5.79
CA SER C 13 -42.92 -2.59 -6.26
C SER C 13 -42.91 -2.74 -7.76
N ALA C 14 -42.80 -1.60 -8.45
CA ALA C 14 -42.70 -1.57 -9.91
C ALA C 14 -41.58 -2.49 -10.42
N PHE C 15 -40.41 -2.43 -9.77
CA PHE C 15 -39.25 -3.26 -10.15
C PHE C 15 -39.52 -4.75 -9.95
N VAL C 16 -40.16 -5.10 -8.82
CA VAL C 16 -40.52 -6.49 -8.54
C VAL C 16 -41.36 -7.05 -9.68
N GLN C 17 -42.41 -6.30 -10.03
CA GLN C 17 -43.35 -6.72 -11.06
C GLN C 17 -42.66 -6.92 -12.39
N SER C 18 -41.72 -6.02 -12.69
CA SER C 18 -40.95 -6.06 -13.97
C SER C 18 -40.14 -7.33 -14.14
N CYS C 19 -39.63 -7.84 -13.02
CA CYS C 19 -38.93 -9.11 -13.00
C CYS C 19 -39.85 -10.33 -13.05
N VAL C 20 -41.00 -10.26 -12.37
CA VAL C 20 -41.97 -11.38 -12.32
C VAL C 20 -42.61 -11.62 -13.70
N GLU C 21 -43.00 -10.52 -14.34
CA GLU C 21 -43.69 -10.55 -15.63
CA GLU C 21 -43.71 -10.54 -15.63
C GLU C 21 -42.75 -10.46 -16.82
N TYR C 22 -41.44 -10.61 -16.59
CA TYR C 22 -40.48 -10.55 -17.67
C TYR C 22 -40.66 -11.78 -18.57
N LYS C 23 -40.84 -11.51 -19.86
CA LYS C 23 -40.80 -12.51 -20.92
C LYS C 23 -39.70 -12.09 -21.92
N THR C 24 -39.10 -13.06 -22.62
CA THR C 24 -37.95 -12.80 -23.51
C THR C 24 -38.32 -12.03 -24.76
N ASN C 25 -37.27 -11.55 -25.42
CA ASN C 25 -37.39 -10.82 -26.71
C ASN C 25 -36.94 -11.68 -27.88
N VAL C 26 -36.65 -12.96 -27.62
CA VAL C 26 -36.09 -13.85 -28.65
C VAL C 26 -37.12 -14.88 -29.10
N CYS C 27 -37.32 -15.00 -30.40
CA CYS C 27 -38.13 -16.09 -30.96
C CYS C 27 -37.20 -16.98 -31.78
N PHE C 28 -37.59 -18.22 -32.00
CA PHE C 28 -36.78 -19.18 -32.74
C PHE C 28 -37.60 -19.89 -33.81
N THR C 29 -36.98 -20.09 -34.97
CA THR C 29 -37.62 -20.79 -36.09
C THR C 29 -36.54 -21.38 -37.01
N ASP C 30 -36.94 -21.84 -38.20
CA ASP C 30 -36.01 -22.47 -39.14
C ASP C 30 -36.20 -21.94 -40.55
N VAL C 31 -35.24 -22.22 -41.43
CA VAL C 31 -35.17 -21.64 -42.78
C VAL C 31 -36.46 -21.89 -43.56
N ALA C 32 -36.82 -23.17 -43.65
CA ALA C 32 -38.03 -23.59 -44.36
C ALA C 32 -39.30 -22.92 -43.80
N ALA C 33 -39.45 -22.92 -42.47
CA ALA C 33 -40.62 -22.34 -41.79
C ALA C 33 -40.72 -20.82 -41.94
N TYR C 34 -39.56 -20.17 -42.01
CA TYR C 34 -39.45 -18.73 -42.29
C TYR C 34 -39.83 -18.44 -43.74
N GLU C 35 -39.26 -19.23 -44.67
CA GLU C 35 -39.55 -19.11 -46.13
C GLU C 35 -41.04 -19.23 -46.46
N SER C 36 -41.77 -19.94 -45.61
CA SER C 36 -43.21 -20.15 -45.77
C SER C 36 -44.03 -19.11 -45.00
N ASN C 37 -43.71 -18.86 -43.74
CA ASN C 37 -44.43 -17.87 -42.96
C ASN C 37 -44.26 -16.42 -43.48
N GLN C 38 -43.01 -16.03 -43.69
CA GLN C 38 -42.66 -14.66 -44.12
C GLN C 38 -42.67 -14.50 -45.66
N LYS C 39 -42.59 -15.63 -46.38
CA LYS C 39 -42.63 -15.66 -47.86
C LYS C 39 -41.43 -14.97 -48.51
N GLY C 40 -40.30 -14.96 -47.80
CA GLY C 40 -39.11 -14.26 -48.29
C GLY C 40 -39.04 -12.75 -48.00
N VAL C 41 -40.07 -12.15 -47.38
CA VAL C 41 -40.02 -10.75 -46.93
C VAL C 41 -39.24 -10.66 -45.59
N LEU C 42 -38.17 -9.86 -45.54
CA LEU C 42 -37.35 -9.72 -44.32
C LEU C 42 -38.09 -8.92 -43.24
N SER C 43 -37.79 -9.23 -41.98
CA SER C 43 -38.55 -8.68 -40.86
C SER C 43 -38.28 -7.20 -40.58
N SER C 44 -37.10 -6.70 -40.95
CA SER C 44 -36.76 -5.27 -40.79
C SER C 44 -35.57 -4.87 -41.64
N GLY C 45 -35.18 -3.60 -41.54
CA GLY C 45 -34.04 -3.07 -42.25
C GLY C 45 -32.66 -3.53 -41.82
N LEU C 46 -32.59 -4.60 -41.03
CA LEU C 46 -31.33 -5.26 -40.65
C LEU C 46 -31.49 -6.78 -40.70
N ALA C 47 -30.43 -7.45 -41.16
CA ALA C 47 -30.33 -8.91 -41.13
C ALA C 47 -28.89 -9.34 -40.84
N VAL C 48 -28.73 -10.42 -40.09
CA VAL C 48 -27.43 -10.89 -39.58
C VAL C 48 -27.21 -12.33 -39.98
N LEU C 49 -25.99 -12.67 -40.36
CA LEU C 49 -25.63 -14.01 -40.80
C LEU C 49 -24.37 -14.47 -40.07
N VAL C 50 -24.44 -15.58 -39.37
CA VAL C 50 -23.40 -16.04 -38.46
C VAL C 50 -23.05 -17.51 -38.62
N GLY C 51 -21.80 -17.80 -38.94
CA GLY C 51 -21.37 -19.21 -39.01
C GLY C 51 -19.89 -19.38 -39.26
N THR C 52 -19.45 -20.64 -39.30
CA THR C 52 -18.02 -20.95 -39.50
C THR C 52 -17.55 -20.67 -40.92
N HIS C 53 -16.24 -20.64 -41.11
CA HIS C 53 -15.66 -20.35 -42.42
C HIS C 53 -16.25 -21.31 -43.46
N LYS C 54 -16.23 -22.61 -43.17
CA LYS C 54 -16.81 -23.59 -44.09
C LYS C 54 -18.34 -23.49 -44.28
N GLN C 55 -19.07 -23.24 -43.18
CA GLN C 55 -20.54 -23.12 -43.22
C GLN C 55 -21.07 -21.96 -44.08
N LEU C 56 -20.36 -20.84 -44.08
CA LEU C 56 -20.71 -19.66 -44.90
C LEU C 56 -20.53 -19.90 -46.39
N ARG C 57 -19.67 -20.86 -46.74
CA ARG C 57 -19.39 -21.29 -48.13
C ARG C 57 -20.20 -22.52 -48.58
N ASP C 58 -21.06 -23.03 -47.70
CA ASP C 58 -21.99 -24.07 -48.09
C ASP C 58 -22.99 -23.52 -49.13
N PRO C 59 -23.34 -24.34 -50.16
CA PRO C 59 -24.30 -23.98 -51.22
C PRO C 59 -25.65 -23.43 -50.74
N ALA C 60 -26.15 -23.94 -49.62
CA ALA C 60 -27.45 -23.52 -49.05
C ALA C 60 -27.53 -22.03 -48.70
N VAL C 61 -26.37 -21.43 -48.45
CA VAL C 61 -26.26 -20.00 -48.07
C VAL C 61 -26.72 -19.12 -49.24
N GLN C 62 -26.19 -19.39 -50.43
CA GLN C 62 -26.62 -18.72 -51.69
C GLN C 62 -28.13 -18.59 -51.86
N ARG C 63 -28.84 -19.68 -51.60
CA ARG C 63 -30.30 -19.71 -51.74
C ARG C 63 -31.09 -18.99 -50.62
N LEU C 64 -30.41 -18.35 -49.67
CA LEU C 64 -31.09 -17.52 -48.65
C LEU C 64 -31.63 -16.22 -49.25
N PRO C 65 -32.75 -15.68 -48.70
CA PRO C 65 -33.48 -14.56 -49.32
C PRO C 65 -32.82 -13.17 -49.33
N PHE C 66 -31.77 -12.96 -48.55
CA PHE C 66 -31.04 -11.67 -48.51
C PHE C 66 -29.76 -11.70 -49.35
N TYR C 67 -29.34 -12.90 -49.74
CA TYR C 67 -28.07 -13.11 -50.43
C TYR C 67 -28.05 -12.37 -51.76
N ASN C 68 -26.85 -11.95 -52.14
CA ASN C 68 -26.63 -11.23 -53.39
C ASN C 68 -25.10 -11.21 -53.62
N PRO C 69 -24.62 -10.58 -54.71
CA PRO C 69 -23.15 -10.68 -54.97
C PRO C 69 -22.26 -9.91 -53.96
N ALA C 70 -22.85 -8.91 -53.28
CA ALA C 70 -22.15 -8.12 -52.24
C ALA C 70 -21.90 -8.94 -50.96
N VAL C 71 -22.95 -9.61 -50.50
CA VAL C 71 -22.89 -10.50 -49.32
C VAL C 71 -21.86 -11.61 -49.54
N ALA C 72 -21.78 -12.12 -50.77
CA ALA C 72 -20.78 -13.11 -51.16
C ALA C 72 -19.33 -12.59 -51.02
N GLU C 73 -19.12 -11.30 -51.36
CA GLU C 73 -17.83 -10.64 -51.17
C GLU C 73 -17.61 -10.38 -49.68
N ALA C 74 -18.64 -9.93 -48.97
CA ALA C 74 -18.56 -9.77 -47.50
C ALA C 74 -18.05 -11.04 -46.82
N ILE C 75 -18.51 -12.19 -47.29
CA ILE C 75 -18.05 -13.47 -46.77
C ILE C 75 -16.56 -13.70 -47.05
N GLU C 76 -16.08 -13.24 -48.21
CA GLU C 76 -14.64 -13.27 -48.50
C GLU C 76 -13.87 -12.35 -47.57
N ARG C 77 -14.33 -11.10 -47.46
CA ARG C 77 -13.58 -10.03 -46.77
C ARG C 77 -13.54 -10.14 -45.24
N VAL C 78 -14.54 -10.80 -44.66
CA VAL C 78 -14.66 -10.95 -43.18
C VAL C 78 -13.46 -11.64 -42.51
N LYS C 79 -12.98 -11.03 -41.42
CA LYS C 79 -11.91 -11.61 -40.56
C LYS C 79 -12.57 -12.58 -39.54
N GLU C 80 -11.88 -13.68 -39.23
CA GLU C 80 -12.34 -14.65 -38.21
C GLU C 80 -12.54 -13.92 -36.89
N GLY C 81 -13.68 -14.15 -36.27
CA GLY C 81 -14.01 -13.49 -35.01
C GLY C 81 -14.63 -12.11 -35.17
N GLY C 82 -14.64 -11.57 -36.38
CA GLY C 82 -15.16 -10.22 -36.63
C GLY C 82 -16.39 -10.19 -37.52
N THR C 83 -16.89 -8.98 -37.80
CA THR C 83 -18.05 -8.81 -38.65
C THR C 83 -17.73 -7.95 -39.85
N TYR C 84 -18.54 -8.09 -40.89
CA TYR C 84 -18.49 -7.24 -42.09
C TYR C 84 -19.90 -6.90 -42.55
N GLY C 85 -20.20 -5.61 -42.61
CA GLY C 85 -21.54 -5.13 -43.03
C GLY C 85 -21.56 -4.63 -44.47
N VAL C 86 -22.73 -4.75 -45.12
CA VAL C 86 -22.95 -4.29 -46.52
C VAL C 86 -24.38 -3.81 -46.72
N LEU C 87 -24.57 -2.88 -47.67
CA LEU C 87 -25.90 -2.41 -48.06
C LEU C 87 -26.37 -3.11 -49.32
N VAL C 88 -27.66 -3.44 -49.32
CA VAL C 88 -28.36 -4.05 -50.46
C VAL C 88 -29.58 -3.16 -50.74
N GLU C 89 -29.72 -2.71 -51.99
CA GLU C 89 -30.79 -1.78 -52.34
C GLU C 89 -32.07 -2.54 -52.72
N GLY C 90 -33.21 -2.01 -52.30
CA GLY C 90 -34.54 -2.51 -52.68
C GLY C 90 -34.89 -3.96 -52.40
N LEU C 91 -34.25 -4.57 -51.41
CA LEU C 91 -34.58 -5.96 -50.98
C LEU C 91 -35.86 -5.89 -50.19
N ALA C 92 -36.80 -6.76 -50.55
CA ALA C 92 -38.13 -6.75 -49.96
C ALA C 92 -38.04 -6.89 -48.45
N ASN C 93 -38.76 -6.02 -47.71
CA ASN C 93 -38.71 -6.04 -46.25
C ASN C 93 -39.85 -5.32 -45.53
N ALA C 94 -40.23 -5.83 -44.36
CA ALA C 94 -41.42 -5.40 -43.62
C ALA C 94 -41.46 -3.94 -43.20
N ALA C 95 -40.30 -3.34 -42.98
CA ALA C 95 -40.20 -1.90 -42.62
C ALA C 95 -40.26 -0.93 -43.83
N GLY C 96 -40.10 -1.46 -45.04
CA GLY C 96 -40.12 -0.65 -46.27
C GLY C 96 -38.91 0.25 -46.47
N SER C 97 -37.75 -0.17 -45.99
CA SER C 97 -36.50 0.62 -46.05
C SER C 97 -35.85 0.41 -47.41
N LYS C 98 -35.46 1.52 -48.06
CA LYS C 98 -34.89 1.49 -49.42
C LYS C 98 -33.70 0.56 -49.48
N PHE C 99 -32.93 0.55 -48.40
CA PHE C 99 -31.80 -0.36 -48.20
C PHE C 99 -32.02 -1.28 -47.01
N VAL C 100 -31.40 -2.45 -47.09
CA VAL C 100 -31.33 -3.39 -45.98
C VAL C 100 -29.87 -3.71 -45.68
N ARG C 101 -29.50 -3.63 -44.39
CA ARG C 101 -28.13 -3.86 -43.95
C ARG C 101 -27.98 -5.35 -43.69
N VAL C 102 -27.02 -5.97 -44.36
CA VAL C 102 -26.68 -7.37 -44.08
C VAL C 102 -25.35 -7.37 -43.37
N VAL C 103 -25.28 -8.03 -42.22
CA VAL C 103 -24.05 -8.14 -41.43
C VAL C 103 -23.65 -9.62 -41.34
N VAL C 104 -22.51 -9.95 -41.94
CA VAL C 104 -21.94 -11.27 -41.81
C VAL C 104 -21.01 -11.28 -40.59
N GLY C 105 -20.95 -12.42 -39.92
CA GLY C 105 -19.99 -12.65 -38.83
C GLY C 105 -19.42 -14.06 -38.88
N GLU C 106 -18.09 -14.18 -38.82
CA GLU C 106 -17.43 -15.49 -38.95
C GLU C 106 -17.08 -16.06 -37.58
N VAL C 107 -17.63 -17.23 -37.27
CA VAL C 107 -17.36 -17.98 -36.04
C VAL C 107 -16.15 -18.91 -36.26
N PRO C 108 -15.20 -18.97 -35.29
CA PRO C 108 -14.08 -19.91 -35.47
C PRO C 108 -14.47 -21.36 -35.24
N THR C 109 -13.69 -22.27 -35.77
CA THR C 109 -13.93 -23.69 -35.56
C THR C 109 -12.99 -24.22 -34.49
N LYS C 110 -11.87 -23.52 -34.26
CA LYS C 110 -10.92 -23.87 -33.20
C LYS C 110 -11.64 -23.95 -31.83
N ALA C 111 -11.51 -25.08 -31.14
CA ALA C 111 -12.12 -25.27 -29.84
C ALA C 111 -11.37 -26.34 -29.06
N SER C 112 -10.80 -25.97 -27.92
CA SER C 112 -10.00 -26.90 -27.10
C SER C 112 -10.92 -27.87 -26.38
N ARG C 113 -10.32 -28.96 -25.90
CA ARG C 113 -11.05 -30.01 -25.23
C ARG C 113 -11.96 -29.58 -24.10
N ASN C 114 -11.68 -28.45 -23.47
CA ASN C 114 -12.44 -27.94 -22.33
C ASN C 114 -13.48 -26.89 -22.70
N ASN C 115 -13.74 -26.72 -24.00
CA ASN C 115 -14.66 -25.68 -24.48
C ASN C 115 -15.79 -26.31 -25.30
N CYS C 116 -16.81 -25.50 -25.57
CA CYS C 116 -17.98 -25.88 -26.41
C CYS C 116 -17.64 -25.74 -27.91
N PRO C 117 -17.58 -26.85 -28.67
CA PRO C 117 -17.16 -26.82 -30.08
C PRO C 117 -17.87 -25.82 -30.96
N ALA C 118 -19.11 -25.44 -30.62
CA ALA C 118 -19.87 -24.41 -31.36
C ALA C 118 -19.32 -22.99 -31.21
N ARG C 119 -18.59 -22.74 -30.14
CA ARG C 119 -18.02 -21.43 -29.79
C ARG C 119 -19.07 -20.33 -29.69
N PRO C 120 -20.10 -20.57 -28.86
CA PRO C 120 -21.15 -19.55 -28.60
C PRO C 120 -20.62 -18.23 -28.03
N ASP C 121 -19.47 -18.27 -27.36
CA ASP C 121 -18.81 -17.04 -26.90
C ASP C 121 -18.60 -16.03 -28.03
N VAL C 122 -18.14 -16.50 -29.18
CA VAL C 122 -17.89 -15.64 -30.31
C VAL C 122 -19.22 -15.26 -30.94
N VAL C 123 -20.14 -16.22 -31.04
CA VAL C 123 -21.48 -15.95 -31.58
C VAL C 123 -22.11 -14.73 -30.86
N THR C 124 -22.09 -14.78 -29.53
CA THR C 124 -22.63 -13.70 -28.71
C THR C 124 -21.99 -12.36 -29.10
N UNK C 125 -20.68 -12.34 -29.27
CA UNK C 125 -19.96 -11.11 -29.61
C UNK C 125 -20.38 -10.58 -30.97
N LEU C 126 -20.45 -11.50 -31.93
CA LEU C 126 -20.76 -11.15 -33.31
C LEU C 126 -22.10 -10.49 -33.43
N VAL C 127 -23.10 -11.08 -32.79
CA VAL C 127 -24.45 -10.56 -32.87
C VAL C 127 -24.51 -9.20 -32.13
N THR C 128 -23.81 -9.09 -31.00
CA THR C 128 -23.73 -7.81 -30.24
C THR C 128 -23.18 -6.70 -31.10
N ALA C 129 -22.12 -7.00 -31.85
CA ALA C 129 -21.51 -6.05 -32.79
C ALA C 129 -22.49 -5.62 -33.87
N ALA C 130 -23.14 -6.61 -34.49
CA ALA C 130 -24.11 -6.37 -35.58
C ALA C 130 -25.30 -5.50 -35.15
N LEU C 131 -25.79 -5.72 -33.94
CA LEU C 131 -26.89 -4.96 -33.38
C LEU C 131 -26.53 -3.53 -32.97
N ASP C 132 -25.24 -3.23 -32.91
CA ASP C 132 -24.74 -1.89 -32.58
C ASP C 132 -25.05 -0.84 -33.70
N GLU C 133 -25.29 -1.31 -34.92
CA GLU C 133 -25.68 -0.46 -36.05
C GLU C 133 -27.22 -0.52 -36.30
N VAL C 134 -28.02 -0.46 -35.23
CA VAL C 134 -29.47 -0.64 -35.37
C VAL C 134 -30.14 0.69 -35.74
N LYS C 135 -30.91 0.68 -36.85
CA LYS C 135 -31.50 1.88 -37.45
C LYS C 135 -32.68 2.45 -36.63
N GLU C 136 -33.55 1.57 -36.11
CA GLU C 136 -34.72 1.99 -35.28
C GLU C 136 -34.95 0.96 -34.16
N PRO C 137 -35.14 1.41 -32.91
CA PRO C 137 -35.44 0.45 -31.83
C PRO C 137 -36.91 -0.01 -31.85
N ASN C 138 -37.21 -1.06 -31.09
CA ASN C 138 -38.51 -1.73 -31.16
C ASN C 138 -38.83 -2.21 -32.61
N THR C 139 -37.86 -2.87 -33.27
CA THR C 139 -38.06 -3.59 -34.55
C THR C 139 -37.76 -5.06 -34.35
N THR C 140 -37.79 -5.85 -35.42
CA THR C 140 -37.46 -7.27 -35.34
C THR C 140 -36.31 -7.60 -36.30
N VAL C 141 -35.22 -8.12 -35.75
CA VAL C 141 -33.99 -8.37 -36.51
C VAL C 141 -33.81 -9.86 -36.78
N ASP C 142 -33.62 -10.22 -38.03
CA ASP C 142 -33.53 -11.63 -38.42
C ASP C 142 -32.10 -12.11 -38.29
N VAL C 143 -31.85 -12.99 -37.33
CA VAL C 143 -30.51 -13.53 -37.11
C VAL C 143 -30.42 -14.94 -37.68
N PHE C 144 -29.83 -15.07 -38.88
CA PHE C 144 -29.66 -16.37 -39.52
C PHE C 144 -28.41 -17.04 -39.05
N VAL C 145 -28.54 -18.10 -38.25
CA VAL C 145 -27.38 -18.86 -37.77
C VAL C 145 -27.25 -20.15 -38.56
N LEU C 146 -26.01 -20.58 -38.76
CA LEU C 146 -25.68 -21.76 -39.57
C LEU C 146 -25.19 -22.91 -38.72
N SER C 147 -25.25 -22.77 -37.40
CA SER C 147 -24.99 -23.89 -36.50
C SER C 147 -26.33 -24.51 -36.17
N ASN C 148 -26.33 -25.82 -35.98
CA ASN C 148 -27.51 -26.53 -35.52
C ASN C 148 -27.48 -26.89 -34.03
N ALA C 149 -26.44 -26.46 -33.32
CA ALA C 149 -26.31 -26.68 -31.87
C ALA C 149 -27.25 -25.75 -31.13
N VAL C 150 -28.51 -26.11 -31.10
CA VAL C 150 -29.57 -25.16 -30.78
C VAL C 150 -29.53 -24.57 -29.37
N LEU C 151 -29.25 -25.39 -28.36
CA LEU C 151 -29.28 -24.91 -26.98
C LEU C 151 -28.22 -23.83 -26.74
N PRO C 152 -26.93 -24.13 -27.02
CA PRO C 152 -25.91 -23.10 -26.75
C PRO C 152 -26.15 -21.79 -27.50
N ILE C 153 -26.58 -21.87 -28.76
CA ILE C 153 -26.87 -20.69 -29.54
C ILE C 153 -28.01 -19.91 -28.93
N ALA C 154 -29.03 -20.61 -28.46
CA ALA C 154 -30.21 -19.93 -27.88
C ALA C 154 -29.85 -19.05 -26.70
N ALA C 155 -29.03 -19.62 -25.80
CA ALA C 155 -28.49 -18.87 -24.66
C ALA C 155 -27.53 -17.74 -25.09
N ALA C 156 -26.67 -18.06 -26.05
CA ALA C 156 -25.69 -17.12 -26.57
C ALA C 156 -26.33 -15.85 -27.15
N VAL C 157 -27.43 -16.00 -27.88
CA VAL C 157 -28.14 -14.86 -28.46
C VAL C 157 -28.94 -14.15 -27.38
N ALA C 158 -29.43 -14.89 -26.40
CA ALA C 158 -30.19 -14.31 -25.30
C ALA C 158 -29.32 -13.35 -24.48
N ARG C 159 -28.09 -13.76 -24.21
CA ARG C 159 -27.17 -12.96 -23.39
C ARG C 159 -26.52 -11.79 -24.17
N CYS C 160 -26.81 -11.69 -25.47
CA CYS C 160 -26.11 -10.76 -26.36
C CYS C 160 -26.84 -9.44 -26.49
N GLY C 161 -26.14 -8.49 -27.09
CA GLY C 161 -26.71 -7.19 -27.37
C GLY C 161 -27.09 -6.45 -26.11
N LYS C 162 -27.94 -5.45 -26.27
CA LYS C 162 -28.29 -4.57 -25.19
C LYS C 162 -29.14 -5.29 -24.17
N HIS C 163 -28.87 -5.01 -22.90
CA HIS C 163 -29.51 -5.72 -21.79
C HIS C 163 -30.91 -5.16 -21.55
N ASN C 164 -31.78 -6.02 -21.03
CA ASN C 164 -33.15 -5.67 -20.74
C ASN C 164 -33.28 -4.76 -19.52
N PHE C 165 -32.36 -4.88 -18.56
CA PHE C 165 -32.27 -3.88 -17.50
C PHE C 165 -31.59 -2.63 -18.04
N SER C 166 -32.20 -1.47 -17.80
CA SER C 166 -31.58 -0.20 -18.10
C SER C 166 -32.20 0.89 -17.27
N ALA C 167 -31.38 1.88 -16.90
CA ALA C 167 -31.83 3.11 -16.21
C ALA C 167 -31.65 4.38 -17.08
N LYS C 168 -31.24 4.21 -18.34
CA LYS C 168 -30.99 5.35 -19.23
C LYS C 168 -32.27 6.01 -19.75
N ASP C 169 -32.13 7.27 -20.16
CA ASP C 169 -33.17 8.04 -20.86
C ASP C 169 -34.55 7.83 -20.27
N GLY C 170 -34.64 8.00 -18.95
CA GLY C 170 -35.92 7.94 -18.25
C GLY C 170 -36.59 6.57 -18.13
N ALA C 171 -35.87 5.49 -18.41
CA ALA C 171 -36.40 4.13 -18.22
C ALA C 171 -36.57 3.77 -16.73
N ALA C 172 -35.97 4.56 -15.85
CA ALA C 172 -36.26 4.49 -14.42
C ALA C 172 -37.75 4.73 -14.10
N ALA C 173 -38.40 5.55 -14.93
CA ALA C 173 -39.84 5.80 -14.84
C ALA C 173 -40.71 4.65 -15.32
N ALA C 174 -40.14 3.71 -16.10
CA ALA C 174 -40.84 2.54 -16.64
C ALA C 174 -40.30 1.23 -16.03
N ALA C 175 -40.15 1.24 -14.71
CA ALA C 175 -39.65 0.08 -13.96
C ALA C 175 -38.35 -0.56 -14.52
N TYR C 176 -37.45 0.31 -15.01
CA TYR C 176 -36.12 -0.10 -15.45
C TYR C 176 -36.15 -1.18 -16.56
N ASN C 177 -37.11 -1.04 -17.47
CA ASN C 177 -37.19 -1.87 -18.68
C ASN C 177 -36.66 -1.11 -19.90
N SER C 178 -35.63 -1.65 -20.53
CA SER C 178 -34.94 -0.96 -21.61
C SER C 178 -35.88 -0.79 -22.78
N GLY C 179 -36.06 0.45 -23.23
CA GLY C 179 -36.74 0.75 -24.48
C GLY C 179 -35.87 0.55 -25.73
N LYS C 180 -34.62 0.13 -25.55
CA LYS C 180 -33.65 0.03 -26.64
C LYS C 180 -33.42 -1.39 -27.18
N VAL C 181 -34.23 -2.35 -26.75
CA VAL C 181 -34.01 -3.76 -27.10
C VAL C 181 -34.76 -4.15 -28.37
N SER C 182 -34.09 -4.96 -29.20
CA SER C 182 -34.65 -5.40 -30.47
C SER C 182 -35.23 -6.78 -30.31
N ARG C 183 -36.44 -7.01 -30.83
CA ARG C 183 -36.94 -8.37 -30.99
C ARG C 183 -35.94 -9.12 -31.92
N LEU C 184 -35.46 -10.30 -31.49
CA LEU C 184 -34.51 -11.09 -32.28
C LEU C 184 -35.14 -12.41 -32.70
N GLN C 185 -35.20 -12.66 -33.99
CA GLN C 185 -35.76 -13.90 -34.51
C GLN C 185 -34.63 -14.77 -35.06
N VAL C 186 -34.22 -15.75 -34.27
CA VAL C 186 -33.13 -16.67 -34.67
C VAL C 186 -33.68 -17.69 -35.68
N VAL C 187 -32.91 -17.93 -36.74
CA VAL C 187 -33.33 -18.82 -37.81
C VAL C 187 -32.28 -19.90 -38.04
N PHE C 188 -32.55 -21.08 -37.51
CA PHE C 188 -31.66 -22.23 -37.70
C PHE C 188 -31.81 -22.80 -39.12
N PRO C 189 -30.81 -23.54 -39.62
CA PRO C 189 -30.99 -24.26 -40.89
C PRO C 189 -32.13 -25.28 -40.81
N GLU C 190 -32.03 -26.23 -39.87
CA GLU C 190 -33.05 -27.28 -39.70
C GLU C 190 -34.14 -26.83 -38.74
N PRO C 191 -35.32 -27.49 -38.79
CA PRO C 191 -36.22 -27.30 -37.67
C PRO C 191 -35.50 -27.80 -36.40
N PRO C 192 -35.53 -26.98 -35.33
CA PRO C 192 -34.68 -27.19 -34.16
C PRO C 192 -34.97 -28.51 -33.42
N ALA C 193 -33.91 -29.20 -32.99
CA ALA C 193 -33.95 -30.46 -32.23
C ALA C 193 -34.74 -30.38 -30.89
N ILE C 194 -34.77 -29.17 -30.33
CA ILE C 194 -35.58 -28.83 -29.17
C ILE C 194 -36.71 -27.91 -29.68
N PRO C 195 -37.92 -28.01 -29.10
CA PRO C 195 -38.99 -27.07 -29.47
C PRO C 195 -38.67 -25.56 -29.32
N PRO C 196 -39.16 -24.71 -30.23
CA PRO C 196 -39.10 -23.25 -30.05
C PRO C 196 -39.67 -22.72 -28.73
N LYS C 197 -40.84 -23.22 -28.30
CA LYS C 197 -41.43 -22.82 -27.01
C LYS C 197 -40.51 -23.17 -25.82
N ASP C 198 -39.70 -24.23 -25.94
CA ASP C 198 -38.71 -24.63 -24.92
C ASP C 198 -37.46 -23.72 -24.93
N LEU C 199 -36.90 -23.51 -26.12
CA LEU C 199 -35.76 -22.60 -26.29
C LEU C 199 -36.08 -21.19 -25.76
N GLU C 200 -37.30 -20.71 -26.01
CA GLU C 200 -37.79 -19.42 -25.46
C GLU C 200 -37.74 -19.34 -23.94
N ALA C 201 -38.05 -20.44 -23.28
CA ALA C 201 -37.98 -20.51 -21.82
C ALA C 201 -36.54 -20.38 -21.35
N VAL C 202 -35.63 -21.15 -21.95
CA VAL C 202 -34.19 -21.12 -21.62
C VAL C 202 -33.64 -19.70 -21.79
N ALA C 203 -34.05 -19.06 -22.88
CA ALA C 203 -33.68 -17.69 -23.17
C ALA C 203 -34.25 -16.73 -22.16
N THR C 204 -35.50 -16.93 -21.75
CA THR C 204 -36.13 -16.10 -20.71
C THR C 204 -35.43 -16.23 -19.37
N SER C 205 -35.01 -17.44 -19.05
CA SER C 205 -34.31 -17.70 -17.81
C SER C 205 -32.94 -17.04 -17.81
N THR C 206 -32.26 -17.09 -18.96
CA THR C 206 -30.94 -16.48 -19.10
C THR C 206 -31.04 -14.97 -18.91
N GLN C 207 -32.04 -14.36 -19.52
CA GLN C 207 -32.19 -12.92 -19.45
C GLN C 207 -32.77 -12.45 -18.14
N LEU C 208 -33.51 -13.31 -17.45
CA LEU C 208 -34.00 -12.94 -16.11
C LEU C 208 -32.82 -12.94 -15.15
N CYS C 209 -32.02 -14.01 -15.21
CA CYS C 209 -30.80 -14.11 -14.40
C CYS C 209 -29.97 -12.87 -14.64
N GLN C 210 -29.80 -12.54 -15.91
CA GLN C 210 -29.09 -11.35 -16.31
C GLN C 210 -29.65 -10.11 -15.64
N ARG C 211 -30.95 -9.96 -15.71
CA ARG C 211 -31.61 -8.77 -15.17
C ARG C 211 -31.39 -8.60 -13.66
N LEU C 212 -31.55 -9.69 -12.92
CA LEU C 212 -31.39 -9.67 -11.48
C LEU C 212 -29.98 -9.24 -11.12
N VAL C 213 -29.00 -9.90 -11.76
CA VAL C 213 -27.59 -9.64 -11.49
C VAL C 213 -27.24 -8.18 -11.77
N ASP C 214 -27.53 -7.73 -12.99
CA ASP C 214 -27.35 -6.32 -13.41
C ASP C 214 -27.88 -5.30 -12.45
N ALA C 215 -29.07 -5.54 -11.94
CA ALA C 215 -29.79 -4.53 -11.17
C ALA C 215 -28.97 -4.09 -9.97
N PRO C 216 -29.08 -2.80 -9.63
CA PRO C 216 -28.33 -2.28 -8.50
C PRO C 216 -28.92 -2.72 -7.17
N PRO C 217 -28.12 -2.70 -6.09
CA PRO C 217 -28.63 -3.20 -4.84
C PRO C 217 -29.72 -2.32 -4.18
N ASN C 218 -29.88 -1.08 -4.63
CA ASN C 218 -30.97 -0.24 -4.14
C ASN C 218 -32.30 -0.66 -4.74
N LEU C 219 -32.28 -1.43 -5.84
CA LEU C 219 -33.52 -2.02 -6.41
C LEU C 219 -33.70 -3.48 -5.99
N LEU C 220 -32.65 -4.27 -6.21
CA LEU C 220 -32.65 -5.68 -5.78
C LEU C 220 -32.05 -5.83 -4.39
N THR C 221 -32.92 -5.77 -3.40
CA THR C 221 -32.57 -6.00 -2.00
C THR C 221 -32.85 -7.45 -1.64
N THR C 222 -32.56 -7.84 -0.40
CA THR C 222 -32.96 -9.18 0.09
C THR C 222 -34.49 -9.33 0.07
N ALA C 223 -35.18 -8.24 0.36
CA ALA C 223 -36.63 -8.21 0.41
C ALA C 223 -37.25 -8.35 -0.99
N THR C 224 -36.87 -7.50 -1.93
CA THR C 224 -37.46 -7.54 -3.29
C THR C 224 -37.16 -8.86 -4.03
N PHE C 225 -35.99 -9.44 -3.78
CA PHE C 225 -35.64 -10.75 -4.38
C PHE C 225 -36.62 -11.80 -3.86
N THR C 226 -36.85 -11.80 -2.55
CA THR C 226 -37.82 -12.72 -1.92
C THR C 226 -39.23 -12.55 -2.50
N GLU C 227 -39.68 -11.31 -2.65
CA GLU C 227 -40.97 -11.01 -3.26
C GLU C 227 -41.08 -11.53 -4.70
N ILE C 228 -39.96 -11.47 -5.42
CA ILE C 228 -39.93 -11.95 -6.79
C ILE C 228 -40.13 -13.46 -6.81
N ALA C 229 -39.40 -14.18 -5.95
CA ALA C 229 -39.56 -15.63 -5.79
C ALA C 229 -41.02 -15.98 -5.43
N GLN C 230 -41.59 -15.23 -4.49
CA GLN C 230 -43.02 -15.37 -4.11
C GLN C 230 -43.95 -15.12 -5.29
N GLY C 231 -43.71 -14.04 -6.03
CA GLY C 231 -44.48 -13.73 -7.22
C GLY C 231 -44.56 -14.91 -8.19
N TYR C 232 -43.39 -15.52 -8.46
CA TYR C 232 -43.28 -16.69 -9.34
C TYR C 232 -43.92 -17.95 -8.73
N ALA C 233 -43.81 -18.09 -7.42
CA ALA C 233 -44.45 -19.20 -6.72
C ALA C 233 -45.98 -19.18 -6.90
N LYS C 234 -46.57 -18.00 -6.74
CA LYS C 234 -48.01 -17.77 -6.97
C LYS C 234 -48.36 -18.04 -8.43
N ALA C 235 -47.52 -17.60 -9.34
CA ALA C 235 -47.80 -17.72 -10.76
C ALA C 235 -47.77 -19.18 -11.24
N LEU C 236 -46.68 -19.88 -10.95
CA LEU C 236 -46.43 -21.22 -11.51
C LEU C 236 -46.86 -22.37 -10.57
N GLY C 237 -47.33 -22.05 -9.36
CA GLY C 237 -47.85 -23.05 -8.44
C GLY C 237 -46.80 -24.00 -7.88
N PHE C 238 -45.91 -23.45 -7.06
CA PHE C 238 -44.95 -24.25 -6.31
C PHE C 238 -44.80 -23.66 -4.92
N ASP C 239 -44.23 -24.43 -4.02
CA ASP C 239 -44.14 -24.02 -2.64
C ASP C 239 -43.00 -23.08 -2.43
N VAL C 240 -43.18 -22.14 -1.52
CA VAL C 240 -42.14 -21.20 -1.10
C VAL C 240 -42.11 -21.09 0.43
N ASP C 241 -40.91 -21.21 1.00
CA ASP C 241 -40.70 -21.16 2.45
C ASP C 241 -39.68 -20.05 2.75
N VAL C 242 -40.01 -19.16 3.67
CA VAL C 242 -39.16 -18.02 3.99
C VAL C 242 -38.93 -17.90 5.48
N ILE C 243 -37.67 -17.93 5.90
CA ILE C 243 -37.27 -17.71 7.28
C ILE C 243 -36.60 -16.34 7.33
N CYS C 244 -37.26 -15.34 7.91
CA CYS C 244 -36.80 -13.94 7.81
C CYS C 244 -36.24 -13.39 9.12
N GLY C 245 -35.21 -12.54 8.99
CA GLY C 245 -34.61 -11.80 10.10
C GLY C 245 -34.27 -12.58 11.35
N ASP C 246 -34.84 -12.15 12.48
CA ASP C 246 -34.51 -12.72 13.79
C ASP C 246 -34.93 -14.19 13.96
N ASP C 247 -35.96 -14.63 13.23
CA ASP C 247 -36.31 -16.05 13.18
C ASP C 247 -35.11 -16.94 12.91
N LEU C 248 -34.18 -16.45 12.10
CA LEU C 248 -32.98 -17.21 11.79
C LEU C 248 -32.16 -17.46 13.06
N CYS C 249 -32.02 -16.45 13.92
CA CYS C 249 -31.29 -16.64 15.18
C CYS C 249 -32.01 -17.59 16.12
N GLU C 250 -33.32 -17.38 16.26
CA GLU C 250 -34.20 -18.24 17.11
C GLU C 250 -34.14 -19.71 16.68
N ARG C 251 -34.07 -19.95 15.38
CA ARG C 251 -34.11 -21.31 14.84
C ARG C 251 -32.75 -21.93 14.50
N GLY C 252 -31.66 -21.38 15.06
CA GLY C 252 -30.32 -22.01 14.96
C GLY C 252 -29.44 -21.66 13.76
N TYR C 253 -29.96 -20.86 12.82
CA TYR C 253 -29.23 -20.45 11.62
C TYR C 253 -28.28 -19.30 11.90
N GLY C 254 -27.27 -19.56 12.71
CA GLY C 254 -26.32 -18.51 13.10
C GLY C 254 -25.51 -17.88 11.98
N GLY C 255 -25.19 -18.67 10.96
CA GLY C 255 -24.36 -18.24 9.86
C GLY C 255 -25.01 -17.14 9.05
N ILE C 256 -26.11 -17.48 8.39
CA ILE C 256 -26.82 -16.48 7.57
C ILE C 256 -27.34 -15.32 8.40
N TYR C 257 -27.76 -15.57 9.63
CA TYR C 257 -28.14 -14.48 10.53
C TYR C 257 -26.99 -13.50 10.80
N SER C 258 -25.87 -14.00 11.33
CA SER C 258 -24.71 -13.17 11.67
C SER C 258 -24.21 -12.27 10.52
N VAL C 259 -24.10 -12.87 9.34
CA VAL C 259 -23.66 -12.14 8.14
C VAL C 259 -24.58 -10.97 7.85
N GLY C 260 -25.85 -11.30 7.69
CA GLY C 260 -26.85 -10.34 7.22
C GLY C 260 -27.49 -9.40 8.23
N LYS C 261 -27.25 -9.59 9.51
CA LYS C 261 -28.00 -8.86 10.55
C LYS C 261 -27.69 -7.35 10.63
N ALA C 262 -26.50 -6.97 10.15
CA ALA C 262 -26.06 -5.57 10.14
C ALA C 262 -26.86 -4.71 9.20
N ALA C 263 -27.33 -5.33 8.12
CA ALA C 263 -27.98 -4.62 7.03
C ALA C 263 -29.33 -4.02 7.39
N PHE C 264 -29.74 -3.04 6.59
CA PHE C 264 -31.04 -2.41 6.71
C PHE C 264 -32.19 -3.37 6.44
N GLU C 265 -32.05 -4.19 5.41
CA GLU C 265 -33.08 -5.19 5.04
C GLU C 265 -32.59 -6.53 5.57
N ALA C 266 -33.43 -7.20 6.36
CA ALA C 266 -33.02 -8.41 7.04
C ALA C 266 -32.66 -9.58 6.09
N PRO C 267 -31.77 -10.49 6.51
CA PRO C 267 -31.51 -11.69 5.74
C PRO C 267 -32.68 -12.68 5.74
N ARG C 268 -32.73 -13.50 4.69
CA ARG C 268 -33.79 -14.47 4.48
C ARG C 268 -33.24 -15.75 3.86
N LEU C 269 -33.69 -16.89 4.40
CA LEU C 269 -33.47 -18.19 3.80
C LEU C 269 -34.75 -18.61 3.10
N VAL C 270 -34.77 -18.43 1.78
CA VAL C 270 -35.94 -18.74 0.93
C VAL C 270 -35.77 -20.10 0.24
N THR C 271 -36.60 -21.07 0.58
CA THR C 271 -36.52 -22.40 -0.03
C THR C 271 -37.72 -22.59 -0.95
N LEU C 272 -37.46 -23.06 -2.16
CA LEU C 272 -38.50 -23.35 -3.13
C LEU C 272 -38.56 -24.84 -3.37
N LEU C 273 -39.73 -25.34 -3.81
CA LEU C 273 -39.96 -26.79 -3.98
C LEU C 273 -40.79 -27.12 -5.19
N TYR C 274 -40.33 -28.08 -5.96
CA TYR C 274 -41.04 -28.56 -7.14
C TYR C 274 -40.95 -30.07 -7.17
N THR C 275 -42.08 -30.72 -7.42
CA THR C 275 -42.15 -32.16 -7.62
C THR C 275 -42.90 -32.45 -8.92
N PRO C 276 -42.28 -33.17 -9.87
CA PRO C 276 -42.90 -33.43 -11.17
C PRO C 276 -44.00 -34.48 -11.07
N LYS C 277 -44.91 -34.47 -12.05
CA LYS C 277 -45.89 -35.50 -12.27
C LYS C 277 -45.04 -36.71 -12.71
N GLY C 278 -45.23 -37.84 -12.04
CA GLY C 278 -44.53 -39.09 -12.42
C GLY C 278 -43.23 -39.24 -11.67
N THR C 279 -42.46 -40.27 -12.02
CA THR C 279 -41.32 -40.69 -11.19
C THR C 279 -40.10 -39.86 -11.50
N PRO C 280 -39.57 -39.14 -10.50
CA PRO C 280 -38.40 -38.33 -10.81
C PRO C 280 -37.15 -39.16 -11.09
N VAL C 281 -36.35 -38.71 -12.05
CA VAL C 281 -35.07 -39.36 -12.42
C VAL C 281 -34.01 -39.17 -11.34
N LYS C 282 -34.11 -38.06 -10.61
CA LYS C 282 -33.19 -37.76 -9.54
C LYS C 282 -33.77 -36.72 -8.61
N LYS C 283 -33.35 -36.75 -7.36
CA LYS C 283 -33.76 -35.78 -6.37
C LYS C 283 -32.59 -34.88 -6.12
N VAL C 284 -32.72 -33.62 -6.60
CA VAL C 284 -31.63 -32.62 -6.57
C VAL C 284 -31.98 -31.44 -5.69
N SER C 285 -31.04 -31.03 -4.85
CA SER C 285 -31.15 -29.81 -4.05
C SER C 285 -30.18 -28.73 -4.54
N LEU C 286 -30.72 -27.57 -4.94
CA LEU C 286 -29.94 -26.40 -5.28
C LEU C 286 -29.81 -25.43 -4.11
N VAL C 287 -28.63 -24.81 -4.00
CA VAL C 287 -28.36 -23.76 -2.99
C VAL C 287 -27.55 -22.64 -3.65
N GLY C 288 -28.03 -21.40 -3.56
CA GLY C 288 -27.37 -20.24 -4.15
C GLY C 288 -26.89 -19.19 -3.15
N LYS C 289 -25.65 -18.71 -3.30
CA LYS C 289 -25.13 -17.55 -2.52
C LYS C 289 -25.84 -16.32 -3.07
N GLY C 290 -26.61 -15.68 -2.21
CA GLY C 290 -27.45 -14.55 -2.61
C GLY C 290 -27.07 -13.27 -1.89
N ILE C 291 -25.77 -12.95 -1.86
CA ILE C 291 -25.33 -11.72 -1.21
C ILE C 291 -25.64 -10.55 -2.13
N VAL C 292 -26.70 -9.84 -1.81
CA VAL C 292 -27.24 -8.77 -2.69
C VAL C 292 -26.27 -7.60 -2.90
N TYR C 293 -25.39 -7.42 -1.91
CA TYR C 293 -24.24 -6.53 -1.99
C TYR C 293 -23.20 -6.92 -0.95
N ASP C 294 -21.96 -7.17 -1.39
CA ASP C 294 -20.84 -7.59 -0.52
C ASP C 294 -19.94 -6.40 -0.31
N CYS C 295 -20.21 -5.62 0.74
CA CYS C 295 -19.37 -4.47 1.09
C CYS C 295 -18.11 -4.92 1.87
N GLY C 296 -18.13 -6.16 2.34
CA GLY C 296 -17.02 -6.76 3.09
C GLY C 296 -17.26 -6.88 4.57
N GLY C 297 -18.27 -6.18 5.08
CA GLY C 297 -18.51 -6.12 6.53
C GLY C 297 -17.47 -5.22 7.18
N LEU C 298 -17.16 -5.50 8.46
CA LEU C 298 -16.10 -4.76 9.16
C LEU C 298 -14.74 -4.91 8.49
N ALA C 299 -14.53 -6.04 7.81
CA ALA C 299 -13.41 -6.19 6.88
C ALA C 299 -13.80 -5.49 5.56
N LEU C 300 -13.91 -4.17 5.67
CA LEU C 300 -14.43 -3.35 4.61
C LEU C 300 -13.51 -3.44 3.39
N LYS C 301 -14.12 -3.71 2.23
CA LYS C 301 -13.40 -3.75 0.97
C LYS C 301 -12.94 -2.35 0.58
N PRO C 302 -11.76 -2.26 -0.08
CA PRO C 302 -11.41 -0.99 -0.72
C PRO C 302 -12.33 -0.73 -1.91
N ALA C 303 -12.61 0.55 -2.18
CA ALA C 303 -13.56 0.98 -3.22
C ALA C 303 -13.47 0.27 -4.59
N ASP C 304 -12.26 -0.07 -5.04
CA ASP C 304 -12.03 -0.73 -6.35
C ASP C 304 -12.57 -2.14 -6.40
N TYR C 305 -12.30 -2.89 -5.33
CA TYR C 305 -12.83 -4.26 -5.18
C TYR C 305 -14.31 -4.31 -4.78
N MET C 306 -14.85 -3.21 -4.24
CA MET C 306 -16.28 -3.11 -3.93
C MET C 306 -17.15 -2.71 -5.13
N LYS C 307 -16.52 -2.12 -6.15
CA LYS C 307 -17.17 -1.86 -7.46
C LYS C 307 -17.58 -3.23 -8.07
N LEU C 308 -18.79 -3.26 -8.61
CA LEU C 308 -19.45 -4.45 -9.22
C LEU C 308 -19.81 -5.58 -8.20
N MET C 309 -19.93 -5.28 -6.89
CA MET C 309 -20.31 -6.30 -5.88
C MET C 309 -21.84 -6.49 -5.74
N LYS C 310 -22.62 -5.74 -6.50
CA LYS C 310 -24.01 -6.14 -6.79
C LYS C 310 -24.07 -7.54 -7.45
N HIS C 311 -23.02 -7.95 -8.18
CA HIS C 311 -22.91 -9.29 -8.75
C HIS C 311 -22.82 -10.45 -7.73
N ASP C 312 -22.63 -10.17 -6.43
CA ASP C 312 -22.38 -11.26 -5.46
C ASP C 312 -23.60 -12.17 -5.21
N MET C 313 -24.77 -11.70 -5.62
CA MET C 313 -26.02 -12.48 -5.71
C MET C 313 -26.08 -13.49 -6.87
N GLY C 314 -25.06 -13.57 -7.71
CA GLY C 314 -25.15 -14.24 -9.01
C GLY C 314 -25.40 -15.72 -8.97
N GLY C 315 -24.94 -16.36 -7.91
CA GLY C 315 -25.21 -17.76 -7.65
C GLY C 315 -26.69 -18.03 -7.42
N ALA C 316 -27.29 -17.23 -6.55
CA ALA C 316 -28.71 -17.34 -6.25
C ALA C 316 -29.54 -17.15 -7.49
N ALA C 317 -29.26 -16.11 -8.25
CA ALA C 317 -29.99 -15.84 -9.48
C ALA C 317 -29.89 -17.00 -10.46
N ALA C 318 -28.78 -17.73 -10.42
CA ALA C 318 -28.55 -18.86 -11.31
C ALA C 318 -29.44 -20.03 -10.96
N VAL C 319 -29.34 -20.45 -9.71
CA VAL C 319 -30.16 -21.56 -9.21
C VAL C 319 -31.65 -21.23 -9.27
N PHE C 320 -32.02 -19.98 -9.04
CA PHE C 320 -33.43 -19.54 -9.10
C PHE C 320 -33.98 -19.68 -10.51
N CYS C 321 -33.32 -19.06 -11.48
CA CYS C 321 -33.77 -19.11 -12.86
C CYS C 321 -33.62 -20.49 -13.47
N GLY C 322 -32.65 -21.27 -12.97
CA GLY C 322 -32.51 -22.67 -13.37
C GLY C 322 -33.72 -23.50 -12.94
N PHE C 323 -34.17 -23.21 -11.71
CA PHE C 323 -35.38 -23.81 -11.13
C PHE C 323 -36.62 -23.39 -11.90
N LEU C 324 -36.74 -22.11 -12.25
CA LEU C 324 -37.89 -21.63 -13.01
C LEU C 324 -38.01 -22.35 -14.35
N THR C 325 -36.88 -22.58 -15.05
CA THR C 325 -36.88 -23.33 -16.32
C THR C 325 -37.38 -24.78 -16.13
N ALA C 326 -36.90 -25.43 -15.07
CA ALA C 326 -37.31 -26.80 -14.76
C ALA C 326 -38.82 -26.92 -14.59
N VAL C 327 -39.42 -25.99 -13.84
CA VAL C 327 -40.88 -25.98 -13.62
C VAL C 327 -41.65 -25.72 -14.92
N ARG C 328 -41.30 -24.63 -15.61
CA ARG C 328 -41.91 -24.26 -16.89
C ARG C 328 -41.87 -25.32 -17.99
N LEU C 329 -40.73 -26.01 -18.11
CA LEU C 329 -40.61 -27.14 -19.06
C LEU C 329 -41.05 -28.49 -18.49
N GLN C 330 -41.28 -28.55 -17.19
CA GLN C 330 -41.71 -29.77 -16.49
C GLN C 330 -40.66 -30.86 -16.63
N GLN C 331 -39.42 -30.49 -16.33
CA GLN C 331 -38.31 -31.42 -16.35
C GLN C 331 -38.62 -32.40 -15.24
N PRO C 332 -38.38 -33.70 -15.47
CA PRO C 332 -38.78 -34.71 -14.50
C PRO C 332 -37.73 -34.86 -13.40
N VAL C 333 -37.40 -33.76 -12.74
CA VAL C 333 -36.46 -33.75 -11.63
C VAL C 333 -37.20 -33.18 -10.42
N GLN C 334 -37.02 -33.83 -9.28
CA GLN C 334 -37.52 -33.32 -8.04
C GLN C 334 -36.49 -32.34 -7.51
N LEU C 335 -36.88 -31.06 -7.40
CA LEU C 335 -35.98 -29.97 -7.00
C LEU C 335 -36.32 -29.25 -5.70
N SER C 336 -35.30 -29.01 -4.89
CA SER C 336 -35.32 -27.97 -3.87
C SER C 336 -34.39 -26.84 -4.39
N CYS C 337 -34.77 -25.58 -4.17
CA CYS C 337 -33.92 -24.43 -4.47
C CYS C 337 -33.88 -23.46 -3.30
N THR C 338 -32.77 -23.45 -2.59
CA THR C 338 -32.62 -22.64 -1.40
C THR C 338 -31.73 -21.39 -1.63
N LEU C 339 -32.33 -20.20 -1.56
CA LEU C 339 -31.67 -18.94 -1.78
C LEU C 339 -31.19 -18.38 -0.46
N CYS C 340 -29.87 -18.21 -0.33
CA CYS C 340 -29.29 -17.63 0.90
C CYS C 340 -29.09 -16.12 0.75
N LEU C 341 -30.11 -15.35 1.15
CA LEU C 341 -30.16 -13.92 0.88
C LEU C 341 -29.71 -13.12 2.09
N ALA C 342 -28.74 -12.25 1.88
CA ALA C 342 -28.27 -11.32 2.89
C ALA C 342 -27.47 -10.19 2.27
N GLU C 343 -27.37 -9.08 3.00
CA GLU C 343 -26.41 -8.04 2.65
C GLU C 343 -25.32 -8.08 3.70
N ASN C 344 -24.08 -8.22 3.22
CA ASN C 344 -22.93 -8.10 4.08
C ASN C 344 -22.69 -6.60 4.23
N ALA C 345 -23.20 -6.04 5.33
CA ALA C 345 -23.23 -4.61 5.55
C ALA C 345 -22.37 -4.27 6.71
N ILE C 346 -22.08 -2.97 6.82
CA ILE C 346 -21.21 -2.44 7.85
C ILE C 346 -22.01 -1.47 8.72
N GLY C 347 -21.96 -1.71 10.02
CA GLY C 347 -22.68 -0.90 10.98
C GLY C 347 -22.48 -1.29 12.44
N PRO C 348 -23.26 -0.66 13.35
CA PRO C 348 -23.24 -0.99 14.77
C PRO C 348 -23.44 -2.49 15.10
N LYS C 349 -24.25 -3.18 14.28
CA LYS C 349 -24.57 -4.59 14.47
C LYS C 349 -23.83 -5.59 13.54
N SER C 350 -22.72 -5.17 12.94
CA SER C 350 -21.92 -6.07 12.11
C SER C 350 -21.39 -7.19 12.92
N TYR C 351 -21.44 -8.38 12.36
CA TYR C 351 -20.65 -9.48 12.91
C TYR C 351 -19.18 -9.12 12.73
N ARG C 352 -18.34 -9.63 13.61
CA ARG C 352 -17.01 -9.10 13.84
C ARG C 352 -15.91 -10.06 13.53
N ASN C 353 -14.73 -9.50 13.27
CA ASN C 353 -13.51 -10.29 13.10
C ASN C 353 -13.04 -10.71 14.49
N ASP C 354 -13.56 -11.87 14.95
CA ASP C 354 -13.30 -12.53 16.26
C ASP C 354 -14.55 -13.19 16.84
N ASP C 355 -15.73 -12.74 16.39
CA ASP C 355 -16.99 -13.37 16.73
C ASP C 355 -16.92 -14.86 16.51
N ILE C 356 -17.71 -15.61 17.27
CA ILE C 356 -17.92 -17.04 17.05
C ILE C 356 -19.39 -17.28 16.74
N ILE C 357 -19.63 -17.98 15.64
CA ILE C 357 -20.98 -18.28 15.17
C ILE C 357 -21.28 -19.71 15.52
N VAL C 358 -22.51 -19.95 15.95
CA VAL C 358 -23.05 -21.30 16.08
C VAL C 358 -23.89 -21.57 14.85
N MET C 359 -23.35 -22.41 13.98
CA MET C 359 -23.98 -22.71 12.69
C MET C 359 -25.16 -23.62 12.89
N LYS C 360 -26.05 -23.66 11.91
CA LYS C 360 -27.21 -24.57 11.96
C LYS C 360 -26.76 -26.04 12.00
N SER C 361 -25.62 -26.34 11.39
CA SER C 361 -24.98 -27.64 11.58
C SER C 361 -24.62 -28.01 13.05
N GLY C 362 -24.44 -27.02 13.91
CA GLY C 362 -24.06 -27.22 15.30
C GLY C 362 -22.60 -26.95 15.55
N LYS C 363 -21.81 -26.94 14.48
CA LYS C 363 -20.39 -26.64 14.56
C LYS C 363 -20.14 -25.15 14.67
N THR C 364 -19.09 -24.78 15.39
CA THR C 364 -18.79 -23.39 15.68
C THR C 364 -17.74 -22.86 14.73
N VAL C 365 -17.94 -21.61 14.31
CA VAL C 365 -17.07 -20.92 13.35
C VAL C 365 -16.48 -19.63 13.92
N GLU C 366 -15.15 -19.63 14.12
CA GLU C 366 -14.42 -18.41 14.49
C GLU C 366 -14.24 -17.56 13.24
N VAL C 367 -14.80 -16.34 13.24
CA VAL C 367 -14.73 -15.44 12.10
C VAL C 367 -13.37 -14.73 12.10
N ILE C 368 -12.51 -15.07 11.15
CA ILE C 368 -11.22 -14.39 10.99
C ILE C 368 -11.39 -13.11 10.18
N ASN C 369 -12.23 -13.20 9.15
CA ASN C 369 -12.43 -12.11 8.22
C ASN C 369 -13.88 -12.07 7.74
N THR C 370 -14.58 -10.98 8.06
CA THR C 370 -16.00 -10.87 7.71
C THR C 370 -16.28 -10.87 6.21
N ASP C 371 -15.28 -10.62 5.36
CA ASP C 371 -15.52 -10.58 3.93
C ASP C 371 -15.59 -11.95 3.28
N ALA C 372 -15.11 -12.97 3.99
CA ALA C 372 -15.38 -14.39 3.66
C ALA C 372 -16.75 -14.79 4.19
N GLU C 373 -17.76 -14.05 3.74
CA GLU C 373 -19.13 -14.18 4.19
C GLU C 373 -19.86 -15.29 3.42
N GLY C 374 -19.41 -15.57 2.20
CA GLY C 374 -20.16 -16.43 1.28
C GLY C 374 -20.26 -17.85 1.78
N ARG C 375 -19.13 -18.39 2.20
CA ARG C 375 -19.10 -19.77 2.68
C ARG C 375 -19.94 -19.99 3.95
N ILE C 376 -20.00 -18.98 4.83
CA ILE C 376 -20.76 -19.07 6.07
C ILE C 376 -22.24 -19.18 5.74
N VAL C 377 -22.71 -18.26 4.91
CA VAL C 377 -24.08 -18.22 4.43
C VAL C 377 -24.48 -19.54 3.74
N LEU C 378 -23.55 -20.11 2.96
CA LEU C 378 -23.81 -21.34 2.20
C LEU C 378 -23.82 -22.57 3.11
N GLY C 379 -22.96 -22.57 4.12
CA GLY C 379 -22.91 -23.66 5.08
C GLY C 379 -24.21 -23.89 5.83
N ASP C 380 -24.97 -22.82 6.06
CA ASP C 380 -26.35 -22.93 6.57
C ASP C 380 -27.29 -23.37 5.46
N GLY C 381 -27.11 -22.84 4.26
CA GLY C 381 -27.91 -23.26 3.13
C GLY C 381 -27.86 -24.76 2.83
N VAL C 382 -26.67 -25.33 2.86
CA VAL C 382 -26.51 -26.76 2.50
C VAL C 382 -26.93 -27.67 3.62
N PHE C 383 -26.79 -27.22 4.87
CA PHE C 383 -27.36 -27.96 6.01
C PHE C 383 -28.88 -27.97 5.95
N HIS C 384 -29.48 -26.83 5.64
CA HIS C 384 -30.92 -26.77 5.44
C HIS C 384 -31.39 -27.80 4.41
N ALA C 385 -30.72 -27.88 3.28
CA ALA C 385 -31.15 -28.74 2.19
C ALA C 385 -30.95 -30.22 2.51
N THR C 386 -29.81 -30.55 3.09
CA THR C 386 -29.50 -31.96 3.40
C THR C 386 -30.19 -32.56 4.64
N ASN C 387 -30.88 -31.72 5.41
CA ASN C 387 -31.33 -32.07 6.77
C ASN C 387 -32.71 -31.60 7.21
N GLU C 388 -33.20 -30.48 6.70
CA GLU C 388 -34.47 -29.92 7.15
C GLU C 388 -35.61 -30.04 6.12
N LEU C 389 -35.36 -30.68 4.97
CA LEU C 389 -36.39 -30.78 3.93
C LEU C 389 -37.20 -32.08 4.01
N SER C 390 -38.27 -32.10 3.24
CA SER C 390 -39.17 -33.25 3.18
C SER C 390 -38.59 -34.49 2.46
N PHE C 391 -37.40 -34.35 1.86
CA PHE C 391 -36.69 -35.46 1.25
C PHE C 391 -35.18 -35.28 1.36
N THR C 392 -34.45 -36.37 1.17
CA THR C 392 -32.98 -36.33 1.18
C THR C 392 -32.53 -36.35 -0.28
N PRO C 393 -31.76 -35.33 -0.73
CA PRO C 393 -31.37 -35.30 -2.13
C PRO C 393 -30.28 -36.31 -2.49
N ASP C 394 -30.32 -36.78 -3.73
CA ASP C 394 -29.27 -37.60 -4.31
C ASP C 394 -28.04 -36.71 -4.60
N VAL C 395 -28.28 -35.47 -5.05
CA VAL C 395 -27.22 -34.53 -5.44
C VAL C 395 -27.47 -33.14 -4.85
N VAL C 396 -26.44 -32.55 -4.26
CA VAL C 396 -26.45 -31.13 -3.84
C VAL C 396 -25.55 -30.28 -4.75
N ILE C 397 -26.16 -29.26 -5.35
CA ILE C 397 -25.45 -28.31 -6.19
C ILE C 397 -25.52 -26.95 -5.55
N ASP C 398 -24.39 -26.44 -5.13
CA ASP C 398 -24.32 -25.06 -4.62
C ASP C 398 -23.55 -24.16 -5.60
N MET C 399 -24.14 -23.01 -5.92
CA MET C 399 -23.60 -22.07 -6.87
C MET C 399 -23.36 -20.73 -6.17
N ALA C 400 -22.18 -20.14 -6.38
CA ALA C 400 -21.80 -18.90 -5.72
C ALA C 400 -20.73 -18.11 -6.44
N THR C 401 -20.76 -16.79 -6.24
CA THR C 401 -19.73 -15.89 -6.73
C THR C 401 -18.74 -15.76 -5.60
N LEU C 402 -18.05 -16.86 -5.32
CA LEU C 402 -17.45 -17.04 -4.00
C LEU C 402 -16.08 -16.42 -3.77
N THR C 403 -15.13 -16.68 -4.67
CA THR C 403 -13.74 -16.31 -4.43
C THR C 403 -13.10 -15.66 -5.63
N GLY C 404 -12.21 -14.70 -5.36
CA GLY C 404 -11.36 -14.11 -6.39
C GLY C 404 -10.37 -15.15 -6.93
N ALA C 405 -9.93 -16.05 -6.06
CA ALA C 405 -9.08 -17.16 -6.45
C ALA C 405 -9.60 -17.92 -7.70
N GLN C 406 -10.93 -18.01 -7.84
CA GLN C 406 -11.56 -18.66 -8.98
C GLN C 406 -11.01 -18.14 -10.30
N GLY C 407 -11.05 -16.82 -10.46
CA GLY C 407 -10.54 -16.13 -11.63
C GLY C 407 -9.06 -16.39 -11.91
N ILE C 408 -8.26 -16.48 -10.87
CA ILE C 408 -6.85 -16.82 -11.02
C ILE C 408 -6.65 -18.29 -11.51
N ALA C 409 -7.55 -19.20 -11.15
CA ALA C 409 -7.37 -20.63 -11.41
C ALA C 409 -8.03 -21.13 -12.69
N THR C 410 -9.26 -20.71 -12.92
CA THR C 410 -10.07 -21.18 -14.08
C THR C 410 -10.54 -20.08 -15.03
N GLY C 411 -10.53 -18.85 -14.58
CA GLY C 411 -10.70 -17.73 -15.47
C GLY C 411 -12.11 -17.26 -15.67
N ARG C 412 -12.29 -16.42 -16.67
CA ARG C 412 -13.49 -15.62 -16.80
C ARG C 412 -14.62 -16.34 -17.49
N HIS C 413 -14.29 -17.43 -18.19
CA HIS C 413 -15.24 -18.19 -18.98
C HIS C 413 -15.62 -19.54 -18.36
N HIS C 414 -14.78 -20.08 -17.49
CA HIS C 414 -15.03 -21.35 -16.84
C HIS C 414 -15.27 -21.23 -15.32
N ALA C 415 -16.42 -21.74 -14.89
CA ALA C 415 -16.72 -21.82 -13.47
C ALA C 415 -15.90 -22.95 -12.87
N GLY C 416 -15.42 -22.74 -11.65
CA GLY C 416 -14.63 -23.75 -10.94
C GLY C 416 -15.54 -24.79 -10.30
N LEU C 417 -15.14 -26.07 -10.40
CA LEU C 417 -15.89 -27.18 -9.77
C LEU C 417 -15.09 -27.84 -8.66
N TYR C 418 -15.59 -27.73 -7.45
CA TYR C 418 -15.14 -28.57 -6.33
C TYR C 418 -16.24 -29.64 -6.21
N VAL C 419 -15.90 -30.89 -6.55
CA VAL C 419 -16.85 -31.99 -6.57
C VAL C 419 -16.25 -33.20 -5.83
N ASN C 420 -17.10 -33.93 -5.07
CA ASN C 420 -16.66 -35.08 -4.26
C ASN C 420 -16.77 -36.47 -4.96
N GLU C 421 -17.23 -36.49 -6.21
CA GLU C 421 -17.37 -37.71 -6.97
C GLU C 421 -17.05 -37.46 -8.43
N GLU C 422 -16.27 -38.36 -9.02
CA GLU C 422 -15.81 -38.19 -10.41
C GLU C 422 -16.99 -38.16 -11.39
N GLY C 423 -17.96 -39.04 -11.15
CA GLY C 423 -19.09 -39.22 -12.04
C GLY C 423 -19.88 -37.94 -12.21
N ALA C 424 -20.20 -37.31 -11.08
CA ALA C 424 -20.97 -36.06 -11.10
C ALA C 424 -20.15 -34.89 -11.68
N GLU C 425 -18.85 -34.88 -11.42
CA GLU C 425 -17.95 -33.87 -12.01
C GLU C 425 -17.99 -33.99 -13.52
N ALA C 426 -17.84 -35.21 -14.01
CA ALA C 426 -17.91 -35.50 -15.43
C ALA C 426 -19.24 -35.04 -16.07
N ALA C 427 -20.36 -35.30 -15.37
CA ALA C 427 -21.69 -34.97 -15.88
C ALA C 427 -21.87 -33.47 -16.02
N MET C 428 -21.50 -32.73 -14.97
CA MET C 428 -21.58 -31.26 -14.98
C MET C 428 -20.63 -30.67 -16.01
N LEU C 429 -19.43 -31.24 -16.12
CA LEU C 429 -18.48 -30.82 -17.13
C LEU C 429 -19.06 -30.94 -18.53
N ARG C 430 -19.62 -32.13 -18.83
CA ARG C 430 -20.34 -32.42 -20.11
C ARG C 430 -21.43 -31.39 -20.37
N ALA C 431 -22.24 -31.13 -19.36
CA ALA C 431 -23.29 -30.10 -19.45
C ALA C 431 -22.74 -28.73 -19.79
N GLY C 432 -21.58 -28.39 -19.25
CA GLY C 432 -20.90 -27.13 -19.58
C GLY C 432 -20.60 -27.01 -21.06
N ARG C 433 -19.96 -28.05 -21.58
CA ARG C 433 -19.59 -28.11 -22.99
C ARG C 433 -20.79 -28.05 -23.90
N GLU C 434 -21.86 -28.74 -23.52
CA GLU C 434 -23.09 -28.77 -24.34
C GLU C 434 -23.81 -27.40 -24.30
N SER C 435 -23.97 -26.85 -23.09
CA SER C 435 -24.70 -25.59 -22.90
C SER C 435 -23.91 -24.35 -23.36
N GLY C 436 -22.59 -24.42 -23.25
CA GLY C 436 -21.73 -23.28 -23.56
C GLY C 436 -21.37 -22.48 -22.33
N GLU C 437 -22.03 -22.78 -21.23
CA GLU C 437 -21.76 -22.15 -19.95
C GLU C 437 -20.77 -23.08 -19.28
N THR C 438 -19.51 -22.96 -19.71
CA THR C 438 -18.50 -23.99 -19.47
C THR C 438 -17.97 -24.02 -18.04
N CYS C 439 -17.28 -25.11 -17.70
CA CYS C 439 -16.72 -25.30 -16.35
C CYS C 439 -15.39 -26.01 -16.40
N PHE C 440 -14.70 -26.03 -15.26
CA PHE C 440 -13.44 -26.75 -15.14
C PHE C 440 -13.19 -27.17 -13.67
N PRO C 441 -12.57 -28.33 -13.44
CA PRO C 441 -12.24 -28.72 -12.08
C PRO C 441 -11.14 -27.96 -11.34
N VAL C 442 -11.35 -27.77 -10.06
CA VAL C 442 -10.28 -27.36 -9.13
C VAL C 442 -9.99 -28.52 -8.18
N LEU C 443 -8.80 -28.55 -7.62
CA LEU C 443 -8.35 -29.67 -6.78
C LEU C 443 -9.39 -30.06 -5.73
N TYR C 444 -9.75 -31.35 -5.73
CA TYR C 444 -10.46 -31.98 -4.60
C TYR C 444 -9.51 -32.83 -3.76
N CYS C 445 -9.20 -32.35 -2.56
CA CYS C 445 -8.23 -33.00 -1.67
C CYS C 445 -8.43 -32.52 -0.22
N PRO C 446 -9.56 -32.90 0.42
CA PRO C 446 -9.89 -32.54 1.81
C PRO C 446 -8.81 -32.75 2.87
N GLU C 447 -8.02 -33.82 2.76
CA GLU C 447 -6.90 -34.02 3.69
C GLU C 447 -5.93 -32.84 3.78
N TYR C 448 -5.76 -32.08 2.70
CA TYR C 448 -4.90 -30.89 2.71
C TYR C 448 -5.66 -29.59 2.97
N HIS C 449 -6.97 -29.55 2.74
CA HIS C 449 -7.78 -28.34 2.96
C HIS C 449 -8.12 -28.12 4.42
N GLU C 450 -8.48 -29.19 5.12
CA GLU C 450 -8.91 -29.12 6.52
C GLU C 450 -7.95 -28.42 7.47
N PRO C 451 -6.68 -28.84 7.51
CA PRO C 451 -5.73 -28.18 8.38
C PRO C 451 -5.65 -26.65 8.28
N GLU C 452 -5.98 -26.08 7.13
CA GLU C 452 -5.98 -24.61 6.94
C GLU C 452 -7.02 -23.90 7.80
N PHE C 453 -8.03 -24.62 8.25
CA PHE C 453 -9.07 -24.05 9.13
C PHE C 453 -8.96 -24.36 10.66
N LYS C 454 -7.80 -24.81 11.15
CA LYS C 454 -7.60 -25.03 12.59
C LYS C 454 -7.87 -23.72 13.39
N SER C 455 -8.67 -23.83 14.44
CA SER C 455 -9.08 -22.70 15.31
C SER C 455 -8.74 -23.01 16.75
N ASN C 456 -8.29 -21.99 17.47
CA ASN C 456 -7.90 -22.17 18.88
C ASN C 456 -9.09 -22.58 19.74
N HIS C 457 -10.21 -21.87 19.60
CA HIS C 457 -11.37 -22.06 20.48
C HIS C 457 -12.64 -22.54 19.80
N ALA C 458 -12.71 -22.51 18.48
CA ALA C 458 -13.89 -23.02 17.77
C ALA C 458 -13.54 -24.30 17.04
N ASP C 459 -14.56 -24.91 16.45
CA ASP C 459 -14.38 -26.10 15.61
C ASP C 459 -13.52 -25.76 14.39
N MET C 460 -13.82 -24.62 13.77
CA MET C 460 -13.12 -24.17 12.57
C MET C 460 -13.11 -22.67 12.47
N THR C 461 -12.22 -22.16 11.64
CA THR C 461 -12.23 -20.76 11.24
C THR C 461 -12.98 -20.69 9.92
N ASN C 462 -13.20 -19.46 9.43
CA ASN C 462 -13.81 -19.25 8.11
C ASN C 462 -12.81 -18.85 7.02
N LEU C 463 -11.53 -18.95 7.33
CA LEU C 463 -10.49 -18.58 6.38
C LEU C 463 -9.17 -19.30 6.61
N MET C 464 -8.46 -19.56 5.51
CA MET C 464 -7.18 -20.26 5.54
C MET C 464 -6.12 -19.56 6.41
N GLU C 465 -5.37 -20.37 7.16
CA GLU C 465 -4.15 -19.92 7.81
C GLU C 465 -3.18 -19.34 6.79
N ARG C 466 -3.01 -20.05 5.67
CA ARG C 466 -2.09 -19.65 4.57
C ARG C 466 -2.79 -19.37 3.25
N ARG C 467 -2.37 -18.28 2.60
CA ARG C 467 -3.11 -17.75 1.44
C ARG C 467 -2.92 -18.53 0.09
N ASP C 468 -1.69 -18.97 -0.19
CA ASP C 468 -1.39 -19.61 -1.48
C ASP C 468 -1.50 -21.16 -1.37
N ASN C 469 -2.70 -21.70 -1.08
CA ASN C 469 -2.94 -23.16 -0.93
C ASN C 469 -4.34 -23.67 -1.36
N ALA C 470 -4.61 -23.60 -2.66
CA ALA C 470 -5.86 -24.05 -3.28
C ALA C 470 -7.06 -23.37 -2.68
N GLY C 471 -7.06 -22.04 -2.79
CA GLY C 471 -8.12 -21.19 -2.25
C GLY C 471 -9.55 -21.43 -2.74
N VAL C 472 -9.73 -21.84 -4.00
CA VAL C 472 -11.07 -22.08 -4.56
C VAL C 472 -11.65 -23.31 -3.90
N SER C 473 -10.75 -24.26 -3.68
CA SER C 473 -11.05 -25.55 -3.09
C SER C 473 -11.30 -25.44 -1.58
N CYS C 474 -10.40 -24.79 -0.85
CA CYS C 474 -10.57 -24.63 0.60
C CYS C 474 -11.92 -24.02 1.00
N ALA C 475 -12.35 -23.00 0.25
CA ALA C 475 -13.68 -22.41 0.44
C ALA C 475 -14.77 -23.43 0.20
N GLY C 476 -14.59 -24.26 -0.81
CA GLY C 476 -15.50 -25.37 -1.07
C GLY C 476 -15.55 -26.33 0.10
N TYR C 477 -14.37 -26.71 0.61
CA TYR C 477 -14.29 -27.64 1.73
C TYR C 477 -15.10 -27.12 2.91
N PHE C 478 -14.85 -25.88 3.33
CA PHE C 478 -15.62 -25.25 4.41
C PHE C 478 -17.11 -25.54 4.27
N ILE C 479 -17.64 -25.40 3.06
CA ILE C 479 -19.06 -25.66 2.83
C ILE C 479 -19.41 -27.13 3.16
N THR C 480 -18.58 -28.07 2.72
CA THR C 480 -18.83 -29.51 2.94
C THR C 480 -18.88 -29.91 4.41
N THR C 481 -18.13 -29.23 5.27
CA THR C 481 -18.16 -29.50 6.71
C THR C 481 -19.57 -29.25 7.33
N HIS C 482 -20.38 -28.41 6.71
CA HIS C 482 -21.72 -28.14 7.18
C HIS C 482 -22.81 -28.90 6.42
N LEU C 483 -22.43 -29.94 5.70
CA LEU C 483 -23.40 -30.89 5.19
C LEU C 483 -23.88 -31.77 6.34
N SER C 484 -25.13 -32.21 6.24
CA SER C 484 -25.71 -33.15 7.19
C SER C 484 -25.00 -34.52 7.13
N PRO C 485 -24.79 -35.18 8.28
CA PRO C 485 -24.27 -36.56 8.19
C PRO C 485 -25.28 -37.57 7.56
N LYS C 486 -26.59 -37.27 7.62
CA LYS C 486 -27.61 -37.97 6.77
C LYS C 486 -27.19 -38.10 5.33
N PHE C 487 -26.69 -37.00 4.76
CA PHE C 487 -26.31 -36.94 3.34
C PHE C 487 -25.06 -37.73 3.04
N THR C 488 -25.17 -38.60 2.04
CA THR C 488 -24.05 -39.41 1.56
C THR C 488 -23.89 -39.33 0.04
N GLY C 489 -24.73 -38.54 -0.63
CA GLY C 489 -24.72 -38.42 -2.08
C GLY C 489 -23.64 -37.50 -2.63
N ALA C 490 -23.88 -37.00 -3.84
CA ALA C 490 -22.91 -36.25 -4.62
C ALA C 490 -23.04 -34.75 -4.37
N HIS C 491 -21.92 -34.12 -4.07
CA HIS C 491 -21.87 -32.67 -3.84
C HIS C 491 -21.07 -31.89 -4.91
N ILE C 492 -21.73 -30.99 -5.62
CA ILE C 492 -21.09 -30.16 -6.66
C ILE C 492 -21.08 -28.74 -6.20
N HIS C 493 -19.90 -28.21 -5.92
CA HIS C 493 -19.73 -26.79 -5.59
C HIS C 493 -19.28 -26.07 -6.85
N VAL C 494 -20.00 -25.00 -7.21
CA VAL C 494 -19.76 -24.23 -8.47
C VAL C 494 -19.39 -22.80 -8.13
N ASP C 495 -18.10 -22.48 -8.32
CA ASP C 495 -17.59 -21.12 -8.08
C ASP C 495 -17.65 -20.37 -9.41
N LEU C 496 -18.57 -19.40 -9.51
CA LEU C 496 -18.85 -18.71 -10.77
C LEU C 496 -18.62 -17.20 -10.64
N ALA C 497 -17.67 -16.85 -9.78
CA ALA C 497 -17.32 -15.44 -9.47
C ALA C 497 -17.16 -14.53 -10.69
N TYR C 498 -16.45 -15.02 -11.70
CA TYR C 498 -16.17 -14.24 -12.93
C TYR C 498 -17.08 -14.51 -14.14
N PRO C 499 -17.41 -15.79 -14.45
CA PRO C 499 -18.36 -16.03 -15.54
C PRO C 499 -19.74 -15.36 -15.49
N VAL C 500 -20.19 -14.91 -14.31
CA VAL C 500 -21.43 -14.14 -14.22
C VAL C 500 -21.45 -12.78 -14.89
N PHE C 501 -20.28 -12.24 -15.22
CA PHE C 501 -20.19 -10.89 -15.76
C PHE C 501 -19.08 -10.74 -16.78
N ASN C 502 -19.23 -9.69 -17.56
CA ASN C 502 -18.19 -9.23 -18.49
C ASN C 502 -18.25 -7.70 -18.56
N SER C 503 -17.53 -7.10 -19.51
CA SER C 503 -17.46 -5.63 -19.57
C SER C 503 -18.80 -4.94 -19.82
N ASN C 504 -19.74 -5.66 -20.43
CA ASN C 504 -21.09 -5.13 -20.69
C ASN C 504 -22.14 -5.34 -19.60
N GLY C 505 -21.78 -6.09 -18.56
CA GLY C 505 -22.64 -6.34 -17.42
C GLY C 505 -22.81 -7.84 -17.28
N ALA C 506 -23.93 -8.25 -16.71
CA ALA C 506 -24.17 -9.67 -16.39
C ALA C 506 -24.28 -10.54 -17.64
N THR C 507 -23.92 -11.82 -17.49
CA THR C 507 -23.95 -12.78 -18.60
C THR C 507 -25.14 -13.76 -18.55
N GLY C 508 -25.84 -13.79 -17.41
CA GLY C 508 -26.89 -14.81 -17.17
C GLY C 508 -26.35 -16.23 -17.14
N PHE C 509 -25.12 -16.38 -16.66
CA PHE C 509 -24.47 -17.67 -16.59
C PHE C 509 -25.10 -18.40 -15.42
N GLY C 510 -25.37 -19.70 -15.65
CA GLY C 510 -25.86 -20.63 -14.64
C GLY C 510 -27.09 -21.43 -15.03
N PRO C 511 -28.20 -20.73 -15.34
CA PRO C 511 -29.46 -21.41 -15.63
C PRO C 511 -29.38 -22.46 -16.74
N ALA C 512 -28.78 -22.10 -17.86
CA ALA C 512 -28.71 -23.01 -19.00
C ALA C 512 -27.85 -24.24 -18.67
N LEU C 513 -26.77 -24.02 -17.91
CA LEU C 513 -25.91 -25.12 -17.45
C LEU C 513 -26.71 -26.14 -16.65
N LEU C 514 -27.55 -25.64 -15.73
CA LEU C 514 -28.44 -26.50 -14.94
C LEU C 514 -29.42 -27.25 -15.86
N THR C 515 -30.22 -26.50 -16.61
CA THR C 515 -31.17 -27.08 -17.56
C THR C 515 -30.50 -28.26 -18.32
N GLU C 516 -29.32 -28.06 -18.85
CA GLU C 516 -28.65 -29.10 -19.60
C GLU C 516 -28.17 -30.28 -18.72
N TYR C 517 -27.80 -30.01 -17.49
CA TYR C 517 -27.36 -31.08 -16.56
C TYR C 517 -28.52 -31.97 -16.17
N PHE C 518 -29.62 -31.32 -15.80
CA PHE C 518 -30.89 -32.00 -15.53
C PHE C 518 -31.32 -32.85 -16.72
N ARG C 519 -31.34 -32.23 -17.89
CA ARG C 519 -31.76 -32.85 -19.13
C ARG C 519 -31.18 -34.23 -19.40
N LYS C 520 -30.00 -34.52 -18.85
CA LYS C 520 -29.28 -35.75 -19.18
C LYS C 520 -29.12 -36.73 -18.04
N LEU C 521 -29.74 -36.49 -16.88
CA LEU C 521 -29.40 -37.28 -15.64
C LEU C 521 -29.46 -38.83 -15.68
N THR D 3 38.15 5.01 -12.43
CA THR D 3 38.69 6.41 -12.30
C THR D 3 37.54 7.44 -12.27
N LEU D 4 37.44 8.18 -11.16
CA LEU D 4 36.54 9.35 -11.03
C LEU D 4 36.96 10.48 -11.98
N PRO D 5 36.02 11.41 -12.30
CA PRO D 5 36.44 12.58 -13.08
C PRO D 5 37.40 13.50 -12.29
N LYS D 6 38.38 14.08 -12.98
CA LYS D 6 39.41 14.92 -12.36
C LYS D 6 38.83 15.99 -11.44
N ALA D 7 37.75 16.64 -11.91
CA ALA D 7 37.03 17.68 -11.14
C ALA D 7 36.48 17.17 -9.80
N GLU D 8 35.93 15.96 -9.80
CA GLU D 8 35.32 15.36 -8.61
C GLU D 8 36.38 15.00 -7.58
N ALA D 9 37.52 14.49 -8.04
CA ALA D 9 38.69 14.22 -7.15
C ALA D 9 39.22 15.50 -6.49
N LYS D 10 39.31 16.60 -7.24
CA LYS D 10 39.67 17.94 -6.69
C LYS D 10 38.72 18.35 -5.56
N GLU D 11 37.43 18.21 -5.84
CA GLU D 11 36.35 18.51 -4.88
C GLU D 11 36.45 17.65 -3.62
N LEU D 12 36.67 16.35 -3.81
CA LEU D 12 36.72 15.41 -2.67
C LEU D 12 37.91 15.70 -1.78
N SER D 13 39.08 15.90 -2.40
CA SER D 13 40.31 16.29 -1.69
C SER D 13 40.11 17.53 -0.83
N ALA D 14 39.59 18.57 -1.46
CA ALA D 14 39.21 19.80 -0.75
C ALA D 14 38.33 19.53 0.47
N PHE D 15 37.32 18.69 0.29
CA PHE D 15 36.39 18.34 1.37
C PHE D 15 37.08 17.60 2.50
N VAL D 16 37.97 16.65 2.15
CA VAL D 16 38.74 15.90 3.17
C VAL D 16 39.50 16.88 4.05
N GLN D 17 40.23 17.79 3.41
CA GLN D 17 41.06 18.78 4.11
C GLN D 17 40.24 19.68 5.03
N SER D 18 39.06 20.08 4.55
CA SER D 18 38.13 20.91 5.33
C SER D 18 37.70 20.26 6.66
N CYS D 19 37.54 18.94 6.65
CA CYS D 19 37.19 18.18 7.84
C CYS D 19 38.38 17.94 8.76
N VAL D 20 39.56 17.73 8.18
CA VAL D 20 40.80 17.47 8.97
C VAL D 20 41.25 18.72 9.72
N GLU D 21 41.21 19.86 9.02
CA GLU D 21 41.64 21.14 9.55
C GLU D 21 40.52 21.95 10.20
N TYR D 22 39.36 21.33 10.42
CA TYR D 22 38.26 22.03 11.06
C TYR D 22 38.63 22.33 12.52
N LYS D 23 38.52 23.60 12.90
CA LYS D 23 38.57 24.05 14.30
C LYS D 23 37.24 24.77 14.59
N THR D 24 36.84 24.77 15.87
CA THR D 24 35.56 25.34 16.28
C THR D 24 35.50 26.87 16.15
N ASN D 25 34.28 27.37 16.23
CA ASN D 25 33.97 28.82 16.22
C ASN D 25 33.60 29.33 17.61
N VAL D 26 33.70 28.48 18.64
CA VAL D 26 33.24 28.81 19.98
C VAL D 26 34.45 29.03 20.90
N CYS D 27 34.46 30.15 21.63
CA CYS D 27 35.42 30.39 22.73
C CYS D 27 34.64 30.47 24.03
N PHE D 28 35.32 30.24 25.14
CA PHE D 28 34.69 30.21 26.46
C PHE D 28 35.49 31.04 27.47
N THR D 29 34.76 31.75 28.34
CA THR D 29 35.36 32.57 29.40
C THR D 29 34.36 32.76 30.54
N ASP D 30 34.65 33.68 31.47
CA ASP D 30 33.72 34.02 32.59
C ASP D 30 33.52 35.52 32.75
N VAL D 31 32.54 35.88 33.59
CA VAL D 31 32.09 37.27 33.77
C VAL D 31 33.26 38.18 34.17
N ALA D 32 33.94 37.79 35.25
CA ALA D 32 35.09 38.55 35.77
C ALA D 32 36.22 38.71 34.73
N ALA D 33 36.57 37.60 34.07
CA ALA D 33 37.63 37.58 33.04
C ALA D 33 37.29 38.40 31.78
N TYR D 34 36.00 38.42 31.44
CA TYR D 34 35.45 39.27 30.36
C TYR D 34 35.49 40.76 30.74
N GLU D 35 35.03 41.04 31.98
CA GLU D 35 35.06 42.41 32.58
C GLU D 35 36.46 43.03 32.60
N SER D 36 37.50 42.18 32.66
CA SER D 36 38.91 42.59 32.65
C SER D 36 39.48 42.63 31.23
N ASN D 37 39.28 41.58 30.44
CA ASN D 37 39.84 41.52 29.09
C ASN D 37 39.20 42.56 28.15
N GLN D 38 37.87 42.61 28.14
CA GLN D 38 37.10 43.53 27.28
C GLN D 38 36.88 44.92 27.88
N LYS D 39 36.98 45.02 29.22
CA LYS D 39 36.76 46.27 29.95
C LYS D 39 35.30 46.79 29.89
N GLY D 40 34.34 45.88 29.71
CA GLY D 40 32.94 46.27 29.52
C GLY D 40 32.51 46.63 28.10
N VAL D 41 33.43 46.65 27.13
CA VAL D 41 33.08 46.87 25.72
C VAL D 41 32.55 45.56 25.13
N LEU D 42 31.33 45.57 24.57
CA LEU D 42 30.74 44.36 23.95
C LEU D 42 31.44 44.01 22.64
N SER D 43 31.46 42.70 22.32
CA SER D 43 32.20 42.19 21.18
C SER D 43 31.61 42.52 19.81
N SER D 44 30.29 42.71 19.72
CA SER D 44 29.61 43.13 18.47
C SER D 44 28.22 43.71 18.72
N GLY D 45 27.55 44.08 17.64
CA GLY D 45 26.17 44.60 17.70
C GLY D 45 25.06 43.65 18.08
N LEU D 46 25.40 42.48 18.65
CA LEU D 46 24.45 41.54 19.23
C LEU D 46 25.00 40.97 20.53
N ALA D 47 24.09 40.76 21.49
CA ALA D 47 24.38 40.06 22.74
C ALA D 47 23.19 39.25 23.21
N VAL D 48 23.46 38.10 23.82
CA VAL D 48 22.44 37.10 24.18
C VAL D 48 22.53 36.78 25.65
N LEU D 49 21.40 36.61 26.30
CA LEU D 49 21.35 36.27 27.72
C LEU D 49 20.39 35.10 27.94
N VAL D 50 20.89 34.02 28.52
CA VAL D 50 20.12 32.77 28.71
C VAL D 50 20.19 32.16 30.08
N GLY D 51 19.04 31.94 30.68
CA GLY D 51 19.00 31.30 31.99
C GLY D 51 17.60 31.02 32.49
N THR D 52 17.51 30.37 33.64
CA THR D 52 16.20 30.02 34.22
C THR D 52 15.43 31.25 34.74
N HIS D 53 14.14 31.07 35.01
CA HIS D 53 13.29 32.17 35.51
C HIS D 53 13.96 32.82 36.74
N LYS D 54 14.34 31.99 37.73
CA LYS D 54 14.98 32.51 38.95
C LYS D 54 16.36 33.14 38.69
N GLN D 55 17.17 32.51 37.85
CA GLN D 55 18.53 33.00 37.53
C GLN D 55 18.57 34.39 36.87
N LEU D 56 17.59 34.67 36.01
CA LEU D 56 17.48 35.97 35.33
C LEU D 56 17.10 37.12 36.29
N ARG D 57 16.47 36.76 37.42
CA ARG D 57 16.10 37.69 38.50
C ARG D 57 17.12 37.76 39.65
N ASP D 58 18.23 37.03 39.53
CA ASP D 58 19.33 37.15 40.47
C ASP D 58 19.97 38.56 40.33
N PRO D 59 20.34 39.17 41.48
CA PRO D 59 20.97 40.50 41.53
C PRO D 59 22.17 40.71 40.62
N ALA D 60 22.97 39.65 40.45
CA ALA D 60 24.19 39.72 39.62
C ALA D 60 23.92 40.10 38.16
N VAL D 61 22.71 39.81 37.69
CA VAL D 61 22.31 40.07 36.31
C VAL D 61 22.32 41.58 36.05
N GLN D 62 21.70 42.35 36.96
CA GLN D 62 21.70 43.85 36.91
C GLN D 62 23.07 44.44 36.65
N ARG D 63 24.08 43.95 37.35
CA ARG D 63 25.46 44.45 37.22
C ARG D 63 26.19 44.04 35.91
N LEU D 64 25.54 43.29 35.02
CA LEU D 64 26.12 42.98 33.71
C LEU D 64 26.18 44.20 32.79
N PRO D 65 27.19 44.26 31.89
CA PRO D 65 27.49 45.49 31.12
C PRO D 65 26.50 45.91 30.02
N PHE D 66 25.57 45.04 29.62
CA PHE D 66 24.54 45.38 28.61
C PHE D 66 23.19 45.73 29.22
N TYR D 67 23.03 45.39 30.51
CA TYR D 67 21.77 45.57 31.23
C TYR D 67 21.33 47.04 31.23
N ASN D 68 20.01 47.23 31.25
CA ASN D 68 19.39 48.56 31.27
C ASN D 68 17.91 48.34 31.60
N PRO D 69 17.09 49.41 31.69
CA PRO D 69 15.69 49.20 32.12
C PRO D 69 14.81 48.44 31.09
N ALA D 70 15.22 48.44 29.82
CA ALA D 70 14.54 47.70 28.73
C ALA D 70 14.73 46.17 28.84
N VAL D 71 15.98 45.77 29.03
CA VAL D 71 16.36 44.36 29.25
C VAL D 71 15.64 43.78 30.47
N ALA D 72 15.49 44.60 31.50
CA ALA D 72 14.73 44.22 32.71
C ALA D 72 13.26 43.94 32.43
N GLU D 73 12.68 44.73 31.53
CA GLU D 73 11.30 44.49 31.06
C GLU D 73 11.29 43.24 30.17
N ALA D 74 12.26 43.13 29.26
CA ALA D 74 12.38 41.93 28.42
C ALA D 74 12.34 40.65 29.26
N ILE D 75 13.01 40.67 30.41
CA ILE D 75 13.00 39.53 31.32
C ILE D 75 11.61 39.28 31.90
N GLU D 76 10.83 40.35 32.13
CA GLU D 76 9.41 40.19 32.52
C GLU D 76 8.59 39.59 31.39
N ARG D 77 8.71 40.17 30.20
CA ARG D 77 7.85 39.82 29.05
C ARG D 77 8.09 38.45 28.41
N VAL D 78 9.32 37.93 28.55
CA VAL D 78 9.74 36.64 27.93
C VAL D 78 8.90 35.43 28.42
N LYS D 79 8.48 34.61 27.44
CA LYS D 79 7.79 33.35 27.72
C LYS D 79 8.82 32.25 27.95
N GLU D 80 8.48 31.31 28.84
CA GLU D 80 9.33 30.12 29.10
C GLU D 80 9.55 29.34 27.80
N GLY D 81 10.80 29.02 27.50
CA GLY D 81 11.17 28.34 26.27
C GLY D 81 11.37 29.24 25.06
N GLY D 82 11.05 30.53 25.19
CA GLY D 82 11.11 31.48 24.05
C GLY D 82 12.12 32.56 24.26
N THR D 83 12.24 33.45 23.27
CA THR D 83 13.14 34.59 23.37
C THR D 83 12.39 35.92 23.28
N TYR D 84 13.02 36.97 23.78
CA TYR D 84 12.54 38.36 23.63
C TYR D 84 13.72 39.29 23.34
N GLY D 85 13.65 39.99 22.21
CA GLY D 85 14.72 40.92 21.79
C GLY D 85 14.37 42.37 22.05
N VAL D 86 15.40 43.21 22.28
CA VAL D 86 15.24 44.67 22.51
C VAL D 86 16.44 45.43 21.95
N LEU D 87 16.20 46.68 21.58
CA LEU D 87 17.28 47.60 21.17
C LEU D 87 17.70 48.53 22.31
N VAL D 88 19.01 48.76 22.39
CA VAL D 88 19.64 49.66 23.36
C VAL D 88 20.50 50.60 22.54
N GLU D 89 20.30 51.90 22.74
CA GLU D 89 21.01 52.92 21.97
C GLU D 89 22.34 53.29 22.63
N GLY D 90 23.36 53.50 21.79
CA GLY D 90 24.68 53.97 22.24
C GLY D 90 25.45 53.19 23.31
N LEU D 91 25.17 51.88 23.44
CA LEU D 91 25.90 51.01 24.35
C LEU D 91 27.26 50.68 23.74
N ALA D 92 28.32 50.86 24.53
CA ALA D 92 29.71 50.71 24.05
C ALA D 92 29.92 49.34 23.44
N ASN D 93 30.51 49.29 22.24
CA ASN D 93 30.72 48.01 21.54
C ASN D 93 31.77 48.05 20.42
N ALA D 94 32.46 46.93 20.24
CA ALA D 94 33.60 46.81 19.31
C ALA D 94 33.32 47.14 17.84
N ALA D 95 32.09 46.89 17.38
CA ALA D 95 31.70 47.18 15.99
C ALA D 95 31.30 48.65 15.76
N GLY D 96 31.07 49.41 16.83
CA GLY D 96 30.69 50.81 16.74
C GLY D 96 29.28 51.05 16.25
N SER D 97 28.37 50.13 16.55
CA SER D 97 26.98 50.23 16.07
C SER D 97 26.18 51.13 17.01
N LYS D 98 25.39 52.05 16.42
CA LYS D 98 24.61 53.02 17.20
C LYS D 98 23.68 52.30 18.18
N PHE D 99 23.14 51.16 17.76
CA PHE D 99 22.34 50.27 18.60
C PHE D 99 23.01 48.91 18.80
N VAL D 100 22.70 48.29 19.92
CA VAL D 100 23.06 46.90 20.19
C VAL D 100 21.79 46.11 20.53
N ARG D 101 21.64 44.94 19.88
CA ARG D 101 20.49 44.08 20.08
C ARG D 101 20.77 43.15 21.26
N VAL D 102 19.91 43.19 22.27
CA VAL D 102 20.01 42.27 23.40
C VAL D 102 18.86 41.29 23.25
N VAL D 103 19.17 40.00 23.30
CA VAL D 103 18.17 38.93 23.24
C VAL D 103 18.20 38.12 24.51
N VAL D 104 17.11 38.18 25.25
CA VAL D 104 16.94 37.32 26.40
C VAL D 104 16.28 36.01 25.97
N GLY D 105 16.62 34.92 26.65
CA GLY D 105 15.97 33.63 26.46
C GLY D 105 15.80 32.92 27.80
N GLU D 106 14.59 32.45 28.09
CA GLU D 106 14.30 31.79 29.36
C GLU D 106 14.34 30.27 29.21
N VAL D 107 15.22 29.65 29.99
CA VAL D 107 15.35 28.19 30.10
C VAL D 107 14.42 27.66 31.21
N PRO D 108 13.72 26.53 30.97
CA PRO D 108 12.87 25.99 32.03
C PRO D 108 13.66 25.28 33.09
N THR D 109 13.07 25.13 34.24
CA THR D 109 13.71 24.39 35.32
C THR D 109 13.12 22.98 35.43
N LYS D 110 11.91 22.77 34.89
CA LYS D 110 11.29 21.43 34.84
C LYS D 110 12.21 20.45 34.13
N ALA D 111 12.52 19.33 34.80
CA ALA D 111 13.39 18.30 34.22
C ALA D 111 13.10 16.96 34.90
N SER D 112 12.65 15.98 34.12
CA SER D 112 12.28 14.69 34.64
C SER D 112 13.51 13.90 34.98
N ARG D 113 13.31 12.87 35.79
CA ARG D 113 14.41 12.01 36.28
C ARG D 113 15.36 11.45 35.21
N ASN D 114 14.88 11.31 33.98
CA ASN D 114 15.66 10.78 32.87
C ASN D 114 16.29 11.85 31.98
N ASN D 115 16.29 13.11 32.41
CA ASN D 115 16.82 14.21 31.61
C ASN D 115 17.93 14.94 32.34
N CYS D 116 18.65 15.79 31.61
CA CYS D 116 19.68 16.68 32.15
C CYS D 116 19.08 17.93 32.82
N PRO D 117 19.22 18.10 34.17
CA PRO D 117 18.57 19.22 34.88
C PRO D 117 18.82 20.62 34.32
N ALA D 118 19.96 20.83 33.66
CA ALA D 118 20.27 22.09 32.98
C ALA D 118 19.38 22.42 31.77
N ARG D 119 18.79 21.40 31.15
CA ARG D 119 17.95 21.52 29.95
C ARG D 119 18.67 22.19 28.78
N PRO D 120 19.85 21.65 28.41
CA PRO D 120 20.61 22.18 27.26
C PRO D 120 19.85 22.12 25.93
N ASP D 121 18.88 21.21 25.82
CA ASP D 121 18.00 21.16 24.63
C ASP D 121 17.35 22.51 24.33
N VAL D 122 16.85 23.17 25.37
CA VAL D 122 16.19 24.45 25.22
C VAL D 122 17.26 25.51 24.97
N VAL D 123 18.37 25.43 25.70
CA VAL D 123 19.48 26.39 25.53
C VAL D 123 19.87 26.48 24.06
N THR D 124 20.07 25.31 23.45
CA THR D 124 20.42 25.23 22.03
C THR D 124 19.40 25.96 21.17
N UNK D 125 18.11 25.75 21.44
CA UNK D 125 17.03 26.38 20.66
C UNK D 125 17.06 27.91 20.81
N LEU D 126 17.24 28.35 22.06
CA LEU D 126 17.22 29.78 22.39
C LEU D 126 18.30 30.55 21.68
N VAL D 127 19.51 30.00 21.72
CA VAL D 127 20.63 30.64 21.06
C VAL D 127 20.46 30.63 19.54
N THR D 128 19.96 29.52 18.99
CA THR D 128 19.65 29.40 17.54
C THR D 128 18.69 30.49 17.10
N ALA D 129 17.64 30.71 17.89
CA ALA D 129 16.64 31.75 17.63
C ALA D 129 17.27 33.14 17.61
N ALA D 130 18.06 33.43 18.65
CA ALA D 130 18.73 34.71 18.83
C ALA D 130 19.69 35.06 17.69
N LEU D 131 20.42 34.04 17.22
CA LEU D 131 21.36 34.20 16.11
C LEU D 131 20.70 34.37 14.74
N ASP D 132 19.41 34.09 14.64
CA ASP D 132 18.63 34.28 13.41
C ASP D 132 18.47 35.76 13.01
N GLU D 133 18.60 36.68 13.98
CA GLU D 133 18.52 38.14 13.75
C GLU D 133 19.95 38.76 13.67
N VAL D 134 20.89 38.10 12.97
CA VAL D 134 22.28 38.57 12.95
C VAL D 134 22.49 39.66 11.90
N LYS D 135 23.05 40.79 12.34
CA LYS D 135 23.22 41.98 11.51
C LYS D 135 24.34 41.85 10.46
N GLU D 136 25.47 41.26 10.84
CA GLU D 136 26.61 41.06 9.93
C GLU D 136 27.31 39.69 10.22
N PRO D 137 27.56 38.86 9.17
CA PRO D 137 28.29 37.60 9.41
C PRO D 137 29.80 37.82 9.58
N ASN D 138 30.50 36.80 10.07
CA ASN D 138 31.91 36.93 10.49
C ASN D 138 32.12 38.03 11.56
N THR D 139 31.27 38.05 12.59
CA THR D 139 31.45 38.90 13.79
C THR D 139 31.61 38.00 14.99
N THR D 140 31.67 38.58 16.18
CA THR D 140 31.73 37.79 17.42
C THR D 140 30.56 38.15 18.36
N VAL D 141 29.75 37.15 18.70
CA VAL D 141 28.52 37.35 19.48
C VAL D 141 28.70 36.86 20.93
N ASP D 142 28.40 37.74 21.89
CA ASP D 142 28.60 37.44 23.29
C ASP D 142 27.40 36.75 23.86
N VAL D 143 27.57 35.48 24.19
CA VAL D 143 26.47 34.69 24.75
C VAL D 143 26.70 34.54 26.24
N PHE D 144 25.98 35.33 27.02
CA PHE D 144 26.04 35.26 28.49
C PHE D 144 25.11 34.20 29.02
N VAL D 145 25.65 33.10 29.52
CA VAL D 145 24.83 32.07 30.13
C VAL D 145 24.89 32.17 31.66
N LEU D 146 23.80 31.80 32.31
CA LEU D 146 23.67 31.88 33.77
C LEU D 146 23.66 30.50 34.42
N SER D 147 23.91 29.45 33.65
CA SER D 147 24.13 28.12 34.22
C SER D 147 25.63 27.93 34.37
N ASN D 148 26.00 27.20 35.42
CA ASN D 148 27.40 26.82 35.66
C ASN D 148 27.71 25.36 35.27
N ALA D 149 26.71 24.65 34.73
CA ALA D 149 26.89 23.30 34.20
C ALA D 149 27.66 23.37 32.86
N VAL D 150 28.98 23.54 32.96
CA VAL D 150 29.79 23.95 31.80
C VAL D 150 29.82 22.98 30.61
N LEU D 151 29.95 21.68 30.87
CA LEU D 151 30.05 20.71 29.77
C LEU D 151 28.79 20.67 28.89
N PRO D 152 27.60 20.40 29.49
CA PRO D 152 26.40 20.35 28.64
C PRO D 152 26.16 21.62 27.83
N ILE D 153 26.38 22.78 28.46
CA ILE D 153 26.20 24.06 27.78
C ILE D 153 27.17 24.19 26.61
N ALA D 154 28.42 23.76 26.82
CA ALA D 154 29.45 23.90 25.78
C ALA D 154 29.05 23.17 24.51
N ALA D 155 28.57 21.93 24.69
CA ALA D 155 28.05 21.13 23.58
C ALA D 155 26.76 21.72 22.98
N ALA D 156 25.87 22.17 23.87
CA ALA D 156 24.58 22.76 23.46
C ALA D 156 24.73 23.99 22.56
N VAL D 157 25.71 24.85 22.86
CA VAL D 157 26.00 26.01 22.03
C VAL D 157 26.75 25.62 20.77
N ALA D 158 27.58 24.60 20.86
CA ALA D 158 28.33 24.11 19.68
C ALA D 158 27.38 23.57 18.61
N ARG D 159 26.35 22.81 19.02
CA ARG D 159 25.37 22.21 18.10
C ARG D 159 24.32 23.20 17.57
N CYS D 160 24.35 24.46 18.05
CA CYS D 160 23.30 25.44 17.79
C CYS D 160 23.61 26.33 16.60
N GLY D 161 22.61 27.09 16.19
CA GLY D 161 22.75 28.04 15.13
C GLY D 161 23.06 27.40 13.81
N LYS D 162 23.57 28.21 12.90
CA LYS D 162 23.87 27.74 11.54
C LYS D 162 25.03 26.76 11.52
N HIS D 163 24.89 25.70 10.73
CA HIS D 163 25.85 24.60 10.68
C HIS D 163 27.05 25.00 9.84
N ASN D 164 28.20 24.41 10.20
CA ASN D 164 29.47 24.71 9.53
C ASN D 164 29.54 24.11 8.13
N PHE D 165 28.86 22.98 7.93
CA PHE D 165 28.67 22.47 6.57
C PHE D 165 27.61 23.29 5.86
N SER D 166 27.92 23.75 4.65
CA SER D 166 26.93 24.41 3.80
C SER D 166 27.35 24.38 2.35
N ALA D 167 26.38 24.27 1.46
CA ALA D 167 26.60 24.30 0.00
C ALA D 167 25.97 25.52 -0.66
N LYS D 168 25.41 26.42 0.16
CA LYS D 168 24.69 27.60 -0.35
C LYS D 168 25.63 28.68 -0.89
N ASP D 169 25.08 29.52 -1.76
CA ASP D 169 25.76 30.74 -2.29
C ASP D 169 27.21 30.52 -2.64
N GLY D 170 27.48 29.48 -3.41
CA GLY D 170 28.83 29.18 -3.89
C GLY D 170 29.84 28.66 -2.87
N ALA D 171 29.40 28.26 -1.68
CA ALA D 171 30.30 27.66 -0.67
C ALA D 171 30.81 26.26 -1.09
N ALA D 172 30.18 25.67 -2.11
CA ALA D 172 30.71 24.49 -2.79
C ALA D 172 32.08 24.73 -3.41
N ALA D 173 32.35 25.96 -3.83
CA ALA D 173 33.67 26.40 -4.31
C ALA D 173 34.73 26.57 -3.20
N ALA D 174 34.31 26.68 -1.94
CA ALA D 174 35.20 26.83 -0.77
C ALA D 174 35.11 25.60 0.15
N ALA D 175 35.18 24.42 -0.46
CA ALA D 175 35.17 23.14 0.26
C ALA D 175 34.03 23.00 1.28
N TYR D 176 32.86 23.54 0.91
CA TYR D 176 31.63 23.38 1.69
C TYR D 176 31.75 23.90 3.15
N ASN D 177 32.48 25.01 3.31
CA ASN D 177 32.59 25.70 4.59
C ASN D 177 31.67 26.91 4.59
N SER D 178 30.75 26.95 5.55
CA SER D 178 29.74 28.01 5.62
C SER D 178 30.39 29.36 5.89
N GLY D 179 30.14 30.32 5.00
CA GLY D 179 30.52 31.72 5.25
C GLY D 179 29.57 32.48 6.18
N LYS D 180 28.51 31.81 6.66
CA LYS D 180 27.44 32.46 7.42
C LYS D 180 27.55 32.21 8.95
N VAL D 181 28.68 31.64 9.43
CA VAL D 181 28.82 31.31 10.86
C VAL D 181 29.41 32.45 11.69
N SER D 182 28.87 32.64 12.90
CA SER D 182 29.32 33.68 13.84
C SER D 182 30.26 33.09 14.89
N ARG D 183 31.38 33.77 15.15
CA ARG D 183 32.20 33.43 16.32
C ARG D 183 31.31 33.63 17.57
N LEU D 184 31.26 32.63 18.44
CA LEU D 184 30.42 32.69 19.65
C LEU D 184 31.30 32.65 20.90
N GLN D 185 31.24 33.69 21.74
CA GLN D 185 32.02 33.74 22.99
C GLN D 185 31.10 33.51 24.19
N VAL D 186 31.07 32.28 24.69
CA VAL D 186 30.23 31.93 25.83
C VAL D 186 30.84 32.50 27.11
N VAL D 187 29.99 33.10 27.96
CA VAL D 187 30.45 33.76 29.20
C VAL D 187 29.72 33.20 30.42
N PHE D 188 30.38 32.29 31.13
CA PHE D 188 29.80 31.68 32.33
C PHE D 188 29.87 32.68 33.49
N PRO D 189 29.04 32.48 34.55
CA PRO D 189 29.17 33.34 35.74
C PRO D 189 30.53 33.16 36.40
N GLU D 190 30.87 31.92 36.79
CA GLU D 190 32.18 31.64 37.44
C GLU D 190 33.27 31.32 36.37
N PRO D 191 34.56 31.46 36.73
CA PRO D 191 35.57 30.82 35.89
C PRO D 191 35.28 29.32 35.86
N PRO D 192 35.32 28.72 34.68
CA PRO D 192 34.59 27.43 34.43
C PRO D 192 34.51 26.29 35.48
N ALA D 193 35.47 25.41 35.52
CA ALA D 193 35.36 24.11 36.33
C ALA D 193 36.16 23.16 35.50
N ILE D 194 35.91 23.22 34.18
CA ILE D 194 36.76 22.62 33.18
C ILE D 194 37.48 23.77 32.48
N PRO D 195 38.74 23.57 32.08
CA PRO D 195 39.45 24.59 31.29
C PRO D 195 38.77 25.02 29.98
N PRO D 196 38.91 26.31 29.59
CA PRO D 196 38.46 26.79 28.25
C PRO D 196 39.05 26.05 27.05
N LYS D 197 40.36 25.78 27.09
CA LYS D 197 41.02 24.98 26.03
C LYS D 197 40.44 23.55 25.89
N ASP D 198 39.94 22.98 27.01
CA ASP D 198 39.26 21.66 27.01
C ASP D 198 37.83 21.73 26.43
N LEU D 199 37.04 22.69 26.92
CA LEU D 199 35.70 22.92 26.40
C LEU D 199 35.71 23.17 24.88
N GLU D 200 36.69 23.91 24.38
CA GLU D 200 36.89 24.11 22.92
C GLU D 200 37.10 22.85 22.12
N ALA D 201 37.81 21.90 22.69
CA ALA D 201 37.96 20.58 22.09
C ALA D 201 36.62 19.83 21.98
N VAL D 202 35.88 19.77 23.08
CA VAL D 202 34.55 19.12 23.13
C VAL D 202 33.62 19.70 22.08
N ALA D 203 33.65 21.02 21.99
CA ALA D 203 32.88 21.76 21.01
C ALA D 203 33.33 21.48 19.58
N THR D 204 34.64 21.41 19.35
CA THR D 204 35.17 21.04 18.04
C THR D 204 34.73 19.64 17.63
N SER D 205 34.72 18.72 18.59
CA SER D 205 34.33 17.33 18.32
C SER D 205 32.86 17.23 17.99
N THR D 206 32.04 18.01 18.69
CA THR D 206 30.61 18.04 18.43
C THR D 206 30.32 18.56 17.03
N GLN D 207 31.00 19.62 16.65
CA GLN D 207 30.77 20.22 15.33
C GLN D 207 31.41 19.47 14.18
N LEU D 208 32.47 18.70 14.46
CA LEU D 208 33.05 17.84 13.44
C LEU D 208 32.11 16.67 13.17
N CYS D 209 31.64 16.04 14.24
CA CYS D 209 30.63 14.98 14.14
C CYS D 209 29.43 15.48 13.34
N GLN D 210 28.97 16.68 13.69
CA GLN D 210 27.90 17.37 12.96
C GLN D 210 28.20 17.52 11.47
N ARG D 211 29.38 18.02 11.16
CA ARG D 211 29.79 18.21 9.77
C ARG D 211 29.81 16.92 8.93
N LEU D 212 30.36 15.85 9.49
CA LEU D 212 30.44 14.56 8.81
C LEU D 212 29.05 14.04 8.50
N VAL D 213 28.20 14.04 9.52
CA VAL D 213 26.83 13.53 9.41
C VAL D 213 26.03 14.31 8.35
N ASP D 214 25.98 15.62 8.52
CA ASP D 214 25.36 16.54 7.53
C ASP D 214 25.76 16.29 6.08
N ALA D 215 27.03 16.08 5.86
CA ALA D 215 27.55 16.06 4.51
C ALA D 215 26.85 14.97 3.69
N PRO D 216 26.64 15.25 2.40
CA PRO D 216 26.01 14.30 1.52
C PRO D 216 26.93 13.13 1.17
N PRO D 217 26.36 11.99 0.77
CA PRO D 217 27.20 10.81 0.49
C PRO D 217 28.09 10.92 -0.75
N ASN D 218 27.81 11.88 -1.63
CA ASN D 218 28.71 12.14 -2.75
C ASN D 218 30.00 12.86 -2.33
N LEU D 219 30.01 13.48 -1.15
CA LEU D 219 31.24 14.05 -0.56
C LEU D 219 31.85 13.10 0.46
N LEU D 220 31.06 12.67 1.44
CA LEU D 220 31.52 11.72 2.45
C LEU D 220 31.23 10.29 2.02
N THR D 221 32.21 9.69 1.33
CA THR D 221 32.16 8.29 0.90
C THR D 221 32.90 7.44 1.93
N THR D 222 32.94 6.13 1.72
CA THR D 222 33.76 5.24 2.58
C THR D 222 35.23 5.64 2.48
N ALA D 223 35.63 6.05 1.27
CA ALA D 223 37.01 6.41 1.00
C ALA D 223 37.43 7.72 1.68
N THR D 224 36.67 8.80 1.47
CA THR D 224 37.02 10.09 2.05
C THR D 224 36.96 10.08 3.58
N PHE D 225 36.05 9.29 4.17
CA PHE D 225 35.95 9.15 5.63
C PHE D 225 37.25 8.50 6.15
N THR D 226 37.71 7.46 5.46
CA THR D 226 38.98 6.81 5.79
C THR D 226 40.16 7.76 5.70
N GLU D 227 40.24 8.54 4.61
CA GLU D 227 41.28 9.57 4.44
C GLU D 227 41.27 10.65 5.53
N ILE D 228 40.08 11.00 6.00
CA ILE D 228 39.95 11.92 7.12
C ILE D 228 40.54 11.33 8.41
N ALA D 229 40.19 10.09 8.73
CA ALA D 229 40.77 9.38 9.88
C ALA D 229 42.30 9.32 9.77
N GLN D 230 42.79 9.02 8.57
CA GLN D 230 44.23 9.01 8.29
C GLN D 230 44.86 10.38 8.50
N GLY D 231 44.22 11.41 7.96
CA GLY D 231 44.68 12.79 8.15
C GLY D 231 44.89 13.15 9.62
N TYR D 232 43.91 12.81 10.45
CA TYR D 232 43.98 13.02 11.91
C TYR D 232 45.02 12.14 12.59
N ALA D 233 45.19 10.91 12.11
CA ALA D 233 46.23 10.01 12.61
C ALA D 233 47.64 10.61 12.44
N LYS D 234 47.90 11.13 11.24
CA LYS D 234 49.17 11.83 10.94
C LYS D 234 49.33 13.08 11.80
N ALA D 235 48.25 13.83 12.00
CA ALA D 235 48.29 15.07 12.76
C ALA D 235 48.54 14.87 14.26
N LEU D 236 47.77 14.00 14.90
CA LEU D 236 47.83 13.82 16.35
C LEU D 236 48.69 12.64 16.81
N GLY D 237 49.25 11.87 15.87
CA GLY D 237 50.17 10.80 16.21
C GLY D 237 49.49 9.65 16.94
N PHE D 238 48.65 8.93 16.21
CA PHE D 238 48.11 7.65 16.68
C PHE D 238 48.09 6.66 15.53
N ASP D 239 47.95 5.39 15.87
CA ASP D 239 48.01 4.30 14.87
C ASP D 239 46.66 4.11 14.18
N VAL D 240 46.73 3.85 12.87
CA VAL D 240 45.56 3.65 12.01
C VAL D 240 45.77 2.37 11.21
N ASP D 241 44.77 1.49 11.25
CA ASP D 241 44.79 0.19 10.53
C ASP D 241 43.56 0.13 9.58
N VAL D 242 43.79 -0.17 8.31
CA VAL D 242 42.72 -0.18 7.30
C VAL D 242 42.73 -1.49 6.52
N ILE D 243 41.61 -2.20 6.56
CA ILE D 243 41.41 -3.41 5.76
C ILE D 243 40.41 -3.03 4.67
N CYS D 244 40.86 -2.90 3.43
CA CYS D 244 40.02 -2.37 2.34
C CYS D 244 39.54 -3.44 1.34
N GLY D 245 38.32 -3.25 0.85
CA GLY D 245 37.73 -4.05 -0.24
C GLY D 245 37.85 -5.56 -0.12
N ASP D 246 38.44 -6.18 -1.13
CA ASP D 246 38.51 -7.65 -1.22
C ASP D 246 39.33 -8.30 -0.09
N ASP D 247 40.31 -7.57 0.48
CA ASP D 247 41.03 -8.05 1.67
C ASP D 247 40.09 -8.52 2.76
N LEU D 248 38.94 -7.86 2.88
CA LEU D 248 37.95 -8.26 3.88
C LEU D 248 37.47 -9.68 3.64
N CYS D 249 37.22 -10.03 2.38
CA CYS D 249 36.79 -11.41 2.03
C CYS D 249 37.91 -12.43 2.28
N GLU D 250 39.11 -12.10 1.80
CA GLU D 250 40.31 -12.94 1.99
C GLU D 250 40.57 -13.23 3.48
N ARG D 251 40.33 -12.23 4.34
CA ARG D 251 40.66 -12.34 5.76
C ARG D 251 39.49 -12.69 6.68
N GLY D 252 38.40 -13.24 6.12
CA GLY D 252 37.29 -13.79 6.90
C GLY D 252 36.16 -12.85 7.32
N TYR D 253 36.28 -11.57 6.97
CA TYR D 253 35.27 -10.54 7.33
C TYR D 253 34.07 -10.55 6.37
N GLY D 254 33.31 -11.64 6.39
CA GLY D 254 32.20 -11.82 5.44
C GLY D 254 31.07 -10.81 5.56
N GLY D 255 30.82 -10.37 6.78
CA GLY D 255 29.73 -9.44 7.08
C GLY D 255 29.92 -8.09 6.41
N ILE D 256 30.93 -7.34 6.85
CA ILE D 256 31.19 -6.03 6.27
C ILE D 256 31.49 -6.10 4.79
N TYR D 257 32.16 -7.16 4.36
CA TYR D 257 32.40 -7.36 2.90
C TYR D 257 31.08 -7.48 2.10
N SER D 258 30.24 -8.45 2.49
CA SER D 258 28.97 -8.72 1.78
C SER D 258 28.06 -7.50 1.65
N VAL D 259 27.92 -6.77 2.75
CA VAL D 259 27.12 -5.54 2.76
C VAL D 259 27.63 -4.54 1.72
N GLY D 260 28.90 -4.20 1.87
CA GLY D 260 29.50 -3.09 1.13
C GLY D 260 30.03 -3.37 -0.26
N LYS D 261 30.08 -4.64 -0.67
CA LYS D 261 30.74 -5.02 -1.95
C LYS D 261 30.04 -4.56 -3.24
N ALA D 262 28.73 -4.31 -3.13
CA ALA D 262 27.93 -3.82 -4.25
C ALA D 262 28.35 -2.42 -4.68
N ALA D 263 28.78 -1.61 -3.72
CA ALA D 263 28.98 -0.18 -3.90
C ALA D 263 30.12 0.14 -4.82
N PHE D 264 30.10 1.36 -5.33
CA PHE D 264 31.19 1.91 -6.16
C PHE D 264 32.51 2.05 -5.37
N GLU D 265 32.44 2.55 -4.13
CA GLU D 265 33.61 2.71 -3.26
C GLU D 265 33.63 1.58 -2.25
N ALA D 266 34.74 0.86 -2.20
CA ALA D 266 34.81 -0.39 -1.42
C ALA D 266 34.65 -0.18 0.08
N PRO D 267 34.14 -1.19 0.79
CA PRO D 267 34.05 -1.09 2.24
C PRO D 267 35.42 -1.20 2.92
N ARG D 268 35.52 -0.63 4.11
CA ARG D 268 36.76 -0.56 4.89
C ARG D 268 36.50 -0.73 6.38
N LEU D 269 37.30 -1.57 7.02
CA LEU D 269 37.34 -1.68 8.47
C LEU D 269 38.54 -0.90 8.99
N VAL D 270 38.28 0.32 9.45
CA VAL D 270 39.33 1.25 9.92
C VAL D 270 39.42 1.22 11.44
N THR D 271 40.54 0.73 11.97
CA THR D 271 40.73 0.67 13.42
C THR D 271 41.77 1.71 13.83
N LEU D 272 41.45 2.50 14.86
CA LEU D 272 42.36 3.51 15.42
C LEU D 272 42.78 3.08 16.81
N LEU D 273 43.95 3.55 17.25
CA LEU D 273 44.52 3.14 18.55
C LEU D 273 45.17 4.29 19.28
N TYR D 274 44.85 4.42 20.56
CA TYR D 274 45.47 5.41 21.44
C TYR D 274 45.78 4.77 22.78
N THR D 275 46.99 5.02 23.26
CA THR D 275 47.42 4.57 24.58
C THR D 275 47.99 5.79 25.32
N PRO D 276 47.43 6.11 26.50
CA PRO D 276 47.88 7.27 27.26
C PRO D 276 49.24 7.04 27.93
N LYS D 277 49.94 8.15 28.23
CA LYS D 277 51.11 8.17 29.07
C LYS D 277 50.56 7.79 30.45
N GLY D 278 51.16 6.78 31.06
CA GLY D 278 50.80 6.35 32.43
C GLY D 278 49.75 5.30 32.40
N THR D 279 49.27 4.94 33.59
CA THR D 279 48.45 3.73 33.74
C THR D 279 47.00 4.02 33.37
N PRO D 280 46.45 3.34 32.33
CA PRO D 280 45.05 3.59 32.01
C PRO D 280 44.07 3.11 33.08
N VAL D 281 43.03 3.92 33.31
CA VAL D 281 41.95 3.58 34.26
C VAL D 281 41.09 2.42 33.77
N LYS D 282 40.97 2.30 32.46
CA LYS D 282 40.17 1.23 31.83
C LYS D 282 40.59 1.09 30.36
N LYS D 283 40.44 -0.12 29.86
CA LYS D 283 40.72 -0.41 28.47
C LYS D 283 39.39 -0.54 27.76
N VAL D 284 39.08 0.44 26.89
CA VAL D 284 37.79 0.53 26.19
C VAL D 284 37.95 0.39 24.68
N SER D 285 37.09 -0.45 24.08
CA SER D 285 37.00 -0.57 22.61
C SER D 285 35.69 0.02 22.06
N LEU D 286 35.84 1.01 21.16
CA LEU D 286 34.71 1.64 20.46
C LEU D 286 34.52 1.04 19.07
N VAL D 287 33.25 0.88 18.69
CA VAL D 287 32.88 0.38 17.37
C VAL D 287 31.69 1.23 16.86
N GLY D 288 31.83 1.78 15.66
CA GLY D 288 30.77 2.59 15.04
C GLY D 288 30.19 2.03 13.74
N LYS D 289 28.86 2.02 13.60
CA LYS D 289 28.19 1.73 12.31
C LYS D 289 28.42 2.91 11.39
N GLY D 290 29.14 2.67 10.29
CA GLY D 290 29.54 3.74 9.39
C GLY D 290 28.97 3.56 8.01
N ILE D 291 27.66 3.31 7.94
CA ILE D 291 27.00 3.16 6.63
C ILE D 291 26.82 4.55 6.03
N VAL D 292 27.72 4.89 5.09
CA VAL D 292 27.77 6.24 4.50
C VAL D 292 26.48 6.64 3.74
N TYR D 293 25.77 5.63 3.24
CA TYR D 293 24.41 5.75 2.69
C TYR D 293 23.70 4.39 2.69
N ASP D 294 22.52 4.33 3.33
CA ASP D 294 21.73 3.10 3.45
C ASP D 294 20.61 3.21 2.45
N CYS D 295 20.85 2.72 1.24
CA CYS D 295 19.78 2.62 0.22
C CYS D 295 18.84 1.41 0.44
N GLY D 296 19.27 0.47 1.28
CA GLY D 296 18.49 -0.73 1.63
C GLY D 296 19.01 -2.00 0.98
N GLY D 297 19.87 -1.85 -0.03
CA GLY D 297 20.33 -2.98 -0.82
C GLY D 297 19.21 -3.45 -1.74
N LEU D 298 19.20 -4.75 -2.05
CA LEU D 298 18.09 -5.35 -2.83
C LEU D 298 16.73 -5.22 -2.15
N ALA D 299 16.73 -5.17 -0.83
CA ALA D 299 15.55 -4.75 -0.06
C ALA D 299 15.49 -3.22 -0.09
N LEU D 300 15.24 -2.72 -1.29
CA LEU D 300 15.34 -1.30 -1.60
C LEU D 300 14.30 -0.53 -0.81
N LYS D 301 14.75 0.52 -0.14
CA LYS D 301 13.86 1.37 0.65
C LYS D 301 12.99 2.17 -0.29
N PRO D 302 11.75 2.48 0.14
CA PRO D 302 10.97 3.46 -0.59
C PRO D 302 11.56 4.84 -0.40
N ALA D 303 11.45 5.69 -1.43
CA ALA D 303 12.05 7.03 -1.46
C ALA D 303 11.92 7.88 -0.18
N ASP D 304 10.78 7.79 0.52
CA ASP D 304 10.52 8.58 1.75
C ASP D 304 11.41 8.17 2.92
N TYR D 305 11.55 6.86 3.11
CA TYR D 305 12.44 6.30 4.13
C TYR D 305 13.93 6.35 3.74
N MET D 306 14.23 6.50 2.44
CA MET D 306 15.61 6.66 1.96
C MET D 306 16.11 8.10 2.03
N LYS D 307 15.18 9.07 2.10
CA LYS D 307 15.50 10.48 2.42
C LYS D 307 16.16 10.52 3.81
N LEU D 308 17.25 11.29 3.90
CA LEU D 308 18.10 11.46 5.12
C LEU D 308 18.92 10.20 5.58
N MET D 309 19.17 9.26 4.68
CA MET D 309 19.94 8.06 5.02
C MET D 309 21.47 8.31 4.89
N LYS D 310 21.87 9.53 4.50
CA LYS D 310 23.27 9.98 4.73
C LYS D 310 23.61 9.97 6.23
N HIS D 311 22.60 10.13 7.10
CA HIS D 311 22.77 10.03 8.55
C HIS D 311 23.15 8.62 9.07
N ASP D 312 23.08 7.57 8.24
CA ASP D 312 23.34 6.18 8.75
C ASP D 312 24.81 5.91 9.21
N MET D 313 25.72 6.80 8.81
CA MET D 313 27.09 6.91 9.33
C MET D 313 27.25 7.49 10.75
N GLY D 314 26.15 7.89 11.39
CA GLY D 314 26.21 8.73 12.59
C GLY D 314 26.85 8.13 13.81
N GLY D 315 26.76 6.81 13.94
CA GLY D 315 27.44 6.04 14.98
C GLY D 315 28.95 6.12 14.84
N ALA D 316 29.45 5.91 13.62
CA ALA D 316 30.88 6.02 13.34
C ALA D 316 31.43 7.40 13.63
N ALA D 317 30.74 8.43 13.14
CA ALA D 317 31.13 9.82 13.39
C ALA D 317 31.18 10.15 14.89
N ALA D 318 30.31 9.50 15.66
CA ALA D 318 30.27 9.69 17.11
C ALA D 318 31.52 9.11 17.80
N VAL D 319 31.77 7.81 17.57
CA VAL D 319 32.94 7.13 18.15
C VAL D 319 34.26 7.71 17.65
N PHE D 320 34.30 8.17 16.39
CA PHE D 320 35.48 8.83 15.83
C PHE D 320 35.81 10.14 16.53
N CYS D 321 34.83 11.04 16.57
CA CYS D 321 35.02 12.34 17.23
C CYS D 321 35.15 12.24 18.75
N GLY D 322 34.54 11.21 19.34
CA GLY D 322 34.73 10.89 20.76
C GLY D 322 36.16 10.46 21.08
N PHE D 323 36.73 9.68 20.17
CA PHE D 323 38.13 9.28 20.19
C PHE D 323 39.07 10.47 19.98
N LEU D 324 38.76 11.34 19.02
CA LEU D 324 39.58 12.54 18.80
C LEU D 324 39.68 13.43 20.03
N THR D 325 38.58 13.62 20.76
CA THR D 325 38.57 14.36 22.03
C THR D 325 39.46 13.71 23.10
N ALA D 326 39.33 12.39 23.26
CA ALA D 326 40.16 11.66 24.20
C ALA D 326 41.66 11.88 23.97
N VAL D 327 42.10 11.81 22.71
CA VAL D 327 43.53 12.03 22.34
C VAL D 327 43.97 13.45 22.63
N ARG D 328 43.22 14.41 22.10
CA ARG D 328 43.49 15.85 22.29
C ARG D 328 43.55 16.31 23.74
N LEU D 329 42.67 15.79 24.59
CA LEU D 329 42.70 16.08 26.04
C LEU D 329 43.56 15.14 26.85
N GLN D 330 44.01 14.05 26.22
CA GLN D 330 44.87 13.07 26.87
C GLN D 330 44.14 12.45 28.05
N GLN D 331 42.91 12.02 27.80
CA GLN D 331 42.13 11.34 28.79
C GLN D 331 42.89 10.05 29.06
N PRO D 332 43.00 9.64 30.33
CA PRO D 332 43.77 8.45 30.66
C PRO D 332 43.00 7.15 30.43
N VAL D 333 42.51 6.96 29.21
CA VAL D 333 41.81 5.73 28.82
C VAL D 333 42.55 5.15 27.63
N GLN D 334 42.76 3.83 27.66
CA GLN D 334 43.33 3.12 26.53
C GLN D 334 42.17 2.80 25.59
N LEU D 335 42.21 3.37 24.37
CA LEU D 335 41.13 3.25 23.39
C LEU D 335 41.47 2.54 22.10
N SER D 336 40.56 1.67 21.66
CA SER D 336 40.46 1.24 20.26
C SER D 336 39.19 1.89 19.70
N CYS D 337 39.26 2.35 18.46
CA CYS D 337 38.07 2.89 17.75
C CYS D 337 37.97 2.29 16.34
N THR D 338 37.02 1.37 16.17
CA THR D 338 36.86 0.64 14.93
C THR D 338 35.65 1.15 14.12
N LEU D 339 35.93 1.77 12.98
CA LEU D 339 34.89 2.31 12.08
C LEU D 339 34.50 1.29 11.02
N CYS D 340 33.23 0.87 11.03
CA CYS D 340 32.72 -0.09 10.05
C CYS D 340 32.11 0.62 8.86
N LEU D 341 32.93 0.90 7.86
CA LEU D 341 32.55 1.75 6.75
C LEU D 341 32.10 0.94 5.54
N ALA D 342 30.90 1.23 5.05
CA ALA D 342 30.37 0.62 3.83
C ALA D 342 29.21 1.43 3.27
N GLU D 343 28.93 1.28 1.97
CA GLU D 343 27.66 1.73 1.39
C GLU D 343 26.81 0.51 1.08
N ASN D 344 25.59 0.51 1.64
CA ASN D 344 24.63 -0.52 1.33
C ASN D 344 24.01 -0.11 0.02
N ALA D 345 24.53 -0.67 -1.05
CA ALA D 345 24.21 -0.23 -2.39
C ALA D 345 23.47 -1.33 -3.12
N ILE D 346 22.86 -0.94 -4.23
CA ILE D 346 22.06 -1.85 -5.06
C ILE D 346 22.69 -1.96 -6.45
N GLY D 347 22.92 -3.21 -6.87
CA GLY D 347 23.55 -3.48 -8.15
C GLY D 347 23.70 -4.97 -8.48
N PRO D 348 24.41 -5.28 -9.58
CA PRO D 348 24.74 -6.65 -9.94
C PRO D 348 25.37 -7.49 -8.84
N LYS D 349 26.18 -6.87 -8.00
CA LYS D 349 26.94 -7.56 -6.92
C LYS D 349 26.35 -7.39 -5.52
N SER D 350 25.09 -7.00 -5.41
CA SER D 350 24.44 -6.86 -4.12
C SER D 350 24.37 -8.19 -3.44
N TYR D 351 24.66 -8.19 -2.14
CA TYR D 351 24.31 -9.35 -1.33
C TYR D 351 22.80 -9.44 -1.31
N ARG D 352 22.30 -10.65 -1.13
CA ARG D 352 20.93 -10.99 -1.50
C ARG D 352 20.09 -11.43 -0.33
N ASN D 353 18.78 -11.31 -0.51
CA ASN D 353 17.82 -11.83 0.46
C ASN D 353 17.70 -13.34 0.25
N ASP D 354 18.58 -14.07 0.94
CA ASP D 354 18.75 -15.55 0.92
C ASP D 354 20.23 -15.97 0.99
N ASP D 355 21.15 -15.08 0.61
CA ASP D 355 22.58 -15.29 0.80
C ASP D 355 22.89 -15.74 2.20
N ILE D 356 23.96 -16.51 2.35
CA ILE D 356 24.50 -16.89 3.65
C ILE D 356 25.90 -16.32 3.77
N ILE D 357 26.14 -15.59 4.86
CA ILE D 357 27.41 -14.96 5.10
C ILE D 357 28.17 -15.81 6.12
N VAL D 358 29.49 -15.94 5.91
CA VAL D 358 30.39 -16.48 6.93
C VAL D 358 31.06 -15.30 7.63
N MET D 359 30.62 -15.05 8.86
CA MET D 359 31.07 -13.89 9.63
C MET D 359 32.49 -14.13 10.13
N LYS D 360 33.18 -13.05 10.49
CA LYS D 360 34.53 -13.16 11.07
C LYS D 360 34.51 -13.94 12.40
N SER D 361 33.40 -13.87 13.12
CA SER D 361 33.19 -14.75 14.26
C SER D 361 33.21 -16.25 13.91
N GLY D 362 32.92 -16.61 12.65
CA GLY D 362 32.84 -18.02 12.23
C GLY D 362 31.42 -18.54 12.15
N LYS D 363 30.49 -17.84 12.78
CA LYS D 363 29.09 -18.18 12.72
C LYS D 363 28.47 -17.71 11.39
N THR D 364 27.50 -18.49 10.89
CA THR D 364 26.87 -18.22 9.61
C THR D 364 25.57 -17.47 9.80
N VAL D 365 25.36 -16.50 8.90
CA VAL D 365 24.17 -15.62 8.93
C VAL D 365 23.36 -15.74 7.61
N GLU D 366 22.14 -16.27 7.73
CA GLU D 366 21.14 -16.25 6.64
C GLU D 366 20.56 -14.84 6.56
N VAL D 367 20.78 -14.16 5.44
CA VAL D 367 20.24 -12.81 5.22
C VAL D 367 18.74 -12.92 4.82
N ILE D 368 17.84 -12.51 5.70
CA ILE D 368 16.41 -12.43 5.39
C ILE D 368 16.09 -11.12 4.65
N ASN D 369 16.74 -10.03 5.08
CA ASN D 369 16.49 -8.70 4.56
C ASN D 369 17.80 -7.89 4.51
N THR D 370 18.20 -7.51 3.31
CA THR D 370 19.44 -6.74 3.14
C THR D 370 19.47 -5.38 3.81
N ASP D 371 18.31 -4.82 4.17
CA ASP D 371 18.27 -3.49 4.77
C ASP D 371 18.60 -3.49 6.27
N ALA D 372 18.55 -4.67 6.90
CA ALA D 372 19.13 -4.92 8.23
C ALA D 372 20.63 -5.16 8.12
N GLU D 373 21.32 -4.16 7.55
CA GLU D 373 22.74 -4.22 7.18
C GLU D 373 23.60 -3.83 8.37
N GLY D 374 23.04 -3.03 9.27
CA GLY D 374 23.81 -2.42 10.32
C GLY D 374 24.36 -3.42 11.30
N ARG D 375 23.52 -4.34 11.75
CA ARG D 375 23.96 -5.36 12.70
C ARG D 375 25.03 -6.32 12.16
N ILE D 376 24.96 -6.61 10.87
CA ILE D 376 25.94 -7.50 10.20
C ILE D 376 27.31 -6.83 10.21
N VAL D 377 27.37 -5.58 9.74
CA VAL D 377 28.61 -4.75 9.66
C VAL D 377 29.19 -4.60 11.08
N LEU D 378 28.33 -4.47 12.10
CA LEU D 378 28.79 -4.32 13.51
C LEU D 378 29.29 -5.61 14.15
N GLY D 379 28.65 -6.73 13.80
CA GLY D 379 29.06 -8.04 14.28
C GLY D 379 30.48 -8.42 13.92
N ASP D 380 30.95 -7.93 12.78
CA ASP D 380 32.35 -8.04 12.39
C ASP D 380 33.20 -7.02 13.13
N GLY D 381 32.69 -5.80 13.27
CA GLY D 381 33.36 -4.79 14.05
C GLY D 381 33.65 -5.17 15.49
N VAL D 382 32.68 -5.78 16.18
CA VAL D 382 32.87 -6.14 17.59
C VAL D 382 33.73 -7.38 17.77
N PHE D 383 33.68 -8.28 16.80
CA PHE D 383 34.60 -9.42 16.80
C PHE D 383 36.02 -8.95 16.60
N HIS D 384 36.23 -8.02 15.66
CA HIS D 384 37.56 -7.44 15.46
C HIS D 384 38.13 -6.85 16.74
N ALA D 385 37.31 -6.09 17.48
CA ALA D 385 37.77 -5.43 18.70
C ALA D 385 38.02 -6.41 19.86
N THR D 386 37.11 -7.36 20.07
CA THR D 386 37.26 -8.32 21.18
C THR D 386 38.28 -9.46 20.96
N ASN D 387 38.85 -9.57 19.75
CA ASN D 387 39.61 -10.75 19.34
C ASN D 387 40.86 -10.55 18.50
N GLU D 388 40.95 -9.50 17.70
CA GLU D 388 42.08 -9.31 16.78
C GLU D 388 43.04 -8.19 17.20
N LEU D 389 42.77 -7.53 18.33
CA LEU D 389 43.57 -6.38 18.76
C LEU D 389 44.72 -6.78 19.70
N SER D 390 45.63 -5.83 19.93
CA SER D 390 46.78 -6.04 20.81
C SER D 390 46.42 -6.14 22.29
N PHE D 391 45.16 -5.89 22.65
CA PHE D 391 44.69 -6.03 24.03
C PHE D 391 43.25 -6.48 24.06
N THR D 392 42.81 -6.96 25.21
CA THR D 392 41.40 -7.33 25.42
C THR D 392 40.75 -6.20 26.21
N PRO D 393 39.70 -5.56 25.67
CA PRO D 393 39.06 -4.48 26.39
C PRO D 393 38.24 -4.92 27.61
N ASP D 394 38.19 -4.04 28.61
CA ASP D 394 37.30 -4.19 29.76
C ASP D 394 35.84 -3.88 29.37
N VAL D 395 35.66 -2.89 28.49
CA VAL D 395 34.34 -2.45 28.01
C VAL D 395 34.29 -2.29 26.49
N VAL D 396 33.24 -2.82 25.87
CA VAL D 396 32.92 -2.59 24.45
C VAL D 396 31.70 -1.69 24.31
N ILE D 397 31.90 -0.56 23.63
CA ILE D 397 30.82 0.38 23.33
C ILE D 397 30.63 0.42 21.82
N ASP D 398 29.47 -0.03 21.35
CA ASP D 398 29.13 0.10 19.92
C ASP D 398 27.99 1.10 19.74
N MET D 399 28.18 2.02 18.80
CA MET D 399 27.22 3.10 18.54
C MET D 399 26.77 3.06 17.09
N ALA D 400 25.45 3.16 16.87
CA ALA D 400 24.88 3.00 15.54
C ALA D 400 23.52 3.67 15.38
N THR D 401 23.22 4.05 14.15
CA THR D 401 21.91 4.57 13.79
C THR D 401 21.14 3.38 13.29
N LEU D 402 20.82 2.48 14.21
CA LEU D 402 20.53 1.09 13.84
C LEU D 402 19.10 0.77 13.43
N THR D 403 18.13 1.18 14.24
CA THR D 403 16.74 0.76 14.02
C THR D 403 15.77 1.93 14.12
N GLY D 404 14.72 1.88 13.31
CA GLY D 404 13.56 2.75 13.47
C GLY D 404 12.80 2.49 14.76
N ALA D 405 12.77 1.22 15.21
CA ALA D 405 12.21 0.84 16.50
C ALA D 405 12.70 1.72 17.67
N GLN D 406 13.96 2.15 17.60
CA GLN D 406 14.55 3.06 18.61
C GLN D 406 13.66 4.26 18.88
N GLY D 407 13.31 4.97 17.81
CA GLY D 407 12.44 6.14 17.89
C GLY D 407 11.07 5.87 18.51
N ILE D 408 10.52 4.70 18.22
CA ILE D 408 9.25 4.32 18.81
C ILE D 408 9.38 4.06 20.32
N ALA D 409 10.54 3.58 20.78
CA ALA D 409 10.71 3.13 22.17
C ALA D 409 11.26 4.20 23.12
N THR D 410 12.29 4.92 22.67
CA THR D 410 12.97 5.94 23.49
C THR D 410 12.93 7.37 22.93
N GLY D 411 12.65 7.51 21.64
CA GLY D 411 12.38 8.82 21.07
C GLY D 411 13.58 9.58 20.55
N ARG D 412 13.35 10.86 20.27
CA ARG D 412 14.25 11.64 19.44
C ARG D 412 15.41 12.21 20.20
N HIS D 413 15.27 12.25 21.52
CA HIS D 413 16.26 12.88 22.40
C HIS D 413 17.08 11.88 23.18
N HIS D 414 16.55 10.68 23.39
CA HIS D 414 17.25 9.63 24.12
C HIS D 414 17.70 8.46 23.23
N ALA D 415 19.01 8.18 23.24
CA ALA D 415 19.55 6.99 22.62
C ALA D 415 19.17 5.76 23.45
N GLY D 416 18.85 4.67 22.77
CA GLY D 416 18.51 3.40 23.42
C GLY D 416 19.75 2.64 23.86
N LEU D 417 19.71 2.07 25.07
CA LEU D 417 20.83 1.28 25.61
C LEU D 417 20.46 -0.18 25.77
N TYR D 418 21.14 -1.04 25.02
CA TYR D 418 21.13 -2.47 25.27
C TYR D 418 22.46 -2.75 25.96
N VAL D 419 22.41 -3.11 27.25
CA VAL D 419 23.61 -3.29 28.09
C VAL D 419 23.52 -4.58 28.89
N ASN D 420 24.64 -5.29 29.02
CA ASN D 420 24.66 -6.61 29.68
C ASN D 420 24.97 -6.61 31.16
N GLU D 421 25.21 -5.42 31.71
CA GLU D 421 25.58 -5.24 33.12
C GLU D 421 24.95 -3.95 33.66
N GLU D 422 24.36 -4.03 34.85
CA GLU D 422 23.65 -2.90 35.45
C GLU D 422 24.59 -1.72 35.71
N GLY D 423 25.80 -2.04 36.18
CA GLY D 423 26.79 -1.04 36.56
C GLY D 423 27.20 -0.14 35.42
N ALA D 424 27.53 -0.75 34.29
CA ALA D 424 27.88 0.01 33.09
C ALA D 424 26.70 0.78 32.49
N GLU D 425 25.49 0.21 32.57
CA GLU D 425 24.25 0.90 32.14
C GLU D 425 24.05 2.17 32.96
N ALA D 426 24.17 2.02 34.27
CA ALA D 426 24.08 3.14 35.19
C ALA D 426 25.10 4.24 34.87
N ALA D 427 26.34 3.85 34.58
CA ALA D 427 27.45 4.79 34.31
C ALA D 427 27.20 5.61 33.04
N MET D 428 26.80 4.92 31.98
CA MET D 428 26.46 5.57 30.70
C MET D 428 25.21 6.43 30.82
N LEU D 429 24.22 5.94 31.57
CA LEU D 429 23.03 6.74 31.86
C LEU D 429 23.39 8.07 32.55
N ARG D 430 24.17 7.98 33.64
CA ARG D 430 24.73 9.15 34.36
C ARG D 430 25.41 10.10 33.40
N ALA D 431 26.29 9.56 32.55
CA ALA D 431 27.02 10.37 31.57
C ALA D 431 26.08 11.11 30.64
N GLY D 432 24.97 10.46 30.27
CA GLY D 432 23.92 11.10 29.46
C GLY D 432 23.34 12.35 30.12
N ARG D 433 22.92 12.17 31.37
CA ARG D 433 22.37 13.25 32.17
C ARG D 433 23.35 14.40 32.38
N GLU D 434 24.62 14.09 32.59
CA GLU D 434 25.65 15.10 32.81
C GLU D 434 25.96 15.84 31.51
N SER D 435 26.16 15.09 30.43
CA SER D 435 26.56 15.68 29.14
C SER D 435 25.40 16.39 28.44
N GLY D 436 24.17 15.93 28.70
CA GLY D 436 22.99 16.42 27.97
C GLY D 436 22.63 15.61 26.71
N GLU D 437 23.54 14.74 26.28
CA GLU D 437 23.31 13.82 25.18
C GLU D 437 22.75 12.56 25.83
N THR D 438 21.47 12.62 26.13
CA THR D 438 20.83 11.69 27.09
C THR D 438 20.61 10.29 26.52
N CYS D 439 20.28 9.35 27.40
CA CYS D 439 20.02 7.95 27.02
C CYS D 439 18.92 7.35 27.84
N PHE D 440 18.46 6.18 27.42
CA PHE D 440 17.50 5.41 28.20
C PHE D 440 17.60 3.91 27.90
N PRO D 441 17.32 3.04 28.90
CA PRO D 441 17.41 1.61 28.64
C PRO D 441 16.28 0.99 27.80
N VAL D 442 16.66 0.02 26.97
CA VAL D 442 15.69 -0.91 26.36
C VAL D 442 15.91 -2.28 26.97
N LEU D 443 14.87 -3.11 26.91
CA LEU D 443 14.90 -4.44 27.53
C LEU D 443 16.17 -5.23 27.21
N TYR D 444 16.86 -5.69 28.25
CA TYR D 444 17.89 -6.72 28.15
C TYR D 444 17.37 -8.08 28.64
N CYS D 445 17.16 -9.00 27.70
CA CYS D 445 16.57 -10.31 27.99
C CYS D 445 16.86 -11.30 26.84
N PRO D 446 18.15 -11.72 26.69
CA PRO D 446 18.59 -12.63 25.64
C PRO D 446 17.79 -13.92 25.48
N GLU D 447 17.31 -14.49 26.57
CA GLU D 447 16.47 -15.70 26.49
C GLU D 447 15.24 -15.54 25.57
N TYR D 448 14.69 -14.33 25.46
CA TYR D 448 13.56 -14.08 24.59
C TYR D 448 13.96 -13.53 23.23
N HIS D 449 15.16 -12.96 23.10
CA HIS D 449 15.65 -12.41 21.82
C HIS D 449 16.17 -13.48 20.87
N GLU D 450 16.93 -14.44 21.39
CA GLU D 450 17.54 -15.50 20.59
C GLU D 450 16.59 -16.28 19.70
N PRO D 451 15.48 -16.82 20.25
CA PRO D 451 14.53 -17.58 19.42
C PRO D 451 14.02 -16.86 18.14
N GLU D 452 14.00 -15.52 18.15
CA GLU D 452 13.59 -14.73 16.99
C GLU D 452 14.53 -14.87 15.78
N PHE D 453 15.76 -15.32 16.01
CA PHE D 453 16.72 -15.52 14.93
C PHE D 453 16.95 -16.99 14.47
N LYS D 454 16.06 -17.94 14.82
CA LYS D 454 16.19 -19.36 14.35
C LYS D 454 16.21 -19.40 12.80
N SER D 455 17.18 -20.12 12.25
CA SER D 455 17.38 -20.25 10.82
C SER D 455 17.36 -21.72 10.46
N ASN D 456 16.77 -22.04 9.32
CA ASN D 456 16.73 -23.42 8.88
C ASN D 456 18.11 -24.01 8.60
N HIS D 457 18.95 -23.28 7.87
CA HIS D 457 20.25 -23.80 7.41
C HIS D 457 21.49 -23.08 7.93
N ALA D 458 21.33 -21.91 8.54
CA ALA D 458 22.46 -21.18 9.12
C ALA D 458 22.35 -21.17 10.64
N ASP D 459 23.39 -20.64 11.27
CA ASP D 459 23.41 -20.50 12.74
C ASP D 459 22.34 -19.52 13.19
N MET D 460 22.21 -18.43 12.45
CA MET D 460 21.19 -17.41 12.74
C MET D 460 20.75 -16.67 11.49
N THR D 461 19.62 -15.98 11.60
CA THR D 461 19.18 -15.04 10.57
C THR D 461 19.64 -13.67 11.02
N ASN D 462 19.47 -12.67 10.17
CA ASN D 462 19.76 -11.28 10.53
C ASN D 462 18.51 -10.46 10.87
N LEU D 463 17.36 -11.11 11.01
CA LEU D 463 16.11 -10.40 11.32
C LEU D 463 15.09 -11.27 12.05
N MET D 464 14.33 -10.64 12.92
CA MET D 464 13.32 -11.32 13.72
C MET D 464 12.28 -12.05 12.87
N GLU D 465 11.91 -13.24 13.32
CA GLU D 465 10.75 -13.94 12.81
C GLU D 465 9.50 -13.08 12.97
N ARG D 466 9.32 -12.48 14.16
CA ARG D 466 8.15 -11.64 14.51
C ARG D 466 8.51 -10.19 14.77
N ARG D 467 7.72 -9.27 14.22
CA ARG D 467 8.05 -7.83 14.22
C ARG D 467 7.86 -7.07 15.57
N ASP D 468 6.76 -7.36 16.27
CA ASP D 468 6.44 -6.62 17.50
C ASP D 468 6.98 -7.36 18.73
N ASN D 469 8.31 -7.48 18.88
CA ASN D 469 8.97 -8.18 20.02
C ASN D 469 10.36 -7.63 20.44
N ALA D 470 10.37 -6.40 20.97
CA ALA D 470 11.57 -5.71 21.45
C ALA D 470 12.66 -5.55 20.38
N GLY D 471 12.29 -4.87 19.30
CA GLY D 471 13.13 -4.73 18.13
C GLY D 471 14.46 -4.04 18.32
N VAL D 472 14.52 -3.08 19.24
CA VAL D 472 15.77 -2.33 19.50
C VAL D 472 16.76 -3.27 20.16
N SER D 473 16.21 -4.12 21.02
CA SER D 473 16.95 -5.09 21.78
C SER D 473 17.43 -6.28 20.91
N CYS D 474 16.51 -6.89 20.15
CA CYS D 474 16.87 -8.01 19.29
C CYS D 474 18.03 -7.71 18.35
N ALA D 475 18.03 -6.52 17.77
CA ALA D 475 19.16 -6.06 16.94
C ALA D 475 20.45 -5.98 17.77
N GLY D 476 20.33 -5.52 19.01
CA GLY D 476 21.46 -5.53 19.93
C GLY D 476 21.97 -6.93 20.21
N TYR D 477 21.04 -7.85 20.49
CA TYR D 477 21.41 -9.25 20.74
C TYR D 477 22.22 -9.84 19.58
N PHE D 478 21.72 -9.72 18.36
CA PHE D 478 22.46 -10.16 17.19
C PHE D 478 23.92 -9.75 17.28
N ILE D 479 24.18 -8.50 17.64
CA ILE D 479 25.58 -8.02 17.73
C ILE D 479 26.37 -8.82 18.77
N THR D 480 25.77 -9.08 19.93
CA THR D 480 26.43 -9.81 21.02
C THR D 480 26.85 -11.24 20.63
N THR D 481 26.09 -11.89 19.75
CA THR D 481 26.45 -13.25 19.30
C THR D 481 27.78 -13.29 18.56
N HIS D 482 28.21 -12.16 18.01
CA HIS D 482 29.50 -12.09 17.32
C HIS D 482 30.62 -11.48 18.16
N LEU D 483 30.41 -11.41 19.47
CA LEU D 483 31.51 -11.10 20.39
C LEU D 483 32.39 -12.32 20.52
N SER D 484 33.68 -12.09 20.74
CA SER D 484 34.64 -13.15 20.99
C SER D 484 34.32 -13.86 22.31
N PRO D 485 34.47 -15.20 22.37
CA PRO D 485 34.37 -15.85 23.68
C PRO D 485 35.50 -15.45 24.68
N LYS D 486 36.67 -15.00 24.17
CA LYS D 486 37.70 -14.31 25.00
C LYS D 486 37.11 -13.22 25.90
N PHE D 487 36.23 -12.41 25.31
CA PHE D 487 35.63 -11.27 26.00
C PHE D 487 34.63 -11.73 27.08
N THR D 488 34.84 -11.19 28.28
CA THR D 488 33.99 -11.39 29.46
C THR D 488 33.36 -10.14 30.00
N GLY D 489 33.82 -8.99 29.53
CA GLY D 489 33.55 -7.70 30.16
C GLY D 489 32.20 -7.13 29.82
N ALA D 490 32.11 -5.81 29.94
CA ALA D 490 30.85 -5.09 29.81
C ALA D 490 30.60 -4.60 28.37
N HIS D 491 29.39 -4.89 27.87
CA HIS D 491 29.00 -4.51 26.52
C HIS D 491 27.87 -3.49 26.52
N ILE D 492 28.13 -2.31 25.98
CA ILE D 492 27.13 -1.24 25.85
C ILE D 492 26.80 -1.05 24.38
N HIS D 493 25.58 -1.39 23.98
CA HIS D 493 25.09 -1.08 22.62
C HIS D 493 24.26 0.19 22.69
N VAL D 494 24.58 1.15 21.83
CA VAL D 494 23.94 2.47 21.83
C VAL D 494 23.25 2.68 20.47
N ASP D 495 21.91 2.66 20.50
CA ASP D 495 21.09 2.91 19.31
C ASP D 495 20.73 4.39 19.32
N LEU D 496 21.31 5.13 18.38
CA LEU D 496 21.17 6.57 18.32
C LEU D 496 20.57 7.06 16.97
N ALA D 497 19.70 6.21 16.41
CA ALA D 497 19.04 6.45 15.12
C ALA D 497 18.43 7.83 14.93
N TYR D 498 17.72 8.29 15.96
CA TYR D 498 17.07 9.61 15.93
C TYR D 498 17.83 10.80 16.58
N PRO D 499 18.47 10.61 17.75
CA PRO D 499 19.21 11.72 18.36
C PRO D 499 20.30 12.34 17.53
N VAL D 500 20.77 11.66 16.49
CA VAL D 500 21.78 12.24 15.60
C VAL D 500 21.33 13.40 14.75
N PHE D 501 20.01 13.58 14.63
CA PHE D 501 19.47 14.62 13.75
C PHE D 501 18.20 15.25 14.28
N ASN D 502 17.90 16.42 13.75
CA ASN D 502 16.65 17.12 13.99
C ASN D 502 16.27 17.85 12.72
N SER D 503 15.25 18.72 12.78
CA SER D 503 14.77 19.39 11.57
C SER D 503 15.81 20.28 10.89
N ASN D 504 16.81 20.76 11.65
CA ASN D 504 17.89 21.60 11.09
C ASN D 504 19.11 20.87 10.54
N GLY D 505 19.14 19.55 10.74
CA GLY D 505 20.22 18.69 10.28
C GLY D 505 20.83 17.97 11.45
N ALA D 506 22.10 17.62 11.34
CA ALA D 506 22.75 16.80 12.36
C ALA D 506 22.90 17.54 13.70
N THR D 507 22.95 16.76 14.78
CA THR D 507 23.07 17.29 16.15
C THR D 507 24.48 17.16 16.73
N GLY D 508 25.36 16.37 16.10
CA GLY D 508 26.64 16.02 16.69
C GLY D 508 26.51 15.24 18.01
N PHE D 509 25.47 14.43 18.11
CA PHE D 509 25.23 13.62 19.29
C PHE D 509 26.22 12.45 19.26
N GLY D 510 26.78 12.15 20.43
CA GLY D 510 27.67 11.02 20.68
C GLY D 510 28.99 11.38 21.36
N PRO D 511 29.80 12.25 20.73
CA PRO D 511 31.13 12.56 21.24
C PRO D 511 31.16 13.04 22.69
N ALA D 512 30.32 14.01 23.01
CA ALA D 512 30.28 14.55 24.36
C ALA D 512 29.86 13.51 25.40
N LEU D 513 28.92 12.64 25.03
CA LEU D 513 28.48 11.54 25.89
C LEU D 513 29.65 10.62 26.25
N LEU D 514 30.47 10.28 25.25
CA LEU D 514 31.69 9.49 25.47
C LEU D 514 32.68 10.21 26.40
N THR D 515 33.12 11.41 25.99
CA THR D 515 34.00 12.24 26.80
C THR D 515 33.57 12.19 28.28
N GLU D 516 32.30 12.40 28.53
CA GLU D 516 31.81 12.42 29.92
C GLU D 516 31.82 11.04 30.58
N TYR D 517 31.58 9.98 29.81
CA TYR D 517 31.62 8.60 30.34
C TYR D 517 33.05 8.22 30.74
N PHE D 518 33.98 8.48 29.82
CA PHE D 518 35.42 8.29 30.08
C PHE D 518 35.86 9.06 31.32
N ARG D 519 35.51 10.35 31.34
CA ARG D 519 35.84 11.27 32.44
C ARG D 519 35.58 10.76 33.87
N LYS D 520 34.62 9.85 34.05
CA LYS D 520 34.20 9.37 35.36
C LYS D 520 34.53 7.90 35.69
N LEU D 521 35.36 7.23 34.90
CA LEU D 521 35.83 5.87 35.24
C LEU D 521 36.79 5.78 36.45
N THR E 3 -33.50 11.04 19.88
CA THR E 3 -33.31 12.15 20.87
C THR E 3 -31.86 12.23 21.33
N LEU E 4 -31.21 13.37 21.07
CA LEU E 4 -29.90 13.71 21.64
C LEU E 4 -29.95 13.88 23.17
N PRO E 5 -28.78 13.77 23.86
CA PRO E 5 -28.77 14.08 25.29
C PRO E 5 -29.04 15.56 25.58
N LYS E 6 -29.79 15.84 26.65
CA LYS E 6 -30.18 17.19 27.05
C LYS E 6 -29.00 18.19 27.07
N ALA E 7 -27.87 17.74 27.62
CA ALA E 7 -26.63 18.52 27.67
C ALA E 7 -26.08 18.92 26.30
N GLU E 8 -26.14 17.98 25.35
CA GLU E 8 -25.66 18.22 23.97
C GLU E 8 -26.55 19.25 23.22
N ALA E 9 -27.87 19.16 23.40
CA ALA E 9 -28.83 20.13 22.84
C ALA E 9 -28.58 21.55 23.37
N LYS E 10 -28.31 21.67 24.68
CA LYS E 10 -27.94 22.95 25.29
C LYS E 10 -26.69 23.53 24.60
N GLU E 11 -25.68 22.68 24.43
CA GLU E 11 -24.40 23.05 23.80
C GLU E 11 -24.59 23.48 22.35
N LEU E 12 -25.40 22.74 21.61
CA LEU E 12 -25.67 23.04 20.19
C LEU E 12 -26.40 24.38 20.04
N SER E 13 -27.45 24.58 20.83
CA SER E 13 -28.20 25.85 20.87
C SER E 13 -27.27 27.03 21.10
N ALA E 14 -26.48 26.93 22.15
CA ALA E 14 -25.47 27.95 22.46
C ALA E 14 -24.56 28.24 21.27
N PHE E 15 -24.11 27.18 20.59
CA PHE E 15 -23.24 27.34 19.41
C PHE E 15 -23.95 28.03 18.24
N VAL E 16 -25.21 27.65 17.98
CA VAL E 16 -26.02 28.31 16.93
C VAL E 16 -26.05 29.81 17.17
N GLN E 17 -26.41 30.19 18.39
CA GLN E 17 -26.54 31.60 18.76
C GLN E 17 -25.22 32.36 18.59
N SER E 18 -24.12 31.72 18.95
CA SER E 18 -22.79 32.33 18.84
C SER E 18 -22.42 32.70 17.41
N CYS E 19 -22.88 31.88 16.46
CA CYS E 19 -22.68 32.15 15.04
C CYS E 19 -23.64 33.22 14.50
N VAL E 20 -24.88 33.22 14.99
CA VAL E 20 -25.92 34.16 14.50
C VAL E 20 -25.59 35.59 14.94
N GLU E 21 -25.17 35.71 16.19
CA GLU E 21 -24.87 37.01 16.80
C GLU E 21 -23.42 37.42 16.68
N TYR E 22 -22.65 36.69 15.87
CA TYR E 22 -21.24 37.02 15.72
C TYR E 22 -21.10 38.37 15.01
N LYS E 23 -20.36 39.29 15.64
CA LYS E 23 -19.92 40.54 15.02
C LYS E 23 -18.38 40.55 15.06
N THR E 24 -17.77 41.26 14.12
CA THR E 24 -16.29 41.29 13.98
C THR E 24 -15.58 42.02 15.11
N ASN E 25 -14.28 41.80 15.16
CA ASN E 25 -13.38 42.44 16.11
C ASN E 25 -12.54 43.52 15.45
N VAL E 26 -12.79 43.80 14.18
CA VAL E 26 -11.96 44.73 13.41
C VAL E 26 -12.71 46.04 13.16
N CYS E 27 -12.05 47.16 13.44
CA CYS E 27 -12.55 48.49 13.07
C CYS E 27 -11.56 49.09 12.08
N PHE E 28 -12.03 50.06 11.29
CA PHE E 28 -11.22 50.68 10.26
C PHE E 28 -11.32 52.21 10.34
N THR E 29 -10.19 52.89 10.13
CA THR E 29 -10.14 54.34 10.10
C THR E 29 -8.93 54.78 9.29
N ASP E 30 -8.58 56.07 9.36
CA ASP E 30 -7.45 56.62 8.62
C ASP E 30 -6.56 57.49 9.51
N VAL E 31 -5.36 57.84 9.01
CA VAL E 31 -4.31 58.54 9.78
C VAL E 31 -4.81 59.86 10.38
N ALA E 32 -5.35 60.71 9.52
CA ALA E 32 -5.94 61.99 9.91
C ALA E 32 -7.06 61.85 10.98
N ALA E 33 -8.00 60.96 10.73
CA ALA E 33 -9.13 60.70 11.64
C ALA E 33 -8.71 60.11 12.98
N TYR E 34 -7.66 59.28 12.97
CA TYR E 34 -7.03 58.75 14.21
C TYR E 34 -6.30 59.85 14.99
N GLU E 35 -5.51 60.66 14.25
CA GLU E 35 -4.80 61.85 14.82
C GLU E 35 -5.72 62.83 15.54
N SER E 36 -7.00 62.87 15.12
CA SER E 36 -8.05 63.72 15.71
C SER E 36 -8.83 63.02 16.82
N ASN E 37 -9.32 61.79 16.58
CA ASN E 37 -10.11 61.02 17.62
C ASN E 37 -9.25 60.69 18.84
N GLN E 38 -8.09 60.08 18.57
CA GLN E 38 -7.16 59.61 19.62
C GLN E 38 -6.15 60.70 20.10
N LYS E 39 -5.93 61.75 19.28
CA LYS E 39 -5.07 62.89 19.63
C LYS E 39 -3.59 62.47 19.78
N GLY E 40 -3.19 61.41 19.07
CA GLY E 40 -1.83 60.86 19.18
C GLY E 40 -1.59 59.86 20.31
N VAL E 41 -2.57 59.60 21.17
CA VAL E 41 -2.44 58.57 22.22
C VAL E 41 -2.71 57.20 21.61
N LEU E 42 -1.76 56.25 21.75
CA LEU E 42 -1.91 54.89 21.18
C LEU E 42 -2.92 54.07 21.94
N SER E 43 -3.59 53.15 21.25
CA SER E 43 -4.73 52.41 21.82
C SER E 43 -4.34 51.36 22.86
N SER E 44 -3.12 50.82 22.76
CA SER E 44 -2.60 49.85 23.76
C SER E 44 -1.08 49.70 23.69
N GLY E 45 -0.55 48.82 24.55
CA GLY E 45 0.89 48.56 24.62
C GLY E 45 1.50 47.79 23.47
N LEU E 46 0.77 47.70 22.35
CA LEU E 46 1.31 47.18 21.07
C LEU E 46 0.83 48.02 19.88
N ALA E 47 1.72 48.19 18.91
CA ALA E 47 1.42 48.83 17.64
C ALA E 47 2.19 48.17 16.51
N VAL E 48 1.56 48.08 15.33
CA VAL E 48 2.06 47.33 14.18
C VAL E 48 2.14 48.27 12.99
N LEU E 49 3.20 48.15 12.21
CA LEU E 49 3.38 48.95 11.00
C LEU E 49 3.72 48.01 9.81
N VAL E 50 2.91 48.04 8.75
CA VAL E 50 3.04 47.13 7.58
C VAL E 50 2.98 47.81 6.24
N GLY E 51 4.02 47.61 5.44
CA GLY E 51 4.02 48.16 4.09
C GLY E 51 5.23 47.75 3.27
N THR E 52 5.26 48.16 2.02
CA THR E 52 6.33 47.77 1.10
C THR E 52 7.65 48.46 1.45
N HIS E 53 8.75 47.98 0.88
CA HIS E 53 10.07 48.56 1.14
C HIS E 53 10.06 50.08 0.87
N LYS E 54 9.55 50.51 -0.29
CA LYS E 54 9.47 51.94 -0.65
C LYS E 54 8.51 52.71 0.24
N GLN E 55 7.35 52.12 0.55
CA GLN E 55 6.33 52.78 1.42
C GLN E 55 6.78 53.08 2.85
N LEU E 56 7.58 52.19 3.44
CA LEU E 56 8.13 52.37 4.80
C LEU E 56 9.17 53.49 4.87
N ARG E 57 9.77 53.83 3.72
CA ARG E 57 10.72 54.93 3.58
C ARG E 57 10.11 56.23 3.06
N ASP E 58 8.79 56.25 2.85
CA ASP E 58 8.08 57.48 2.52
C ASP E 58 8.14 58.46 3.72
N PRO E 59 8.32 59.77 3.44
CA PRO E 59 8.40 60.81 4.48
C PRO E 59 7.26 60.83 5.50
N ALA E 60 6.04 60.50 5.05
CA ALA E 60 4.85 60.49 5.91
C ALA E 60 4.96 59.54 7.12
N VAL E 61 5.78 58.50 6.98
CA VAL E 61 5.95 57.49 8.03
C VAL E 61 6.57 58.13 9.25
N GLN E 62 7.64 58.91 9.05
CA GLN E 62 8.31 59.68 10.13
C GLN E 62 7.33 60.45 11.03
N ARG E 63 6.37 61.13 10.41
CA ARG E 63 5.41 61.95 11.13
C ARG E 63 4.32 61.12 11.88
N LEU E 64 4.36 59.79 11.82
CA LEU E 64 3.43 58.94 12.61
C LEU E 64 3.75 58.97 14.10
N PRO E 65 2.73 58.79 14.95
CA PRO E 65 2.87 59.09 16.39
C PRO E 65 3.70 58.12 17.24
N PHE E 66 4.03 56.96 16.70
CA PHE E 66 4.85 55.95 17.42
C PHE E 66 6.31 55.98 16.97
N TYR E 67 6.57 56.63 15.84
CA TYR E 67 7.89 56.68 15.23
C TYR E 67 8.92 57.28 16.17
N ASN E 68 10.15 56.82 16.02
CA ASN E 68 11.29 57.28 16.81
C ASN E 68 12.55 56.76 16.10
N PRO E 69 13.76 57.06 16.62
CA PRO E 69 14.98 56.58 15.92
C PRO E 69 15.20 55.04 15.90
N ALA E 70 14.58 54.32 16.86
CA ALA E 70 14.62 52.85 16.93
C ALA E 70 13.80 52.17 15.82
N VAL E 71 12.58 52.64 15.66
CA VAL E 71 11.67 52.19 14.62
C VAL E 71 12.29 52.41 13.24
N ALA E 72 13.01 53.52 13.08
CA ALA E 72 13.72 53.84 11.82
C ALA E 72 14.83 52.84 11.50
N GLU E 73 15.50 52.36 12.55
CA GLU E 73 16.48 51.26 12.42
C GLU E 73 15.75 49.93 12.16
N ALA E 74 14.67 49.65 12.90
CA ALA E 74 13.84 48.46 12.65
C ALA E 74 13.45 48.34 11.17
N ILE E 75 13.10 49.46 10.54
CA ILE E 75 12.81 49.49 9.09
C ILE E 75 14.03 49.13 8.24
N GLU E 76 15.22 49.53 8.67
CA GLU E 76 16.45 49.09 8.00
C GLU E 76 16.66 47.58 8.17
N ARG E 77 16.58 47.11 9.41
CA ARG E 77 16.96 45.75 9.77
C ARG E 77 16.01 44.65 9.28
N VAL E 78 14.73 45.01 9.06
CA VAL E 78 13.65 44.05 8.67
C VAL E 78 13.92 43.35 7.33
N LYS E 79 13.73 42.02 7.34
CA LYS E 79 13.82 41.20 6.14
C LYS E 79 12.48 41.22 5.41
N GLU E 80 12.52 41.19 4.07
CA GLU E 80 11.30 41.11 3.25
C GLU E 80 10.50 39.86 3.64
N GLY E 81 9.19 40.04 3.85
CA GLY E 81 8.33 38.93 4.27
C GLY E 81 8.36 38.63 5.75
N GLY E 82 9.27 39.27 6.51
CA GLY E 82 9.38 39.07 7.97
C GLY E 82 9.04 40.30 8.81
N THR E 83 9.14 40.16 10.13
CA THR E 83 8.85 41.25 11.06
C THR E 83 10.08 41.58 11.88
N TYR E 84 10.11 42.80 12.41
CA TYR E 84 11.12 43.22 13.39
C TYR E 84 10.45 44.03 14.49
N GLY E 85 10.59 43.59 15.75
CA GLY E 85 10.01 44.28 16.91
C GLY E 85 11.02 45.10 17.70
N VAL E 86 10.55 46.19 18.34
CA VAL E 86 11.39 47.08 19.17
C VAL E 86 10.59 47.62 20.33
N LEU E 87 11.30 47.95 21.42
CA LEU E 87 10.69 48.67 22.56
C LEU E 87 10.98 50.19 22.51
N VAL E 88 9.96 50.97 22.84
CA VAL E 88 10.09 52.43 22.94
C VAL E 88 9.51 52.84 24.33
N GLU E 89 10.30 53.58 25.08
CA GLU E 89 10.00 53.90 26.48
C GLU E 89 9.13 55.14 26.58
N GLY E 90 8.15 55.12 27.51
CA GLY E 90 7.30 56.29 27.83
C GLY E 90 6.49 56.94 26.72
N LEU E 91 6.18 56.19 25.65
CA LEU E 91 5.35 56.67 24.55
C LEU E 91 3.89 56.67 25.00
N ALA E 92 3.20 57.79 24.81
CA ALA E 92 1.85 57.99 25.34
C ALA E 92 0.91 56.91 24.84
N ASN E 93 0.14 56.29 25.75
CA ASN E 93 -0.74 55.19 25.37
C ASN E 93 -1.84 54.87 26.38
N ALA E 94 -2.98 54.43 25.86
CA ALA E 94 -4.22 54.23 26.64
C ALA E 94 -4.13 53.23 27.79
N ALA E 95 -3.28 52.23 27.67
CA ALA E 95 -3.08 51.22 28.72
C ALA E 95 -2.10 51.66 29.84
N GLY E 96 -1.34 52.74 29.60
CA GLY E 96 -0.40 53.27 30.58
C GLY E 96 0.85 52.44 30.80
N SER E 97 1.28 51.72 29.76
CA SER E 97 2.42 50.80 29.85
C SER E 97 3.71 51.60 29.67
N LYS E 98 4.69 51.37 30.56
CA LYS E 98 5.96 52.13 30.55
C LYS E 98 6.63 52.05 29.19
N PHE E 99 6.52 50.88 28.56
CA PHE E 99 6.99 50.62 27.19
C PHE E 99 5.86 50.28 26.25
N VAL E 100 6.05 50.60 24.97
CA VAL E 100 5.14 50.20 23.90
C VAL E 100 5.95 49.45 22.85
N ARG E 101 5.43 48.28 22.45
CA ARG E 101 6.09 47.41 21.46
C ARG E 101 5.67 47.88 20.07
N VAL E 102 6.63 48.25 19.25
CA VAL E 102 6.35 48.56 17.86
C VAL E 102 6.88 47.41 17.03
N VAL E 103 6.04 46.85 16.15
CA VAL E 103 6.41 45.76 15.24
C VAL E 103 6.29 46.23 13.80
N VAL E 104 7.40 46.29 13.11
CA VAL E 104 7.40 46.58 11.70
C VAL E 104 7.32 45.26 10.93
N GLY E 105 6.66 45.30 9.77
CA GLY E 105 6.60 44.15 8.84
C GLY E 105 6.68 44.61 7.40
N GLU E 106 7.58 44.01 6.63
CA GLU E 106 7.80 44.44 5.24
C GLU E 106 7.06 43.53 4.27
N VAL E 107 6.17 44.13 3.47
CA VAL E 107 5.40 43.45 2.41
C VAL E 107 6.17 43.51 1.10
N PRO E 108 6.21 42.40 0.34
CA PRO E 108 6.92 42.47 -0.95
C PRO E 108 6.13 43.21 -2.01
N THR E 109 6.81 43.70 -3.02
CA THR E 109 6.13 44.35 -4.15
C THR E 109 6.02 43.38 -5.34
N LYS E 110 6.86 42.33 -5.38
CA LYS E 110 6.77 41.25 -6.40
C LYS E 110 5.38 40.61 -6.41
N ALA E 111 4.74 40.62 -7.58
CA ALA E 111 3.41 40.03 -7.74
C ALA E 111 3.16 39.65 -9.17
N SER E 112 2.96 38.36 -9.40
CA SER E 112 2.83 37.82 -10.74
C SER E 112 1.48 38.17 -11.30
N ARG E 113 1.36 38.07 -12.62
CA ARG E 113 0.13 38.44 -13.31
C ARG E 113 -1.16 37.81 -12.78
N ASN E 114 -1.05 36.65 -12.12
CA ASN E 114 -2.20 35.93 -11.60
C ASN E 114 -2.44 36.17 -10.11
N ASN E 115 -1.78 37.17 -9.54
CA ASN E 115 -1.91 37.45 -8.10
C ASN E 115 -2.36 38.87 -7.87
N CYS E 116 -2.74 39.15 -6.61
CA CYS E 116 -3.17 40.51 -6.16
C CYS E 116 -1.98 41.41 -5.84
N PRO E 117 -1.78 42.52 -6.58
CA PRO E 117 -0.55 43.34 -6.46
C PRO E 117 -0.24 43.85 -5.06
N ALA E 118 -1.26 43.98 -4.24
CA ALA E 118 -1.08 44.32 -2.82
C ALA E 118 -0.38 43.26 -1.94
N ARG E 119 -0.46 42.01 -2.36
CA ARG E 119 0.06 40.85 -1.61
C ARG E 119 -0.49 40.73 -0.19
N PRO E 120 -1.82 40.74 -0.07
CA PRO E 120 -2.46 40.53 1.22
C PRO E 120 -2.08 39.23 1.93
N ASP E 121 -1.68 38.23 1.17
CA ASP E 121 -1.20 36.97 1.76
C ASP E 121 -0.09 37.21 2.77
N VAL E 122 0.84 38.08 2.42
CA VAL E 122 1.97 38.35 3.27
C VAL E 122 1.48 39.24 4.42
N VAL E 123 0.62 40.22 4.09
CA VAL E 123 0.04 41.11 5.12
C VAL E 123 -0.55 40.30 6.26
N THR E 124 -1.38 39.31 5.90
CA THR E 124 -2.00 38.41 6.87
C THR E 124 -0.95 37.75 7.75
N UNK E 125 0.13 37.25 7.15
CA UNK E 125 1.21 36.56 7.90
C UNK E 125 1.93 37.52 8.87
N LEU E 126 2.24 38.71 8.38
CA LEU E 126 2.94 39.72 9.16
C LEU E 126 2.19 40.15 10.41
N VAL E 127 0.90 40.44 10.26
CA VAL E 127 0.07 40.83 11.39
C VAL E 127 -0.09 39.66 12.37
N THR E 128 -0.26 38.43 11.86
CA THR E 128 -0.34 37.20 12.69
C THR E 128 0.89 37.04 13.57
N ALA E 129 2.07 37.24 12.96
CA ALA E 129 3.35 37.18 13.66
C ALA E 129 3.42 38.23 14.78
N ALA E 130 3.09 39.48 14.44
CA ALA E 130 3.11 40.61 15.37
C ALA E 130 2.18 40.42 16.58
N LEU E 131 0.99 39.87 16.34
CA LEU E 131 0.02 39.60 17.40
C LEU E 131 0.39 38.42 18.30
N ASP E 132 1.36 37.62 17.89
CA ASP E 132 1.86 36.51 18.72
C ASP E 132 2.59 36.97 20.03
N GLU E 133 3.10 38.21 20.03
CA GLU E 133 3.78 38.81 21.21
C GLU E 133 2.81 39.73 22.00
N VAL E 134 1.56 39.31 22.21
CA VAL E 134 0.55 40.20 22.82
C VAL E 134 0.65 40.16 24.34
N LYS E 135 0.75 41.35 24.94
CA LYS E 135 0.96 41.53 26.37
C LYS E 135 -0.26 41.20 27.25
N GLU E 136 -1.45 41.62 26.79
CA GLU E 136 -2.72 41.36 27.50
C GLU E 136 -3.86 41.13 26.49
N PRO E 137 -4.68 40.06 26.68
CA PRO E 137 -5.83 39.87 25.77
C PRO E 137 -7.00 40.79 26.10
N ASN E 138 -7.96 40.90 25.19
CA ASN E 138 -9.05 41.88 25.30
C ASN E 138 -8.50 43.32 25.39
N THR E 139 -7.55 43.67 24.52
CA THR E 139 -7.07 45.07 24.34
C THR E 139 -7.37 45.50 22.92
N THR E 140 -6.91 46.68 22.54
CA THR E 140 -7.08 47.16 21.16
C THR E 140 -5.72 47.49 20.51
N VAL E 141 -5.38 46.82 19.42
CA VAL E 141 -4.06 46.92 18.79
C VAL E 141 -4.15 47.75 17.51
N ASP E 142 -3.31 48.76 17.42
CA ASP E 142 -3.33 49.69 16.30
C ASP E 142 -2.49 49.15 15.16
N VAL E 143 -3.12 48.76 14.06
CA VAL E 143 -2.42 48.23 12.90
C VAL E 143 -2.36 49.28 11.81
N PHE E 144 -1.23 49.95 11.70
CA PHE E 144 -1.03 50.98 10.70
C PHE E 144 -0.58 50.36 9.39
N VAL E 145 -1.45 50.35 8.38
CA VAL E 145 -1.09 49.84 7.06
C VAL E 145 -0.81 51.00 6.10
N LEU E 146 0.12 50.77 5.17
CA LEU E 146 0.57 51.79 4.23
C LEU E 146 0.10 51.48 2.82
N SER E 147 -0.73 50.45 2.66
CA SER E 147 -1.43 50.22 1.37
C SER E 147 -2.78 50.89 1.43
N ASN E 148 -3.23 51.39 0.29
CA ASN E 148 -4.56 51.98 0.15
C ASN E 148 -5.57 51.06 -0.55
N ALA E 149 -5.14 49.84 -0.89
CA ALA E 149 -6.02 48.81 -1.44
C ALA E 149 -6.94 48.25 -0.34
N VAL E 150 -7.99 48.99 -0.01
CA VAL E 150 -8.72 48.78 1.23
C VAL E 150 -9.42 47.42 1.35
N LEU E 151 -10.06 46.93 0.29
CA LEU E 151 -10.83 45.68 0.37
C LEU E 151 -9.96 44.48 0.69
N PRO E 152 -8.94 44.23 -0.14
CA PRO E 152 -8.07 43.08 0.17
C PRO E 152 -7.43 43.10 1.56
N ILE E 153 -6.98 44.27 2.00
CA ILE E 153 -6.38 44.42 3.32
C ILE E 153 -7.41 44.12 4.41
N ALA E 154 -8.63 44.59 4.23
CA ALA E 154 -9.68 44.39 5.22
C ALA E 154 -9.91 42.90 5.49
N ALA E 155 -10.03 42.14 4.41
CA ALA E 155 -10.18 40.68 4.51
C ALA E 155 -8.92 40.00 5.05
N ALA E 156 -7.77 40.46 4.57
CA ALA E 156 -6.46 39.93 5.01
C ALA E 156 -6.23 40.04 6.52
N VAL E 157 -6.63 41.17 7.12
CA VAL E 157 -6.50 41.37 8.56
C VAL E 157 -7.59 40.60 9.32
N ALA E 158 -8.77 40.48 8.70
CA ALA E 158 -9.87 39.71 9.30
C ALA E 158 -9.51 38.23 9.46
N ARG E 159 -8.88 37.65 8.44
CA ARG E 159 -8.48 36.24 8.46
C ARG E 159 -7.24 35.94 9.32
N CYS E 160 -6.61 36.98 9.88
CA CYS E 160 -5.28 36.86 10.52
C CYS E 160 -5.38 36.67 12.01
N GLY E 161 -4.25 36.34 12.60
CA GLY E 161 -4.16 36.17 14.03
C GLY E 161 -5.03 35.04 14.54
N LYS E 162 -5.30 35.08 15.83
CA LYS E 162 -6.04 34.00 16.50
C LYS E 162 -7.50 33.99 16.08
N HIS E 163 -8.02 32.79 15.86
CA HIS E 163 -9.36 32.60 15.32
C HIS E 163 -10.39 32.78 16.40
N ASN E 164 -11.57 33.22 15.98
CA ASN E 164 -12.69 33.47 16.91
C ASN E 164 -13.32 32.20 17.45
N PHE E 165 -13.29 31.13 16.65
CA PHE E 165 -13.63 29.81 17.20
C PHE E 165 -12.46 29.30 18.04
N SER E 166 -12.77 28.86 19.26
CA SER E 166 -11.78 28.18 20.10
C SER E 166 -12.46 27.34 21.16
N ALA E 167 -11.85 26.20 21.47
CA ALA E 167 -12.33 25.27 22.53
C ALA E 167 -11.33 25.20 23.69
N LYS E 168 -10.27 26.04 23.65
CA LYS E 168 -9.23 26.04 24.67
C LYS E 168 -9.65 26.70 25.97
N ASP E 169 -8.98 26.32 27.05
CA ASP E 169 -9.13 26.94 28.39
C ASP E 169 -10.58 27.21 28.76
N GLY E 170 -11.43 26.18 28.65
CA GLY E 170 -12.82 26.26 29.05
C GLY E 170 -13.76 27.12 28.19
N ALA E 171 -13.30 27.54 27.00
CA ALA E 171 -14.16 28.33 26.09
C ALA E 171 -15.32 27.48 25.51
N ALA E 172 -15.25 26.16 25.66
CA ALA E 172 -16.37 25.26 25.41
C ALA E 172 -17.59 25.59 26.27
N ALA E 173 -17.34 26.11 27.48
CA ALA E 173 -18.40 26.60 28.39
C ALA E 173 -19.02 27.96 27.99
N ALA E 174 -18.34 28.71 27.13
CA ALA E 174 -18.81 30.00 26.60
C ALA E 174 -19.13 29.93 25.08
N ALA E 175 -19.87 28.90 24.68
CA ALA E 175 -20.28 28.68 23.28
C ALA E 175 -19.13 28.79 22.24
N TYR E 176 -17.94 28.32 22.64
CA TYR E 176 -16.78 28.24 21.75
C TYR E 176 -16.35 29.60 21.16
N ASN E 177 -16.45 30.63 21.97
CA ASN E 177 -15.97 31.97 21.59
C ASN E 177 -14.64 32.26 22.26
N SER E 178 -13.63 32.55 21.43
CA SER E 178 -12.26 32.70 21.93
C SER E 178 -12.15 33.93 22.81
N GLY E 179 -11.67 33.73 24.04
CA GLY E 179 -11.33 34.84 24.93
C GLY E 179 -9.98 35.48 24.61
N LYS E 180 -9.28 34.96 23.60
CA LYS E 180 -7.90 35.34 23.32
C LYS E 180 -7.77 36.31 22.13
N VAL E 181 -8.88 36.85 21.63
CA VAL E 181 -8.84 37.72 20.43
C VAL E 181 -8.66 39.19 20.80
N SER E 182 -7.87 39.89 20.00
CA SER E 182 -7.60 41.31 20.18
C SER E 182 -8.45 42.15 19.26
N ARG E 183 -9.08 43.21 19.78
CA ARG E 183 -9.73 44.23 18.93
C ARG E 183 -8.59 44.83 18.04
N LEU E 184 -8.80 44.85 16.72
CA LEU E 184 -7.80 45.34 15.78
C LEU E 184 -8.32 46.59 15.06
N GLN E 185 -7.61 47.70 15.18
CA GLN E 185 -8.02 48.94 14.55
C GLN E 185 -7.05 49.23 13.41
N VAL E 186 -7.49 48.92 12.19
CA VAL E 186 -6.69 49.17 10.98
C VAL E 186 -6.71 50.66 10.63
N VAL E 187 -5.54 51.21 10.31
CA VAL E 187 -5.38 52.64 10.03
C VAL E 187 -4.76 52.86 8.68
N PHE E 188 -5.59 53.17 7.69
CA PHE E 188 -5.12 53.44 6.33
C PHE E 188 -4.50 54.82 6.27
N PRO E 189 -3.68 55.09 5.24
CA PRO E 189 -3.17 56.45 5.06
C PRO E 189 -4.30 57.43 4.75
N GLU E 190 -5.06 57.16 3.70
CA GLU E 190 -6.17 58.02 3.27
C GLU E 190 -7.46 57.60 3.94
N PRO E 191 -8.46 58.50 3.97
CA PRO E 191 -9.77 58.00 4.35
C PRO E 191 -10.17 56.98 3.30
N PRO E 192 -10.67 55.80 3.75
CA PRO E 192 -10.85 54.65 2.87
C PRO E 192 -11.86 54.88 1.73
N ALA E 193 -11.53 54.42 0.53
CA ALA E 193 -12.36 54.49 -0.70
C ALA E 193 -13.75 53.81 -0.54
N ILE E 194 -13.82 52.81 0.34
CA ILE E 194 -15.05 52.17 0.78
C ILE E 194 -15.32 52.60 2.22
N PRO E 195 -16.59 52.78 2.59
CA PRO E 195 -16.90 53.12 3.99
C PRO E 195 -16.39 52.14 5.04
N PRO E 196 -15.99 52.63 6.23
CA PRO E 196 -15.67 51.76 7.37
C PRO E 196 -16.78 50.77 7.80
N LYS E 197 -18.03 51.24 7.84
CA LYS E 197 -19.19 50.38 8.12
C LYS E 197 -19.34 49.22 7.11
N ASP E 198 -18.93 49.46 5.85
CA ASP E 198 -18.97 48.42 4.79
C ASP E 198 -17.83 47.43 4.95
N LEU E 199 -16.61 47.94 5.14
CA LEU E 199 -15.43 47.09 5.38
C LEU E 199 -15.63 46.17 6.59
N GLU E 200 -16.23 46.68 7.65
CA GLU E 200 -16.62 45.88 8.81
C GLU E 200 -17.55 44.67 8.50
N ALA E 201 -18.48 44.87 7.57
CA ALA E 201 -19.36 43.79 7.10
C ALA E 201 -18.58 42.71 6.38
N VAL E 202 -17.74 43.11 5.44
CA VAL E 202 -16.86 42.19 4.70
C VAL E 202 -15.98 41.35 5.64
N ALA E 203 -15.41 42.04 6.63
CA ALA E 203 -14.61 41.42 7.67
C ALA E 203 -15.44 40.46 8.53
N THR E 204 -16.65 40.84 8.89
CA THR E 204 -17.55 39.96 9.65
C THR E 204 -17.87 38.69 8.87
N SER E 205 -18.09 38.85 7.57
CA SER E 205 -18.45 37.72 6.71
C SER E 205 -17.29 36.76 6.57
N THR E 206 -16.08 37.32 6.48
CA THR E 206 -14.86 36.52 6.37
C THR E 206 -14.67 35.69 7.62
N GLN E 207 -14.86 36.32 8.78
CA GLN E 207 -14.66 35.64 10.05
C GLN E 207 -15.81 34.70 10.44
N LEU E 208 -17.02 34.94 9.93
CA LEU E 208 -18.12 34.01 10.14
C LEU E 208 -17.87 32.75 9.33
N CYS E 209 -17.52 32.93 8.05
CA CYS E 209 -17.15 31.83 7.16
C CYS E 209 -16.06 31.01 7.84
N GLN E 210 -15.05 31.72 8.34
CA GLN E 210 -13.95 31.10 9.07
C GLN E 210 -14.48 30.24 10.23
N ARG E 211 -15.37 30.83 11.02
CA ARG E 211 -15.88 30.17 12.21
C ARG E 211 -16.61 28.88 11.87
N LEU E 212 -17.46 28.94 10.85
CA LEU E 212 -18.26 27.78 10.46
C LEU E 212 -17.36 26.65 10.02
N VAL E 213 -16.41 26.97 9.15
CA VAL E 213 -15.48 26.00 8.61
C VAL E 213 -14.66 25.33 9.73
N ASP E 214 -13.98 26.16 10.54
CA ASP E 214 -13.21 25.71 11.73
C ASP E 214 -13.95 24.75 12.62
N ALA E 215 -15.22 25.04 12.87
CA ALA E 215 -15.95 24.31 13.87
C ALA E 215 -16.00 22.82 13.54
N PRO E 216 -15.97 21.98 14.60
CA PRO E 216 -16.01 20.55 14.39
C PRO E 216 -17.41 20.08 13.97
N PRO E 217 -17.51 18.91 13.32
CA PRO E 217 -18.81 18.44 12.87
C PRO E 217 -19.78 17.99 13.98
N ASN E 218 -19.30 17.77 15.20
CA ASN E 218 -20.20 17.56 16.33
C ASN E 218 -20.93 18.84 16.79
N LEU E 219 -20.43 20.01 16.40
CA LEU E 219 -21.09 21.29 16.67
C LEU E 219 -21.84 21.77 15.44
N LEU E 220 -21.15 21.84 14.31
CA LEU E 220 -21.77 22.23 13.05
C LEU E 220 -22.24 21.01 12.27
N THR E 221 -23.48 20.65 12.52
CA THR E 221 -24.16 19.56 11.83
C THR E 221 -24.99 20.15 10.68
N THR E 222 -25.69 19.28 9.91
CA THR E 222 -26.60 19.74 8.87
C THR E 222 -27.72 20.55 9.51
N ALA E 223 -28.12 20.13 10.70
CA ALA E 223 -29.23 20.75 11.42
C ALA E 223 -28.87 22.13 11.97
N THR E 224 -27.76 22.23 12.71
CA THR E 224 -27.35 23.52 13.29
C THR E 224 -27.03 24.56 12.21
N PHE E 225 -26.48 24.13 11.07
CA PHE E 225 -26.15 25.04 9.97
C PHE E 225 -27.45 25.63 9.43
N THR E 226 -28.45 24.78 9.27
CA THR E 226 -29.78 25.21 8.82
C THR E 226 -30.40 26.20 9.78
N GLU E 227 -30.32 25.91 11.08
CA GLU E 227 -30.81 26.84 12.13
C GLU E 227 -30.10 28.18 12.11
N ILE E 228 -28.81 28.17 11.77
CA ILE E 228 -28.04 29.40 11.68
C ILE E 228 -28.55 30.25 10.51
N ALA E 229 -28.75 29.62 9.36
CA ALA E 229 -29.36 30.30 8.20
C ALA E 229 -30.73 30.89 8.56
N GLN E 230 -31.54 30.09 9.25
CA GLN E 230 -32.86 30.53 9.71
C GLN E 230 -32.72 31.72 10.64
N GLY E 231 -31.80 31.64 11.60
CA GLY E 231 -31.55 32.71 12.56
C GLY E 231 -31.27 34.05 11.86
N TYR E 232 -30.40 34.01 10.85
CA TYR E 232 -30.08 35.18 10.03
C TYR E 232 -31.29 35.63 9.18
N ALA E 233 -32.08 34.67 8.69
CA ALA E 233 -33.26 35.00 7.90
C ALA E 233 -34.25 35.84 8.72
N LYS E 234 -34.46 35.42 9.97
CA LYS E 234 -35.32 36.17 10.94
C LYS E 234 -34.74 37.54 11.22
N ALA E 235 -33.41 37.60 11.37
CA ALA E 235 -32.73 38.85 11.73
C ALA E 235 -32.75 39.89 10.62
N LEU E 236 -32.35 39.49 9.42
CA LEU E 236 -32.18 40.44 8.31
C LEU E 236 -33.38 40.50 7.35
N GLY E 237 -34.39 39.66 7.55
CA GLY E 237 -35.61 39.72 6.75
C GLY E 237 -35.38 39.29 5.31
N PHE E 238 -35.13 37.99 5.13
CA PHE E 238 -35.14 37.38 3.80
C PHE E 238 -35.77 36.01 3.89
N ASP E 239 -36.16 35.48 2.74
CA ASP E 239 -36.91 34.22 2.67
C ASP E 239 -35.97 33.02 2.76
N VAL E 240 -36.43 31.99 3.47
CA VAL E 240 -35.66 30.75 3.68
C VAL E 240 -36.58 29.57 3.36
N ASP E 241 -36.10 28.65 2.53
CA ASP E 241 -36.84 27.45 2.12
C ASP E 241 -36.00 26.21 2.46
N VAL E 242 -36.60 25.25 3.15
CA VAL E 242 -35.88 24.06 3.60
C VAL E 242 -36.63 22.79 3.21
N ILE E 243 -35.96 21.92 2.46
CA ILE E 243 -36.47 20.60 2.14
C ILE E 243 -35.65 19.59 2.95
N CYS E 244 -36.25 18.99 3.98
CA CYS E 244 -35.49 18.14 4.93
C CYS E 244 -35.74 16.64 4.77
N GLY E 245 -34.70 15.85 5.00
CA GLY E 245 -34.78 14.38 5.06
C GLY E 245 -35.54 13.70 3.94
N ASP E 246 -36.54 12.91 4.30
CA ASP E 246 -37.24 12.05 3.35
C ASP E 246 -38.01 12.85 2.29
N ASP E 247 -38.42 14.09 2.61
CA ASP E 247 -39.04 14.99 1.61
C ASP E 247 -38.21 15.09 0.35
N LEU E 248 -36.88 15.02 0.50
CA LEU E 248 -35.98 15.02 -0.66
C LEU E 248 -36.21 13.83 -1.59
N CYS E 249 -36.40 12.64 -1.03
CA CYS E 249 -36.76 11.45 -1.84
C CYS E 249 -38.12 11.54 -2.51
N GLU E 250 -39.12 11.94 -1.72
CA GLU E 250 -40.51 12.15 -2.21
C GLU E 250 -40.57 13.14 -3.37
N ARG E 251 -39.75 14.20 -3.29
CA ARG E 251 -39.79 15.30 -4.26
C ARG E 251 -38.75 15.21 -5.36
N GLY E 252 -38.16 14.03 -5.57
CA GLY E 252 -37.26 13.77 -6.72
C GLY E 252 -35.77 14.07 -6.57
N TYR E 253 -35.36 14.60 -5.42
CA TYR E 253 -33.98 14.98 -5.15
C TYR E 253 -33.15 13.76 -4.73
N GLY E 254 -32.98 12.82 -5.64
CA GLY E 254 -32.27 11.57 -5.35
C GLY E 254 -30.81 11.70 -4.96
N GLY E 255 -30.13 12.70 -5.54
CA GLY E 255 -28.72 12.93 -5.32
C GLY E 255 -28.44 13.30 -3.87
N ILE E 256 -28.91 14.48 -3.46
CA ILE E 256 -28.64 14.93 -2.08
C ILE E 256 -29.25 13.97 -1.05
N TYR E 257 -30.39 13.37 -1.35
CA TYR E 257 -30.98 12.35 -0.46
C TYR E 257 -30.06 11.12 -0.27
N SER E 258 -29.70 10.46 -1.37
CA SER E 258 -28.83 9.27 -1.33
C SER E 258 -27.52 9.46 -0.57
N VAL E 259 -26.84 10.57 -0.85
CA VAL E 259 -25.59 10.91 -0.17
C VAL E 259 -25.80 10.98 1.36
N GLY E 260 -26.72 11.84 1.75
CA GLY E 260 -26.88 12.18 3.16
C GLY E 260 -27.75 11.28 4.02
N LYS E 261 -28.45 10.32 3.42
CA LYS E 261 -29.46 9.50 4.16
C LYS E 261 -28.90 8.54 5.22
N ALA E 262 -27.64 8.16 5.07
CA ALA E 262 -26.94 7.31 6.02
C ALA E 262 -26.74 7.97 7.38
N ALA E 263 -26.56 9.29 7.35
CA ALA E 263 -26.14 10.04 8.53
C ALA E 263 -27.20 10.08 9.62
N PHE E 264 -26.76 10.38 10.83
CA PHE E 264 -27.62 10.60 11.96
C PHE E 264 -28.54 11.82 11.77
N GLU E 265 -28.00 12.94 11.27
CA GLU E 265 -28.77 14.17 11.06
C GLU E 265 -29.08 14.25 9.58
N ALA E 266 -30.36 14.41 9.25
CA ALA E 266 -30.83 14.28 7.86
C ALA E 266 -30.30 15.37 6.94
N PRO E 267 -30.18 15.07 5.63
CA PRO E 267 -29.74 16.11 4.69
C PRO E 267 -30.83 17.12 4.41
N ARG E 268 -30.40 18.31 4.03
CA ARG E 268 -31.30 19.45 3.80
C ARG E 268 -30.85 20.28 2.62
N LEU E 269 -31.81 20.63 1.77
CA LEU E 269 -31.61 21.62 0.73
C LEU E 269 -32.23 22.95 1.18
N VAL E 270 -31.35 23.86 1.65
CA VAL E 270 -31.74 25.17 2.16
C VAL E 270 -31.51 26.25 1.10
N THR E 271 -32.59 26.88 0.61
CA THR E 271 -32.50 27.93 -0.37
C THR E 271 -32.86 29.25 0.28
N LEU E 272 -32.02 30.26 0.07
CA LEU E 272 -32.25 31.60 0.59
C LEU E 272 -32.51 32.54 -0.57
N LEU E 273 -33.22 33.64 -0.30
CA LEU E 273 -33.65 34.57 -1.37
C LEU E 273 -33.54 36.01 -0.93
N TYR E 274 -32.94 36.83 -1.78
CA TYR E 274 -32.85 38.28 -1.54
C TYR E 274 -33.13 39.02 -2.84
N THR E 275 -33.98 40.04 -2.75
CA THR E 275 -34.31 40.87 -3.88
C THR E 275 -34.12 42.32 -3.41
N PRO E 276 -33.25 43.08 -4.11
CA PRO E 276 -32.99 44.47 -3.73
C PRO E 276 -34.17 45.40 -4.09
N LYS E 277 -34.28 46.54 -3.41
CA LYS E 277 -35.39 47.53 -3.68
C LYS E 277 -35.59 48.01 -5.13
N GLY E 278 -34.53 48.23 -5.90
CA GLY E 278 -34.61 48.80 -7.23
C GLY E 278 -34.50 47.74 -8.29
N THR E 279 -34.12 48.16 -9.50
CA THR E 279 -33.92 47.25 -10.66
C THR E 279 -32.52 46.52 -10.50
N PRO E 280 -32.53 45.17 -10.35
CA PRO E 280 -31.24 44.50 -10.16
C PRO E 280 -30.37 44.56 -11.41
N VAL E 281 -29.07 44.72 -11.19
CA VAL E 281 -28.07 44.69 -12.28
C VAL E 281 -27.94 43.29 -12.92
N LYS E 282 -28.16 42.26 -12.13
CA LYS E 282 -28.05 40.90 -12.58
C LYS E 282 -28.79 39.98 -11.64
N LYS E 283 -29.27 38.87 -12.18
CA LYS E 283 -29.94 37.84 -11.39
C LYS E 283 -28.94 36.68 -11.26
N VAL E 284 -28.41 36.49 -10.05
CA VAL E 284 -27.38 35.48 -9.76
C VAL E 284 -27.90 34.40 -8.80
N SER E 285 -27.65 33.13 -9.13
CA SER E 285 -27.94 31.99 -8.24
C SER E 285 -26.65 31.34 -7.71
N LEU E 286 -26.50 31.34 -6.38
CA LEU E 286 -25.39 30.70 -5.70
C LEU E 286 -25.78 29.30 -5.21
N VAL E 287 -24.81 28.38 -5.30
CA VAL E 287 -24.97 27.00 -4.84
C VAL E 287 -23.68 26.57 -4.15
N GLY E 288 -23.78 26.08 -2.90
CA GLY E 288 -22.62 25.64 -2.11
C GLY E 288 -22.64 24.17 -1.72
N LYS E 289 -21.51 23.49 -1.90
CA LYS E 289 -21.33 22.12 -1.38
C LYS E 289 -21.20 22.25 0.12
N GLY E 290 -22.15 21.66 0.84
CA GLY E 290 -22.20 21.77 2.30
C GLY E 290 -22.06 20.45 3.01
N ILE E 291 -21.04 19.69 2.63
CA ILE E 291 -20.81 18.41 3.28
C ILE E 291 -20.15 18.66 4.62
N VAL E 292 -20.96 18.56 5.67
CA VAL E 292 -20.53 18.93 7.05
C VAL E 292 -19.39 18.05 7.61
N TYR E 293 -19.33 16.82 7.10
CA TYR E 293 -18.19 15.91 7.28
C TYR E 293 -18.19 14.85 6.16
N ASP E 294 -17.07 14.74 5.44
CA ASP E 294 -16.91 13.78 4.31
C ASP E 294 -16.07 12.61 4.84
N CYS E 295 -16.73 11.60 5.37
CA CYS E 295 -16.02 10.36 5.80
C CYS E 295 -15.70 9.45 4.62
N GLY E 296 -16.33 9.72 3.48
CA GLY E 296 -16.15 8.94 2.27
C GLY E 296 -17.32 8.02 1.91
N GLY E 297 -18.19 7.77 2.87
CA GLY E 297 -19.24 6.76 2.70
C GLY E 297 -18.65 5.36 2.76
N LEU E 298 -19.29 4.42 2.08
CA LEU E 298 -18.76 3.04 2.02
C LEU E 298 -17.39 2.98 1.37
N ALA E 299 -17.09 3.95 0.49
CA ALA E 299 -15.70 4.19 0.03
C ALA E 299 -14.96 4.98 1.08
N LEU E 300 -14.77 4.31 2.21
CA LEU E 300 -14.30 4.94 3.44
C LEU E 300 -12.89 5.44 3.24
N LYS E 301 -12.68 6.71 3.61
CA LYS E 301 -11.37 7.34 3.49
C LYS E 301 -10.43 6.76 4.53
N PRO E 302 -9.13 6.66 4.19
CA PRO E 302 -8.16 6.33 5.22
C PRO E 302 -8.02 7.49 6.18
N ALA E 303 -7.74 7.19 7.43
CA ALA E 303 -7.68 8.19 8.51
C ALA E 303 -6.94 9.50 8.19
N ASP E 304 -5.86 9.42 7.40
CA ASP E 304 -5.02 10.61 7.07
C ASP E 304 -5.73 11.60 6.16
N TYR E 305 -6.39 11.07 5.15
CA TYR E 305 -7.23 11.85 4.24
C TYR E 305 -8.59 12.28 4.85
N MET E 306 -9.04 11.60 5.92
CA MET E 306 -10.26 11.97 6.64
C MET E 306 -10.03 13.03 7.70
N LYS E 307 -8.79 13.18 8.14
CA LYS E 307 -8.40 14.34 8.97
C LYS E 307 -8.70 15.64 8.17
N LEU E 308 -9.27 16.62 8.87
CA LEU E 308 -9.66 17.94 8.34
C LEU E 308 -10.82 17.95 7.32
N MET E 309 -11.66 16.90 7.32
CA MET E 309 -12.82 16.85 6.42
C MET E 309 -14.06 17.56 6.97
N LYS E 310 -13.94 18.14 8.17
CA LYS E 310 -14.90 19.17 8.61
C LYS E 310 -14.88 20.35 7.63
N HIS E 311 -13.74 20.60 6.97
CA HIS E 311 -13.65 21.65 5.92
C HIS E 311 -14.54 21.41 4.67
N ASP E 312 -15.13 20.22 4.46
CA ASP E 312 -15.85 19.93 3.21
C ASP E 312 -17.14 20.75 2.99
N MET E 313 -17.59 21.38 4.06
CA MET E 313 -18.66 22.40 4.06
C MET E 313 -18.24 23.78 3.55
N GLY E 314 -16.97 23.96 3.20
CA GLY E 314 -16.39 25.30 2.96
C GLY E 314 -16.97 26.12 1.83
N GLY E 315 -17.46 25.42 0.81
CA GLY E 315 -18.21 26.03 -0.29
C GLY E 315 -19.53 26.65 0.16
N ALA E 316 -20.31 25.90 0.93
CA ALA E 316 -21.57 26.39 1.49
C ALA E 316 -21.38 27.61 2.37
N ALA E 317 -20.41 27.54 3.29
CA ALA E 317 -20.07 28.68 4.15
C ALA E 317 -19.65 29.93 3.38
N ALA E 318 -19.02 29.73 2.22
CA ALA E 318 -18.61 30.83 1.37
C ALA E 318 -19.83 31.54 0.76
N VAL E 319 -20.68 30.76 0.08
CA VAL E 319 -21.88 31.31 -0.61
C VAL E 319 -22.86 31.88 0.40
N PHE E 320 -22.93 31.29 1.58
CA PHE E 320 -23.78 31.79 2.67
C PHE E 320 -23.34 33.15 3.17
N CYS E 321 -22.09 33.25 3.58
CA CYS E 321 -21.54 34.51 4.09
C CYS E 321 -21.40 35.58 2.99
N GLY E 322 -21.21 35.15 1.74
CA GLY E 322 -21.23 36.05 0.60
C GLY E 322 -22.58 36.68 0.37
N PHE E 323 -23.60 35.87 0.54
CA PHE E 323 -25.01 36.29 0.53
C PHE E 323 -25.31 37.24 1.69
N LEU E 324 -24.82 36.95 2.89
CA LEU E 324 -25.08 37.81 4.07
C LEU E 324 -24.53 39.18 3.88
N THR E 325 -23.32 39.29 3.30
CA THR E 325 -22.72 40.60 2.95
C THR E 325 -23.60 41.37 1.94
N ALA E 326 -24.05 40.68 0.90
CA ALA E 326 -24.90 41.31 -0.10
C ALA E 326 -26.14 41.97 0.51
N VAL E 327 -26.82 41.23 1.40
CA VAL E 327 -28.03 41.73 2.08
C VAL E 327 -27.72 42.92 2.99
N ARG E 328 -26.75 42.74 3.87
CA ARG E 328 -26.28 43.79 4.79
C ARG E 328 -25.84 45.10 4.13
N LEU E 329 -25.12 45.02 3.01
CA LEU E 329 -24.71 46.21 2.24
C LEU E 329 -25.74 46.62 1.20
N GLN E 330 -26.75 45.79 0.97
CA GLN E 330 -27.82 46.07 0.00
C GLN E 330 -27.28 46.21 -1.40
N GLN E 331 -26.45 45.23 -1.78
CA GLN E 331 -25.84 45.21 -3.10
C GLN E 331 -27.03 45.03 -4.02
N PRO E 332 -27.07 45.75 -5.15
CA PRO E 332 -28.22 45.67 -6.03
C PRO E 332 -28.17 44.44 -6.95
N VAL E 333 -28.05 43.25 -6.34
CA VAL E 333 -28.05 41.99 -7.07
C VAL E 333 -29.20 41.17 -6.53
N GLN E 334 -29.95 40.55 -7.43
CA GLN E 334 -30.98 39.62 -7.05
C GLN E 334 -30.29 38.28 -6.87
N LEU E 335 -30.33 37.76 -5.62
CA LEU E 335 -29.63 36.51 -5.25
C LEU E 335 -30.52 35.36 -4.77
N SER E 336 -30.22 34.15 -5.27
CA SER E 336 -30.63 32.90 -4.66
C SER E 336 -29.35 32.30 -4.08
N CYS E 337 -29.43 31.72 -2.89
CA CYS E 337 -28.30 30.98 -2.27
C CYS E 337 -28.76 29.62 -1.75
N THR E 338 -28.38 28.57 -2.46
CA THR E 338 -28.84 27.23 -2.16
C THR E 338 -27.72 26.42 -1.50
N LEU E 339 -27.90 26.09 -0.22
CA LEU E 339 -26.94 25.30 0.55
C LEU E 339 -27.28 23.80 0.46
N CYS E 340 -26.37 23.00 -0.09
CA CYS E 340 -26.56 21.57 -0.19
C CYS E 340 -25.94 20.84 1.01
N LEU E 341 -26.74 20.64 2.04
CA LEU E 341 -26.24 20.17 3.31
C LEU E 341 -26.45 18.68 3.49
N ALA E 342 -25.38 17.95 3.79
CA ALA E 342 -25.45 16.52 4.08
C ALA E 342 -24.19 16.06 4.78
N GLU E 343 -24.28 14.93 5.49
CA GLU E 343 -23.08 14.22 5.96
C GLU E 343 -22.95 12.94 5.15
N ASN E 344 -21.78 12.79 4.53
CA ASN E 344 -21.46 11.56 3.84
C ASN E 344 -21.00 10.61 4.91
N ALA E 345 -21.92 9.77 5.34
CA ALA E 345 -21.71 8.93 6.51
C ALA E 345 -21.70 7.48 6.09
N ILE E 346 -21.21 6.64 7.00
CA ILE E 346 -21.08 5.21 6.76
C ILE E 346 -21.97 4.44 7.75
N GLY E 347 -22.80 3.55 7.22
CA GLY E 347 -23.76 2.82 8.04
C GLY E 347 -24.62 1.84 7.26
N PRO E 348 -25.61 1.24 7.93
CA PRO E 348 -26.60 0.35 7.29
C PRO E 348 -27.29 0.92 6.05
N LYS E 349 -27.54 2.24 6.05
CA LYS E 349 -28.30 2.92 5.00
C LYS E 349 -27.43 3.76 4.07
N SER E 350 -26.13 3.49 4.04
CA SER E 350 -25.26 4.17 3.11
C SER E 350 -25.68 3.88 1.69
N TYR E 351 -25.65 4.91 0.86
CA TYR E 351 -25.68 4.68 -0.57
C TYR E 351 -24.38 3.97 -0.94
N ARG E 352 -24.46 3.16 -1.99
CA ARG E 352 -23.50 2.11 -2.26
C ARG E 352 -22.72 2.30 -3.56
N ASN E 353 -21.55 1.66 -3.63
CA ASN E 353 -20.76 1.63 -4.84
C ASN E 353 -21.37 0.58 -5.78
N ASP E 354 -22.34 1.04 -6.59
CA ASP E 354 -23.15 0.28 -7.58
C ASP E 354 -24.60 0.76 -7.65
N ASP E 355 -25.06 1.43 -6.58
CA ASP E 355 -26.37 2.09 -6.55
C ASP E 355 -26.57 2.97 -7.76
N ILE E 356 -27.82 3.13 -8.17
CA ILE E 356 -28.18 4.05 -9.22
C ILE E 356 -29.12 5.08 -8.62
N ILE E 357 -28.79 6.35 -8.82
CA ILE E 357 -29.57 7.46 -8.28
C ILE E 357 -30.39 8.04 -9.41
N VAL E 358 -31.64 8.41 -9.10
CA VAL E 358 -32.45 9.21 -9.99
C VAL E 358 -32.37 10.64 -9.51
N MET E 359 -31.63 11.46 -10.28
CA MET E 359 -31.35 12.85 -9.91
C MET E 359 -32.58 13.71 -10.14
N LYS E 360 -32.66 14.84 -9.47
CA LYS E 360 -33.76 15.76 -9.68
C LYS E 360 -33.84 16.21 -11.13
N SER E 361 -32.68 16.27 -11.81
CA SER E 361 -32.66 16.51 -13.24
C SER E 361 -33.43 15.45 -14.06
N GLY E 362 -33.60 14.26 -13.50
CA GLY E 362 -34.22 13.13 -14.22
C GLY E 362 -33.23 12.13 -14.77
N LYS E 363 -31.98 12.56 -14.91
CA LYS E 363 -30.92 11.70 -15.39
C LYS E 363 -30.44 10.78 -14.29
N THR E 364 -30.05 9.58 -14.69
CA THR E 364 -29.63 8.55 -13.75
C THR E 364 -28.12 8.52 -13.61
N VAL E 365 -27.68 8.33 -12.36
CA VAL E 365 -26.26 8.31 -12.01
C VAL E 365 -25.86 6.95 -11.36
N GLU E 366 -25.01 6.17 -12.05
CA GLU E 366 -24.38 5.00 -11.49
C GLU E 366 -23.25 5.43 -10.57
N VAL E 367 -23.35 5.10 -9.28
CA VAL E 367 -22.34 5.47 -8.30
C VAL E 367 -21.18 4.48 -8.39
N ILE E 368 -20.03 4.95 -8.86
CA ILE E 368 -18.79 4.14 -8.89
C ILE E 368 -18.07 4.22 -7.55
N ASN E 369 -18.06 5.40 -6.96
CA ASN E 369 -17.36 5.64 -5.72
C ASN E 369 -18.12 6.65 -4.85
N THR E 370 -18.55 6.21 -3.68
CA THR E 370 -19.36 7.06 -2.78
C THR E 370 -18.63 8.30 -2.29
N ASP E 371 -17.31 8.33 -2.38
CA ASP E 371 -16.54 9.49 -1.88
C ASP E 371 -16.54 10.69 -2.83
N ALA E 372 -16.90 10.45 -4.10
CA ALA E 372 -17.24 11.50 -5.06
C ALA E 372 -18.68 11.95 -4.85
N GLU E 373 -18.95 12.38 -3.61
CA GLU E 373 -20.29 12.75 -3.13
C GLU E 373 -20.63 14.20 -3.50
N GLY E 374 -19.61 15.03 -3.67
CA GLY E 374 -19.79 16.45 -3.80
C GLY E 374 -20.52 16.81 -5.05
N ARG E 375 -20.10 16.24 -6.16
CA ARG E 375 -20.75 16.55 -7.45
C ARG E 375 -22.23 16.13 -7.52
N ILE E 376 -22.55 15.01 -6.88
CA ILE E 376 -23.93 14.48 -6.87
C ILE E 376 -24.86 15.47 -6.16
N VAL E 377 -24.43 15.87 -4.97
CA VAL E 377 -25.12 16.83 -4.12
C VAL E 377 -25.29 18.16 -4.85
N LEU E 378 -24.27 18.57 -5.60
CA LEU E 378 -24.30 19.86 -6.33
C LEU E 378 -25.18 19.81 -7.57
N GLY E 379 -25.17 18.66 -8.25
CA GLY E 379 -26.04 18.47 -9.41
C GLY E 379 -27.54 18.67 -9.13
N ASP E 380 -27.96 18.31 -7.90
CA ASP E 380 -29.31 18.60 -7.45
C ASP E 380 -29.42 20.06 -7.09
N GLY E 381 -28.40 20.60 -6.43
CA GLY E 381 -28.37 22.02 -6.10
C GLY E 381 -28.52 22.95 -7.31
N VAL E 382 -27.81 22.65 -8.41
CA VAL E 382 -27.84 23.52 -9.59
C VAL E 382 -29.09 23.34 -10.45
N PHE E 383 -29.65 22.14 -10.44
CA PHE E 383 -30.98 21.92 -11.02
C PHE E 383 -32.04 22.68 -10.24
N HIS E 384 -32.00 22.64 -8.92
CA HIS E 384 -32.94 23.41 -8.13
C HIS E 384 -32.91 24.87 -8.52
N ALA E 385 -31.71 25.44 -8.64
CA ALA E 385 -31.56 26.89 -8.87
C ALA E 385 -31.98 27.28 -10.27
N THR E 386 -31.60 26.49 -11.25
CA THR E 386 -31.94 26.78 -12.66
C THR E 386 -33.38 26.46 -13.11
N ASN E 387 -34.17 25.80 -12.26
CA ASN E 387 -35.43 25.17 -12.66
C ASN E 387 -36.59 25.24 -11.69
N GLU E 388 -36.34 25.32 -10.39
CA GLU E 388 -37.43 25.31 -9.39
C GLU E 388 -37.67 26.66 -8.70
N LEU E 389 -36.92 27.70 -9.06
CA LEU E 389 -37.03 28.99 -8.39
C LEU E 389 -38.02 29.94 -9.07
N SER E 390 -38.35 31.03 -8.39
CA SER E 390 -39.29 32.05 -8.91
C SER E 390 -38.73 32.90 -10.07
N PHE E 391 -37.44 32.71 -10.39
CA PHE E 391 -36.81 33.39 -11.52
C PHE E 391 -35.73 32.50 -12.15
N THR E 392 -35.33 32.86 -13.38
CA THR E 392 -34.23 32.18 -14.06
C THR E 392 -33.01 33.07 -13.90
N PRO E 393 -31.93 32.56 -13.29
CA PRO E 393 -30.72 33.40 -13.16
C PRO E 393 -29.97 33.64 -14.47
N ASP E 394 -29.35 34.80 -14.55
CA ASP E 394 -28.39 35.12 -15.61
C ASP E 394 -27.06 34.36 -15.42
N VAL E 395 -26.62 34.20 -14.15
CA VAL E 395 -25.36 33.54 -13.79
C VAL E 395 -25.57 32.55 -12.64
N VAL E 396 -25.03 31.34 -12.81
CA VAL E 396 -24.93 30.32 -11.73
C VAL E 396 -23.49 30.17 -11.24
N ILE E 397 -23.28 30.41 -9.94
CA ILE E 397 -21.99 30.24 -9.31
C ILE E 397 -22.10 29.13 -8.28
N ASP E 398 -21.37 28.04 -8.50
CA ASP E 398 -21.32 26.97 -7.53
C ASP E 398 -19.93 26.88 -6.94
N MET E 399 -19.86 26.79 -5.61
CA MET E 399 -18.60 26.78 -4.88
C MET E 399 -18.54 25.53 -4.03
N ALA E 400 -17.38 24.86 -4.05
CA ALA E 400 -17.23 23.59 -3.35
C ALA E 400 -15.77 23.23 -3.06
N THR E 401 -15.59 22.45 -2.01
CA THR E 401 -14.28 21.89 -1.68
C THR E 401 -14.22 20.53 -2.30
N LEU E 402 -14.15 20.51 -3.63
CA LEU E 402 -14.61 19.38 -4.41
C LEU E 402 -13.60 18.29 -4.64
N THR E 403 -12.42 18.65 -5.09
CA THR E 403 -11.44 17.64 -5.52
C THR E 403 -10.05 17.92 -5.00
N GLY E 404 -9.33 16.84 -4.71
CA GLY E 404 -7.90 16.91 -4.41
C GLY E 404 -7.09 17.35 -5.63
N ALA E 405 -7.55 16.95 -6.81
CA ALA E 405 -6.97 17.40 -8.07
C ALA E 405 -6.76 18.91 -8.13
N GLN E 406 -7.67 19.66 -7.53
CA GLN E 406 -7.58 21.13 -7.48
C GLN E 406 -6.20 21.60 -7.00
N GLY E 407 -5.80 21.09 -5.85
CA GLY E 407 -4.51 21.39 -5.24
C GLY E 407 -3.32 21.05 -6.14
N ILE E 408 -3.42 19.95 -6.88
CA ILE E 408 -2.36 19.58 -7.81
C ILE E 408 -2.28 20.54 -9.02
N ALA E 409 -3.41 21.12 -9.42
CA ALA E 409 -3.49 21.95 -10.62
C ALA E 409 -3.30 23.45 -10.42
N THR E 410 -3.97 24.00 -9.41
CA THR E 410 -3.93 25.44 -9.13
C THR E 410 -3.38 25.82 -7.76
N GLY E 411 -3.33 24.87 -6.84
CA GLY E 411 -2.60 25.07 -5.58
C GLY E 411 -3.41 25.65 -4.44
N ARG E 412 -2.69 26.06 -3.40
CA ARG E 412 -3.28 26.33 -2.12
C ARG E 412 -3.87 27.70 -2.01
N HIS E 413 -3.47 28.59 -2.93
CA HIS E 413 -3.87 30.01 -2.89
C HIS E 413 -4.89 30.37 -3.94
N HIS E 414 -4.96 29.59 -5.02
CA HIS E 414 -5.88 29.86 -6.08
C HIS E 414 -6.97 28.78 -6.18
N ALA E 415 -8.22 29.24 -6.14
CA ALA E 415 -9.35 28.40 -6.47
C ALA E 415 -9.41 28.13 -7.99
N GLY E 416 -9.77 26.89 -8.35
CA GLY E 416 -9.91 26.49 -9.77
C GLY E 416 -11.24 26.94 -10.32
N LEU E 417 -11.23 27.44 -11.56
CA LEU E 417 -12.45 27.91 -12.27
C LEU E 417 -12.76 27.06 -13.49
N TYR E 418 -13.89 26.36 -13.46
CA TYR E 418 -14.45 25.70 -14.64
C TYR E 418 -15.60 26.60 -15.01
N VAL E 419 -15.45 27.30 -16.13
CA VAL E 419 -16.40 28.32 -16.57
C VAL E 419 -16.74 28.11 -18.04
N ASN E 420 -17.99 28.32 -18.42
CA ASN E 420 -18.46 28.07 -19.80
C ASN E 420 -18.44 29.27 -20.74
N GLU E 421 -18.01 30.42 -20.24
CA GLU E 421 -17.97 31.66 -21.00
C GLU E 421 -16.75 32.48 -20.59
N GLU E 422 -16.02 33.01 -21.59
CA GLU E 422 -14.76 33.72 -21.35
C GLU E 422 -15.03 34.97 -20.49
N GLY E 423 -16.12 35.67 -20.78
CA GLY E 423 -16.45 36.95 -20.15
C GLY E 423 -16.62 36.84 -18.66
N ALA E 424 -17.40 35.84 -18.24
CA ALA E 424 -17.62 35.58 -16.82
C ALA E 424 -16.36 35.05 -16.11
N GLU E 425 -15.56 34.24 -16.80
CA GLU E 425 -14.27 33.77 -16.27
C GLU E 425 -13.37 34.96 -15.99
N ALA E 426 -13.27 35.86 -16.97
CA ALA E 426 -12.50 37.08 -16.85
C ALA E 426 -12.95 37.94 -15.66
N ALA E 427 -14.27 38.08 -15.49
CA ALA E 427 -14.84 38.90 -14.41
C ALA E 427 -14.50 38.36 -13.02
N MET E 428 -14.70 37.04 -12.84
CA MET E 428 -14.38 36.37 -11.57
C MET E 428 -12.89 36.37 -11.32
N LEU E 429 -12.08 36.19 -12.36
CA LEU E 429 -10.63 36.28 -12.23
C LEU E 429 -10.20 37.67 -11.72
N ARG E 430 -10.71 38.73 -12.38
CA ARG E 430 -10.52 40.15 -11.98
C ARG E 430 -10.92 40.34 -10.51
N ALA E 431 -12.08 39.82 -10.12
CA ALA E 431 -12.52 39.89 -8.73
C ALA E 431 -11.56 39.20 -7.76
N GLY E 432 -10.96 38.09 -8.18
CA GLY E 432 -9.94 37.42 -7.38
C GLY E 432 -8.75 38.32 -7.07
N ARG E 433 -8.21 38.90 -8.13
CA ARG E 433 -7.07 39.81 -8.04
CA ARG E 433 -7.06 39.81 -8.05
C ARG E 433 -7.37 41.01 -7.15
N GLU E 434 -8.58 41.55 -7.27
CA GLU E 434 -8.97 42.75 -6.51
C GLU E 434 -9.16 42.40 -5.04
N SER E 435 -9.89 41.31 -4.79
CA SER E 435 -10.21 40.91 -3.43
C SER E 435 -9.02 40.31 -2.69
N GLY E 436 -8.13 39.66 -3.42
CA GLY E 436 -7.05 38.90 -2.83
C GLY E 436 -7.35 37.41 -2.60
N GLU E 437 -8.62 37.04 -2.74
CA GLU E 437 -9.05 35.65 -2.67
C GLU E 437 -8.98 35.16 -4.12
N THR E 438 -7.77 34.83 -4.54
CA THR E 438 -7.46 34.69 -5.97
C THR E 438 -8.00 33.42 -6.61
N CYS E 439 -7.97 33.38 -7.96
CA CYS E 439 -8.45 32.22 -8.71
C CYS E 439 -7.59 31.98 -9.94
N PHE E 440 -7.79 30.82 -10.57
CA PHE E 440 -7.11 30.50 -11.83
C PHE E 440 -7.96 29.49 -12.65
N PRO E 441 -7.94 29.59 -13.99
CA PRO E 441 -8.71 28.65 -14.79
C PRO E 441 -8.16 27.23 -14.89
N VAL E 442 -9.08 26.28 -14.93
CA VAL E 442 -8.76 24.91 -15.34
C VAL E 442 -9.45 24.65 -16.68
N LEU E 443 -8.93 23.69 -17.44
CA LEU E 443 -9.42 23.42 -18.79
C LEU E 443 -10.95 23.31 -18.87
N TYR E 444 -11.54 24.09 -19.77
CA TYR E 444 -12.93 23.89 -20.19
C TYR E 444 -12.99 23.25 -21.57
N CYS E 445 -13.41 22.00 -21.62
CA CYS E 445 -13.43 21.22 -22.84
C CYS E 445 -14.34 19.99 -22.70
N PRO E 446 -15.68 20.22 -22.65
CA PRO E 446 -16.70 19.17 -22.48
C PRO E 446 -16.59 17.98 -23.42
N GLU E 447 -16.19 18.21 -24.67
CA GLU E 447 -16.02 17.11 -25.63
C GLU E 447 -15.08 16.00 -25.15
N TYR E 448 -14.09 16.37 -24.33
CA TYR E 448 -13.16 15.39 -23.78
C TYR E 448 -13.54 14.92 -22.39
N HIS E 449 -14.36 15.67 -21.67
CA HIS E 449 -14.80 15.29 -20.31
C HIS E 449 -15.91 14.26 -20.31
N GLU E 450 -16.89 14.43 -21.18
CA GLU E 450 -18.05 13.57 -21.23
C GLU E 450 -17.76 12.09 -21.36
N PRO E 451 -16.92 11.68 -22.35
CA PRO E 451 -16.62 10.24 -22.50
C PRO E 451 -16.12 9.53 -21.22
N GLU E 452 -15.49 10.26 -20.30
CA GLU E 452 -15.02 9.68 -19.05
C GLU E 452 -16.14 9.17 -18.14
N PHE E 453 -17.37 9.65 -18.35
CA PHE E 453 -18.51 9.21 -17.55
C PHE E 453 -19.46 8.18 -18.21
N LYS E 454 -19.05 7.51 -19.30
CA LYS E 454 -19.89 6.46 -19.92
C LYS E 454 -20.25 5.38 -18.88
N SER E 455 -21.52 5.03 -18.80
CA SER E 455 -22.06 4.01 -17.90
C SER E 455 -22.79 2.94 -18.68
N ASN E 456 -22.66 1.68 -18.26
CA ASN E 456 -23.32 0.58 -18.96
C ASN E 456 -24.85 0.70 -18.90
N HIS E 457 -25.39 0.96 -17.71
CA HIS E 457 -26.85 0.96 -17.50
C HIS E 457 -27.49 2.28 -17.09
N ALA E 458 -26.69 3.26 -16.71
CA ALA E 458 -27.22 4.58 -16.35
C ALA E 458 -26.80 5.60 -17.42
N ASP E 459 -27.35 6.82 -17.28
CA ASP E 459 -27.02 7.92 -18.17
C ASP E 459 -25.54 8.25 -18.02
N MET E 460 -25.08 8.26 -16.78
CA MET E 460 -23.70 8.61 -16.48
C MET E 460 -23.23 7.94 -15.21
N THR E 461 -21.92 7.91 -15.01
CA THR E 461 -21.32 7.54 -13.75
C THR E 461 -21.02 8.81 -13.03
N ASN E 462 -20.58 8.70 -11.78
CA ASN E 462 -20.15 9.86 -10.97
C ASN E 462 -18.61 10.02 -10.87
N LEU E 463 -17.88 9.22 -11.64
CA LEU E 463 -16.41 9.24 -11.62
C LEU E 463 -15.79 8.81 -12.93
N MET E 464 -14.67 9.45 -13.24
CA MET E 464 -13.92 9.17 -14.46
C MET E 464 -13.49 7.71 -14.60
N GLU E 465 -13.62 7.20 -15.81
CA GLU E 465 -13.02 5.93 -16.19
C GLU E 465 -11.51 5.97 -15.90
N ARG E 466 -10.85 7.05 -16.33
CA ARG E 466 -9.39 7.23 -16.22
C ARG E 466 -9.02 8.40 -15.31
N ARG E 467 -8.04 8.17 -14.44
CA ARG E 467 -7.70 9.13 -13.38
C ARG E 467 -6.91 10.42 -13.84
N ASP E 468 -5.94 10.24 -14.74
CA ASP E 468 -5.08 11.33 -15.11
C ASP E 468 -5.63 12.03 -16.38
N ASN E 469 -6.81 12.66 -16.29
CA ASN E 469 -7.45 13.39 -17.44
C ASN E 469 -8.33 14.63 -17.09
N ALA E 470 -7.69 15.67 -16.59
CA ALA E 470 -8.34 16.93 -16.19
C ALA E 470 -9.43 16.73 -15.14
N GLY E 471 -9.02 16.17 -14.01
CA GLY E 471 -9.93 15.83 -12.91
C GLY E 471 -10.74 16.96 -12.27
N VAL E 472 -10.17 18.16 -12.20
CA VAL E 472 -10.87 19.31 -11.62
C VAL E 472 -12.04 19.68 -12.53
N SER E 473 -11.76 19.57 -13.83
CA SER E 473 -12.68 19.92 -14.90
C SER E 473 -13.79 18.87 -15.04
N CYS E 474 -13.42 17.58 -15.13
CA CYS E 474 -14.40 16.49 -15.26
C CYS E 474 -15.46 16.55 -14.17
N ALA E 475 -15.05 16.82 -12.93
CA ALA E 475 -16.00 17.00 -11.83
C ALA E 475 -16.91 18.18 -12.09
N GLY E 476 -16.35 19.27 -12.64
CA GLY E 476 -17.15 20.41 -13.03
C GLY E 476 -18.17 20.03 -14.09
N TYR E 477 -17.72 19.29 -15.09
CA TYR E 477 -18.60 18.86 -16.18
C TYR E 477 -19.82 18.11 -15.63
N PHE E 478 -19.57 17.10 -14.79
CA PHE E 478 -20.66 16.35 -14.17
C PHE E 478 -21.75 17.29 -13.65
N ILE E 479 -21.34 18.36 -12.99
CA ILE E 479 -22.32 19.30 -12.43
C ILE E 479 -23.15 19.93 -13.55
N THR E 480 -22.50 20.33 -14.65
CA THR E 480 -23.19 20.99 -15.79
C THR E 480 -24.26 20.12 -16.44
N THR E 481 -24.08 18.79 -16.44
CA THR E 481 -25.09 17.89 -16.99
C THR E 481 -26.41 17.96 -16.26
N HIS E 482 -26.40 18.38 -15.00
CA HIS E 482 -27.62 18.51 -14.24
C HIS E 482 -28.16 19.94 -14.17
N LEU E 483 -27.68 20.80 -15.04
CA LEU E 483 -28.31 22.10 -15.21
C LEU E 483 -29.62 21.90 -15.97
N SER E 484 -30.58 22.76 -15.70
CA SER E 484 -31.82 22.79 -16.45
C SER E 484 -31.57 23.16 -17.92
N PRO E 485 -32.25 22.51 -18.86
CA PRO E 485 -32.22 23.06 -20.24
C PRO E 485 -32.84 24.48 -20.44
N LYS E 486 -33.78 24.90 -19.60
CA LYS E 486 -34.18 26.33 -19.47
C LYS E 486 -32.98 27.27 -19.45
N PHE E 487 -31.97 26.92 -18.63
CA PHE E 487 -30.82 27.78 -18.39
C PHE E 487 -29.93 27.82 -19.61
N THR E 488 -29.62 29.04 -20.03
CA THR E 488 -28.68 29.27 -21.14
C THR E 488 -27.58 30.27 -20.79
N GLY E 489 -27.58 30.76 -19.54
CA GLY E 489 -26.63 31.78 -19.11
C GLY E 489 -25.26 31.25 -18.74
N ALA E 490 -24.56 32.01 -17.91
CA ALA E 490 -23.16 31.76 -17.57
C ALA E 490 -23.03 30.91 -16.31
N HIS E 491 -22.21 29.87 -16.40
CA HIS E 491 -21.97 28.96 -15.29
C HIS E 491 -20.51 29.03 -14.80
N ILE E 492 -20.32 29.44 -13.55
CA ILE E 492 -19.01 29.47 -12.92
C ILE E 492 -18.94 28.39 -11.85
N HIS E 493 -18.11 27.36 -12.05
CA HIS E 493 -17.82 26.37 -11.01
C HIS E 493 -16.50 26.74 -10.32
N VAL E 494 -16.51 26.82 -8.99
CA VAL E 494 -15.36 27.27 -8.20
C VAL E 494 -14.94 26.15 -7.28
N ASP E 495 -13.79 25.54 -7.59
CA ASP E 495 -13.21 24.48 -6.77
C ASP E 495 -12.23 25.13 -5.82
N LEU E 496 -12.59 25.15 -4.53
CA LEU E 496 -11.81 25.87 -3.49
C LEU E 496 -11.35 24.91 -2.36
N ALA E 497 -11.11 23.66 -2.73
CA ALA E 497 -10.69 22.59 -1.82
C ALA E 497 -9.56 22.97 -0.86
N TYR E 498 -8.53 23.63 -1.38
CA TYR E 498 -7.40 24.02 -0.58
C TYR E 498 -7.38 25.46 -0.05
N PRO E 499 -7.78 26.46 -0.87
CA PRO E 499 -7.79 27.83 -0.35
C PRO E 499 -8.65 28.11 0.88
N VAL E 500 -9.60 27.24 1.19
CA VAL E 500 -10.38 27.35 2.46
C VAL E 500 -9.63 27.18 3.76
N PHE E 501 -8.44 26.62 3.71
CA PHE E 501 -7.68 26.33 4.92
C PHE E 501 -6.18 26.52 4.74
N ASN E 502 -5.50 26.66 5.87
CA ASN E 502 -4.05 26.63 5.94
C ASN E 502 -3.66 25.95 7.26
N SER E 503 -2.38 26.02 7.63
CA SER E 503 -1.90 25.34 8.83
C SER E 503 -2.54 25.84 10.14
N ASN E 504 -3.04 27.08 10.16
CA ASN E 504 -3.72 27.64 11.34
C ASN E 504 -5.23 27.39 11.43
N GLY E 505 -5.81 26.82 10.38
CA GLY E 505 -7.23 26.48 10.31
C GLY E 505 -7.83 27.18 9.10
N ALA E 506 -9.12 27.48 9.17
CA ALA E 506 -9.85 28.05 8.04
C ALA E 506 -9.39 29.45 7.68
N THR E 507 -9.56 29.82 6.41
CA THR E 507 -9.13 31.12 5.88
C THR E 507 -10.27 32.08 5.65
N GLY E 508 -11.51 31.59 5.70
CA GLY E 508 -12.68 32.39 5.31
C GLY E 508 -12.67 32.82 3.85
N PHE E 509 -12.11 31.97 3.00
CA PHE E 509 -12.01 32.24 1.57
C PHE E 509 -13.40 32.03 0.97
N GLY E 510 -13.78 32.94 0.08
CA GLY E 510 -15.03 32.88 -0.68
C GLY E 510 -15.88 34.15 -0.63
N PRO E 511 -16.32 34.55 0.55
CA PRO E 511 -17.23 35.68 0.67
C PRO E 511 -16.73 36.96 0.03
N ALA E 512 -15.49 37.34 0.33
CA ALA E 512 -14.96 38.59 -0.21
C ALA E 512 -14.83 38.57 -1.73
N LEU E 513 -14.46 37.42 -2.27
CA LEU E 513 -14.43 37.21 -3.73
C LEU E 513 -15.79 37.46 -4.40
N LEU E 514 -16.86 36.93 -3.79
CA LEU E 514 -18.24 37.19 -4.25
C LEU E 514 -18.59 38.68 -4.15
N THR E 515 -18.49 39.24 -2.95
CA THR E 515 -18.73 40.68 -2.74
C THR E 515 -18.08 41.53 -3.86
N GLU E 516 -16.81 41.28 -4.14
CA GLU E 516 -16.09 42.02 -5.18
C GLU E 516 -16.59 41.70 -6.59
N TYR E 517 -17.01 40.47 -6.85
CA TYR E 517 -17.59 40.11 -8.17
C TYR E 517 -18.91 40.82 -8.41
N PHE E 518 -19.78 40.76 -7.41
CA PHE E 518 -21.07 41.45 -7.45
C PHE E 518 -20.88 42.93 -7.65
N ARG E 519 -19.99 43.49 -6.84
CA ARG E 519 -19.65 44.94 -6.87
C ARG E 519 -19.40 45.56 -8.26
N LYS E 520 -18.92 44.76 -9.21
CA LYS E 520 -18.51 45.25 -10.51
C LYS E 520 -19.40 44.84 -11.71
N LEU E 521 -20.56 44.25 -11.48
CA LEU E 521 -21.50 43.92 -12.57
C LEU E 521 -22.16 45.12 -13.26
N THR F 3 -34.59 -5.30 22.55
CA THR F 3 -33.71 -5.27 21.36
C THR F 3 -33.44 -6.71 20.84
N LEU F 4 -32.70 -7.50 21.62
CA LEU F 4 -32.09 -8.77 21.14
C LEU F 4 -33.07 -9.94 20.92
N PRO F 5 -32.70 -10.93 20.06
CA PRO F 5 -33.52 -12.15 19.97
C PRO F 5 -33.51 -12.98 21.27
N LYS F 6 -34.65 -13.58 21.61
CA LYS F 6 -34.83 -14.33 22.86
C LYS F 6 -33.73 -15.37 23.09
N ALA F 7 -33.38 -16.10 22.03
CA ALA F 7 -32.31 -17.11 22.05
C ALA F 7 -30.94 -16.54 22.45
N GLU F 8 -30.61 -15.35 21.94
CA GLU F 8 -29.33 -14.69 22.21
C GLU F 8 -29.23 -14.23 23.66
N ALA F 9 -30.34 -13.69 24.21
CA ALA F 9 -30.43 -13.33 25.64
C ALA F 9 -30.25 -14.54 26.56
N LYS F 10 -30.85 -15.69 26.21
CA LYS F 10 -30.64 -16.95 26.93
C LYS F 10 -29.14 -17.33 26.95
N GLU F 11 -28.50 -17.24 25.80
CA GLU F 11 -27.08 -17.54 25.62
C GLU F 11 -26.18 -16.61 26.44
N LEU F 12 -26.49 -15.31 26.40
CA LEU F 12 -25.71 -14.30 27.12
C LEU F 12 -25.81 -14.50 28.63
N SER F 13 -27.03 -14.68 29.11
CA SER F 13 -27.28 -14.98 30.53
C SER F 13 -26.46 -16.18 31.01
N ALA F 14 -26.58 -17.29 30.27
CA ALA F 14 -25.79 -18.50 30.54
C ALA F 14 -24.28 -18.20 30.62
N PHE F 15 -23.78 -17.40 29.68
CA PHE F 15 -22.37 -17.01 29.67
C PHE F 15 -21.99 -16.17 30.90
N VAL F 16 -22.84 -15.20 31.28
CA VAL F 16 -22.60 -14.36 32.47
C VAL F 16 -22.38 -15.26 33.69
N GLN F 17 -23.32 -16.19 33.88
CA GLN F 17 -23.30 -17.09 35.03
C GLN F 17 -22.05 -17.94 35.06
N SER F 18 -21.63 -18.41 33.89
CA SER F 18 -20.43 -19.24 33.74
C SER F 18 -19.16 -18.53 34.23
N CYS F 19 -19.11 -17.22 34.02
CA CYS F 19 -17.99 -16.40 34.48
C CYS F 19 -18.07 -16.07 35.97
N VAL F 20 -19.28 -15.84 36.48
CA VAL F 20 -19.50 -15.49 37.91
C VAL F 20 -19.20 -16.68 38.83
N GLU F 21 -19.69 -17.86 38.42
CA GLU F 21 -19.51 -19.10 39.17
C GLU F 21 -18.26 -19.90 38.78
N TYR F 22 -17.36 -19.31 38.02
CA TYR F 22 -16.14 -20.01 37.64
C TYR F 22 -15.25 -20.20 38.87
N LYS F 23 -14.86 -21.47 39.12
CA LYS F 23 -13.84 -21.83 40.10
C LYS F 23 -12.73 -22.59 39.35
N THR F 24 -11.50 -22.52 39.85
CA THR F 24 -10.33 -23.11 39.17
C THR F 24 -10.36 -24.63 39.13
N ASN F 25 -9.49 -25.17 38.28
CA ASN F 25 -9.28 -26.61 38.14
C ASN F 25 -7.96 -27.07 38.79
N VAL F 26 -7.26 -26.15 39.47
CA VAL F 26 -5.93 -26.42 40.00
C VAL F 26 -6.00 -26.55 41.54
N CYS F 27 -5.43 -27.64 42.07
CA CYS F 27 -5.20 -27.78 43.52
C CYS F 27 -3.70 -27.80 43.77
N PHE F 28 -3.29 -27.45 44.99
CA PHE F 28 -1.87 -27.38 45.37
C PHE F 28 -1.61 -28.16 46.66
N THR F 29 -0.46 -28.86 46.70
CA THR F 29 -0.02 -29.60 47.89
C THR F 29 1.50 -29.76 47.87
N ASP F 30 2.05 -30.61 48.75
CA ASP F 30 3.52 -30.90 48.78
C ASP F 30 3.80 -32.39 48.83
N VAL F 31 5.08 -32.74 48.63
CA VAL F 31 5.53 -34.13 48.50
C VAL F 31 5.10 -34.97 49.70
N ALA F 32 5.48 -34.50 50.89
CA ALA F 32 5.16 -35.17 52.15
C ALA F 32 3.65 -35.37 52.35
N ALA F 33 2.88 -34.30 52.13
CA ALA F 33 1.42 -34.32 52.29
C ALA F 33 0.70 -35.22 51.28
N TYR F 34 1.27 -35.31 50.07
CA TYR F 34 0.81 -36.23 49.00
C TYR F 34 1.12 -37.70 49.35
N GLU F 35 2.38 -37.93 49.79
CA GLU F 35 2.85 -39.25 50.28
C GLU F 35 1.99 -39.84 51.40
N SER F 36 1.36 -38.97 52.20
CA SER F 36 0.49 -39.35 53.30
C SER F 36 -0.99 -39.43 52.89
N ASN F 37 -1.50 -38.43 52.16
CA ASN F 37 -2.90 -38.44 51.72
C ASN F 37 -3.19 -39.55 50.71
N GLN F 38 -2.35 -39.63 49.68
CA GLN F 38 -2.50 -40.62 48.59
C GLN F 38 -1.87 -41.97 48.88
N LYS F 39 -0.90 -42.00 49.79
CA LYS F 39 -0.16 -43.21 50.16
C LYS F 39 0.72 -43.78 49.04
N GLY F 40 1.18 -42.92 48.13
CA GLY F 40 1.92 -43.36 46.94
C GLY F 40 1.12 -43.82 45.73
N VAL F 41 -0.23 -43.87 45.81
CA VAL F 41 -1.08 -44.18 44.65
C VAL F 41 -1.24 -42.90 43.79
N LEU F 42 -0.86 -42.98 42.50
CA LEU F 42 -0.96 -41.81 41.57
C LEU F 42 -2.41 -41.50 41.21
N SER F 43 -2.68 -40.23 40.94
CA SER F 43 -4.06 -39.75 40.76
C SER F 43 -4.73 -40.16 39.44
N SER F 44 -3.92 -40.39 38.39
CA SER F 44 -4.46 -40.87 37.09
C SER F 44 -3.35 -41.47 36.24
N GLY F 45 -3.72 -41.93 35.04
CA GLY F 45 -2.77 -42.51 34.07
C GLY F 45 -1.77 -41.58 33.41
N LEU F 46 -1.59 -40.38 33.97
CA LEU F 46 -0.55 -39.45 33.57
C LEU F 46 0.09 -38.77 34.79
N ALA F 47 1.40 -38.54 34.71
CA ALA F 47 2.15 -37.78 35.70
C ALA F 47 3.26 -37.00 35.04
N VAL F 48 3.54 -35.81 35.57
CA VAL F 48 4.44 -34.84 34.95
C VAL F 48 5.49 -34.44 35.97
N LEU F 49 6.73 -34.26 35.51
CA LEU F 49 7.84 -33.85 36.36
C LEU F 49 8.62 -32.71 35.69
N VAL F 50 8.72 -31.59 36.41
CA VAL F 50 9.25 -30.34 35.86
C VAL F 50 10.26 -29.65 36.74
N GLY F 51 11.47 -29.44 36.23
CA GLY F 51 12.49 -28.72 37.00
C GLY F 51 13.77 -28.48 36.23
N THR F 52 14.70 -27.77 36.87
CA THR F 52 15.98 -27.43 36.21
C THR F 52 16.88 -28.64 36.03
N HIS F 53 17.93 -28.48 35.22
CA HIS F 53 18.88 -29.58 34.97
C HIS F 53 19.42 -30.12 36.29
N LYS F 54 19.93 -29.24 37.16
CA LYS F 54 20.47 -29.65 38.47
C LYS F 54 19.40 -30.23 39.42
N GLN F 55 18.20 -29.64 39.45
CA GLN F 55 17.07 -30.12 40.31
C GLN F 55 16.54 -31.54 40.00
N LEU F 56 16.52 -31.89 38.71
CA LEU F 56 16.12 -33.24 38.26
C LEU F 56 17.12 -34.34 38.66
N ARG F 57 18.37 -33.94 38.89
CA ARG F 57 19.48 -34.82 39.35
C ARG F 57 19.71 -34.79 40.88
N ASP F 58 18.90 -34.04 41.61
CA ASP F 58 18.91 -34.10 43.05
C ASP F 58 18.43 -35.50 43.53
N PRO F 59 19.10 -36.05 44.57
CA PRO F 59 18.74 -37.33 45.19
C PRO F 59 17.26 -37.53 45.54
N ALA F 60 16.58 -36.47 45.98
CA ALA F 60 15.16 -36.54 46.38
C ALA F 60 14.22 -37.00 45.26
N VAL F 61 14.63 -36.76 44.02
CA VAL F 61 13.83 -37.12 42.83
C VAL F 61 13.65 -38.64 42.74
N GLN F 62 14.75 -39.38 42.89
CA GLN F 62 14.76 -40.86 42.97
C GLN F 62 13.68 -41.44 43.89
N ARG F 63 13.57 -40.88 45.08
CA ARG F 63 12.60 -41.35 46.07
C ARG F 63 11.12 -40.98 45.77
N LEU F 64 10.82 -40.31 44.65
CA LEU F 64 9.44 -40.04 44.25
C LEU F 64 8.72 -41.32 43.79
N PRO F 65 7.39 -41.40 44.01
CA PRO F 65 6.62 -42.65 43.79
C PRO F 65 6.41 -43.16 42.36
N PHE F 66 6.70 -42.34 41.35
CA PHE F 66 6.60 -42.76 39.92
C PHE F 66 7.96 -43.14 39.32
N TYR F 67 9.05 -42.75 40.00
CA TYR F 67 10.42 -42.92 39.49
C TYR F 67 10.73 -44.38 39.25
N ASN F 68 11.59 -44.61 38.27
CA ASN F 68 12.04 -45.96 37.89
C ASN F 68 13.25 -45.75 36.96
N PRO F 69 13.87 -46.85 36.46
CA PRO F 69 15.11 -46.65 35.65
C PRO F 69 14.88 -45.97 34.28
N ALA F 70 13.64 -46.04 33.76
CA ALA F 70 13.23 -45.39 32.50
C ALA F 70 13.16 -43.86 32.62
N VAL F 71 12.48 -43.41 33.67
CA VAL F 71 12.37 -41.99 34.02
C VAL F 71 13.76 -41.36 34.23
N ALA F 72 14.68 -42.13 34.81
CA ALA F 72 16.07 -41.71 34.99
C ALA F 72 16.80 -41.48 33.66
N GLU F 73 16.51 -42.34 32.67
CA GLU F 73 17.02 -42.17 31.31
C GLU F 73 16.33 -40.98 30.62
N ALA F 74 15.00 -40.89 30.78
CA ALA F 74 14.26 -39.72 30.28
C ALA F 74 14.89 -38.39 30.71
N ILE F 75 15.33 -38.34 31.96
CA ILE F 75 16.02 -37.15 32.47
C ILE F 75 17.36 -36.92 31.77
N GLU F 76 18.07 -37.98 31.40
CA GLU F 76 19.28 -37.85 30.56
C GLU F 76 18.93 -37.35 29.16
N ARG F 77 17.94 -37.98 28.53
CA ARG F 77 17.64 -37.73 27.11
C ARG F 77 16.99 -36.39 26.80
N VAL F 78 16.31 -35.81 27.79
CA VAL F 78 15.58 -34.56 27.62
C VAL F 78 16.44 -33.37 27.18
N LYS F 79 15.91 -32.63 26.22
CA LYS F 79 16.50 -31.35 25.76
C LYS F 79 15.97 -30.18 26.64
N GLU F 80 16.85 -29.20 26.92
CA GLU F 80 16.46 -28.00 27.68
C GLU F 80 15.32 -27.30 26.98
N GLY F 81 14.28 -26.95 27.73
CA GLY F 81 13.11 -26.30 27.17
C GLY F 81 12.10 -27.27 26.58
N GLY F 82 12.43 -28.55 26.48
CA GLY F 82 11.54 -29.57 25.88
C GLY F 82 11.09 -30.64 26.84
N THR F 83 10.30 -31.58 26.35
CA THR F 83 9.80 -32.67 27.18
C THR F 83 10.25 -34.00 26.64
N TYR F 84 10.22 -35.02 27.50
CA TYR F 84 10.44 -36.43 27.11
C TYR F 84 9.47 -37.33 27.88
N GLY F 85 8.68 -38.12 27.14
CA GLY F 85 7.69 -39.02 27.74
C GLY F 85 8.14 -40.48 27.75
N VAL F 86 7.67 -41.25 28.74
CA VAL F 86 7.97 -42.71 28.86
C VAL F 86 6.81 -43.47 29.48
N LEU F 87 6.71 -44.76 29.15
CA LEU F 87 5.70 -45.64 29.74
C LEU F 87 6.32 -46.48 30.85
N VAL F 88 5.53 -46.67 31.92
CA VAL F 88 5.89 -47.49 33.09
C VAL F 88 4.73 -48.45 33.32
N GLU F 89 5.04 -49.75 33.37
CA GLU F 89 4.01 -50.78 33.45
C GLU F 89 3.65 -51.07 34.90
N GLY F 90 2.35 -51.29 35.15
CA GLY F 90 1.82 -51.69 36.46
C GLY F 90 2.12 -50.81 37.68
N LEU F 91 2.37 -49.52 37.47
CA LEU F 91 2.60 -48.57 38.55
C LEU F 91 1.25 -48.24 39.17
N ALA F 92 1.17 -48.34 40.50
CA ALA F 92 -0.09 -48.18 41.23
C ALA F 92 -0.73 -46.82 40.92
N ASN F 93 -2.03 -46.82 40.59
CA ASN F 93 -2.72 -45.58 40.22
C ASN F 93 -4.25 -45.64 40.30
N ALA F 94 -4.86 -44.50 40.64
CA ALA F 94 -6.30 -44.38 40.89
C ALA F 94 -7.23 -44.79 39.75
N ALA F 95 -6.79 -44.61 38.51
CA ALA F 95 -7.59 -44.98 37.31
C ALA F 95 -7.49 -46.48 36.94
N GLY F 96 -6.50 -47.19 37.51
CA GLY F 96 -6.30 -48.62 37.23
C GLY F 96 -5.75 -48.94 35.85
N SER F 97 -4.95 -48.03 35.28
CA SER F 97 -4.42 -48.17 33.91
C SER F 97 -3.16 -49.04 33.95
N LYS F 98 -3.09 -50.02 33.04
CA LYS F 98 -1.97 -51.01 33.02
C LYS F 98 -0.62 -50.30 32.94
N PHE F 99 -0.62 -49.19 32.21
CA PHE F 99 0.52 -48.28 32.10
C PHE F 99 0.21 -46.89 32.65
N VAL F 100 1.25 -46.20 33.12
CA VAL F 100 1.20 -44.80 33.47
C VAL F 100 2.26 -44.04 32.67
N ARG F 101 1.84 -42.94 32.07
CA ARG F 101 2.72 -42.10 31.27
C ARG F 101 3.42 -41.10 32.19
N VAL F 102 4.75 -41.11 32.19
CA VAL F 102 5.51 -40.11 32.91
C VAL F 102 6.13 -39.18 31.88
N VAL F 103 5.94 -37.87 32.07
CA VAL F 103 6.50 -36.85 31.19
C VAL F 103 7.45 -35.96 31.98
N VAL F 104 8.71 -36.00 31.62
CA VAL F 104 9.68 -35.09 32.20
C VAL F 104 9.76 -33.84 31.33
N GLY F 105 10.03 -32.70 31.97
CA GLY F 105 10.30 -31.44 31.27
C GLY F 105 11.40 -30.66 31.95
N GLU F 106 12.38 -30.21 31.18
CA GLU F 106 13.52 -29.50 31.75
C GLU F 106 13.36 -27.99 31.61
N VAL F 107 13.39 -27.29 32.75
CA VAL F 107 13.34 -25.83 32.82
C VAL F 107 14.77 -25.28 32.77
N PRO F 108 15.02 -24.21 31.99
CA PRO F 108 16.35 -23.60 32.02
C PRO F 108 16.65 -22.80 33.30
N THR F 109 17.92 -22.60 33.58
CA THR F 109 18.31 -21.79 34.73
C THR F 109 18.73 -20.40 34.27
N LYS F 110 19.10 -20.24 32.99
CA LYS F 110 19.42 -18.91 32.39
C LYS F 110 18.25 -17.92 32.58
N ALA F 111 18.53 -16.79 33.19
CA ALA F 111 17.53 -15.76 33.44
C ALA F 111 18.19 -14.40 33.60
N SER F 112 17.87 -13.47 32.71
CA SER F 112 18.48 -12.15 32.69
C SER F 112 17.93 -11.32 33.81
N ARG F 113 18.66 -10.24 34.11
CA ARG F 113 18.30 -9.33 35.19
C ARG F 113 16.86 -8.79 35.19
N ASN F 114 16.23 -8.74 34.02
CA ASN F 114 14.85 -8.26 33.88
C ASN F 114 13.80 -9.35 33.83
N ASN F 115 14.17 -10.58 34.18
CA ASN F 115 13.23 -11.70 34.14
C ASN F 115 13.08 -12.37 35.51
N CYS F 116 12.07 -13.23 35.63
CA CYS F 116 11.83 -14.05 36.82
C CYS F 116 12.76 -15.28 36.84
N PRO F 117 13.72 -15.37 37.82
CA PRO F 117 14.70 -16.47 37.86
C PRO F 117 14.13 -17.90 37.78
N ALA F 118 12.88 -18.10 38.23
CA ALA F 118 12.21 -19.40 38.10
C ALA F 118 11.88 -19.83 36.66
N ARG F 119 11.78 -18.86 35.75
CA ARG F 119 11.39 -19.06 34.33
C ARG F 119 10.03 -19.76 34.14
N PRO F 120 8.96 -19.20 34.75
CA PRO F 120 7.63 -19.80 34.67
C PRO F 120 7.10 -19.83 33.24
N ASP F 121 7.63 -18.97 32.38
CA ASP F 121 7.29 -19.02 30.94
C ASP F 121 7.52 -20.39 30.32
N VAL F 122 8.65 -21.01 30.66
CA VAL F 122 8.99 -22.32 30.13
C VAL F 122 8.13 -23.37 30.83
N VAL F 123 7.97 -23.20 32.16
CA VAL F 123 7.14 -24.13 32.94
C VAL F 123 5.79 -24.30 32.27
N THR F 124 5.15 -23.16 31.95
CA THR F 124 3.84 -23.15 31.31
C THR F 124 3.86 -23.96 30.03
N UNK F 125 4.89 -23.76 29.23
CA UNK F 125 5.01 -24.49 27.95
C UNK F 125 5.16 -25.99 28.13
N LEU F 126 6.01 -26.36 29.08
CA LEU F 126 6.30 -27.77 29.37
C LEU F 126 5.05 -28.54 29.80
N VAL F 127 4.28 -27.96 30.71
CA VAL F 127 3.08 -28.62 31.20
C VAL F 127 2.03 -28.69 30.08
N THR F 128 1.91 -27.62 29.28
CA THR F 128 1.01 -27.60 28.10
C THR F 128 1.30 -28.73 27.13
N ALA F 129 2.58 -28.93 26.85
CA ALA F 129 3.05 -30.03 26.00
C ALA F 129 2.67 -31.40 26.57
N ALA F 130 2.96 -31.60 27.85
CA ALA F 130 2.69 -32.86 28.54
C ALA F 130 1.22 -33.22 28.58
N LEU F 131 0.37 -32.21 28.77
CA LEU F 131 -1.10 -32.40 28.77
C LEU F 131 -1.71 -32.68 27.40
N ASP F 132 -0.95 -32.45 26.33
CA ASP F 132 -1.39 -32.73 24.96
C ASP F 132 -1.57 -34.25 24.68
N GLU F 133 -0.90 -35.09 25.47
CA GLU F 133 -1.00 -36.56 25.35
C GLU F 133 -1.96 -37.15 26.42
N VAL F 134 -3.10 -36.51 26.64
CA VAL F 134 -4.00 -36.92 27.72
C VAL F 134 -4.91 -38.08 27.26
N LYS F 135 -4.92 -39.16 28.05
CA LYS F 135 -5.66 -40.40 27.72
C LYS F 135 -7.18 -40.30 27.87
N GLU F 136 -7.64 -39.63 28.94
CA GLU F 136 -9.09 -39.44 29.21
C GLU F 136 -9.33 -38.05 29.84
N PRO F 137 -10.31 -37.27 29.32
CA PRO F 137 -10.60 -35.97 29.93
C PRO F 137 -11.43 -36.11 31.21
N ASN F 138 -11.53 -35.04 31.99
CA ASN F 138 -12.13 -35.08 33.32
C ASN F 138 -11.43 -36.14 34.23
N THR F 139 -10.08 -36.13 34.24
CA THR F 139 -9.26 -36.91 35.19
C THR F 139 -8.46 -35.94 36.05
N THR F 140 -7.59 -36.45 36.92
CA THR F 140 -6.71 -35.59 37.73
C THR F 140 -5.25 -35.92 37.46
N VAL F 141 -4.48 -34.93 37.00
CA VAL F 141 -3.07 -35.12 36.58
C VAL F 141 -2.10 -34.54 37.61
N ASP F 142 -1.16 -35.37 38.07
CA ASP F 142 -0.21 -35.00 39.12
C ASP F 142 0.99 -34.31 38.52
N VAL F 143 1.11 -33.02 38.77
CA VAL F 143 2.22 -32.24 38.24
C VAL F 143 3.23 -32.00 39.35
N PHE F 144 4.32 -32.76 39.34
CA PHE F 144 5.36 -32.62 40.35
C PHE F 144 6.36 -31.57 39.93
N VAL F 145 6.36 -30.43 40.60
CA VAL F 145 7.33 -29.38 40.29
C VAL F 145 8.44 -29.39 41.33
N LEU F 146 9.64 -29.02 40.90
CA LEU F 146 10.83 -29.03 41.75
C LEU F 146 11.32 -27.62 42.07
N SER F 147 10.55 -26.60 41.71
CA SER F 147 10.81 -25.25 42.17
C SER F 147 9.97 -25.01 43.41
N ASN F 148 10.50 -24.19 44.31
CA ASN F 148 9.76 -23.75 45.51
C ASN F 148 9.20 -22.31 45.41
N ALA F 149 9.41 -21.67 44.26
CA ALA F 149 8.87 -20.33 43.98
C ALA F 149 7.36 -20.43 43.73
N VAL F 150 6.59 -20.54 44.80
CA VAL F 150 5.19 -21.01 44.69
C VAL F 150 4.24 -20.11 43.91
N LEU F 151 4.35 -18.79 44.09
CA LEU F 151 3.41 -17.88 43.40
C LEU F 151 3.56 -17.93 41.89
N PRO F 152 4.79 -17.68 41.34
CA PRO F 152 4.92 -17.72 39.88
C PRO F 152 4.50 -19.05 39.23
N ILE F 153 4.85 -20.16 39.86
CA ILE F 153 4.45 -21.48 39.37
C ILE F 153 2.94 -21.63 39.38
N ALA F 154 2.29 -21.16 40.43
CA ALA F 154 0.84 -21.32 40.56
C ALA F 154 0.10 -20.67 39.39
N ALA F 155 0.50 -19.44 39.07
CA ALA F 155 -0.02 -18.71 37.92
C ALA F 155 0.38 -19.38 36.59
N ALA F 156 1.63 -19.81 36.49
CA ALA F 156 2.17 -20.46 35.30
C ALA F 156 1.42 -21.74 34.91
N VAL F 157 1.06 -22.54 35.89
CA VAL F 157 0.26 -23.76 35.65
C VAL F 157 -1.22 -23.42 35.40
N ALA F 158 -1.72 -22.37 36.03
CA ALA F 158 -3.10 -21.90 35.80
C ALA F 158 -3.33 -21.44 34.35
N ARG F 159 -2.36 -20.69 33.79
CA ARG F 159 -2.43 -20.19 32.42
C ARG F 159 -2.13 -21.26 31.34
N CYS F 160 -1.76 -22.48 31.74
CA CYS F 160 -1.25 -23.51 30.84
C CYS F 160 -2.34 -24.46 30.36
N GLY F 161 -1.97 -25.26 29.38
CA GLY F 161 -2.86 -26.28 28.86
C GLY F 161 -4.08 -25.69 28.20
N LYS F 162 -5.08 -26.53 28.02
CA LYS F 162 -6.29 -26.13 27.35
C LYS F 162 -7.08 -25.13 28.18
N HIS F 163 -7.62 -24.12 27.50
CA HIS F 163 -8.30 -23.00 28.15
C HIS F 163 -9.72 -23.40 28.54
N ASN F 164 -10.20 -22.76 29.60
CA ASN F 164 -11.52 -23.08 30.15
C ASN F 164 -12.64 -22.56 29.26
N PHE F 165 -12.39 -21.46 28.55
CA PHE F 165 -13.31 -21.04 27.50
C PHE F 165 -13.12 -21.92 26.28
N SER F 166 -14.22 -22.45 25.77
CA SER F 166 -14.21 -23.19 24.52
C SER F 166 -15.59 -23.23 23.89
N ALA F 167 -15.62 -23.21 22.57
CA ALA F 167 -16.86 -23.35 21.79
C ALA F 167 -16.92 -24.65 20.98
N LYS F 168 -15.91 -25.52 21.15
CA LYS F 168 -15.79 -26.75 20.36
C LYS F 168 -16.76 -27.82 20.80
N ASP F 169 -17.04 -28.75 19.88
CA ASP F 169 -17.85 -29.96 20.13
C ASP F 169 -19.08 -29.70 20.98
N GLY F 170 -19.87 -28.71 20.59
CA GLY F 170 -21.12 -28.39 21.27
C GLY F 170 -21.04 -27.76 22.67
N ALA F 171 -19.86 -27.30 23.08
CA ALA F 171 -19.71 -26.61 24.38
C ALA F 171 -20.39 -25.23 24.39
N ALA F 172 -20.75 -24.72 23.21
CA ALA F 172 -21.65 -23.58 23.09
C ALA F 172 -23.01 -23.81 23.76
N ALA F 173 -23.46 -25.07 23.78
CA ALA F 173 -24.68 -25.48 24.48
C ALA F 173 -24.54 -25.54 26.01
N ALA F 174 -23.31 -25.58 26.53
CA ALA F 174 -23.02 -25.64 27.96
C ALA F 174 -22.29 -24.37 28.41
N ALA F 175 -22.83 -23.22 27.98
CA ALA F 175 -22.30 -21.90 28.37
C ALA F 175 -20.78 -21.75 28.16
N TYR F 176 -20.29 -22.35 27.07
CA TYR F 176 -18.91 -22.16 26.64
C TYR F 176 -17.88 -22.56 27.72
N ASN F 177 -18.21 -23.63 28.46
CA ASN F 177 -17.27 -24.26 29.42
C ASN F 177 -16.63 -25.52 28.82
N SER F 178 -15.30 -25.51 28.73
CA SER F 178 -14.57 -26.58 28.05
C SER F 178 -14.75 -27.89 28.79
N GLY F 179 -15.25 -28.90 28.09
CA GLY F 179 -15.28 -30.27 28.62
C GLY F 179 -13.94 -31.00 28.54
N LYS F 180 -12.92 -30.34 27.99
CA LYS F 180 -11.63 -30.97 27.69
C LYS F 180 -10.55 -30.61 28.74
N VAL F 181 -10.91 -30.00 29.87
CA VAL F 181 -9.91 -29.58 30.89
C VAL F 181 -9.65 -30.66 31.95
N SER F 182 -8.38 -30.79 32.34
CA SER F 182 -7.96 -31.76 33.35
C SER F 182 -7.78 -31.09 34.69
N ARG F 183 -8.30 -31.71 35.76
CA ARG F 183 -7.95 -31.29 37.12
C ARG F 183 -6.41 -31.43 37.24
N LEU F 184 -5.71 -30.36 37.67
CA LEU F 184 -4.25 -30.38 37.81
C LEU F 184 -3.86 -30.25 39.31
N GLN F 185 -3.16 -31.24 39.87
CA GLN F 185 -2.71 -31.20 41.28
C GLN F 185 -1.22 -30.95 41.33
N VAL F 186 -0.85 -29.71 41.57
CA VAL F 186 0.55 -29.32 41.65
C VAL F 186 1.15 -29.80 42.99
N VAL F 187 2.35 -30.38 42.92
CA VAL F 187 3.03 -30.94 44.11
C VAL F 187 4.43 -30.35 44.31
N PHE F 188 4.54 -29.38 45.23
CA PHE F 188 5.83 -28.71 45.54
C PHE F 188 6.65 -29.62 46.47
N PRO F 189 7.96 -29.31 46.72
CA PRO F 189 8.82 -30.09 47.63
C PRO F 189 8.94 -29.50 49.06
N ILE F 194 3.07 -20.03 50.89
CA ILE F 194 1.73 -19.44 50.84
C ILE F 194 0.72 -20.57 50.97
N PRO F 195 -0.41 -20.33 51.64
CA PRO F 195 -1.45 -21.38 51.74
C PRO F 195 -2.00 -21.90 50.41
N PRO F 196 -2.35 -23.20 50.34
CA PRO F 196 -3.05 -23.76 49.17
C PRO F 196 -4.37 -23.07 48.81
N LYS F 197 -5.19 -22.75 49.82
CA LYS F 197 -6.44 -22.00 49.60
C LYS F 197 -6.21 -20.60 48.99
N ASP F 198 -5.06 -19.98 49.30
CA ASP F 198 -4.65 -18.70 48.69
C ASP F 198 -4.16 -18.84 47.23
N LEU F 199 -3.26 -19.80 46.99
CA LEU F 199 -2.77 -20.10 45.64
C LEU F 199 -3.93 -20.44 44.69
N GLU F 200 -4.92 -21.19 45.16
CA GLU F 200 -6.15 -21.48 44.41
C GLU F 200 -6.93 -20.23 43.95
N ALA F 201 -6.97 -19.21 44.80
CA ALA F 201 -7.59 -17.94 44.45
C ALA F 201 -6.83 -17.24 43.33
N VAL F 202 -5.51 -17.14 43.47
CA VAL F 202 -4.62 -16.51 42.46
C VAL F 202 -4.80 -17.21 41.10
N ALA F 203 -4.85 -18.53 41.14
CA ALA F 203 -5.08 -19.35 39.97
C ALA F 203 -6.47 -19.12 39.38
N THR F 204 -7.48 -19.02 40.23
CA THR F 204 -8.85 -18.72 39.75
C THR F 204 -8.92 -17.35 39.07
N SER F 205 -8.22 -16.37 39.64
CA SER F 205 -8.19 -15.03 39.07
C SER F 205 -7.49 -15.00 37.73
N THR F 206 -6.40 -15.77 37.61
CA THR F 206 -5.65 -15.85 36.35
C THR F 206 -6.50 -16.47 35.26
N GLN F 207 -7.22 -17.53 35.58
CA GLN F 207 -8.06 -18.21 34.61
C GLN F 207 -9.37 -17.49 34.30
N LEU F 208 -9.87 -16.68 35.24
CA LEU F 208 -11.06 -15.85 34.96
C LEU F 208 -10.69 -14.73 34.00
N CYS F 209 -9.57 -14.05 34.30
CA CYS F 209 -9.01 -13.04 33.40
C CYS F 209 -8.84 -13.63 32.01
N GLN F 210 -8.24 -14.82 31.96
CA GLN F 210 -8.08 -15.58 30.73
C GLN F 210 -9.40 -15.78 29.99
N ARG F 211 -10.41 -16.24 30.72
CA ARG F 211 -11.72 -16.55 30.13
C ARG F 211 -12.38 -15.32 29.52
N LEU F 212 -12.33 -14.20 30.24
CA LEU F 212 -12.94 -12.96 29.78
C LEU F 212 -12.28 -12.50 28.47
N VAL F 213 -10.95 -12.44 28.50
CA VAL F 213 -10.16 -11.99 27.34
C VAL F 213 -10.44 -12.88 26.12
N ASP F 214 -10.25 -14.19 26.27
CA ASP F 214 -10.56 -15.19 25.21
C ASP F 214 -11.91 -15.04 24.55
N ALA F 215 -12.93 -14.80 25.37
CA ALA F 215 -14.30 -14.81 24.90
C ALA F 215 -14.50 -13.80 23.76
N PRO F 216 -15.34 -14.17 22.80
CA PRO F 216 -15.59 -13.30 21.68
C PRO F 216 -16.45 -12.11 22.08
N PRO F 217 -16.40 -11.00 21.33
CA PRO F 217 -17.21 -9.84 21.67
C PRO F 217 -18.73 -9.99 21.52
N ASN F 218 -19.20 -11.00 20.80
CA ASN F 218 -20.64 -11.33 20.78
C ASN F 218 -21.15 -11.97 22.08
N LEU F 219 -20.24 -12.50 22.91
CA LEU F 219 -20.57 -13.01 24.26
C LEU F 219 -20.21 -12.01 25.35
N LEU F 220 -18.97 -11.55 25.35
CA LEU F 220 -18.54 -10.50 26.29
C LEU F 220 -18.70 -9.08 25.72
N THR F 221 -19.88 -8.49 25.97
CA THR F 221 -20.22 -7.13 25.54
C THR F 221 -19.97 -6.21 26.69
N THR F 222 -20.19 -4.91 26.50
CA THR F 222 -20.07 -3.93 27.61
C THR F 222 -21.11 -4.28 28.67
N ALA F 223 -22.27 -4.75 28.24
CA ALA F 223 -23.36 -5.08 29.12
C ALA F 223 -23.08 -6.33 29.96
N THR F 224 -22.72 -7.44 29.32
CA THR F 224 -22.45 -8.71 30.06
C THR F 224 -21.24 -8.60 31.01
N PHE F 225 -20.24 -7.81 30.65
CA PHE F 225 -19.07 -7.58 31.53
C PHE F 225 -19.55 -6.86 32.80
N THR F 226 -20.38 -5.84 32.62
CA THR F 226 -20.97 -5.12 33.75
C THR F 226 -21.81 -6.05 34.66
N GLU F 227 -22.65 -6.89 34.06
CA GLU F 227 -23.44 -7.88 34.81
C GLU F 227 -22.58 -8.89 35.58
N ILE F 228 -21.43 -9.23 35.01
CA ILE F 228 -20.48 -10.09 35.68
C ILE F 228 -19.91 -9.40 36.94
N ALA F 229 -19.47 -8.16 36.80
CA ALA F 229 -18.99 -7.38 37.93
C ALA F 229 -20.08 -7.27 39.03
N GLN F 230 -21.31 -7.02 38.60
CA GLN F 230 -22.48 -6.98 39.51
C GLN F 230 -22.70 -8.32 40.21
N GLY F 231 -22.66 -9.41 39.43
CA GLY F 231 -22.77 -10.76 39.99
C GLY F 231 -21.78 -11.04 41.11
N TYR F 232 -20.52 -10.67 40.90
CA TYR F 232 -19.45 -10.78 41.91
C TYR F 232 -19.63 -9.80 43.10
N ALA F 233 -20.14 -8.60 42.84
CA ALA F 233 -20.46 -7.64 43.90
C ALA F 233 -21.51 -8.20 44.88
N LYS F 234 -22.59 -8.80 44.34
CA LYS F 234 -23.62 -9.47 45.15
C LYS F 234 -23.04 -10.67 45.92
N ALA F 235 -22.16 -11.44 45.27
CA ALA F 235 -21.56 -12.64 45.87
C ALA F 235 -20.59 -12.32 47.03
N LEU F 236 -19.63 -11.44 46.79
CA LEU F 236 -18.59 -11.15 47.77
C LEU F 236 -18.83 -9.92 48.65
N GLY F 237 -19.92 -9.20 48.41
CA GLY F 237 -20.30 -8.07 49.26
C GLY F 237 -19.34 -6.89 49.15
N PHE F 238 -19.37 -6.24 48.00
CA PHE F 238 -18.68 -4.96 47.81
C PHE F 238 -19.55 -4.04 46.96
N ASP F 239 -19.23 -2.75 47.01
CA ASP F 239 -20.05 -1.74 46.33
C ASP F 239 -19.72 -1.67 44.83
N VAL F 240 -20.76 -1.49 44.02
CA VAL F 240 -20.64 -1.37 42.57
C VAL F 240 -21.41 -0.12 42.10
N ASP F 241 -20.76 0.72 41.30
CA ASP F 241 -21.34 1.96 40.77
C ASP F 241 -21.27 1.92 39.24
N VAL F 242 -22.39 2.16 38.57
CA VAL F 242 -22.46 2.07 37.11
C VAL F 242 -23.08 3.34 36.52
N ILE F 243 -22.35 4.02 35.65
CA ILE F 243 -22.85 5.17 34.88
C ILE F 243 -23.01 4.71 33.43
N CYS F 244 -24.25 4.51 32.98
CA CYS F 244 -24.52 3.87 31.68
C CYS F 244 -24.99 4.85 30.60
N GLY F 245 -24.57 4.58 29.36
CA GLY F 245 -25.03 5.29 28.16
C GLY F 245 -25.06 6.79 28.24
N ASP F 246 -26.23 7.36 27.99
CA ASP F 246 -26.37 8.83 27.87
C ASP F 246 -26.08 9.59 29.18
N ASP F 247 -26.27 8.93 30.33
CA ASP F 247 -25.83 9.49 31.63
C ASP F 247 -24.40 10.00 31.59
N LEU F 248 -23.53 9.32 30.84
CA LEU F 248 -22.14 9.75 30.70
C LEU F 248 -22.03 11.13 30.07
N CYS F 249 -22.85 11.38 29.04
CA CYS F 249 -22.88 12.72 28.42
C CYS F 249 -23.45 13.78 29.35
N GLU F 250 -24.58 13.48 29.98
CA GLU F 250 -25.24 14.38 30.96
C GLU F 250 -24.30 14.77 32.10
N ARG F 251 -23.47 13.82 32.53
CA ARG F 251 -22.61 14.00 33.69
C ARG F 251 -21.16 14.38 33.38
N GLY F 252 -20.90 14.86 32.16
CA GLY F 252 -19.59 15.42 31.80
C GLY F 252 -18.50 14.47 31.28
N TYR F 253 -18.80 13.16 31.24
CA TYR F 253 -17.85 12.14 30.77
C TYR F 253 -17.81 12.07 29.24
N GLY F 254 -17.34 13.13 28.60
CA GLY F 254 -17.31 13.19 27.14
C GLY F 254 -16.44 12.17 26.43
N GLY F 255 -15.34 11.80 27.06
CA GLY F 255 -14.39 10.84 26.49
C GLY F 255 -14.95 9.45 26.29
N ILE F 256 -15.25 8.77 27.38
CA ILE F 256 -15.85 7.43 27.31
C ILE F 256 -17.20 7.43 26.57
N TYR F 257 -18.01 8.48 26.73
CA TYR F 257 -19.26 8.61 25.95
C TYR F 257 -19.02 8.65 24.41
N SER F 258 -18.22 9.62 23.96
CA SER F 258 -17.92 9.78 22.53
C SER F 258 -17.38 8.50 21.84
N VAL F 259 -16.44 7.83 22.49
CA VAL F 259 -15.86 6.59 21.98
C VAL F 259 -16.94 5.54 21.77
N GLY F 260 -17.66 5.25 22.86
CA GLY F 260 -18.58 4.13 22.89
C GLY F 260 -20.00 4.34 22.37
N LYS F 261 -20.37 5.58 22.04
CA LYS F 261 -21.77 5.90 21.68
C LYS F 261 -22.28 5.33 20.34
N ALA F 262 -21.35 5.06 19.44
CA ALA F 262 -21.65 4.44 18.14
C ALA F 262 -22.19 3.04 18.26
N ALA F 263 -21.71 2.31 19.25
CA ALA F 263 -21.95 0.88 19.40
C ALA F 263 -23.40 0.53 19.71
N PHE F 264 -23.76 -0.72 19.47
CA PHE F 264 -25.08 -1.26 19.76
C PHE F 264 -25.34 -1.29 21.27
N GLU F 265 -24.34 -1.72 22.05
CA GLU F 265 -24.45 -1.78 23.51
C GLU F 265 -23.74 -0.57 24.09
N ALA F 266 -24.43 0.18 24.93
CA ALA F 266 -23.92 1.47 25.41
C ALA F 266 -22.67 1.34 26.29
N PRO F 267 -21.85 2.39 26.31
CA PRO F 267 -20.66 2.37 27.18
C PRO F 267 -21.05 2.55 28.64
N ARG F 268 -20.19 2.05 29.53
CA ARG F 268 -20.41 2.09 30.98
C ARG F 268 -19.12 2.34 31.75
N LEU F 269 -19.18 3.25 32.73
CA LEU F 269 -18.10 3.46 33.69
C LEU F 269 -18.47 2.76 35.00
N VAL F 270 -17.92 1.56 35.18
CA VAL F 270 -18.23 0.70 36.34
C VAL F 270 -17.12 0.83 37.39
N THR F 271 -17.47 1.39 38.56
CA THR F 271 -16.50 1.56 39.63
C THR F 271 -16.85 0.59 40.76
N LEU F 272 -15.83 -0.15 41.23
CA LEU F 272 -15.98 -1.10 42.35
C LEU F 272 -15.21 -0.57 43.55
N LEU F 273 -15.63 -0.96 44.74
CA LEU F 273 -15.03 -0.46 45.99
C LEU F 273 -14.87 -1.55 47.05
N TYR F 274 -13.68 -1.61 47.64
CA TYR F 274 -13.39 -2.53 48.72
C TYR F 274 -12.59 -1.79 49.78
N THR F 275 -13.02 -1.98 51.03
CA THR F 275 -12.30 -1.44 52.19
C THR F 275 -12.10 -2.57 53.20
N PRO F 276 -10.83 -2.83 53.58
CA PRO F 276 -10.51 -3.94 54.47
C PRO F 276 -10.91 -3.62 55.91
N LYS F 277 -11.14 -4.65 56.73
CA LYS F 277 -11.54 -4.46 58.15
C LYS F 277 -10.65 -3.55 59.05
N GLY F 278 -9.32 -3.57 58.88
CA GLY F 278 -8.39 -2.81 59.72
C GLY F 278 -7.90 -1.56 59.03
N THR F 279 -6.76 -1.05 59.49
CA THR F 279 -6.13 0.18 58.94
C THR F 279 -5.41 -0.21 57.61
N PRO F 280 -5.86 0.33 56.45
CA PRO F 280 -5.19 -0.05 55.18
C PRO F 280 -3.74 0.48 55.08
N VAL F 281 -2.86 -0.34 54.51
CA VAL F 281 -1.45 0.04 54.30
C VAL F 281 -1.29 1.12 53.24
N LYS F 282 -2.21 1.15 52.28
CA LYS F 282 -2.22 2.19 51.23
C LYS F 282 -3.61 2.24 50.56
N LYS F 283 -3.96 3.42 50.08
CA LYS F 283 -5.19 3.63 49.32
C LYS F 283 -4.82 3.60 47.84
N VAL F 284 -5.24 2.56 47.12
CA VAL F 284 -4.90 2.36 45.68
C VAL F 284 -6.16 2.43 44.80
N SER F 285 -6.09 3.21 43.71
CA SER F 285 -7.17 3.23 42.69
C SER F 285 -6.72 2.59 41.35
N LEU F 286 -7.46 1.54 40.95
CA LEU F 286 -7.22 0.81 39.69
C LEU F 286 -8.16 1.32 38.62
N VAL F 287 -7.63 1.42 37.40
CA VAL F 287 -8.40 1.82 36.22
C VAL F 287 -8.00 0.92 35.05
N GLY F 288 -8.98 0.29 34.41
CA GLY F 288 -8.74 -0.61 33.26
C GLY F 288 -9.36 -0.15 31.94
N LYS F 289 -8.59 -0.19 30.84
CA LYS F 289 -9.13 -0.01 29.49
C LYS F 289 -9.96 -1.23 29.16
N GLY F 290 -11.27 -1.05 28.98
CA GLY F 290 -12.19 -2.16 28.75
C GLY F 290 -12.87 -2.10 27.40
N ILE F 291 -12.07 -1.89 26.34
CA ILE F 291 -12.62 -1.84 25.00
C ILE F 291 -12.94 -3.27 24.56
N VAL F 292 -14.21 -3.63 24.64
CA VAL F 292 -14.66 -5.01 24.39
C VAL F 292 -14.40 -5.50 22.95
N TYR F 293 -14.32 -4.54 22.02
CA TYR F 293 -13.84 -4.74 20.64
C TYR F 293 -13.42 -3.41 20.05
N ASP F 294 -12.18 -3.35 19.56
CA ASP F 294 -11.58 -2.14 18.94
C ASP F 294 -11.58 -2.36 17.44
N CYS F 295 -12.66 -1.94 16.78
CA CYS F 295 -12.75 -1.96 15.31
C CYS F 295 -12.00 -0.77 14.67
N GLY F 296 -11.68 0.23 15.48
CA GLY F 296 -10.96 1.42 15.04
C GLY F 296 -11.81 2.66 14.91
N GLY F 297 -13.13 2.48 14.90
CA GLY F 297 -14.05 3.59 14.67
C GLY F 297 -14.02 3.96 13.20
N LEU F 298 -14.30 5.23 12.90
CA LEU F 298 -14.20 5.74 11.52
C LEU F 298 -12.78 5.59 10.95
N ALA F 299 -11.78 5.63 11.82
CA ALA F 299 -10.41 5.21 11.45
C ALA F 299 -10.34 3.69 11.50
N LEU F 300 -11.08 3.10 10.57
CA LEU F 300 -11.33 1.69 10.54
C LEU F 300 -10.02 0.95 10.32
N LYS F 301 -9.76 -0.03 11.17
CA LYS F 301 -8.59 -0.87 11.05
C LYS F 301 -8.71 -1.76 9.81
N PRO F 302 -7.58 -2.04 9.16
CA PRO F 302 -7.58 -3.13 8.19
C PRO F 302 -7.79 -4.49 8.85
N ALA F 303 -8.45 -5.40 8.14
CA ALA F 303 -8.82 -6.72 8.67
C ALA F 303 -7.75 -7.49 9.47
N ASP F 304 -6.48 -7.37 9.07
CA ASP F 304 -5.35 -8.08 9.75
C ASP F 304 -5.07 -7.59 11.16
N TYR F 305 -5.05 -6.26 11.30
CA TYR F 305 -4.89 -5.61 12.60
C TYR F 305 -6.16 -5.66 13.47
N MET F 306 -7.33 -5.90 12.86
CA MET F 306 -8.59 -6.02 13.60
C MET F 306 -8.81 -7.42 14.13
N LYS F 307 -8.11 -8.39 13.53
CA LYS F 307 -8.06 -9.76 14.07
C LYS F 307 -7.46 -9.72 15.49
N LEU F 308 -8.10 -10.45 16.40
CA LEU F 308 -7.73 -10.52 17.84
C LEU F 308 -7.92 -9.22 18.65
N MET F 309 -8.80 -8.34 18.20
CA MET F 309 -9.12 -7.10 18.95
C MET F 309 -10.23 -7.29 20.03
N LYS F 310 -10.78 -8.51 20.15
CA LYS F 310 -11.48 -8.91 21.37
C LYS F 310 -10.54 -8.79 22.62
N HIS F 311 -9.23 -8.93 22.42
CA HIS F 311 -8.24 -8.72 23.49
C HIS F 311 -8.14 -7.27 24.03
N ASP F 312 -8.75 -6.26 23.38
CA ASP F 312 -8.56 -4.84 23.81
C ASP F 312 -9.19 -4.48 25.20
N MET F 313 -10.06 -5.37 25.69
CA MET F 313 -10.56 -5.41 27.06
C MET F 313 -9.56 -5.90 28.14
N GLY F 314 -8.35 -6.29 27.75
CA GLY F 314 -7.47 -7.06 28.62
C GLY F 314 -6.97 -6.35 29.87
N GLY F 315 -6.86 -5.03 29.79
CA GLY F 315 -6.53 -4.18 30.94
C GLY F 315 -7.62 -4.20 32.00
N ALA F 316 -8.88 -4.04 31.58
CA ALA F 316 -10.02 -4.13 32.48
C ALA F 316 -10.11 -5.48 33.17
N ALA F 317 -10.00 -6.56 32.40
CA ALA F 317 -10.03 -7.92 32.95
C ALA F 317 -8.92 -8.17 33.97
N ALA F 318 -7.80 -7.50 33.78
CA ALA F 318 -6.66 -7.59 34.71
C ALA F 318 -6.96 -6.92 36.06
N VAL F 319 -7.33 -5.64 36.01
CA VAL F 319 -7.66 -4.89 37.22
C VAL F 319 -8.89 -5.46 37.94
N PHE F 320 -9.86 -5.98 37.18
CA PHE F 320 -11.06 -6.64 37.75
C PHE F 320 -10.69 -7.89 38.54
N CYS F 321 -10.00 -8.82 37.89
CA CYS F 321 -9.60 -10.07 38.54
C CYS F 321 -8.53 -9.86 39.62
N GLY F 322 -7.71 -8.82 39.48
CA GLY F 322 -6.75 -8.42 40.52
C GLY F 322 -7.45 -7.93 41.79
N PHE F 323 -8.54 -7.18 41.58
CA PHE F 323 -9.45 -6.74 42.63
C PHE F 323 -10.17 -7.91 43.29
N LEU F 324 -10.67 -8.87 42.50
CA LEU F 324 -11.36 -10.03 43.05
C LEU F 324 -10.45 -10.83 43.99
N THR F 325 -9.18 -11.01 43.63
CA THR F 325 -8.19 -11.68 44.49
C THR F 325 -7.98 -10.93 45.81
N ALA F 326 -7.83 -9.61 45.73
CA ALA F 326 -7.67 -8.78 46.92
C ALA F 326 -8.81 -8.96 47.93
N VAL F 327 -10.06 -8.94 47.44
CA VAL F 327 -11.25 -9.16 48.29
C VAL F 327 -11.27 -10.55 48.90
N ARG F 328 -11.17 -11.58 48.05
CA ARG F 328 -11.15 -13.00 48.47
C ARG F 328 -10.07 -13.39 49.47
N LEU F 329 -8.87 -12.85 49.32
CA LEU F 329 -7.79 -13.03 50.30
C LEU F 329 -7.76 -11.98 51.43
N GLN F 330 -8.56 -10.93 51.31
CA GLN F 330 -8.66 -9.87 52.30
C GLN F 330 -7.33 -9.19 52.48
N GLN F 331 -6.73 -8.81 51.35
CA GLN F 331 -5.48 -8.09 51.39
C GLN F 331 -5.82 -6.77 52.05
N PRO F 332 -4.94 -6.27 52.93
CA PRO F 332 -5.23 -5.03 53.64
C PRO F 332 -4.92 -3.77 52.82
N VAL F 333 -5.51 -3.68 51.61
CA VAL F 333 -5.38 -2.49 50.76
C VAL F 333 -6.79 -1.97 50.48
N GLN F 334 -6.94 -0.66 50.58
CA GLN F 334 -8.20 0.00 50.23
C GLN F 334 -8.16 0.22 48.73
N LEU F 335 -9.08 -0.43 48.01
CA LEU F 335 -9.11 -0.44 46.54
C LEU F 335 -10.36 0.20 45.91
N SER F 336 -10.13 1.05 44.89
CA SER F 336 -11.13 1.41 43.90
C SER F 336 -10.72 0.69 42.61
N CYS F 337 -11.71 0.14 41.88
CA CYS F 337 -11.45 -0.49 40.57
C CYS F 337 -12.46 0.00 39.54
N THR F 338 -12.00 0.88 38.66
CA THR F 338 -12.85 1.53 37.67
C THR F 338 -12.66 0.93 36.26
N LEU F 339 -13.68 0.24 35.78
CA LEU F 339 -13.68 -0.38 34.46
C LEU F 339 -14.24 0.57 33.40
N CYS F 340 -13.42 0.96 32.42
CA CYS F 340 -13.86 1.84 31.32
C CYS F 340 -14.34 1.04 30.13
N LEU F 341 -15.63 0.73 30.12
CA LEU F 341 -16.19 -0.22 29.16
C LEU F 341 -16.84 0.49 27.99
N ALA F 342 -16.43 0.11 26.78
CA ALA F 342 -17.04 0.62 25.54
C ALA F 342 -16.68 -0.27 24.37
N GLU F 343 -17.48 -0.21 23.31
CA GLU F 343 -17.06 -0.72 21.99
C GLU F 343 -16.77 0.44 21.05
N ASN F 344 -15.55 0.45 20.50
CA ASN F 344 -15.18 1.42 19.51
C ASN F 344 -15.75 0.91 18.22
N ALA F 345 -16.90 1.43 17.86
CA ALA F 345 -17.69 0.86 16.78
C ALA F 345 -17.78 1.89 15.67
N ILE F 346 -18.22 1.41 14.50
CA ILE F 346 -18.35 2.22 13.31
C ILE F 346 -19.83 2.27 12.88
N GLY F 347 -20.32 3.49 12.69
CA GLY F 347 -21.72 3.70 12.32
C GLY F 347 -22.10 5.17 12.13
N PRO F 348 -23.41 5.42 11.94
CA PRO F 348 -23.95 6.78 11.84
C PRO F 348 -23.55 7.72 12.98
N LYS F 349 -23.41 7.18 14.20
CA LYS F 349 -23.11 7.95 15.40
C LYS F 349 -21.67 7.86 15.89
N SER F 350 -20.76 7.43 15.03
CA SER F 350 -19.34 7.36 15.40
C SER F 350 -18.82 8.73 15.70
N TYR F 351 -18.03 8.83 16.75
CA TYR F 351 -17.22 10.03 16.94
C TYR F 351 -16.23 10.08 15.79
N ARG F 352 -15.80 11.27 15.44
CA ARG F 352 -15.19 11.54 14.15
C ARG F 352 -13.77 12.02 14.23
N ASN F 353 -13.04 11.84 13.15
CA ASN F 353 -11.71 12.39 13.02
C ASN F 353 -11.82 13.89 12.69
N ASP F 354 -11.91 14.70 13.76
CA ASP F 354 -12.07 16.18 13.77
C ASP F 354 -13.00 16.65 14.88
N ASP F 355 -13.86 15.77 15.38
CA ASP F 355 -14.65 16.04 16.60
C ASP F 355 -13.79 16.59 17.73
N ILE F 356 -14.40 17.40 18.59
CA ILE F 356 -13.77 17.89 19.81
C ILE F 356 -14.58 17.38 20.97
N ILE F 357 -13.89 16.75 21.91
CA ILE F 357 -14.52 16.15 23.08
C ILE F 357 -14.27 17.09 24.26
N VAL F 358 -15.29 17.25 25.11
CA VAL F 358 -15.13 17.89 26.44
C VAL F 358 -15.01 16.77 27.47
N MET F 359 -13.78 16.60 27.95
CA MET F 359 -13.45 15.50 28.87
C MET F 359 -14.01 15.81 30.25
N LYS F 360 -14.19 14.78 31.07
CA LYS F 360 -14.61 14.98 32.46
C LYS F 360 -13.62 15.85 33.23
N SER F 361 -12.34 15.80 32.87
CA SER F 361 -11.37 16.74 33.40
C SER F 361 -11.69 18.22 33.13
N GLY F 362 -12.45 18.49 32.08
CA GLY F 362 -12.74 19.86 31.64
C GLY F 362 -11.89 20.31 30.44
N LYS F 363 -10.79 19.62 30.20
CA LYS F 363 -9.94 19.91 29.07
C LYS F 363 -10.51 19.33 27.78
N THR F 364 -10.28 20.04 26.67
CA THR F 364 -10.84 19.67 25.37
C THR F 364 -9.84 18.88 24.55
N VAL F 365 -10.35 17.85 23.87
CA VAL F 365 -9.53 16.94 23.06
C VAL F 365 -9.99 16.94 21.58
N GLU F 366 -9.11 17.43 20.69
CA GLU F 366 -9.30 17.31 19.24
C GLU F 366 -8.94 15.89 18.82
N VAL F 367 -9.91 15.15 18.30
CA VAL F 367 -9.70 13.79 17.85
C VAL F 367 -9.03 13.80 16.46
N ILE F 368 -7.78 13.40 16.39
CA ILE F 368 -7.07 13.24 15.12
C ILE F 368 -7.36 11.88 14.49
N ASN F 369 -7.42 10.85 15.33
CA ASN F 369 -7.61 9.49 14.88
C ASN F 369 -8.48 8.70 15.88
N THR F 370 -9.65 8.24 15.43
CA THR F 370 -10.59 7.55 16.32
C THR F 370 -10.05 6.24 16.88
N ASP F 371 -9.01 5.68 16.28
CA ASP F 371 -8.50 4.39 16.73
C ASP F 371 -7.60 4.51 17.96
N ALA F 372 -7.12 5.73 18.25
CA ALA F 372 -6.50 6.07 19.52
C ALA F 372 -7.59 6.36 20.55
N GLU F 373 -8.45 5.35 20.76
CA GLU F 373 -9.62 5.42 21.62
C GLU F 373 -9.27 5.14 23.08
N GLY F 374 -8.22 4.38 23.30
CA GLY F 374 -7.92 3.85 24.61
C GLY F 374 -7.56 4.95 25.58
N ARG F 375 -6.69 5.86 25.17
CA ARG F 375 -6.26 6.94 26.06
C ARG F 375 -7.39 7.91 26.44
N ILE F 376 -8.33 8.13 25.52
CA ILE F 376 -9.49 8.99 25.78
C ILE F 376 -10.36 8.40 26.88
N VAL F 377 -10.71 7.14 26.69
CA VAL F 377 -11.51 6.37 27.63
C VAL F 377 -10.85 6.32 29.03
N LEU F 378 -9.52 6.20 29.06
CA LEU F 378 -8.76 6.12 30.31
C LEU F 378 -8.66 7.47 31.00
N GLY F 379 -8.52 8.53 30.23
CA GLY F 379 -8.46 9.90 30.76
C GLY F 379 -9.68 10.30 31.58
N ASP F 380 -10.84 9.76 31.21
CA ASP F 380 -12.04 9.90 32.02
C ASP F 380 -12.02 8.94 33.20
N GLY F 381 -11.55 7.72 32.99
CA GLY F 381 -11.37 6.78 34.09
C GLY F 381 -10.47 7.27 35.22
N VAL F 382 -9.33 7.87 34.89
CA VAL F 382 -8.39 8.34 35.93
C VAL F 382 -8.83 9.63 36.60
N PHE F 383 -9.54 10.48 35.87
CA PHE F 383 -10.18 11.62 36.50
C PHE F 383 -11.27 11.18 37.48
N HIS F 384 -12.08 10.21 37.09
CA HIS F 384 -13.10 9.68 38.00
C HIS F 384 -12.47 9.20 39.30
N ALA F 385 -11.36 8.46 39.21
CA ALA F 385 -10.73 7.88 40.38
C ALA F 385 -10.05 8.93 41.28
N THR F 386 -9.32 9.86 40.67
CA THR F 386 -8.60 10.89 41.42
C THR F 386 -9.46 12.04 41.98
N ASN F 387 -10.74 12.09 41.63
CA ASN F 387 -11.59 13.28 41.85
C ASN F 387 -13.05 13.05 42.28
N GLU F 388 -13.68 11.95 41.89
CA GLU F 388 -15.10 11.77 42.16
C GLU F 388 -15.39 10.72 43.23
N LEU F 389 -14.34 10.13 43.81
CA LEU F 389 -14.52 9.03 44.78
C LEU F 389 -14.58 9.54 46.22
N SER F 390 -14.98 8.64 47.11
CA SER F 390 -15.05 8.94 48.54
C SER F 390 -13.67 9.11 49.24
N PHE F 391 -12.58 8.84 48.54
CA PHE F 391 -11.23 9.05 49.06
C PHE F 391 -10.28 9.46 47.96
N THR F 392 -9.13 10.02 48.34
CA THR F 392 -8.06 10.37 47.41
C THR F 392 -7.01 9.25 47.49
N PRO F 393 -6.73 8.54 46.37
CA PRO F 393 -5.73 7.45 46.44
C PRO F 393 -4.28 7.94 46.60
N ASP F 394 -3.48 7.12 47.28
CA ASP F 394 -2.02 7.31 47.34
C ASP F 394 -1.35 6.91 45.99
N VAL F 395 -1.88 5.87 45.35
CA VAL F 395 -1.37 5.34 44.06
C VAL F 395 -2.49 5.07 43.05
N VAL F 396 -2.27 5.55 41.81
CA VAL F 396 -3.14 5.21 40.67
C VAL F 396 -2.43 4.25 39.71
N ILE F 397 -3.04 3.08 39.49
CA ILE F 397 -2.55 2.10 38.54
C ILE F 397 -3.56 1.97 37.42
N ASP F 398 -3.17 2.34 36.20
CA ASP F 398 -4.02 2.11 35.03
C ASP F 398 -3.39 1.06 34.11
N MET F 399 -4.20 0.09 33.70
CA MET F 399 -3.75 -1.03 32.89
C MET F 399 -4.55 -1.07 31.61
N ALA F 400 -3.86 -1.24 30.47
CA ALA F 400 -4.51 -1.18 29.15
C ALA F 400 -3.72 -1.90 28.07
N THR F 401 -4.45 -2.40 27.07
CA THR F 401 -3.86 -2.97 25.89
C THR F 401 -3.77 -1.83 24.90
N LEU F 402 -2.88 -0.90 25.18
CA LEU F 402 -3.00 0.44 24.64
C LEU F 402 -2.39 0.68 23.26
N THR F 403 -1.12 0.30 23.07
CA THR F 403 -0.40 0.67 21.86
C THR F 403 0.37 -0.50 21.27
N GLY F 404 0.45 -0.52 19.94
CA GLY F 404 1.31 -1.44 19.23
C GLY F 404 2.77 -1.12 19.49
N ALA F 405 3.07 0.16 19.69
CA ALA F 405 4.42 0.60 20.05
C ALA F 405 5.00 -0.20 21.25
N GLN F 406 4.14 -0.60 22.18
CA GLN F 406 4.54 -1.41 23.32
C GLN F 406 5.36 -2.63 22.93
N GLY F 407 4.80 -3.40 22.01
CA GLY F 407 5.46 -4.59 21.47
C GLY F 407 6.80 -4.33 20.81
N ILE F 408 6.92 -3.20 20.13
CA ILE F 408 8.19 -2.84 19.53
C ILE F 408 9.26 -2.50 20.60
N ALA F 409 8.83 -1.96 21.75
CA ALA F 409 9.76 -1.41 22.75
C ALA F 409 10.16 -2.39 23.84
N THR F 410 9.17 -3.11 24.36
CA THR F 410 9.36 -4.05 25.48
C THR F 410 8.99 -5.51 25.20
N GLY F 411 8.20 -5.73 24.16
CA GLY F 411 7.99 -7.07 23.65
C GLY F 411 6.83 -7.83 24.27
N ARG F 412 6.80 -9.12 24.00
CA ARG F 412 5.62 -9.92 24.20
C ARG F 412 5.46 -10.41 25.58
N HIS F 413 6.56 -10.37 26.34
CA HIS F 413 6.60 -10.91 27.70
C HIS F 413 6.63 -9.83 28.78
N HIS F 414 7.09 -8.64 28.45
CA HIS F 414 7.15 -7.54 29.39
C HIS F 414 6.15 -6.43 29.06
N ALA F 415 5.30 -6.10 30.05
CA ALA F 415 4.44 -4.92 29.99
C ALA F 415 5.27 -3.65 30.16
N GLY F 416 4.93 -2.61 29.41
CA GLY F 416 5.63 -1.32 29.49
C GLY F 416 5.14 -0.49 30.65
N LEU F 417 6.06 0.17 31.36
CA LEU F 417 5.73 1.02 32.51
C LEU F 417 6.06 2.47 32.24
N TYR F 418 5.03 3.31 32.20
CA TYR F 418 5.19 4.75 32.26
C TYR F 418 4.82 5.11 33.71
N VAL F 419 5.82 5.55 34.49
CA VAL F 419 5.65 5.82 35.95
C VAL F 419 6.27 7.16 36.30
N ASN F 420 5.60 7.90 37.19
CA ASN F 420 6.02 9.25 37.61
C ASN F 420 6.97 9.34 38.82
N GLU F 421 7.26 8.20 39.47
CA GLU F 421 8.15 8.11 40.66
C GLU F 421 9.01 6.86 40.54
N GLU F 422 10.30 6.99 40.85
CA GLU F 422 11.25 5.87 40.77
C GLU F 422 10.84 4.75 41.75
N GLY F 423 10.40 5.13 42.94
CA GLY F 423 10.06 4.18 44.00
C GLY F 423 8.95 3.23 43.62
N ALA F 424 7.86 3.78 43.09
CA ALA F 424 6.73 2.96 42.64
C ALA F 424 7.08 2.11 41.39
N GLU F 425 7.91 2.65 40.49
CA GLU F 425 8.41 1.89 39.32
C GLU F 425 9.19 0.68 39.80
N ALA F 426 10.10 0.90 40.72
CA ALA F 426 10.89 -0.16 41.33
C ALA F 426 10.01 -1.25 41.98
N ALA F 427 8.97 -0.84 42.70
CA ALA F 427 8.08 -1.76 43.40
C ALA F 427 7.33 -2.65 42.45
N MET F 428 6.76 -2.03 41.40
CA MET F 428 6.02 -2.79 40.38
C MET F 428 6.95 -3.69 39.57
N LEU F 429 8.14 -3.18 39.28
CA LEU F 429 9.14 -4.01 38.61
C LEU F 429 9.47 -5.28 39.42
N ARG F 430 9.78 -5.09 40.70
CA ARG F 430 10.04 -6.20 41.67
C ARG F 430 8.88 -7.19 41.65
N ALA F 431 7.66 -6.68 41.71
CA ALA F 431 6.46 -7.52 41.66
C ALA F 431 6.39 -8.36 40.38
N GLY F 432 6.81 -7.77 39.26
CA GLY F 432 6.90 -8.49 37.99
C GLY F 432 7.82 -9.70 38.06
N ARG F 433 9.05 -9.46 38.53
CA ARG F 433 10.08 -10.51 38.67
C ARG F 433 9.61 -11.62 39.65
N GLU F 434 8.91 -11.25 40.72
CA GLU F 434 8.42 -12.22 41.70
C GLU F 434 7.24 -13.03 41.14
N SER F 435 6.27 -12.34 40.55
CA SER F 435 5.05 -12.98 40.05
C SER F 435 5.28 -13.78 38.76
N GLY F 436 6.25 -13.33 37.95
CA GLY F 436 6.48 -13.91 36.62
C GLY F 436 5.75 -13.20 35.50
N GLU F 437 4.81 -12.32 35.86
CA GLU F 437 4.10 -11.47 34.93
C GLU F 437 4.94 -10.19 34.84
N THR F 438 6.01 -10.27 34.05
CA THR F 438 7.13 -9.31 34.14
C THR F 438 6.81 -7.95 33.49
N CYS F 439 7.66 -6.96 33.77
CA CYS F 439 7.49 -5.60 33.25
C CYS F 439 8.83 -4.97 32.91
N PHE F 440 8.79 -3.85 32.21
CA PHE F 440 9.99 -3.08 31.93
C PHE F 440 9.66 -1.58 31.71
N PRO F 441 10.58 -0.65 32.09
CA PRO F 441 10.28 0.77 31.92
C PRO F 441 10.37 1.32 30.49
N VAL F 442 9.48 2.25 30.17
CA VAL F 442 9.61 3.08 28.97
C VAL F 442 9.87 4.50 29.43
N LEU F 443 10.46 5.30 28.57
CA LEU F 443 10.89 6.67 28.92
C LEU F 443 9.81 7.48 29.61
N TYR F 444 10.14 8.03 30.77
CA TYR F 444 9.35 9.07 31.43
C TYR F 444 10.00 10.43 31.28
N CYS F 445 9.41 11.28 30.46
CA CYS F 445 9.98 12.59 30.11
C CYS F 445 8.90 13.51 29.50
N PRO F 446 7.94 13.96 30.35
CA PRO F 446 6.83 14.82 29.94
C PRO F 446 7.20 16.06 29.14
N GLU F 447 8.32 16.69 29.46
CA GLU F 447 8.79 17.86 28.69
C GLU F 447 8.90 17.61 27.17
N TYR F 448 9.21 16.37 26.78
CA TYR F 448 9.29 16.02 25.35
C TYR F 448 8.01 15.39 24.80
N HIS F 449 7.15 14.87 25.66
CA HIS F 449 5.88 14.27 25.24
C HIS F 449 4.80 15.29 24.93
N GLU F 450 4.68 16.30 25.78
CA GLU F 450 3.64 17.32 25.64
C GLU F 450 3.56 18.01 24.28
N PRO F 451 4.69 18.54 23.79
CA PRO F 451 4.65 19.22 22.48
C PRO F 451 4.05 18.40 21.31
N GLU F 452 4.11 17.06 21.38
CA GLU F 452 3.51 16.20 20.36
C GLU F 452 1.98 16.29 20.28
N PHE F 453 1.35 16.80 21.33
CA PHE F 453 -0.10 16.97 21.34
C PHE F 453 -0.65 18.40 21.10
N LYS F 454 0.17 19.32 20.56
CA LYS F 454 -0.31 20.68 20.27
C LYS F 454 -1.49 20.63 19.30
N SER F 455 -2.55 21.35 19.65
CA SER F 455 -3.79 21.42 18.83
C SER F 455 -4.11 22.87 18.49
N ASN F 456 -4.62 23.09 17.28
CA ASN F 456 -4.95 24.45 16.84
C ASN F 456 -6.06 25.06 17.67
N HIS F 457 -7.14 24.31 17.88
CA HIS F 457 -8.35 24.85 18.54
C HIS F 457 -8.73 24.21 19.88
N ALA F 458 -8.13 23.08 20.23
CA ALA F 458 -8.41 22.43 21.51
C ALA F 458 -7.20 22.54 22.41
N ASP F 459 -7.38 22.09 23.65
CA ASP F 459 -6.29 22.03 24.62
C ASP F 459 -5.22 21.05 24.13
N MET F 460 -5.66 19.90 23.65
CA MET F 460 -4.74 18.88 23.17
C MET F 460 -5.38 18.07 22.05
N THR F 461 -4.53 17.34 21.32
CA THR F 461 -5.00 16.30 20.38
C THR F 461 -4.93 14.98 21.13
N ASN F 462 -5.44 13.91 20.51
CA ASN F 462 -5.31 12.56 21.06
C ASN F 462 -4.20 11.71 20.41
N LEU F 463 -3.36 12.33 19.58
CA LEU F 463 -2.30 11.61 18.89
C LEU F 463 -1.12 12.50 18.55
N MET F 464 0.06 11.88 18.59
CA MET F 464 1.30 12.58 18.28
C MET F 464 1.32 13.21 16.89
N GLU F 465 1.86 14.43 16.83
CA GLU F 465 2.23 15.05 15.57
C GLU F 465 3.17 14.14 14.77
N ARG F 466 4.19 13.61 15.44
CA ARG F 466 5.24 12.75 14.83
C ARG F 466 5.24 11.34 15.38
N ARG F 467 5.35 10.36 14.49
CA ARG F 467 5.16 8.95 14.84
C ARG F 467 6.33 8.27 15.61
N ASP F 468 7.58 8.56 15.23
CA ASP F 468 8.74 7.89 15.84
C ASP F 468 9.31 8.73 17.00
N ASN F 469 8.53 8.91 18.10
CA ASN F 469 8.97 9.70 19.30
C ASN F 469 8.41 9.25 20.67
N ALA F 470 8.84 8.07 21.09
CA ALA F 470 8.42 7.44 22.35
C ALA F 470 6.90 7.27 22.48
N GLY F 471 6.35 6.50 21.55
CA GLY F 471 4.92 6.30 21.43
C GLY F 471 4.22 5.65 22.61
N VAL F 472 4.90 4.75 23.32
CA VAL F 472 4.31 4.06 24.48
C VAL F 472 4.13 5.08 25.60
N SER F 473 5.12 5.97 25.68
CA SER F 473 5.21 7.03 26.68
C SER F 473 4.23 8.19 26.40
N CYS F 474 4.24 8.72 25.18
CA CYS F 474 3.29 9.78 24.81
C CYS F 474 1.83 9.44 25.11
N ALA F 475 1.42 8.21 24.81
CA ALA F 475 0.08 7.75 25.14
C ALA F 475 -0.14 7.79 26.65
N GLY F 476 0.88 7.40 27.39
CA GLY F 476 0.84 7.48 28.85
C GLY F 476 0.66 8.92 29.30
N TYR F 477 1.45 9.83 28.73
CA TYR F 477 1.38 11.25 29.08
C TYR F 477 -0.04 11.77 28.92
N PHE F 478 -0.64 11.56 27.75
CA PHE F 478 -2.02 11.95 27.52
C PHE F 478 -2.89 11.61 28.71
N ILE F 479 -2.76 10.40 29.23
CA ILE F 479 -3.60 9.97 30.36
C ILE F 479 -3.34 10.87 31.59
N THR F 480 -2.07 11.18 31.86
CA THR F 480 -1.69 12.01 33.03
C THR F 480 -2.29 13.42 33.00
N THR F 481 -2.48 13.98 31.82
CA THR F 481 -3.09 15.32 31.69
C THR F 481 -4.54 15.36 32.22
N HIS F 482 -5.20 14.22 32.25
CA HIS F 482 -6.55 14.14 32.79
C HIS F 482 -6.63 13.60 34.22
N LEU F 483 -5.49 13.61 34.93
CA LEU F 483 -5.52 13.38 36.37
C LEU F 483 -6.04 14.66 37.05
N SER F 484 -6.72 14.47 38.19
CA SER F 484 -7.18 15.59 39.02
C SER F 484 -6.00 16.38 39.60
N PRO F 485 -6.12 17.73 39.68
CA PRO F 485 -5.05 18.47 40.39
C PRO F 485 -5.01 18.19 41.92
N LYS F 486 -6.13 17.74 42.50
CA LYS F 486 -6.16 17.12 43.84
C LYS F 486 -5.10 16.03 44.07
N PHE F 487 -4.94 15.16 43.08
CA PHE F 487 -3.98 14.07 43.14
C PHE F 487 -2.53 14.57 43.02
N THR F 488 -1.71 14.12 43.97
CA THR F 488 -0.27 14.40 43.96
C THR F 488 0.57 13.14 44.13
N GLY F 489 -0.07 11.96 44.23
CA GLY F 489 0.61 10.71 44.51
C GLY F 489 1.26 10.06 43.30
N ALA F 490 1.44 8.74 43.40
CA ALA F 490 2.20 7.96 42.40
C ALA F 490 1.30 7.39 41.31
N HIS F 491 1.70 7.60 40.06
CA HIS F 491 0.93 7.11 38.90
C HIS F 491 1.69 6.07 38.11
N ILE F 492 1.13 4.85 38.05
CA ILE F 492 1.73 3.76 37.28
C ILE F 492 0.83 3.46 36.09
N HIS F 493 1.32 3.72 34.88
CA HIS F 493 0.61 3.32 33.64
C HIS F 493 1.25 2.03 33.13
N VAL F 494 0.41 1.02 32.90
CA VAL F 494 0.85 -0.31 32.50
C VAL F 494 0.30 -0.62 31.11
N ASP F 495 1.18 -0.63 30.10
CA ASP F 495 0.83 -0.99 28.74
C ASP F 495 1.11 -2.48 28.57
N LEU F 496 0.04 -3.26 28.44
CA LEU F 496 0.14 -4.72 28.40
C LEU F 496 -0.47 -5.31 27.09
N ALA F 497 -0.36 -4.53 26.02
CA ALA F 497 -0.93 -4.86 24.71
C ALA F 497 -0.64 -6.29 24.24
N TYR F 498 0.61 -6.71 24.40
CA TYR F 498 1.04 -8.03 23.94
C TYR F 498 1.10 -9.15 25.00
N PRO F 499 1.59 -8.87 26.23
CA PRO F 499 1.58 -9.90 27.26
C PRO F 499 0.23 -10.55 27.59
N VAL F 500 -0.88 -9.91 27.25
CA VAL F 500 -2.20 -10.52 27.47
C VAL F 500 -2.51 -11.74 26.64
N PHE F 501 -1.73 -11.98 25.60
CA PHE F 501 -2.02 -13.08 24.68
C PHE F 501 -0.75 -13.72 24.13
N ASN F 502 -0.93 -14.94 23.63
CA ASN F 502 0.09 -15.64 22.86
C ASN F 502 -0.61 -16.47 21.78
N SER F 503 0.12 -17.36 21.11
CA SER F 503 -0.46 -18.13 20.01
C SER F 503 -1.65 -19.03 20.43
N ASN F 504 -1.72 -19.42 21.70
CA ASN F 504 -2.82 -20.26 22.21
C ASN F 504 -4.06 -19.52 22.71
N GLY F 505 -3.96 -18.19 22.77
CA GLY F 505 -5.06 -17.32 23.24
C GLY F 505 -4.58 -16.51 24.43
N ALA F 506 -5.51 -16.12 25.30
CA ALA F 506 -5.20 -15.22 26.41
C ALA F 506 -4.28 -15.86 27.44
N THR F 507 -3.50 -15.02 28.12
CA THR F 507 -2.53 -15.46 29.12
C THR F 507 -2.98 -15.25 30.55
N GLY F 508 -4.04 -14.47 30.76
CA GLY F 508 -4.45 -14.03 32.10
C GLY F 508 -3.39 -13.19 32.80
N PHE F 509 -2.65 -12.41 32.01
CA PHE F 509 -1.60 -11.53 32.53
C PHE F 509 -2.29 -10.32 33.18
N GLY F 510 -1.76 -9.95 34.35
CA GLY F 510 -2.22 -8.79 35.13
C GLY F 510 -2.56 -9.07 36.61
N PRO F 511 -3.54 -9.94 36.88
CA PRO F 511 -4.01 -10.18 38.25
C PRO F 511 -2.93 -10.59 39.23
N ALA F 512 -2.11 -11.56 38.85
CA ALA F 512 -1.04 -12.02 39.72
C ALA F 512 0.01 -10.94 40.00
N LEU F 513 0.33 -10.14 38.99
CA LEU F 513 1.23 -8.98 39.15
C LEU F 513 0.72 -8.00 40.21
N LEU F 514 -0.58 -7.69 40.16
CA LEU F 514 -1.20 -6.84 41.19
C LEU F 514 -1.17 -7.48 42.58
N THR F 515 -1.72 -8.70 42.71
CA THR F 515 -1.67 -9.44 43.96
C THR F 515 -0.27 -9.33 44.61
N GLU F 516 0.77 -9.58 43.83
CA GLU F 516 2.13 -9.52 44.35
C GLU F 516 2.60 -8.09 44.70
N TYR F 517 2.13 -7.10 43.95
CA TYR F 517 2.47 -5.68 44.24
C TYR F 517 1.83 -5.23 45.55
N PHE F 518 0.53 -5.52 45.68
CA PHE F 518 -0.22 -5.27 46.91
C PHE F 518 0.43 -5.95 48.11
N ARG F 519 0.72 -7.26 47.94
CA ARG F 519 1.36 -8.11 48.97
C ARG F 519 2.58 -7.51 49.67
N LYS F 520 3.33 -6.62 49.01
CA LYS F 520 4.57 -6.07 49.56
C LYS F 520 4.58 -4.56 49.84
N LEU F 521 3.45 -3.87 49.70
CA LEU F 521 3.53 -2.36 49.61
C LEU F 521 4.10 -1.62 50.81
#